data_8DL2
#
_entry.id   8DL2
#
_cell.length_a   100.080
_cell.length_b   125.310
_cell.length_c   150.780
_cell.angle_alpha   90.000
_cell.angle_beta   102.110
_cell.angle_gamma   90.000
#
_symmetry.space_group_name_H-M   'P 1 21 1'
#
loop_
_entity.id
_entity.type
_entity.pdbx_description
1 polymer 'Alpha amylase, catalytic domain protein'
2 branched 4,6-dideoxy-4-{[(1S,4R,5S,6S)-4,5,6-trihydroxy-3-(hydroxymethyl)cyclohex-2-en-1-yl]amino}-alpha-D-glucopyranose-(1-4)-alpha-D-glucopyranose-(1-4)-beta-D-glucopyranose
3 branched 4,6-dideoxy-4-{[(1S,4R,5S,6S)-4,5,6-trihydroxy-3-(hydroxymethyl)cyclohex-2-en-1-yl]amino}-alpha-D-glucopyranose-(1-4)-alpha-D-glucopyranose-(1-4)-alpha-D-glucopyranose
4 branched alpha-D-glucopyranose-(1-4)-alpha-D-glucopyranose-(1-4)-4,6-dideoxy-4-{[(1S,4R,5S,6S)-4,5,6-trihydroxy-3-(hydroxymethyl)cyclohex-2-en-1-yl]amino}-alpha-D-glucopyranose-(1-4)-alpha-D-glucopyranose-(1-4)-alpha-D-glucopyranose
5 branched alpha-D-glucopyranose-(1-4)-alpha-D-glucopyranose
6 branched 4,6-dideoxy-4-{[(1S,4R,5S,6S)-4,5,6-trihydroxy-3-(hydroxymethyl)cyclohex-2-en-1-yl]amino}-alpha-D-glucopyranose-(1-4)-alpha-D-glucopyranose
7 branched alpha-D-glucopyranose-(1-4)-4,6-dideoxy-4-{[(1S,4R,5S,6S)-4,5,6-trihydroxy-3-(hydroxymethyl)cyclohex-2-en-1-yl]amino}-alpha-D-glucopyranose-(1-4)-alpha-D-glucopyranose-(1-4)-alpha-D-glucopyranose
8 non-polymer alpha-D-glucopyranose
9 non-polymer 'CALCIUM ION'
10 non-polymer 'TRIETHYLENE GLYCOL'
11 non-polymer GLYCEROL
12 non-polymer 1,2-ETHANEDIOL
13 non-polymer 'ACETATE ION'
14 non-polymer 'MANGANESE (II) ION'
15 non-polymer DI(HYDROXYETHYL)ETHER
16 non-polymer 'CHLORIDE ION'
17 water water
#
_entity_poly.entity_id   1
_entity_poly.type   'polypeptide(L)'
_entity_poly.pdbx_seq_one_letter_code
;GSDDDPLMPGERPSSGTDPAPEEQVLHDGFNFDPAIPKADEPLTITFKAPEGSNFYGYADDLYLHSGTGANWTGAPTWGD
NQNKYRLKKTKDNVWSITLSSSIRHFYSVAPSTPLQTINLIVRDAEGSQQTYDYATLVEDSQNGFIWEEPQKAPLPISGE
EKEGIHIHSATSIMLVLYDKDSQGGHKDCVFVTGNFNNWKLDSRYMMKYDETNHCWWITLEELTAGETQFQYFVYSASDG
GTYLCDPYCEQALEKGVDTNFPTGAQAPYVSVVSTNPQPYQWSAGEFEMKNKENPVIYELLLRDFTSSGNLAGAMEKLPY
LKELGIDAIELMPVQEFAGNDSWGYNTGLYFALDASYGTQNEYKAFIDACHQNGIAVIFDVVYNHTNNDNPFARMYWDTF
NNRPSTKNPWLNAVTPHQKYVFSPDDFNHTSEQTKAFVKRNLKYLLDTYHIDGFRFDFTKGFTQKQTTGDDDLAATDPAR
VSVLKEYYEAVKAVKEDAMVTMEHFCANEETTLATEGIHFWRNMNHSYCQSAMGWKDNSDFSGLYDTTRPNQFVGYMESH
DEERCAYKQIEYGNGALKTNLSERLKQLSSNAAFFFTVPGPKMLWQFGEMGYDISIDENGRTGKKPVLWEYQTERKSLVD
IYTKLITLRTTHSDLFNASSQFTWKVSYNDWDNGRTLTLKAVNGKQLHVYANFTNASIDYTIPEGTWYLYLENGNPVEGE
KKISVPAHEFRLYTNFAE
;
_entity_poly.pdbx_strand_id   A,B,C,D
#
loop_
_chem_comp.id
_chem_comp.type
_chem_comp.name
_chem_comp.formula
AC1 D-saccharide 4,6-dideoxy-4-{[(1S,4R,5S,6S)-4,5,6-trihydroxy-3-(hydroxymethyl)cyclohex-2-en-1-yl]amino}-alpha-D-glucopyranose 'C13 H23 N O8'
ACT non-polymer 'ACETATE ION' 'C2 H3 O2 -1'
BGC D-saccharide, beta linking beta-D-glucopyranose 'C6 H12 O6'
CA non-polymer 'CALCIUM ION' 'Ca 2'
CL non-polymer 'CHLORIDE ION' 'Cl -1'
EDO non-polymer 1,2-ETHANEDIOL 'C2 H6 O2'
GLC D-saccharide, alpha linking alpha-D-glucopyranose 'C6 H12 O6'
GOL non-polymer GLYCEROL 'C3 H8 O3'
MN non-polymer 'MANGANESE (II) ION' 'Mn 2'
PEG non-polymer DI(HYDROXYETHYL)ETHER 'C4 H10 O3'
PGE non-polymer 'TRIETHYLENE GLYCOL' 'C6 H14 O4'
#
# COMPACT_ATOMS: atom_id res chain seq x y z
N VAL A 25 4.61 6.06 81.64
CA VAL A 25 3.70 5.07 80.99
C VAL A 25 3.15 5.72 79.70
N LEU A 26 1.85 6.10 79.62
CA LEU A 26 1.16 6.37 78.32
C LEU A 26 1.73 7.62 77.63
N HIS A 27 2.21 7.47 76.39
CA HIS A 27 2.55 8.59 75.48
C HIS A 27 1.41 8.82 74.49
N ASP A 28 1.52 9.88 73.70
CA ASP A 28 0.55 10.24 72.64
C ASP A 28 0.45 9.06 71.67
N GLY A 29 -0.77 8.66 71.30
CA GLY A 29 -0.95 7.66 70.25
C GLY A 29 -0.97 6.25 70.82
N PHE A 30 -0.28 5.32 70.17
CA PHE A 30 -0.40 3.88 70.51
C PHE A 30 0.66 3.51 71.57
N ASN A 31 0.21 2.75 72.57
CA ASN A 31 1.05 2.18 73.65
C ASN A 31 0.80 0.68 73.68
N PHE A 32 1.86 -0.08 73.98
CA PHE A 32 1.84 -1.54 73.97
C PHE A 32 2.29 -2.06 75.35
N ASP A 33 1.51 -2.99 75.90
CA ASP A 33 1.91 -3.89 77.02
C ASP A 33 1.64 -5.31 76.53
N PRO A 34 2.68 -6.14 76.27
CA PRO A 34 4.08 -5.79 76.54
C PRO A 34 4.70 -4.78 75.58
N ALA A 35 5.70 -4.05 76.09
CA ALA A 35 6.42 -2.95 75.43
C ALA A 35 6.99 -3.42 74.10
N ILE A 36 7.50 -4.66 74.07
CA ILE A 36 7.86 -5.39 72.83
C ILE A 36 6.75 -6.40 72.62
N PRO A 37 5.87 -6.18 71.60
CA PRO A 37 4.83 -7.13 71.29
C PRO A 37 5.42 -8.48 70.89
N LYS A 38 4.76 -9.54 71.34
CA LYS A 38 5.14 -10.95 71.11
C LYS A 38 4.01 -11.68 70.40
N ALA A 39 4.32 -12.26 69.25
CA ALA A 39 3.36 -12.91 68.34
C ALA A 39 2.54 -13.95 69.11
N ASP A 40 3.18 -14.74 69.99
CA ASP A 40 2.50 -15.90 70.63
C ASP A 40 2.08 -15.55 72.06
N GLU A 41 1.98 -14.26 72.40
CA GLU A 41 1.45 -13.80 73.72
C GLU A 41 0.34 -12.77 73.51
N PRO A 42 -0.57 -12.61 74.47
CA PRO A 42 -1.56 -11.53 74.41
C PRO A 42 -0.90 -10.14 74.38
N LEU A 43 -1.65 -9.14 73.90
CA LEU A 43 -1.20 -7.74 73.71
C LEU A 43 -2.31 -6.82 74.17
N THR A 44 -1.95 -5.83 74.97
CA THR A 44 -2.86 -4.73 75.35
C THR A 44 -2.38 -3.48 74.61
N ILE A 45 -3.30 -2.91 73.82
CA ILE A 45 -3.01 -1.69 73.03
C ILE A 45 -3.80 -0.60 73.71
N THR A 46 -3.15 0.50 74.01
CA THR A 46 -3.80 1.68 74.62
C THR A 46 -3.55 2.86 73.69
N PHE A 47 -4.65 3.49 73.31
CA PHE A 47 -4.63 4.67 72.44
C PHE A 47 -4.96 5.87 73.31
N LYS A 48 -4.09 6.88 73.24
CA LYS A 48 -4.24 8.15 73.98
C LYS A 48 -4.30 9.28 72.96
N ALA A 49 -5.40 10.03 72.95
CA ALA A 49 -5.63 11.09 71.93
C ALA A 49 -4.92 12.36 72.39
N PRO A 50 -3.93 12.87 71.60
CA PRO A 50 -3.27 14.13 71.94
C PRO A 50 -4.24 15.31 71.96
N GLU A 51 -3.93 16.36 72.75
CA GLU A 51 -4.58 17.69 72.67
C GLU A 51 -4.58 18.11 71.19
N GLY A 52 -5.72 18.56 70.68
CA GLY A 52 -5.85 19.11 69.30
C GLY A 52 -6.01 18.02 68.26
N SER A 53 -5.92 16.75 68.66
CA SER A 53 -6.17 15.57 67.79
C SER A 53 -7.68 15.36 67.64
N ASN A 54 -8.10 14.68 66.57
CA ASN A 54 -9.53 14.57 66.23
C ASN A 54 -10.30 13.78 67.31
N PHE A 55 -9.70 12.87 68.09
CA PHE A 55 -10.45 12.08 69.11
C PHE A 55 -10.29 12.66 70.53
N TYR A 56 -9.66 13.83 70.66
CA TYR A 56 -9.50 14.52 71.98
C TYR A 56 -10.87 14.97 72.49
N GLY A 57 -11.26 14.56 73.69
CA GLY A 57 -12.57 14.85 74.30
C GLY A 57 -13.70 14.09 73.64
N TYR A 58 -13.40 12.98 72.94
CA TYR A 58 -14.43 12.11 72.32
C TYR A 58 -15.04 11.26 73.44
N ALA A 59 -16.37 11.21 73.51
CA ALA A 59 -17.17 10.69 74.65
C ALA A 59 -17.33 9.17 74.57
N ASP A 60 -17.40 8.60 73.36
CA ASP A 60 -17.73 7.17 73.17
C ASP A 60 -16.45 6.35 73.02
N ASP A 61 -16.65 5.05 72.90
CA ASP A 61 -15.61 4.04 72.56
C ASP A 61 -15.12 4.20 71.11
N LEU A 62 -13.95 3.62 70.82
CA LEU A 62 -13.35 3.57 69.49
C LEU A 62 -13.26 2.12 69.08
N TYR A 63 -12.95 1.89 67.82
CA TYR A 63 -12.82 0.55 67.24
C TYR A 63 -11.50 0.42 66.53
N LEU A 64 -10.99 -0.80 66.53
CA LEU A 64 -9.70 -1.15 65.94
C LEU A 64 -9.93 -1.74 64.55
N HIS A 65 -9.23 -1.19 63.57
CA HIS A 65 -9.09 -1.72 62.20
C HIS A 65 -7.63 -2.14 62.01
N SER A 66 -7.33 -3.44 61.91
CA SER A 66 -5.95 -3.95 62.11
C SER A 66 -5.76 -5.24 61.33
N GLY A 67 -4.51 -5.52 60.98
CA GLY A 67 -4.07 -6.79 60.38
C GLY A 67 -2.57 -6.90 60.42
N THR A 68 -2.01 -8.01 59.96
CA THR A 68 -0.57 -8.34 60.13
C THR A 68 0.15 -8.29 58.78
N GLY A 69 1.44 -7.97 58.83
CA GLY A 69 2.33 -8.02 57.65
C GLY A 69 2.10 -6.85 56.71
N ALA A 70 2.87 -6.79 55.63
CA ALA A 70 2.85 -5.68 54.64
C ALA A 70 1.40 -5.38 54.17
N ASN A 71 0.54 -6.40 54.07
CA ASN A 71 -0.75 -6.29 53.35
C ASN A 71 -1.92 -6.56 54.30
N TRP A 72 -1.76 -6.25 55.59
CA TRP A 72 -2.86 -6.24 56.58
C TRP A 72 -3.67 -7.54 56.53
N THR A 73 -3.00 -8.67 56.60
CA THR A 73 -3.69 -10.00 56.71
C THR A 73 -4.59 -9.99 57.96
N GLY A 74 -5.84 -10.45 57.83
CA GLY A 74 -6.83 -10.52 58.94
C GLY A 74 -7.62 -9.23 59.14
N ALA A 75 -7.43 -8.20 58.31
CA ALA A 75 -8.20 -6.94 58.49
C ALA A 75 -9.68 -7.26 58.31
N PRO A 76 -10.55 -6.72 59.17
CA PRO A 76 -11.99 -6.86 59.01
C PRO A 76 -12.48 -5.94 57.89
N THR A 77 -13.76 -6.09 57.54
CA THR A 77 -14.52 -5.14 56.70
C THR A 77 -14.60 -3.86 57.48
N TRP A 78 -14.19 -2.74 56.88
CA TRP A 78 -14.20 -1.41 57.53
C TRP A 78 -15.53 -1.17 58.22
N GLY A 79 -15.51 -0.86 59.51
CA GLY A 79 -16.72 -0.55 60.29
C GLY A 79 -17.23 -1.73 61.08
N ASP A 80 -16.61 -2.90 60.98
CA ASP A 80 -17.04 -4.12 61.72
C ASP A 80 -16.97 -3.88 63.24
N ASN A 81 -18.12 -3.67 63.88
CA ASN A 81 -18.20 -3.24 65.30
C ASN A 81 -18.43 -4.47 66.23
N GLN A 82 -17.98 -5.67 65.89
CA GLN A 82 -17.91 -6.77 66.90
C GLN A 82 -17.20 -6.26 68.16
N ASN A 83 -17.55 -6.77 69.34
CA ASN A 83 -17.00 -6.24 70.63
C ASN A 83 -15.49 -6.56 70.70
N LYS A 84 -15.00 -7.57 70.01
CA LYS A 84 -13.55 -7.89 70.04
C LYS A 84 -12.70 -6.83 69.34
N TYR A 85 -13.31 -5.83 68.66
CA TYR A 85 -12.57 -4.71 68.05
C TYR A 85 -12.76 -3.44 68.86
N ARG A 86 -13.50 -3.49 69.96
CA ARG A 86 -13.86 -2.26 70.70
C ARG A 86 -12.72 -1.87 71.63
N LEU A 87 -12.24 -0.64 71.55
CA LEU A 87 -11.33 -0.05 72.56
C LEU A 87 -12.26 0.63 73.58
N LYS A 88 -12.38 0.08 74.80
CA LYS A 88 -13.20 0.67 75.90
C LYS A 88 -12.46 1.91 76.38
N LYS A 89 -13.17 3.02 76.48
CA LYS A 89 -12.73 4.26 77.15
C LYS A 89 -12.49 3.91 78.61
N THR A 90 -11.25 4.05 79.10
CA THR A 90 -10.88 3.74 80.51
C THR A 90 -10.72 5.05 81.29
N LYS A 91 -10.11 6.06 80.67
CA LYS A 91 -9.98 7.42 81.24
C LYS A 91 -10.44 8.41 80.18
N ASP A 92 -10.41 9.71 80.48
CA ASP A 92 -10.50 10.77 79.46
C ASP A 92 -9.37 10.52 78.46
N ASN A 93 -9.70 10.33 77.18
CA ASN A 93 -8.75 10.38 76.04
C ASN A 93 -7.87 9.13 76.04
N VAL A 94 -8.34 8.03 76.61
CA VAL A 94 -7.54 6.79 76.73
C VAL A 94 -8.50 5.64 76.51
N TRP A 95 -8.14 4.81 75.54
CA TRP A 95 -8.95 3.67 75.11
C TRP A 95 -7.99 2.50 75.06
N SER A 96 -8.48 1.34 75.44
CA SER A 96 -7.61 0.17 75.56
C SER A 96 -8.37 -1.01 74.97
N ILE A 97 -7.60 -1.92 74.40
CA ILE A 97 -8.14 -3.21 73.90
C ILE A 97 -7.06 -4.24 74.18
N THR A 98 -7.50 -5.46 74.42
CA THR A 98 -6.57 -6.61 74.62
C THR A 98 -6.85 -7.58 73.50
N LEU A 99 -5.79 -7.97 72.80
CA LEU A 99 -5.82 -9.06 71.80
C LEU A 99 -5.58 -10.35 72.56
N SER A 100 -6.62 -11.10 72.91
CA SER A 100 -6.51 -12.10 73.99
C SER A 100 -6.17 -13.47 73.39
N SER A 101 -5.58 -14.30 74.25
CA SER A 101 -4.95 -15.61 73.95
C SER A 101 -3.60 -15.36 73.26
N SER A 102 -3.58 -14.69 72.12
CA SER A 102 -2.32 -14.22 71.48
C SER A 102 -2.62 -13.33 70.27
N ILE A 103 -1.67 -12.47 69.90
CA ILE A 103 -1.70 -11.68 68.64
C ILE A 103 -1.98 -12.66 67.51
N ARG A 104 -1.20 -13.76 67.43
CA ARG A 104 -1.35 -14.78 66.36
C ARG A 104 -2.78 -15.33 66.30
N HIS A 105 -3.34 -15.72 67.45
CA HIS A 105 -4.71 -16.29 67.55
CA HIS A 105 -4.71 -16.30 67.51
C HIS A 105 -5.71 -15.23 67.09
N PHE A 106 -5.58 -14.00 67.61
CA PHE A 106 -6.52 -12.89 67.29
C PHE A 106 -6.68 -12.75 65.77
N TYR A 107 -5.61 -12.87 64.97
CA TYR A 107 -5.63 -12.69 63.49
C TYR A 107 -5.75 -14.05 62.77
N SER A 108 -5.95 -15.17 63.50
CA SER A 108 -5.97 -16.56 62.98
C SER A 108 -4.77 -16.81 62.09
N VAL A 109 -3.57 -16.42 62.52
CA VAL A 109 -2.34 -16.65 61.72
C VAL A 109 -1.79 -18.05 62.08
N ALA A 110 -1.32 -18.79 61.09
CA ALA A 110 -0.68 -20.13 61.27
C ALA A 110 0.56 -19.97 62.14
N PRO A 111 0.80 -20.88 63.11
CA PRO A 111 2.06 -20.94 63.87
C PRO A 111 3.34 -20.62 63.10
N SER A 112 3.51 -21.18 61.90
CA SER A 112 4.78 -21.13 61.14
C SER A 112 4.89 -19.81 60.37
N THR A 113 3.78 -19.08 60.20
CA THR A 113 3.82 -17.77 59.49
C THR A 113 4.54 -16.75 60.35
N PRO A 114 5.66 -16.16 59.91
CA PRO A 114 6.33 -15.14 60.71
C PRO A 114 5.33 -13.98 60.84
N LEU A 115 5.00 -13.64 62.09
CA LEU A 115 4.10 -12.53 62.44
C LEU A 115 4.98 -11.39 62.96
N GLN A 116 5.34 -10.44 62.10
CA GLN A 116 6.43 -9.46 62.36
C GLN A 116 5.95 -8.01 62.47
N THR A 117 4.77 -7.68 61.95
CA THR A 117 4.19 -6.33 62.12
C THR A 117 2.70 -6.46 62.36
N ILE A 118 2.17 -5.50 63.07
CA ILE A 118 0.72 -5.30 63.19
C ILE A 118 0.43 -3.85 62.74
N ASN A 119 -0.60 -3.71 61.93
CA ASN A 119 -1.11 -2.44 61.37
C ASN A 119 -2.36 -2.07 62.15
N LEU A 120 -2.41 -0.80 62.57
CA LEU A 120 -3.43 -0.29 63.52
C LEU A 120 -4.00 1.01 62.96
N ILE A 121 -5.31 1.06 62.86
CA ILE A 121 -6.12 2.30 62.74
C ILE A 121 -7.16 2.28 63.85
N VAL A 122 -7.47 3.41 64.46
CA VAL A 122 -8.65 3.52 65.35
C VAL A 122 -9.64 4.43 64.65
N ARG A 123 -10.92 4.12 64.82
CA ARG A 123 -12.01 4.90 64.20
C ARG A 123 -13.20 4.99 65.17
N ASP A 124 -14.12 5.91 64.88
CA ASP A 124 -15.47 5.94 65.52
C ASP A 124 -16.28 4.75 64.98
N ALA A 125 -17.38 4.46 65.68
CA ALA A 125 -18.31 3.34 65.38
C ALA A 125 -18.85 3.47 63.94
N GLU A 126 -19.05 4.69 63.47
CA GLU A 126 -19.66 5.02 62.15
C GLU A 126 -18.64 4.81 61.02
N GLY A 127 -17.35 4.78 61.33
CA GLY A 127 -16.25 4.69 60.34
C GLY A 127 -16.07 5.98 59.59
N SER A 128 -16.38 7.14 60.19
CA SER A 128 -16.27 8.47 59.55
C SER A 128 -14.99 9.15 60.01
N GLN A 129 -14.57 8.98 61.24
CA GLN A 129 -13.33 9.62 61.77
C GLN A 129 -12.36 8.50 62.07
N GLN A 130 -11.07 8.72 61.84
CA GLN A 130 -10.06 7.64 61.96
C GLN A 130 -8.67 8.25 62.16
N THR A 131 -7.77 7.40 62.58
CA THR A 131 -6.32 7.57 62.41
C THR A 131 -5.96 6.89 61.10
N TYR A 132 -4.72 7.01 60.69
CA TYR A 132 -4.25 6.57 59.36
C TYR A 132 -3.16 5.52 59.56
N ASP A 133 -2.82 4.82 58.49
CA ASP A 133 -1.96 3.61 58.50
C ASP A 133 -0.79 3.83 59.47
N TYR A 134 -0.68 2.94 60.44
CA TYR A 134 0.42 2.87 61.43
C TYR A 134 0.79 1.40 61.64
N ALA A 135 2.08 1.11 61.83
CA ALA A 135 2.55 -0.28 62.08
C ALA A 135 3.53 -0.31 63.24
N THR A 136 3.47 -1.36 64.07
CA THR A 136 4.52 -1.60 65.07
C THR A 136 5.15 -2.98 64.80
N LEU A 137 6.37 -3.18 65.32
CA LEU A 137 7.11 -4.45 65.19
C LEU A 137 6.56 -5.43 66.22
N VAL A 138 6.56 -6.69 65.84
CA VAL A 138 6.18 -7.82 66.71
C VAL A 138 7.36 -8.81 66.71
N GLU A 139 7.82 -9.17 67.89
CA GLU A 139 8.85 -10.22 68.00
C GLU A 139 8.15 -11.57 67.85
N ASP A 140 8.70 -12.44 67.01
CA ASP A 140 8.19 -13.82 66.76
C ASP A 140 9.31 -14.85 67.02
N SER A 141 9.69 -15.05 68.28
CA SER A 141 10.83 -15.91 68.70
C SER A 141 10.66 -17.34 68.13
N GLN A 142 9.45 -17.89 68.18
CA GLN A 142 9.19 -19.27 67.69
C GLN A 142 9.50 -19.39 66.20
N ASN A 143 9.58 -18.30 65.44
CA ASN A 143 10.01 -18.39 64.01
C ASN A 143 11.33 -17.68 63.77
N GLY A 144 12.16 -17.46 64.80
CA GLY A 144 13.54 -16.96 64.64
C GLY A 144 13.60 -15.45 64.43
N PHE A 145 12.53 -14.72 64.72
CA PHE A 145 12.49 -13.24 64.56
C PHE A 145 12.63 -12.64 65.94
N ILE A 146 13.88 -12.44 66.37
CA ILE A 146 14.22 -12.03 67.76
C ILE A 146 14.82 -10.62 67.69
N TRP A 147 14.38 -9.77 68.62
CA TRP A 147 14.89 -8.40 68.87
C TRP A 147 16.41 -8.44 69.03
N GLU A 148 17.15 -7.60 68.27
CA GLU A 148 18.58 -7.25 68.46
C GLU A 148 18.74 -5.74 68.54
N GLU A 149 19.75 -5.26 69.28
CA GLU A 149 20.14 -3.83 69.31
C GLU A 149 20.73 -3.50 67.93
N PRO A 150 20.24 -2.48 67.19
CA PRO A 150 20.91 -2.02 65.99
C PRO A 150 22.37 -1.61 66.22
N GLN A 151 23.24 -1.85 65.23
CA GLN A 151 24.70 -1.54 65.28
C GLN A 151 24.93 -0.10 64.80
N LYS A 152 25.79 0.65 65.51
CA LYS A 152 26.43 1.90 65.03
C LYS A 152 27.73 1.51 64.31
N ALA A 153 27.90 1.97 63.07
CA ALA A 153 29.08 1.63 62.24
C ALA A 153 29.33 2.80 61.32
N PRO A 154 30.57 3.28 61.21
CA PRO A 154 30.87 4.34 60.24
C PRO A 154 30.54 3.88 58.82
N LEU A 155 30.07 4.83 58.02
CA LEU A 155 29.86 4.65 56.57
C LEU A 155 31.22 4.39 55.92
N PRO A 156 31.40 3.28 55.20
CA PRO A 156 32.71 2.99 54.59
C PRO A 156 32.95 3.74 53.27
N ILE A 157 32.21 4.80 52.97
CA ILE A 157 32.49 5.64 51.76
C ILE A 157 32.51 7.11 52.16
N SER A 158 33.47 7.83 51.62
CA SER A 158 33.52 9.31 51.63
C SER A 158 32.84 9.75 50.33
N GLY A 159 33.37 10.76 49.64
CA GLY A 159 32.80 11.25 48.38
C GLY A 159 31.47 11.97 48.58
N GLU A 160 31.08 12.75 47.56
CA GLU A 160 29.75 13.38 47.40
C GLU A 160 28.76 12.25 47.00
N GLU A 161 27.45 12.54 47.03
CA GLU A 161 26.38 11.58 46.62
C GLU A 161 26.50 10.24 47.34
N LYS A 162 26.74 10.26 48.64
CA LYS A 162 26.83 9.04 49.49
C LYS A 162 25.46 8.33 49.55
N GLU A 163 24.37 9.09 49.62
CA GLU A 163 23.03 8.48 49.75
C GLU A 163 22.67 7.75 48.45
N GLY A 164 21.95 6.66 48.60
CA GLY A 164 21.41 5.93 47.44
C GLY A 164 22.00 4.54 47.29
N ILE A 165 21.99 4.09 46.05
CA ILE A 165 22.29 2.71 45.58
C ILE A 165 23.66 2.73 44.90
N HIS A 166 24.63 1.99 45.44
CA HIS A 166 26.01 1.88 44.88
C HIS A 166 26.18 0.43 44.42
N ILE A 167 26.30 0.21 43.12
CA ILE A 167 26.61 -1.14 42.56
C ILE A 167 28.13 -1.31 42.63
N HIS A 168 28.60 -2.24 43.47
CA HIS A 168 30.04 -2.51 43.68
C HIS A 168 30.50 -3.65 42.75
N SER A 169 29.60 -4.59 42.46
CA SER A 169 29.85 -5.78 41.62
C SER A 169 28.53 -6.26 40.98
N ALA A 170 28.62 -7.31 40.18
CA ALA A 170 27.46 -8.01 39.58
C ALA A 170 26.58 -8.60 40.67
N THR A 171 27.11 -8.85 41.88
CA THR A 171 26.37 -9.58 42.93
C THR A 171 26.27 -8.77 44.24
N SER A 172 26.63 -7.49 44.22
CA SER A 172 26.74 -6.72 45.49
CA SER A 172 26.77 -6.71 45.49
C SER A 172 26.36 -5.24 45.29
N ILE A 173 25.61 -4.73 46.24
CA ILE A 173 25.07 -3.36 46.19
C ILE A 173 25.22 -2.80 47.60
N MET A 174 25.69 -1.57 47.73
CA MET A 174 25.64 -0.88 49.02
C MET A 174 24.45 0.10 48.98
N LEU A 175 23.65 0.09 50.06
CA LEU A 175 22.46 0.97 50.20
C LEU A 175 22.76 1.93 51.34
N VAL A 176 22.56 3.22 51.09
CA VAL A 176 22.75 4.33 52.05
C VAL A 176 21.47 5.20 52.06
N LEU A 177 20.80 5.22 53.21
CA LEU A 177 19.52 5.92 53.49
C LEU A 177 19.73 7.00 54.57
N TYR A 178 19.59 8.25 54.17
CA TYR A 178 19.63 9.43 55.07
C TYR A 178 18.48 9.35 56.05
N ASP A 179 18.79 9.69 57.31
CA ASP A 179 17.83 9.71 58.41
C ASP A 179 18.33 10.64 59.50
N LYS A 180 17.94 11.90 59.41
CA LYS A 180 17.95 12.81 60.58
C LYS A 180 16.71 13.68 60.46
N ASP A 181 15.83 13.64 61.45
CA ASP A 181 14.61 14.48 61.46
C ASP A 181 14.99 15.91 61.85
N SER A 182 14.07 16.86 61.74
CA SER A 182 14.43 18.29 61.87
C SER A 182 14.66 18.64 63.34
N GLN A 183 14.36 17.74 64.27
CA GLN A 183 14.66 17.91 65.72
C GLN A 183 15.99 17.23 66.09
N GLY A 184 16.74 16.67 65.14
CA GLY A 184 18.03 16.01 65.42
C GLY A 184 17.91 14.51 65.73
N GLY A 185 16.70 13.94 65.72
CA GLY A 185 16.49 12.50 66.00
C GLY A 185 16.66 11.60 64.78
N HIS A 186 16.43 10.30 64.98
CA HIS A 186 16.54 9.29 63.90
C HIS A 186 15.75 8.05 64.31
N LYS A 187 15.58 7.11 63.39
CA LYS A 187 14.76 5.90 63.62
C LYS A 187 15.52 4.99 64.57
N ASP A 188 14.83 4.03 65.17
CA ASP A 188 15.44 3.00 66.06
C ASP A 188 16.10 1.92 65.21
N CYS A 189 15.47 1.51 64.10
CA CYS A 189 16.08 0.49 63.19
C CYS A 189 15.54 0.60 61.77
N VAL A 190 16.26 0.00 60.83
CA VAL A 190 15.85 -0.08 59.41
C VAL A 190 16.21 -1.46 58.91
N PHE A 191 15.26 -2.14 58.27
CA PHE A 191 15.47 -3.41 57.57
C PHE A 191 15.47 -3.15 56.08
N VAL A 192 16.31 -3.88 55.32
CA VAL A 192 16.10 -4.03 53.87
C VAL A 192 15.38 -5.36 53.68
N THR A 193 14.42 -5.37 52.77
CA THR A 193 13.54 -6.50 52.47
C THR A 193 13.48 -6.56 50.95
N GLY A 194 13.34 -7.73 50.36
CA GLY A 194 13.34 -7.81 48.90
C GLY A 194 13.29 -9.22 48.36
N ASN A 195 13.57 -9.33 47.08
CA ASN A 195 13.45 -10.64 46.38
C ASN A 195 14.56 -11.58 46.90
N PHE A 196 15.66 -11.03 47.40
CA PHE A 196 16.82 -11.78 47.98
C PHE A 196 16.46 -12.39 49.34
N ASN A 197 15.32 -12.11 49.97
CA ASN A 197 14.98 -12.72 51.29
C ASN A 197 13.48 -12.96 51.39
N ASN A 198 12.80 -13.11 50.26
CA ASN A 198 11.35 -13.34 50.16
C ASN A 198 10.55 -12.30 50.98
N TRP A 199 10.96 -11.03 50.94
CA TRP A 199 10.19 -9.90 51.55
C TRP A 199 9.94 -10.12 53.04
N LYS A 200 10.91 -10.64 53.77
CA LYS A 200 10.76 -10.81 55.24
C LYS A 200 11.59 -9.74 55.94
N LEU A 201 11.19 -9.39 57.15
CA LEU A 201 12.09 -8.73 58.11
C LEU A 201 13.01 -9.80 58.72
N ASP A 202 14.31 -9.53 58.68
CA ASP A 202 15.40 -10.47 59.05
C ASP A 202 16.50 -9.65 59.74
N SER A 203 16.89 -10.05 60.95
CA SER A 203 17.96 -9.38 61.72
C SER A 203 19.23 -9.29 60.85
N ARG A 204 19.46 -10.25 59.95
CA ARG A 204 20.65 -10.27 59.06
C ARG A 204 20.65 -9.08 58.11
N TYR A 205 19.48 -8.50 57.83
CA TYR A 205 19.32 -7.40 56.85
C TYR A 205 19.00 -6.09 57.56
N MET A 206 19.29 -5.99 58.85
CA MET A 206 19.24 -4.72 59.62
C MET A 206 20.40 -3.84 59.18
N MET A 207 20.12 -2.56 58.89
CA MET A 207 21.18 -1.64 58.43
C MET A 207 21.90 -1.11 59.70
N LYS A 208 23.10 -0.57 59.52
CA LYS A 208 23.88 0.07 60.60
C LYS A 208 23.74 1.58 60.46
N TYR A 209 23.71 2.29 61.57
CA TYR A 209 23.64 3.77 61.59
C TYR A 209 25.01 4.40 61.87
N ASP A 210 25.37 5.32 60.99
CA ASP A 210 26.46 6.31 61.15
C ASP A 210 25.84 7.63 61.63
N GLU A 211 26.01 7.96 62.93
CA GLU A 211 25.50 9.17 63.66
C GLU A 211 26.13 10.46 63.15
N THR A 212 27.27 10.39 62.45
CA THR A 212 28.03 11.56 61.97
C THR A 212 27.56 11.96 60.56
N ASN A 213 27.35 10.99 59.68
CA ASN A 213 26.79 11.22 58.34
C ASN A 213 25.26 11.17 58.36
N HIS A 214 24.69 10.72 59.48
CA HIS A 214 23.24 10.58 59.71
C HIS A 214 22.67 9.61 58.66
N CYS A 215 23.32 8.45 58.44
CA CYS A 215 22.94 7.50 57.35
C CYS A 215 22.91 6.06 57.86
N TRP A 216 21.85 5.32 57.51
CA TRP A 216 21.78 3.86 57.58
C TRP A 216 22.49 3.28 56.37
N TRP A 217 23.14 2.13 56.52
CA TRP A 217 23.88 1.54 55.38
C TRP A 217 23.98 0.03 55.55
N ILE A 218 24.11 -0.66 54.43
CA ILE A 218 24.31 -2.12 54.38
C ILE A 218 24.88 -2.43 53.00
N THR A 219 25.69 -3.49 52.91
CA THR A 219 26.24 -4.04 51.67
C THR A 219 25.53 -5.37 51.47
N LEU A 220 24.73 -5.51 50.43
CA LEU A 220 24.11 -6.80 50.08
C LEU A 220 25.12 -7.54 49.19
N GLU A 221 25.46 -8.77 49.55
CA GLU A 221 26.41 -9.62 48.78
C GLU A 221 25.65 -10.84 48.28
N GLU A 222 26.15 -11.51 47.24
CA GLU A 222 25.60 -12.81 46.74
C GLU A 222 24.19 -12.64 46.18
N LEU A 223 23.85 -11.43 45.73
CA LEU A 223 22.67 -11.21 44.85
C LEU A 223 22.93 -12.01 43.59
N THR A 224 21.90 -12.66 43.07
CA THR A 224 21.96 -13.55 41.88
C THR A 224 20.95 -13.05 40.85
N ALA A 225 21.21 -13.32 39.57
CA ALA A 225 20.30 -12.98 38.45
C ALA A 225 20.58 -11.53 38.01
N GLY A 226 19.55 -10.87 37.48
CA GLY A 226 19.64 -9.52 36.89
C GLY A 226 19.10 -8.48 37.86
N GLU A 227 17.79 -8.58 38.15
CA GLU A 227 17.05 -7.50 38.86
C GLU A 227 16.94 -7.83 40.36
N THR A 228 17.53 -6.98 41.18
CA THR A 228 17.25 -6.95 42.64
C THR A 228 16.07 -6.01 42.88
N GLN A 229 15.09 -6.46 43.65
CA GLN A 229 13.90 -5.67 44.05
C GLN A 229 13.98 -5.53 45.56
N PHE A 230 13.73 -4.32 46.08
CA PHE A 230 13.79 -4.09 47.54
C PHE A 230 12.94 -2.89 47.93
N GLN A 231 12.61 -2.88 49.22
CA GLN A 231 12.14 -1.68 49.93
C GLN A 231 12.72 -1.75 51.33
N TYR A 232 12.68 -0.62 52.02
CA TYR A 232 13.14 -0.50 53.41
C TYR A 232 11.93 -0.62 54.30
N PHE A 233 12.10 -1.16 55.51
CA PHE A 233 11.14 -1.00 56.62
C PHE A 233 11.83 -0.15 57.67
N VAL A 234 11.34 1.08 57.91
CA VAL A 234 11.97 1.99 58.89
C VAL A 234 11.07 1.95 60.11
N TYR A 235 11.63 2.13 61.30
CA TYR A 235 10.88 1.94 62.57
C TYR A 235 11.41 2.86 63.66
N SER A 236 10.51 3.53 64.38
CA SER A 236 10.84 4.15 65.69
C SER A 236 9.67 3.94 66.65
N ALA A 237 9.94 3.91 67.96
CA ALA A 237 8.94 3.95 69.06
C ALA A 237 7.94 5.08 68.84
N SER A 238 8.40 6.27 68.47
CA SER A 238 7.51 7.46 68.35
C SER A 238 6.66 7.40 67.07
N ASP A 239 7.15 6.82 65.96
CA ASP A 239 6.48 6.93 64.63
C ASP A 239 5.88 5.60 64.19
N GLY A 240 6.16 4.53 64.93
CA GLY A 240 5.95 3.18 64.42
C GLY A 240 6.78 2.92 63.17
N GLY A 241 6.29 2.00 62.36
CA GLY A 241 7.01 1.44 61.22
C GLY A 241 6.33 1.73 59.89
N THR A 242 7.13 1.82 58.84
CA THR A 242 6.73 2.16 57.47
C THR A 242 7.59 1.39 56.47
N TYR A 243 7.01 0.93 55.37
CA TYR A 243 7.76 0.49 54.18
C TYR A 243 7.90 1.68 53.23
N LEU A 244 9.05 1.80 52.58
CA LEU A 244 9.34 2.83 51.52
C LEU A 244 10.49 2.35 50.64
N CYS A 245 10.58 2.85 49.43
CA CYS A 245 11.64 2.48 48.49
C CYS A 245 12.82 3.45 48.65
N ASP A 246 13.86 3.29 47.85
CA ASP A 246 15.03 4.20 47.92
C ASP A 246 14.74 5.44 47.09
N PRO A 247 14.94 6.64 47.66
CA PRO A 247 14.65 7.85 46.89
C PRO A 247 15.47 7.98 45.58
N TYR A 248 16.62 7.28 45.47
CA TYR A 248 17.60 7.48 44.38
C TYR A 248 17.49 6.36 43.34
N CYS A 249 16.51 5.49 43.42
CA CYS A 249 16.38 4.39 42.45
C CYS A 249 16.09 4.97 41.07
N GLU A 250 16.60 4.28 40.05
CA GLU A 250 16.51 4.69 38.63
C GLU A 250 15.41 3.89 37.95
N GLN A 251 14.83 2.95 38.68
CA GLN A 251 13.80 2.04 38.19
C GLN A 251 12.97 1.60 39.39
N ALA A 252 11.67 1.49 39.19
CA ALA A 252 10.74 1.15 40.28
C ALA A 252 9.52 0.42 39.68
N LEU A 253 8.90 -0.42 40.49
CA LEU A 253 7.59 -0.99 40.15
C LEU A 253 6.57 -0.33 41.08
N GLU A 254 5.40 -0.04 40.50
CA GLU A 254 4.31 0.70 41.15
C GLU A 254 3.11 -0.23 41.29
N LYS A 255 2.65 -0.48 42.51
CA LYS A 255 1.48 -1.34 42.70
C LYS A 255 0.27 -0.65 42.06
N GLY A 256 -0.48 -1.41 41.25
CA GLY A 256 -1.66 -0.92 40.50
C GLY A 256 -1.30 -0.53 39.10
N VAL A 257 -0.02 -0.51 38.75
CA VAL A 257 0.42 -0.24 37.35
C VAL A 257 1.18 -1.47 36.86
N ASP A 258 2.19 -1.88 37.61
CA ASP A 258 3.05 -3.02 37.22
C ASP A 258 2.35 -4.31 37.69
N THR A 259 1.95 -5.15 36.74
CA THR A 259 1.39 -6.53 36.98
C THR A 259 2.39 -7.38 37.79
N ASN A 260 3.70 -7.14 37.68
CA ASN A 260 4.74 -7.94 38.39
C ASN A 260 5.10 -7.33 39.76
N PHE A 261 4.35 -6.37 40.27
CA PHE A 261 4.59 -5.86 41.64
C PHE A 261 4.56 -7.04 42.60
N PRO A 262 5.63 -7.30 43.39
CA PRO A 262 5.69 -8.48 44.24
C PRO A 262 4.63 -8.55 45.34
N THR A 263 4.08 -9.74 45.58
CA THR A 263 2.97 -9.95 46.55
C THR A 263 3.49 -9.66 47.97
N GLY A 264 4.78 -9.87 48.20
CA GLY A 264 5.40 -9.63 49.53
C GLY A 264 5.61 -8.16 49.83
N ALA A 265 5.73 -7.30 48.81
CA ALA A 265 6.02 -5.85 48.96
C ALA A 265 4.77 -5.07 49.39
N GLN A 266 4.93 -3.98 50.13
CA GLN A 266 3.80 -3.05 50.43
C GLN A 266 3.70 -2.03 49.29
N ALA A 267 2.49 -1.63 48.90
CA ALA A 267 2.28 -0.43 48.05
C ALA A 267 3.03 0.73 48.70
N PRO A 268 3.47 1.76 47.95
CA PRO A 268 3.31 1.84 46.49
C PRO A 268 4.45 1.39 45.56
N TYR A 269 5.72 1.46 46.02
CA TYR A 269 6.91 1.33 45.17
C TYR A 269 7.91 0.33 45.76
N VAL A 270 8.52 -0.38 44.84
CA VAL A 270 9.69 -1.28 45.05
C VAL A 270 10.80 -0.74 44.14
N SER A 271 11.99 -0.54 44.70
CA SER A 271 13.18 -0.13 43.91
C SER A 271 13.68 -1.36 43.13
N VAL A 272 14.16 -1.14 41.92
CA VAL A 272 14.70 -2.20 41.02
C VAL A 272 16.12 -1.79 40.66
N VAL A 273 17.10 -2.68 40.91
CA VAL A 273 18.51 -2.43 40.52
C VAL A 273 18.94 -3.58 39.60
N SER A 274 19.43 -3.23 38.42
CA SER A 274 20.17 -4.16 37.54
C SER A 274 21.66 -3.86 37.68
N THR A 275 22.42 -4.84 38.17
CA THR A 275 23.87 -4.69 38.45
C THR A 275 24.66 -4.59 37.14
N ASN A 276 24.42 -5.47 36.15
CA ASN A 276 25.09 -5.40 34.82
C ASN A 276 24.02 -5.30 33.73
N PRO A 277 23.48 -4.09 33.44
CA PRO A 277 22.47 -3.93 32.39
C PRO A 277 23.01 -3.44 31.04
N GLN A 278 22.13 -3.38 30.03
CA GLN A 278 22.43 -2.94 28.64
C GLN A 278 22.72 -1.45 28.67
N PRO A 279 24.00 -1.02 28.50
CA PRO A 279 24.32 0.40 28.38
C PRO A 279 23.85 0.97 27.04
N TYR A 280 23.38 2.21 27.00
CA TYR A 280 22.91 2.86 25.75
C TYR A 280 24.10 3.50 25.04
N GLN A 281 24.29 3.25 23.74
CA GLN A 281 25.34 3.90 22.91
C GLN A 281 24.83 5.24 22.36
N TRP A 282 25.39 6.36 22.82
CA TRP A 282 25.01 7.70 22.31
C TRP A 282 25.69 7.92 20.96
N SER A 283 24.98 8.52 20.00
CA SER A 283 25.58 8.97 18.72
C SER A 283 26.71 9.96 19.07
N ALA A 284 27.65 10.20 18.14
CA ALA A 284 28.84 11.05 18.40
C ALA A 284 28.51 12.53 18.15
N GLY A 285 29.26 13.44 18.79
CA GLY A 285 29.14 14.92 18.62
C GLY A 285 28.78 15.64 19.92
N GLU A 286 28.94 16.97 19.95
CA GLU A 286 28.57 17.85 21.09
C GLU A 286 27.04 17.88 21.22
N PHE A 287 26.38 18.30 20.14
CA PHE A 287 25.00 18.87 20.10
C PHE A 287 24.95 20.16 20.92
N GLU A 288 24.51 21.24 20.28
CA GLU A 288 24.09 22.49 20.97
C GLU A 288 22.79 22.97 20.33
N MET A 289 21.89 23.50 21.15
CA MET A 289 20.58 24.02 20.70
C MET A 289 20.89 25.04 19.59
N LYS A 290 20.12 25.09 18.51
CA LYS A 290 20.22 26.21 17.55
C LYS A 290 19.32 27.34 18.03
N ASN A 291 19.61 28.56 17.60
CA ASN A 291 18.91 29.78 18.05
C ASN A 291 18.82 29.80 19.58
N LYS A 292 19.94 29.52 20.26
CA LYS A 292 19.97 29.24 21.73
C LYS A 292 19.53 30.47 22.54
N GLU A 293 19.68 31.67 22.02
CA GLU A 293 19.32 32.92 22.72
C GLU A 293 17.80 33.15 22.68
N ASN A 294 17.09 32.64 21.65
CA ASN A 294 15.67 33.01 21.38
C ASN A 294 14.92 31.85 20.73
N PRO A 295 15.04 30.63 21.29
CA PRO A 295 14.45 29.47 20.65
C PRO A 295 12.91 29.48 20.58
N VAL A 296 12.42 28.74 19.60
CA VAL A 296 11.02 28.29 19.47
C VAL A 296 10.94 26.91 20.11
N ILE A 297 10.16 26.85 21.17
CA ILE A 297 9.99 25.64 22.03
C ILE A 297 8.61 25.05 21.79
N TYR A 298 8.60 23.75 21.51
CA TYR A 298 7.36 22.96 21.28
C TYR A 298 7.07 22.16 22.56
N GLU A 299 6.00 22.51 23.24
CA GLU A 299 5.58 21.87 24.50
C GLU A 299 4.79 20.60 24.16
N LEU A 300 5.15 19.47 24.74
CA LEU A 300 4.66 18.15 24.27
C LEU A 300 4.29 17.30 25.49
N LEU A 301 3.08 16.75 25.52
CA LEU A 301 2.66 15.74 26.53
C LEU A 301 2.70 14.35 25.87
N LEU A 302 3.62 13.50 26.25
CA LEU A 302 3.79 12.17 25.61
C LEU A 302 2.49 11.36 25.65
N ARG A 303 1.68 11.50 26.71
CA ARG A 303 0.42 10.76 26.87
C ARG A 303 -0.51 11.02 25.68
N ASP A 304 -0.53 12.26 25.14
CA ASP A 304 -1.62 12.74 24.25
C ASP A 304 -1.03 13.13 22.87
N PHE A 305 0.28 13.10 22.72
CA PHE A 305 0.98 13.53 21.48
C PHE A 305 0.75 12.50 20.36
N THR A 306 0.62 11.22 20.70
CA THR A 306 0.31 10.14 19.71
C THR A 306 -0.61 9.12 20.38
N SER A 307 -1.20 8.24 19.58
CA SER A 307 -2.19 7.22 20.01
C SER A 307 -1.55 6.18 20.92
N SER A 308 -0.27 5.90 20.77
CA SER A 308 0.45 4.96 21.66
C SER A 308 0.88 5.66 22.95
N GLY A 309 0.88 7.00 23.01
CA GLY A 309 1.01 7.73 24.30
C GLY A 309 2.39 7.57 24.95
N ASN A 310 3.45 7.39 24.16
CA ASN A 310 4.76 6.93 24.66
C ASN A 310 5.86 7.49 23.78
N LEU A 311 7.11 7.21 24.14
CA LEU A 311 8.30 7.69 23.41
C LEU A 311 8.33 7.08 21.99
N ALA A 312 8.02 5.79 21.85
CA ALA A 312 8.04 5.06 20.55
C ALA A 312 7.13 5.82 19.57
N GLY A 313 5.91 6.16 20.00
CA GLY A 313 4.97 6.91 19.14
C GLY A 313 5.55 8.27 18.77
N ALA A 314 6.13 9.00 19.73
CA ALA A 314 6.62 10.38 19.53
C ALA A 314 7.84 10.37 18.60
N MET A 315 8.69 9.36 18.72
CA MET A 315 9.92 9.22 17.90
C MET A 315 9.56 9.26 16.40
N GLU A 316 8.43 8.66 16.02
CA GLU A 316 7.94 8.61 14.61
C GLU A 316 7.56 10.01 14.12
N LYS A 317 7.32 10.99 14.99
CA LYS A 317 6.90 12.34 14.55
C LYS A 317 8.07 13.32 14.53
N LEU A 318 9.28 12.89 14.85
CA LEU A 318 10.44 13.85 14.88
C LEU A 318 10.64 14.50 13.52
N PRO A 319 10.49 13.78 12.39
CA PRO A 319 10.59 14.40 11.07
C PRO A 319 9.58 15.55 10.90
N TYR A 320 8.35 15.37 11.39
CA TYR A 320 7.30 16.41 11.36
C TYR A 320 7.79 17.63 12.13
N LEU A 321 8.32 17.45 13.35
CA LEU A 321 8.70 18.60 14.22
C LEU A 321 9.96 19.27 13.63
N LYS A 322 10.91 18.46 13.15
CA LYS A 322 12.09 19.00 12.42
C LYS A 322 11.64 19.95 11.30
N GLU A 323 10.70 19.52 10.46
CA GLU A 323 10.26 20.30 9.27
C GLU A 323 9.56 21.58 9.75
N LEU A 324 8.87 21.49 10.89
CA LEU A 324 8.12 22.63 11.47
C LEU A 324 9.11 23.78 11.74
N GLY A 325 10.34 23.43 12.11
CA GLY A 325 11.45 24.39 12.33
C GLY A 325 11.80 24.64 13.79
N ILE A 326 11.26 23.85 14.74
CA ILE A 326 11.38 24.15 16.20
C ILE A 326 12.84 23.93 16.66
N ASP A 327 13.29 24.70 17.65
CA ASP A 327 14.65 24.62 18.23
C ASP A 327 14.66 23.60 19.36
N ALA A 328 13.52 23.40 20.03
CA ALA A 328 13.50 22.55 21.24
C ALA A 328 12.11 21.94 21.45
N ILE A 329 12.10 20.75 22.01
CA ILE A 329 10.91 20.06 22.56
C ILE A 329 10.97 20.17 24.08
N GLU A 330 9.91 20.66 24.70
CA GLU A 330 9.75 20.61 26.17
C GLU A 330 8.78 19.49 26.50
N LEU A 331 9.28 18.44 27.15
CA LEU A 331 8.41 17.35 27.63
C LEU A 331 7.77 17.75 28.93
N MET A 332 6.46 17.59 29.01
CA MET A 332 5.76 17.64 30.31
C MET A 332 6.30 16.50 31.20
N PRO A 333 6.13 16.57 32.53
CA PRO A 333 6.98 15.81 33.44
C PRO A 333 6.98 14.29 33.18
N VAL A 334 8.19 13.76 33.10
CA VAL A 334 8.46 12.33 32.79
C VAL A 334 9.02 11.66 34.04
N GLN A 335 9.32 12.37 35.12
CA GLN A 335 9.74 11.66 36.34
C GLN A 335 8.55 10.83 36.87
N GLU A 336 8.85 9.67 37.43
CA GLU A 336 7.85 8.71 37.97
C GLU A 336 6.72 9.48 38.71
N PHE A 337 5.52 9.43 38.18
CA PHE A 337 4.29 10.07 38.70
C PHE A 337 3.27 9.01 39.13
N ALA A 338 2.31 9.39 39.97
CA ALA A 338 1.26 8.50 40.52
C ALA A 338 0.48 7.91 39.33
N GLY A 339 0.45 6.58 39.25
CA GLY A 339 -0.25 5.85 38.18
C GLY A 339 0.40 6.00 36.81
N ASN A 340 -0.38 5.85 35.74
CA ASN A 340 0.16 5.84 34.36
C ASN A 340 -0.71 6.70 33.43
N ASP A 341 -1.52 7.60 33.96
CA ASP A 341 -2.44 8.48 33.17
C ASP A 341 -2.43 9.87 33.82
N SER A 342 -1.58 10.76 33.36
CA SER A 342 -1.27 12.00 34.11
C SER A 342 -0.61 13.03 33.18
N TRP A 343 -0.82 14.31 33.47
CA TRP A 343 0.04 15.41 32.99
C TRP A 343 1.45 15.22 33.57
N GLY A 344 1.54 14.71 34.81
CA GLY A 344 2.80 14.34 35.46
C GLY A 344 3.22 15.26 36.59
N TYR A 345 2.39 16.24 37.00
CA TYR A 345 2.67 17.18 38.12
C TYR A 345 2.34 16.54 39.46
N ASN A 346 2.73 15.29 39.62
CA ASN A 346 2.41 14.43 40.79
C ASN A 346 3.56 13.42 40.92
N THR A 347 4.77 13.94 41.08
CA THR A 347 6.02 13.15 41.12
C THR A 347 6.12 12.38 42.43
N GLY A 348 6.32 11.05 42.33
CA GLY A 348 6.61 10.15 43.47
C GLY A 348 8.09 9.84 43.61
N LEU A 349 8.83 9.76 42.49
CA LEU A 349 10.28 9.45 42.53
C LEU A 349 10.98 10.34 41.51
N TYR A 350 12.15 10.89 41.83
CA TYR A 350 12.80 11.94 40.99
C TYR A 350 13.96 11.37 40.15
N PHE A 351 14.50 10.20 40.50
CA PHE A 351 15.62 9.60 39.73
C PHE A 351 15.16 8.46 38.83
N ALA A 352 13.88 8.08 38.91
CA ALA A 352 13.25 7.08 38.01
C ALA A 352 12.31 7.82 37.07
N LEU A 353 12.40 7.55 35.78
CA LEU A 353 11.44 8.12 34.79
C LEU A 353 10.25 7.18 34.63
N ASP A 354 9.07 7.71 34.37
CA ASP A 354 7.85 6.88 34.35
C ASP A 354 7.99 5.81 33.26
N ALA A 355 7.81 4.55 33.64
CA ALA A 355 7.95 3.40 32.73
C ALA A 355 6.75 3.33 31.78
N SER A 356 5.65 4.05 32.07
CA SER A 356 4.48 4.12 31.15
C SER A 356 4.88 4.77 29.82
N TYR A 357 5.90 5.63 29.77
CA TYR A 357 6.30 6.27 28.49
C TYR A 357 7.42 5.44 27.83
N GLY A 358 8.23 4.74 28.64
CA GLY A 358 9.33 3.91 28.11
C GLY A 358 10.38 3.56 29.15
N THR A 359 11.36 2.74 28.76
CA THR A 359 12.48 2.33 29.64
C THR A 359 13.48 3.48 29.71
N GLN A 360 14.46 3.38 30.61
CA GLN A 360 15.59 4.35 30.67
C GLN A 360 16.17 4.53 29.27
N ASN A 361 16.47 3.43 28.55
CA ASN A 361 17.14 3.50 27.22
C ASN A 361 16.22 4.03 26.12
N GLU A 362 14.92 3.81 26.23
CA GLU A 362 13.95 4.48 25.29
C GLU A 362 14.01 6.01 25.48
N TYR A 363 14.09 6.50 26.73
CA TYR A 363 14.24 7.96 26.97
C TYR A 363 15.54 8.43 26.31
N LYS A 364 16.65 7.73 26.56
CA LYS A 364 17.96 8.11 25.96
C LYS A 364 17.85 8.10 24.43
N ALA A 365 17.25 7.05 23.84
CA ALA A 365 17.09 6.92 22.37
C ALA A 365 16.31 8.12 21.84
N PHE A 366 15.18 8.46 22.48
CA PHE A 366 14.34 9.60 22.09
C PHE A 366 15.19 10.88 22.00
N ILE A 367 15.93 11.16 23.07
CA ILE A 367 16.71 12.41 23.27
C ILE A 367 17.84 12.45 22.23
N ASP A 368 18.49 11.31 22.00
CA ASP A 368 19.52 11.10 20.94
C ASP A 368 18.89 11.39 19.57
N ALA A 369 17.71 10.85 19.28
CA ALA A 369 17.02 11.04 17.98
C ALA A 369 16.70 12.52 17.81
N CYS A 370 16.23 13.21 18.87
CA CYS A 370 15.94 14.68 18.80
C CYS A 370 17.25 15.39 18.38
N HIS A 371 18.35 15.13 19.10
CA HIS A 371 19.68 15.73 18.85
C HIS A 371 20.12 15.52 17.38
N GLN A 372 19.91 14.32 16.83
CA GLN A 372 20.28 13.98 15.43
C GLN A 372 19.41 14.76 14.43
N ASN A 373 18.21 15.22 14.82
CA ASN A 373 17.32 16.07 13.98
C ASN A 373 17.54 17.54 14.26
N GLY A 374 18.52 17.86 15.10
CA GLY A 374 18.91 19.24 15.49
C GLY A 374 17.98 19.84 16.54
N ILE A 375 17.23 19.01 17.26
CA ILE A 375 16.21 19.50 18.24
C ILE A 375 16.74 19.22 19.64
N ALA A 376 16.78 20.24 20.48
CA ALA A 376 17.11 20.18 21.93
C ALA A 376 15.91 19.60 22.70
N VAL A 377 16.16 19.10 23.90
CA VAL A 377 15.14 18.51 24.81
C VAL A 377 15.23 19.21 26.18
N ILE A 378 14.13 19.79 26.61
CA ILE A 378 13.94 20.39 27.95
C ILE A 378 13.00 19.50 28.75
N PHE A 379 13.34 19.18 29.97
CA PHE A 379 12.47 18.46 30.92
C PHE A 379 11.77 19.49 31.81
N ASP A 380 10.46 19.36 31.92
CA ASP A 380 9.58 19.99 32.92
C ASP A 380 9.80 19.27 34.25
N VAL A 381 10.21 19.97 35.29
CA VAL A 381 10.56 19.37 36.60
C VAL A 381 9.75 20.06 37.71
N VAL A 382 9.27 19.25 38.64
CA VAL A 382 8.26 19.62 39.65
C VAL A 382 8.84 19.43 41.05
N TYR A 383 9.43 20.49 41.58
CA TYR A 383 10.09 20.50 42.90
C TYR A 383 9.27 21.28 43.95
N ASN A 384 8.11 21.84 43.60
CA ASN A 384 7.30 22.51 44.64
C ASN A 384 6.82 21.44 45.64
N HIS A 385 6.41 20.30 45.11
CA HIS A 385 5.70 19.26 45.88
C HIS A 385 5.98 17.91 45.25
N THR A 386 5.82 16.86 46.05
CA THR A 386 5.87 15.45 45.61
C THR A 386 4.50 14.92 45.98
N ASN A 387 4.40 13.65 46.35
CA ASN A 387 3.13 13.01 46.72
C ASN A 387 3.37 12.06 47.89
N ASN A 388 2.32 11.39 48.34
CA ASN A 388 2.36 10.58 49.58
C ASN A 388 3.20 9.31 49.35
N ASP A 389 3.52 8.98 48.10
CA ASP A 389 4.28 7.75 47.74
C ASP A 389 5.78 7.95 47.88
N ASN A 390 6.26 9.20 47.88
CA ASN A 390 7.68 9.58 47.93
C ASN A 390 8.28 9.09 49.25
N PRO A 391 9.43 8.40 49.19
CA PRO A 391 10.11 7.94 50.40
C PRO A 391 10.34 9.08 51.40
N PHE A 392 10.60 10.30 50.92
CA PHE A 392 10.82 11.45 51.84
C PHE A 392 9.53 11.73 52.65
N ALA A 393 8.34 11.57 52.05
CA ALA A 393 7.04 11.70 52.74
C ALA A 393 6.91 10.54 53.72
N ARG A 394 7.07 9.32 53.25
CA ARG A 394 6.72 8.10 54.02
C ARG A 394 7.63 8.02 55.26
N MET A 395 8.84 8.54 55.15
CA MET A 395 9.92 8.37 56.17
C MET A 395 9.52 9.12 57.44
N TYR A 396 8.84 10.27 57.31
CA TYR A 396 8.46 11.14 58.45
C TYR A 396 7.05 11.65 58.18
N TRP A 397 6.11 10.81 58.59
CA TRP A 397 4.66 10.87 58.30
C TRP A 397 3.90 11.08 59.60
N ASP A 398 2.79 11.81 59.54
CA ASP A 398 1.87 12.04 60.68
C ASP A 398 0.64 11.17 60.45
N THR A 399 0.49 10.11 61.27
CA THR A 399 -0.58 9.09 61.13
C THR A 399 -1.85 9.57 61.81
N PHE A 400 -1.85 10.74 62.45
CA PHE A 400 -3.09 11.39 62.95
C PHE A 400 -3.71 12.29 61.88
N ASN A 401 -2.89 12.99 61.10
CA ASN A 401 -3.37 14.04 60.17
C ASN A 401 -3.16 13.63 58.72
N ASN A 402 -2.47 12.51 58.51
CA ASN A 402 -2.20 11.93 57.18
C ASN A 402 -1.50 12.94 56.26
N ARG A 403 -0.38 13.42 56.72
CA ARG A 403 0.44 14.43 56.02
C ARG A 403 1.84 14.29 56.59
N PRO A 404 2.83 15.01 56.08
CA PRO A 404 4.18 14.94 56.65
C PRO A 404 4.18 15.42 58.10
N SER A 405 5.04 14.79 58.91
CA SER A 405 5.13 15.18 60.33
C SER A 405 5.90 16.49 60.41
N THR A 406 5.79 17.18 61.53
CA THR A 406 6.52 18.42 61.83
C THR A 406 8.03 18.12 61.95
N LYS A 407 8.44 16.84 62.01
CA LYS A 407 9.87 16.41 62.11
C LYS A 407 10.46 16.18 60.72
N ASN A 408 9.65 16.17 59.67
CA ASN A 408 10.10 15.83 58.30
C ASN A 408 11.17 16.84 57.90
N PRO A 409 12.39 16.40 57.55
CA PRO A 409 13.47 17.33 57.25
C PRO A 409 13.44 17.85 55.81
N TRP A 410 12.58 17.28 54.94
CA TRP A 410 12.46 17.72 53.52
C TRP A 410 11.15 18.49 53.29
N LEU A 411 10.07 18.11 53.97
CA LEU A 411 8.72 18.56 53.59
C LEU A 411 8.11 19.37 54.72
N ASN A 412 7.19 20.27 54.37
CA ASN A 412 6.35 20.94 55.38
C ASN A 412 5.22 20.00 55.77
N ALA A 413 4.77 20.08 57.02
CA ALA A 413 3.53 19.39 57.45
C ALA A 413 2.34 19.93 56.64
N VAL A 414 2.26 21.26 56.57
CA VAL A 414 1.14 22.04 55.98
C VAL A 414 1.78 22.99 54.95
N THR A 415 1.23 23.06 53.75
CA THR A 415 1.68 23.99 52.69
C THR A 415 1.59 25.41 53.22
N PRO A 416 2.71 26.16 53.24
CA PRO A 416 2.68 27.57 53.64
C PRO A 416 1.83 28.48 52.72
N HIS A 417 1.86 28.24 51.41
CA HIS A 417 1.12 29.06 50.39
C HIS A 417 -0.26 28.46 50.19
N GLN A 418 -1.23 28.86 51.02
CA GLN A 418 -2.53 28.13 51.12
C GLN A 418 -3.38 28.42 49.88
N LYS A 419 -3.02 29.38 49.03
CA LYS A 419 -3.80 29.61 47.78
C LYS A 419 -3.56 28.43 46.82
N TYR A 420 -2.39 27.78 46.90
CA TYR A 420 -2.01 26.73 45.91
C TYR A 420 -1.54 25.49 46.66
N VAL A 421 -2.45 24.54 46.85
CA VAL A 421 -2.18 23.26 47.54
C VAL A 421 -2.37 22.15 46.51
N PHE A 422 -1.31 21.77 45.82
CA PHE A 422 -1.35 20.83 44.68
C PHE A 422 -1.14 19.40 45.16
N SER A 423 -0.75 19.24 46.41
CA SER A 423 -0.66 17.91 47.04
C SER A 423 -0.50 18.12 48.52
N PRO A 424 -0.59 17.08 49.33
CA PRO A 424 -0.27 17.22 50.76
C PRO A 424 1.22 17.40 51.07
N ASP A 425 2.15 17.23 50.10
CA ASP A 425 3.63 17.06 50.29
C ASP A 425 4.45 18.19 49.63
N ASP A 426 4.46 19.33 50.28
CA ASP A 426 5.12 20.58 49.83
C ASP A 426 6.56 20.57 50.35
N PHE A 427 7.52 20.79 49.48
CA PHE A 427 8.96 20.78 49.80
C PHE A 427 9.28 22.07 50.53
N ASN A 428 10.16 21.95 51.51
CA ASN A 428 10.74 23.09 52.25
C ASN A 428 12.08 23.44 51.57
N HIS A 429 12.07 24.44 50.70
CA HIS A 429 13.26 24.85 49.94
C HIS A 429 14.22 25.67 50.82
N THR A 430 13.97 25.82 52.13
CA THR A 430 14.99 26.34 53.06
C THR A 430 15.73 25.17 53.70
N SER A 431 15.32 23.91 53.49
CA SER A 431 16.02 22.74 54.07
C SER A 431 17.29 22.49 53.26
N GLU A 432 18.44 22.40 53.92
CA GLU A 432 19.72 22.05 53.23
C GLU A 432 19.58 20.66 52.59
N GLN A 433 18.83 19.74 53.19
CA GLN A 433 18.63 18.39 52.62
CA GLN A 433 18.59 18.38 52.64
C GLN A 433 17.81 18.50 51.31
N THR A 434 16.79 19.35 51.28
CA THR A 434 15.95 19.52 50.06
C THR A 434 16.81 20.14 48.94
N LYS A 435 17.57 21.18 49.25
CA LYS A 435 18.39 21.89 48.23
C LYS A 435 19.42 20.93 47.65
N ALA A 436 20.06 20.14 48.50
CA ALA A 436 21.09 19.16 48.07
C ALA A 436 20.43 18.12 47.17
N PHE A 437 19.23 17.69 47.53
CA PHE A 437 18.49 16.70 46.73
C PHE A 437 18.16 17.27 45.34
N VAL A 438 17.63 18.48 45.31
CA VAL A 438 17.22 19.11 44.02
C VAL A 438 18.49 19.27 43.14
N LYS A 439 19.55 19.82 43.70
CA LYS A 439 20.83 20.07 42.98
C LYS A 439 21.37 18.74 42.45
N ARG A 440 21.30 17.69 43.24
CA ARG A 440 21.80 16.37 42.81
C ARG A 440 20.93 15.84 41.68
N ASN A 441 19.61 16.01 41.77
CA ASN A 441 18.65 15.53 40.73
C ASN A 441 18.90 16.28 39.42
N LEU A 442 19.11 17.60 39.46
CA LEU A 442 19.32 18.40 38.22
C LEU A 442 20.57 17.85 37.49
N LYS A 443 21.65 17.66 38.22
CA LYS A 443 22.93 17.15 37.70
C LYS A 443 22.72 15.74 37.14
N TYR A 444 22.00 14.86 37.86
CA TYR A 444 21.67 13.51 37.36
C TYR A 444 20.96 13.55 36.00
N LEU A 445 19.96 14.41 35.82
CA LEU A 445 19.14 14.46 34.58
C LEU A 445 20.02 15.00 33.44
N LEU A 446 20.86 15.98 33.74
CA LEU A 446 21.83 16.52 32.76
C LEU A 446 22.83 15.42 32.33
N ASP A 447 23.46 14.77 33.29
CA ASP A 447 24.56 13.77 33.02
C ASP A 447 24.00 12.53 32.34
N THR A 448 22.87 12.02 32.82
CA THR A 448 22.35 10.69 32.44
C THR A 448 21.60 10.78 31.12
N TYR A 449 20.79 11.84 30.96
CA TYR A 449 19.83 11.93 29.83
C TYR A 449 20.28 12.98 28.81
N HIS A 450 21.40 13.69 29.04
CA HIS A 450 22.04 14.61 28.06
C HIS A 450 21.05 15.71 27.62
N ILE A 451 20.11 16.10 28.47
CA ILE A 451 19.07 17.09 28.08
C ILE A 451 19.75 18.46 27.99
N ASP A 452 19.01 19.45 27.49
CA ASP A 452 19.57 20.76 27.07
C ASP A 452 19.06 21.86 27.99
N GLY A 453 18.18 21.53 28.93
CA GLY A 453 17.69 22.52 29.90
C GLY A 453 16.48 22.04 30.69
N PHE A 454 15.83 22.96 31.38
CA PHE A 454 14.80 22.65 32.39
C PHE A 454 13.74 23.73 32.32
N ARG A 455 12.50 23.31 32.52
CA ARG A 455 11.37 24.18 32.90
C ARG A 455 10.97 23.79 34.32
N PHE A 456 11.26 24.66 35.29
CA PHE A 456 10.86 24.49 36.70
C PHE A 456 9.40 24.94 36.86
N ASP A 457 8.53 23.97 37.06
CA ASP A 457 7.10 24.17 37.42
C ASP A 457 7.01 24.99 38.73
N PHE A 458 6.09 25.97 38.78
CA PHE A 458 5.58 26.62 40.00
C PHE A 458 6.70 27.04 40.95
N THR A 459 7.64 27.84 40.47
CA THR A 459 8.80 28.29 41.29
C THR A 459 8.29 29.32 42.30
N LYS A 460 7.09 29.87 42.08
CA LYS A 460 6.44 30.74 43.07
C LYS A 460 6.22 29.92 44.37
N GLY A 461 6.10 28.61 44.27
CA GLY A 461 5.84 27.76 45.44
C GLY A 461 7.07 27.53 46.29
N PHE A 462 8.26 27.98 45.88
CA PHE A 462 9.52 27.67 46.62
C PHE A 462 9.70 28.70 47.76
N THR A 463 8.74 28.76 48.68
CA THR A 463 8.67 29.79 49.74
C THR A 463 8.13 29.13 51.01
N GLN A 464 8.67 29.51 52.17
CA GLN A 464 8.20 29.10 53.52
C GLN A 464 7.24 30.13 54.10
N LYS A 465 7.07 31.31 53.50
CA LYS A 465 6.21 32.37 54.11
C LYS A 465 4.78 31.88 54.16
N GLN A 466 4.06 32.18 55.24
CA GLN A 466 2.63 31.81 55.43
C GLN A 466 1.79 32.81 54.64
N THR A 467 1.07 32.37 53.59
CA THR A 467 0.26 33.27 52.73
C THR A 467 -1.06 32.57 52.44
N THR A 468 -2.09 33.34 52.05
CA THR A 468 -3.44 32.80 51.79
C THR A 468 -3.99 33.26 50.43
N GLY A 469 -3.34 34.16 49.70
CA GLY A 469 -3.85 34.65 48.41
C GLY A 469 -2.78 34.71 47.34
N ASP A 470 -3.05 35.51 46.29
CA ASP A 470 -2.11 35.73 45.18
C ASP A 470 -1.10 36.84 45.51
N ASP A 471 -1.55 38.00 46.02
CA ASP A 471 -0.67 39.20 46.19
C ASP A 471 0.32 38.95 47.33
N ASP A 472 -0.05 38.27 48.41
CA ASP A 472 0.93 38.06 49.50
C ASP A 472 1.98 37.02 49.02
N LEU A 473 1.56 36.01 48.26
CA LEU A 473 2.47 34.99 47.68
C LEU A 473 3.39 35.63 46.62
N ALA A 474 2.87 36.50 45.76
CA ALA A 474 3.68 37.10 44.66
C ALA A 474 4.70 38.14 45.19
N ALA A 475 4.53 38.68 46.39
CA ALA A 475 5.45 39.67 47.03
C ALA A 475 6.84 39.05 47.16
N THR A 476 7.89 39.87 47.00
CA THR A 476 9.29 39.39 46.99
C THR A 476 9.56 38.59 48.26
N ASP A 477 10.06 37.38 48.10
CA ASP A 477 10.59 36.57 49.22
C ASP A 477 12.07 36.39 48.94
N PRO A 478 12.95 37.06 49.72
CA PRO A 478 14.38 37.03 49.40
C PRO A 478 14.91 35.60 49.40
N ALA A 479 14.35 34.68 50.20
CA ALA A 479 14.83 33.27 50.30
C ALA A 479 14.42 32.49 49.03
N ARG A 480 13.28 32.83 48.44
CA ARG A 480 12.80 32.23 47.18
C ARG A 480 13.74 32.69 46.05
N VAL A 481 14.00 34.00 45.97
CA VAL A 481 14.97 34.59 44.99
C VAL A 481 16.30 33.86 45.11
N SER A 482 16.85 33.78 46.32
CA SER A 482 18.20 33.23 46.54
C SER A 482 18.21 31.75 46.19
N VAL A 483 17.17 30.95 46.53
CA VAL A 483 17.21 29.49 46.25
C VAL A 483 17.09 29.24 44.74
N LEU A 484 16.28 30.04 44.05
CA LEU A 484 16.15 29.94 42.57
C LEU A 484 17.49 30.25 41.89
N LYS A 485 18.25 31.27 42.35
CA LYS A 485 19.65 31.52 41.87
C LYS A 485 20.50 30.29 42.15
N GLU A 486 20.36 29.71 43.34
CA GLU A 486 21.18 28.54 43.74
C GLU A 486 20.94 27.39 42.74
N TYR A 487 19.68 27.11 42.41
CA TYR A 487 19.35 26.00 41.47
C TYR A 487 19.83 26.39 40.07
N TYR A 488 19.64 27.62 39.63
CA TYR A 488 20.19 28.14 38.33
C TYR A 488 21.71 27.91 38.25
N GLU A 489 22.46 28.30 39.28
CA GLU A 489 23.95 28.19 39.28
C GLU A 489 24.35 26.73 39.27
N ALA A 490 23.58 25.84 39.92
CA ALA A 490 23.90 24.40 40.02
C ALA A 490 23.78 23.77 38.63
N VAL A 491 22.76 24.17 37.84
CA VAL A 491 22.59 23.71 36.43
C VAL A 491 23.79 24.20 35.59
N LYS A 492 24.11 25.48 35.66
CA LYS A 492 25.19 26.17 34.90
C LYS A 492 26.55 25.53 35.20
N ALA A 493 26.81 25.12 36.45
CA ALA A 493 28.06 24.44 36.87
C ALA A 493 28.18 23.09 36.18
N VAL A 494 27.06 22.41 35.88
CA VAL A 494 27.10 21.12 35.15
C VAL A 494 27.13 21.35 33.63
N LYS A 495 26.33 22.29 33.13
CA LYS A 495 26.23 22.57 31.68
C LYS A 495 26.05 24.07 31.47
N GLU A 496 27.14 24.75 31.12
CA GLU A 496 27.22 26.23 31.02
C GLU A 496 26.13 26.75 30.07
N ASP A 497 25.78 26.02 29.01
CA ASP A 497 24.80 26.53 27.99
C ASP A 497 23.39 25.96 28.22
N ALA A 498 23.11 25.21 29.29
CA ALA A 498 21.77 24.64 29.56
C ALA A 498 20.76 25.79 29.65
N MET A 499 19.60 25.68 29.00
CA MET A 499 18.54 26.70 29.14
C MET A 499 17.77 26.42 30.43
N VAL A 500 17.61 27.42 31.27
CA VAL A 500 16.85 27.32 32.54
C VAL A 500 15.69 28.29 32.43
N THR A 501 14.47 27.73 32.45
CA THR A 501 13.18 28.44 32.36
C THR A 501 12.42 28.15 33.62
N MET A 502 11.77 29.17 34.17
CA MET A 502 10.96 29.05 35.41
C MET A 502 9.57 29.59 35.13
N GLU A 503 8.55 28.86 35.56
CA GLU A 503 7.15 29.32 35.52
C GLU A 503 6.90 29.97 36.87
N HIS A 504 7.07 31.29 36.92
CA HIS A 504 7.20 32.03 38.19
C HIS A 504 5.96 32.89 38.42
N PHE A 505 5.72 33.89 37.59
CA PHE A 505 4.57 34.82 37.69
C PHE A 505 4.65 35.64 39.00
N CYS A 506 5.85 36.05 39.43
CA CYS A 506 6.15 37.11 40.47
C CYS A 506 6.97 38.22 39.75
N ALA A 507 6.31 39.23 39.24
CA ALA A 507 6.86 40.24 38.33
C ALA A 507 8.20 40.78 38.87
N ASN A 508 8.27 41.17 40.15
CA ASN A 508 9.49 41.87 40.69
C ASN A 508 10.65 40.91 40.80
N GLU A 509 10.40 39.66 41.21
CA GLU A 509 11.48 38.64 41.29
C GLU A 509 11.92 38.25 39.89
N GLU A 510 11.04 38.30 38.90
CA GLU A 510 11.42 38.01 37.49
C GLU A 510 12.41 39.07 37.00
N THR A 511 12.18 40.36 37.30
CA THR A 511 13.13 41.44 36.91
C THR A 511 14.52 41.10 37.47
N THR A 512 14.63 40.81 38.77
CA THR A 512 15.89 40.44 39.47
C THR A 512 16.51 39.21 38.80
N LEU A 513 15.75 38.12 38.69
CA LEU A 513 16.33 36.84 38.24
C LEU A 513 16.62 36.86 36.73
N ALA A 514 15.86 37.61 35.91
CA ALA A 514 16.09 37.69 34.44
C ALA A 514 17.49 38.28 34.20
N THR A 515 17.90 39.22 35.05
CA THR A 515 19.27 39.77 35.14
C THR A 515 20.31 38.66 35.24
N GLU A 516 20.06 37.56 35.97
CA GLU A 516 21.07 36.48 36.14
C GLU A 516 21.14 35.57 34.92
N GLY A 517 20.17 35.64 33.99
CA GLY A 517 20.12 34.70 32.84
C GLY A 517 18.98 33.67 32.94
N ILE A 518 18.13 33.79 33.94
CA ILE A 518 16.96 32.87 34.03
C ILE A 518 15.89 33.34 33.03
N HIS A 519 15.27 32.40 32.36
CA HIS A 519 14.12 32.66 31.44
C HIS A 519 12.80 32.41 32.16
N PHE A 520 11.76 33.19 31.85
CA PHE A 520 10.44 33.16 32.53
C PHE A 520 9.33 32.99 31.50
N TRP A 521 8.35 32.16 31.87
CA TRP A 521 7.08 32.02 31.13
C TRP A 521 6.36 33.36 31.12
N ARG A 522 5.87 33.74 29.95
CA ARG A 522 5.16 35.02 29.72
C ARG A 522 3.84 34.67 29.01
N ASN A 523 2.75 34.65 29.77
CA ASN A 523 1.45 34.09 29.37
C ASN A 523 0.67 35.16 28.62
N MET A 524 0.51 35.01 27.31
CA MET A 524 -0.27 35.97 26.46
C MET A 524 -1.50 35.25 25.89
N ASN A 525 -1.92 34.16 26.55
CA ASN A 525 -3.10 33.38 26.14
C ASN A 525 -4.36 34.24 26.14
N HIS A 526 -4.61 35.06 27.17
CA HIS A 526 -5.87 35.82 27.22
C HIS A 526 -5.97 36.74 25.98
N SER A 527 -4.92 37.48 25.68
CA SER A 527 -4.91 38.48 24.57
C SER A 527 -5.09 37.78 23.24
N TYR A 528 -4.36 36.70 23.01
CA TYR A 528 -4.38 35.99 21.70
C TYR A 528 -5.67 35.17 21.57
N CYS A 529 -6.33 34.76 22.69
CA CYS A 529 -7.70 34.18 22.60
C CYS A 529 -8.67 35.31 22.19
N GLN A 530 -8.57 36.47 22.81
CA GLN A 530 -9.47 37.60 22.49
C GLN A 530 -9.33 37.93 21.00
N SER A 531 -8.10 38.00 20.51
CA SER A 531 -7.85 38.38 19.08
C SER A 531 -8.33 37.24 18.15
N ALA A 532 -8.09 35.98 18.52
CA ALA A 532 -8.52 34.81 17.74
C ALA A 532 -10.05 34.82 17.61
N MET A 533 -10.74 35.31 18.63
CA MET A 533 -12.22 35.34 18.64
C MET A 533 -12.76 36.58 17.92
N GLY A 534 -11.92 37.55 17.58
CA GLY A 534 -12.37 38.83 16.99
C GLY A 534 -12.91 39.80 18.01
N TRP A 535 -12.49 39.74 19.27
CA TRP A 535 -12.95 40.67 20.33
C TRP A 535 -11.78 41.57 20.72
N LYS A 536 -11.97 42.88 20.65
CA LYS A 536 -10.88 43.85 20.92
C LYS A 536 -10.65 43.96 22.43
N ASP A 537 -11.67 43.73 23.26
CA ASP A 537 -11.54 43.82 24.74
C ASP A 537 -10.36 42.95 25.18
N ASN A 538 -9.48 43.49 26.02
CA ASN A 538 -8.39 42.76 26.69
C ASN A 538 -7.58 41.95 25.67
N SER A 539 -7.26 42.53 24.51
CA SER A 539 -6.61 41.86 23.36
C SER A 539 -5.19 42.38 23.13
N ASP A 540 -4.67 43.19 24.05
CA ASP A 540 -3.34 43.87 23.90
C ASP A 540 -2.20 42.85 23.84
N PHE A 541 -1.37 42.88 22.80
CA PHE A 541 -0.31 41.85 22.62
C PHE A 541 0.99 42.26 23.33
N SER A 542 1.05 43.48 23.89
CA SER A 542 2.33 44.17 24.17
C SER A 542 3.15 43.38 25.19
N GLY A 543 2.51 42.68 26.14
CA GLY A 543 3.26 41.85 27.13
C GLY A 543 4.11 40.75 26.52
N LEU A 544 3.92 40.39 25.24
CA LEU A 544 4.80 39.36 24.62
C LEU A 544 6.24 39.85 24.55
N TYR A 545 6.44 41.16 24.43
CA TYR A 545 7.79 41.72 24.17
C TYR A 545 8.23 42.44 25.42
N ASP A 546 9.30 41.98 26.06
CA ASP A 546 9.78 42.64 27.31
C ASP A 546 10.90 43.63 26.93
N THR A 547 10.67 44.94 27.00
CA THR A 547 11.65 45.93 26.46
C THR A 547 12.98 45.81 27.19
N THR A 548 12.99 45.56 28.50
CA THR A 548 14.24 45.53 29.30
C THR A 548 15.10 44.34 28.87
N ARG A 549 14.54 43.12 28.78
CA ARG A 549 15.34 41.92 28.40
C ARG A 549 14.50 40.98 27.55
N PRO A 550 14.26 41.32 26.26
CA PRO A 550 13.34 40.57 25.41
C PRO A 550 13.60 39.06 25.44
N ASN A 551 14.86 38.66 25.54
CA ASN A 551 15.31 37.27 25.34
C ASN A 551 15.04 36.44 26.62
N GLN A 552 14.70 37.05 27.75
CA GLN A 552 14.53 36.33 29.04
C GLN A 552 13.08 35.88 29.22
N PHE A 553 12.14 36.27 28.35
CA PHE A 553 10.67 36.00 28.47
C PHE A 553 10.16 35.14 27.32
N VAL A 554 9.81 33.90 27.69
CA VAL A 554 9.29 32.82 26.79
C VAL A 554 7.79 33.07 26.65
N GLY A 555 7.42 33.82 25.61
CA GLY A 555 6.05 34.18 25.26
C GLY A 555 5.30 33.02 24.63
N TYR A 556 4.01 32.89 24.94
CA TYR A 556 3.17 31.83 24.35
C TYR A 556 1.75 32.32 24.25
N MET A 557 1.10 31.89 23.18
CA MET A 557 -0.34 32.06 22.98
C MET A 557 -1.10 30.91 23.69
N GLU A 558 -0.47 29.75 23.80
CA GLU A 558 -1.06 28.54 24.40
C GLU A 558 -0.03 27.79 25.20
N SER A 559 -0.48 27.13 26.26
CA SER A 559 0.30 26.17 27.08
C SER A 559 -0.68 25.07 27.47
N HIS A 560 -0.18 23.95 27.97
CA HIS A 560 -1.04 22.87 28.53
C HIS A 560 -2.04 23.40 29.57
N ASP A 561 -1.76 24.51 30.25
CA ASP A 561 -2.60 25.08 31.32
C ASP A 561 -3.78 25.90 30.78
N GLU A 562 -3.79 26.21 29.48
CA GLU A 562 -4.75 27.20 28.90
C GLU A 562 -5.75 26.53 27.96
N GLU A 563 -6.92 27.14 27.87
CA GLU A 563 -7.90 26.89 26.79
C GLU A 563 -7.24 27.18 25.42
N ARG A 564 -7.62 26.41 24.41
CA ARG A 564 -7.13 26.55 23.01
C ARG A 564 -7.76 27.79 22.37
N CYS A 565 -6.97 28.63 21.71
CA CYS A 565 -7.51 29.80 20.95
C CYS A 565 -8.55 29.32 19.94
N ALA A 566 -8.30 28.21 19.26
CA ALA A 566 -9.22 27.71 18.23
C ALA A 566 -10.52 27.18 18.86
N TYR A 567 -10.51 26.67 20.09
CA TYR A 567 -11.78 26.27 20.76
C TYR A 567 -12.64 27.51 21.05
N LYS A 568 -12.01 28.58 21.54
CA LYS A 568 -12.73 29.83 21.94
C LYS A 568 -13.46 30.39 20.72
N GLN A 569 -12.84 30.32 19.54
CA GLN A 569 -13.49 30.74 18.27
C GLN A 569 -14.86 30.05 18.13
N ILE A 570 -14.88 28.74 18.19
CA ILE A 570 -16.10 27.91 17.98
C ILE A 570 -17.18 28.36 18.96
N GLU A 571 -16.82 28.47 20.24
CA GLU A 571 -17.84 28.68 21.31
C GLU A 571 -18.27 30.15 21.35
N TYR A 572 -17.37 31.13 21.22
CA TYR A 572 -17.71 32.54 21.52
C TYR A 572 -17.21 33.48 20.41
N GLY A 573 -16.75 32.96 19.28
CA GLY A 573 -16.15 33.78 18.21
C GLY A 573 -17.11 34.84 17.69
N ASN A 574 -16.58 35.95 17.23
CA ASN A 574 -17.34 37.08 16.66
C ASN A 574 -17.80 36.66 15.25
N GLY A 575 -19.11 36.54 15.07
CA GLY A 575 -19.77 36.29 13.77
C GLY A 575 -19.30 34.98 13.19
N ALA A 576 -18.74 35.00 11.97
CA ALA A 576 -18.42 33.79 11.19
C ALA A 576 -17.28 33.01 11.81
N LEU A 577 -16.55 33.59 12.77
CA LEU A 577 -15.41 32.86 13.41
C LEU A 577 -15.94 31.66 14.21
N LYS A 578 -17.23 31.55 14.50
CA LYS A 578 -17.78 30.37 15.22
C LYS A 578 -17.86 29.16 14.29
N THR A 579 -18.13 29.36 12.99
CA THR A 579 -18.53 28.28 12.08
C THR A 579 -17.64 28.18 10.85
N ASN A 580 -16.92 29.23 10.46
CA ASN A 580 -16.14 29.21 9.19
C ASN A 580 -14.69 28.83 9.50
N LEU A 581 -14.26 27.58 9.23
CA LEU A 581 -12.90 27.10 9.54
C LEU A 581 -11.87 27.88 8.72
N SER A 582 -12.15 28.18 7.45
CA SER A 582 -11.26 29.02 6.61
C SER A 582 -10.97 30.37 7.32
N GLU A 583 -11.97 31.09 7.78
CA GLU A 583 -11.82 32.40 8.43
C GLU A 583 -11.10 32.23 9.78
N ARG A 584 -11.36 31.12 10.48
CA ARG A 584 -10.69 30.78 11.76
C ARG A 584 -9.20 30.60 11.52
N LEU A 585 -8.80 29.84 10.50
CA LEU A 585 -7.37 29.56 10.24
C LEU A 585 -6.66 30.84 9.80
N LYS A 586 -7.38 31.74 9.13
CA LYS A 586 -6.80 33.06 8.73
C LYS A 586 -6.51 33.88 9.99
N GLN A 587 -7.50 34.04 10.88
CA GLN A 587 -7.35 34.79 12.15
C GLN A 587 -6.20 34.18 12.94
N LEU A 588 -6.10 32.85 13.02
CA LEU A 588 -4.99 32.24 13.79
C LEU A 588 -3.65 32.50 13.08
N SER A 589 -3.64 32.55 11.75
CA SER A 589 -2.37 32.79 11.03
C SER A 589 -1.94 34.25 11.27
N SER A 590 -2.87 35.19 11.34
CA SER A 590 -2.64 36.61 11.71
C SER A 590 -2.11 36.71 13.17
N ASN A 591 -2.69 35.97 14.13
CA ASN A 591 -2.11 35.89 15.51
C ASN A 591 -0.66 35.40 15.39
N ALA A 592 -0.39 34.34 14.63
CA ALA A 592 0.97 33.79 14.48
C ALA A 592 1.93 34.86 13.91
N ALA A 593 1.40 35.73 13.04
CA ALA A 593 2.16 36.79 12.34
C ALA A 593 2.51 37.88 13.34
N PHE A 594 1.79 37.93 14.47
CA PHE A 594 2.05 38.86 15.59
C PHE A 594 2.69 38.11 16.78
N PHE A 595 3.38 37.00 16.52
CA PHE A 595 3.94 36.12 17.57
C PHE A 595 5.34 35.60 17.21
N PHE A 596 5.48 34.82 16.16
CA PHE A 596 6.81 34.32 15.75
C PHE A 596 7.69 35.45 15.17
N THR A 597 7.15 36.64 14.93
CA THR A 597 7.89 37.77 14.32
C THR A 597 8.42 38.70 15.41
N VAL A 598 8.24 38.31 16.69
CA VAL A 598 8.59 39.17 17.85
C VAL A 598 9.85 38.60 18.48
N PRO A 599 10.88 39.44 18.77
CA PRO A 599 12.10 38.93 19.39
C PRO A 599 11.80 38.20 20.72
N GLY A 600 12.76 37.40 21.15
CA GLY A 600 12.76 36.65 22.41
C GLY A 600 12.22 35.24 22.18
N PRO A 601 12.50 34.30 23.12
CA PRO A 601 12.04 32.93 22.98
C PRO A 601 10.50 32.87 22.86
N LYS A 602 10.01 31.85 22.15
CA LYS A 602 8.57 31.60 21.91
C LYS A 602 8.25 30.13 22.23
N MET A 603 7.06 29.88 22.76
CA MET A 603 6.62 28.49 23.01
C MET A 603 5.26 28.26 22.35
N LEU A 604 5.08 27.09 21.73
CA LEU A 604 3.74 26.64 21.30
C LEU A 604 3.44 25.28 21.92
N TRP A 605 2.19 25.10 22.29
CA TRP A 605 1.65 23.85 22.88
C TRP A 605 1.22 22.96 21.70
N GLN A 606 1.53 21.67 21.77
CA GLN A 606 1.27 20.66 20.72
C GLN A 606 -0.05 20.94 20.00
N PHE A 607 0.03 21.03 18.67
CA PHE A 607 -1.11 21.00 17.70
C PHE A 607 -1.74 22.38 17.62
N GLY A 608 -1.21 23.39 18.32
CA GLY A 608 -1.60 24.78 18.05
C GLY A 608 -1.37 25.16 16.58
N GLU A 609 -0.35 24.58 15.96
CA GLU A 609 0.08 24.89 14.55
C GLU A 609 -0.98 24.34 13.57
N MET A 610 -1.86 23.42 14.06
CA MET A 610 -2.95 22.84 13.23
C MET A 610 -4.34 23.23 13.76
N GLY A 611 -4.37 24.24 14.61
CA GLY A 611 -5.61 24.85 15.09
C GLY A 611 -6.36 23.91 16.00
N TYR A 612 -5.67 23.09 16.78
CA TYR A 612 -6.32 22.10 17.69
C TYR A 612 -7.42 22.81 18.48
N ASP A 613 -8.64 22.29 18.46
CA ASP A 613 -9.82 23.05 18.92
C ASP A 613 -10.74 22.23 19.83
N ILE A 614 -10.19 21.25 20.54
CA ILE A 614 -10.87 20.53 21.64
C ILE A 614 -10.68 21.34 22.92
N SER A 615 -11.75 21.63 23.64
CA SER A 615 -11.69 22.35 24.94
C SER A 615 -10.76 21.62 25.89
N ILE A 616 -9.98 22.39 26.65
CA ILE A 616 -9.15 21.84 27.75
C ILE A 616 -10.07 21.04 28.71
N ASP A 617 -11.35 21.39 28.82
CA ASP A 617 -12.27 20.70 29.78
C ASP A 617 -12.89 19.43 29.19
N GLU A 618 -12.74 19.15 27.88
CA GLU A 618 -13.22 17.86 27.32
C GLU A 618 -12.50 16.69 28.03
N ASN A 619 -13.28 15.79 28.64
CA ASN A 619 -12.76 14.62 29.40
C ASN A 619 -12.06 15.12 30.67
N GLY A 620 -12.47 16.26 31.19
CA GLY A 620 -11.82 16.85 32.37
C GLY A 620 -10.53 17.56 31.98
N ARG A 621 -10.19 18.62 32.72
CA ARG A 621 -9.00 19.47 32.51
C ARG A 621 -7.78 18.60 32.18
N THR A 622 -7.46 17.63 33.01
CA THR A 622 -6.20 16.86 32.88
C THR A 622 -6.48 15.54 32.17
N GLY A 623 -7.70 15.26 31.71
CA GLY A 623 -8.00 13.96 31.08
C GLY A 623 -7.37 13.84 29.70
N LYS A 624 -7.16 12.61 29.23
CA LYS A 624 -6.66 12.31 27.88
C LYS A 624 -7.52 13.03 26.86
N LYS A 625 -6.84 13.68 25.92
CA LYS A 625 -7.48 14.45 24.84
C LYS A 625 -7.45 13.63 23.57
N PRO A 626 -8.38 13.87 22.64
CA PRO A 626 -8.33 13.22 21.32
C PRO A 626 -7.01 13.52 20.60
N VAL A 627 -6.49 12.49 19.94
CA VAL A 627 -5.32 12.55 19.05
C VAL A 627 -5.83 12.73 17.61
N LEU A 628 -5.51 13.84 16.99
CA LEU A 628 -6.17 14.29 15.74
C LEU A 628 -5.12 14.66 14.70
N TRP A 629 -4.29 13.70 14.29
CA TRP A 629 -3.22 13.98 13.31
C TRP A 629 -3.79 14.26 11.92
N GLU A 630 -5.05 13.92 11.63
CA GLU A 630 -5.66 14.30 10.33
C GLU A 630 -5.69 15.84 10.22
N TYR A 631 -5.66 16.57 11.33
CA TYR A 631 -5.63 18.06 11.34
C TYR A 631 -4.40 18.54 10.55
N GLN A 632 -3.32 17.78 10.52
CA GLN A 632 -2.07 18.21 9.86
C GLN A 632 -2.32 18.46 8.35
N THR A 633 -3.25 17.70 7.78
CA THR A 633 -3.73 17.76 6.37
C THR A 633 -4.84 18.82 6.26
N GLU A 634 -5.91 18.68 7.02
CA GLU A 634 -7.11 19.56 6.91
C GLU A 634 -6.68 21.02 7.15
N ARG A 635 -5.75 21.26 8.09
CA ARG A 635 -5.37 22.65 8.47
C ARG A 635 -3.92 22.89 8.04
N LYS A 636 -3.48 22.23 6.97
CA LYS A 636 -2.12 22.40 6.38
C LYS A 636 -1.84 23.88 6.15
N SER A 637 -2.83 24.70 5.76
CA SER A 637 -2.60 26.15 5.50
C SER A 637 -2.06 26.81 6.77
N LEU A 638 -2.54 26.40 7.96
CA LEU A 638 -2.05 27.01 9.21
C LEU A 638 -0.69 26.42 9.53
N VAL A 639 -0.50 25.11 9.34
CA VAL A 639 0.80 24.49 9.65
C VAL A 639 1.91 25.14 8.81
N ASP A 640 1.57 25.47 7.56
CA ASP A 640 2.57 26.01 6.59
C ASP A 640 2.93 27.42 7.01
N ILE A 641 1.98 28.22 7.49
CA ILE A 641 2.25 29.59 8.01
C ILE A 641 3.14 29.48 9.26
N TYR A 642 2.85 28.56 10.18
CA TYR A 642 3.72 28.38 11.37
C TYR A 642 5.11 28.01 10.87
N THR A 643 5.17 27.03 9.97
CA THR A 643 6.45 26.53 9.41
C THR A 643 7.24 27.70 8.81
N LYS A 644 6.62 28.56 8.02
CA LYS A 644 7.37 29.63 7.30
C LYS A 644 7.83 30.70 8.31
N LEU A 645 6.96 31.08 9.26
CA LEU A 645 7.28 32.11 10.27
C LEU A 645 8.43 31.62 11.19
N ILE A 646 8.42 30.35 11.56
CA ILE A 646 9.48 29.78 12.45
C ILE A 646 10.78 29.73 11.65
N THR A 647 10.70 29.28 10.39
CA THR A 647 11.88 29.14 9.53
C THR A 647 12.49 30.54 9.30
N LEU A 648 11.69 31.58 9.12
CA LEU A 648 12.24 32.96 8.95
C LEU A 648 13.23 33.29 10.09
N ARG A 649 13.01 32.79 11.32
CA ARG A 649 13.85 33.12 12.52
C ARG A 649 15.22 32.47 12.37
N THR A 650 15.32 31.41 11.59
CA THR A 650 16.62 30.77 11.23
C THR A 650 17.22 31.50 10.01
N THR A 651 16.52 31.52 8.89
CA THR A 651 16.99 32.11 7.62
C THR A 651 17.54 33.52 7.88
N HIS A 652 16.80 34.39 8.58
CA HIS A 652 17.17 35.80 8.86
C HIS A 652 17.32 36.04 10.38
N SER A 653 18.09 35.20 11.08
CA SER A 653 18.40 35.27 12.54
C SER A 653 18.70 36.70 12.98
N ASP A 654 19.56 37.38 12.21
CA ASP A 654 20.14 38.70 12.54
C ASP A 654 18.97 39.67 12.79
N LEU A 655 17.85 39.51 12.07
CA LEU A 655 16.61 40.32 12.24
C LEU A 655 16.08 40.19 13.69
N PHE A 656 16.19 39.01 14.29
CA PHE A 656 15.50 38.68 15.57
C PHE A 656 16.46 38.86 16.75
N ASN A 657 17.71 39.26 16.50
CA ASN A 657 18.63 39.68 17.59
C ASN A 657 17.90 40.66 18.50
N ALA A 658 18.12 40.53 19.80
CA ALA A 658 17.52 41.40 20.82
C ALA A 658 17.91 42.86 20.54
N SER A 659 19.05 43.10 19.90
CA SER A 659 19.53 44.47 19.58
C SER A 659 18.61 45.16 18.56
N SER A 660 17.74 44.44 17.85
CA SER A 660 16.92 45.02 16.76
C SER A 660 15.89 45.96 17.40
N GLN A 661 15.49 47.00 16.68
CA GLN A 661 14.49 47.99 17.14
C GLN A 661 13.11 47.41 16.84
N PHE A 662 12.25 47.32 17.85
CA PHE A 662 10.94 46.63 17.72
C PHE A 662 9.86 47.59 18.17
N THR A 663 8.87 47.87 17.33
CA THR A 663 7.76 48.78 17.70
C THR A 663 6.49 48.12 17.20
N TRP A 664 5.34 48.36 17.86
CA TRP A 664 4.07 47.81 17.35
C TRP A 664 2.89 48.55 17.95
N LYS A 665 1.78 48.49 17.24
CA LYS A 665 0.52 49.13 17.63
C LYS A 665 -0.48 47.97 17.83
N VAL A 666 -0.59 47.50 19.08
CA VAL A 666 -1.32 46.23 19.40
C VAL A 666 -2.17 46.42 20.66
N SER A 667 -2.55 47.67 20.96
CA SER A 667 -3.36 48.01 22.14
C SER A 667 -4.83 47.87 21.78
N TYR A 668 -5.71 47.95 22.77
CA TYR A 668 -7.17 48.05 22.62
C TYR A 668 -7.54 49.06 21.54
N ASN A 669 -6.73 50.11 21.38
CA ASN A 669 -7.03 51.26 20.50
C ASN A 669 -6.53 51.01 19.07
N ASP A 670 -5.63 50.04 18.89
CA ASP A 670 -5.18 49.55 17.58
C ASP A 670 -6.04 48.36 17.16
N TRP A 671 -7.14 48.60 16.47
CA TRP A 671 -8.08 47.52 16.07
C TRP A 671 -8.89 47.91 14.81
N ASP A 672 -9.76 48.91 14.92
CA ASP A 672 -10.68 49.38 13.85
C ASP A 672 -9.90 49.57 12.55
N ASN A 673 -8.64 49.93 12.62
CA ASN A 673 -7.78 50.16 11.41
C ASN A 673 -6.65 49.16 11.31
N GLY A 674 -6.62 48.11 12.14
CA GLY A 674 -5.57 47.09 11.98
C GLY A 674 -4.48 47.24 13.02
N ARG A 675 -3.53 46.32 13.00
CA ARG A 675 -2.38 46.34 13.91
C ARG A 675 -1.15 46.23 13.04
N THR A 676 -0.05 46.75 13.56
CA THR A 676 1.23 46.82 12.84
C THR A 676 2.31 46.49 13.85
N LEU A 677 3.38 45.92 13.35
CA LEU A 677 4.72 45.89 13.98
C LEU A 677 5.78 46.14 12.90
N THR A 678 6.93 46.63 13.35
CA THR A 678 8.16 46.78 12.55
C THR A 678 9.34 46.33 13.42
N LEU A 679 10.13 45.43 12.89
CA LEU A 679 11.43 44.96 13.44
C LEU A 679 12.51 45.48 12.47
N LYS A 680 13.51 46.22 12.98
CA LYS A 680 14.65 46.82 12.19
C LYS A 680 15.96 46.37 12.82
N ALA A 681 16.73 45.51 12.15
CA ALA A 681 18.05 45.08 12.65
C ALA A 681 19.04 46.26 12.48
N VAL A 682 20.15 46.20 13.20
CA VAL A 682 21.24 47.21 13.14
C VAL A 682 21.79 47.26 11.70
N ASN A 683 21.80 46.13 10.97
CA ASN A 683 22.27 46.03 9.56
C ASN A 683 21.27 46.59 8.54
N GLY A 684 20.19 47.27 8.92
CA GLY A 684 19.23 47.89 7.97
C GLY A 684 18.06 47.01 7.52
N LYS A 685 18.18 45.67 7.57
CA LYS A 685 17.04 44.72 7.33
C LYS A 685 15.79 45.06 8.17
N GLN A 686 14.62 45.09 7.54
CA GLN A 686 13.31 45.47 8.13
C GLN A 686 12.28 44.36 7.83
N LEU A 687 11.40 44.12 8.82
CA LEU A 687 10.19 43.29 8.72
C LEU A 687 9.03 44.15 9.20
N HIS A 688 7.95 44.19 8.43
CA HIS A 688 6.73 44.93 8.77
C HIS A 688 5.54 43.99 8.57
N VAL A 689 4.61 44.01 9.51
CA VAL A 689 3.41 43.12 9.49
C VAL A 689 2.23 44.01 9.77
N TYR A 690 1.18 43.87 9.00
CA TYR A 690 -0.13 44.47 9.25
C TYR A 690 -1.12 43.31 9.41
N ALA A 691 -2.11 43.45 10.27
CA ALA A 691 -3.22 42.46 10.36
C ALA A 691 -4.52 43.19 10.58
N ASN A 692 -5.55 42.68 9.91
CA ASN A 692 -6.97 43.06 10.11
C ASN A 692 -7.64 41.93 10.90
N PHE A 693 -7.89 42.14 12.20
CA PHE A 693 -8.50 41.17 13.15
C PHE A 693 -10.02 41.36 13.16
N THR A 694 -10.53 42.32 12.38
CA THR A 694 -11.97 42.69 12.33
C THR A 694 -12.73 41.79 11.35
N ASN A 695 -14.05 41.97 11.28
CA ASN A 695 -14.91 41.10 10.44
CA ASN A 695 -15.00 41.16 10.47
C ASN A 695 -15.21 41.79 9.08
N ALA A 696 -14.49 42.86 8.73
CA ALA A 696 -14.67 43.60 7.44
C ALA A 696 -13.33 44.08 6.88
N SER A 697 -13.26 44.24 5.55
CA SER A 697 -12.05 44.68 4.79
C SER A 697 -11.58 46.05 5.30
N ILE A 698 -10.28 46.29 5.37
CA ILE A 698 -9.75 47.61 5.84
C ILE A 698 -8.73 48.11 4.81
N ASP A 699 -8.74 49.42 4.56
CA ASP A 699 -7.73 50.11 3.72
C ASP A 699 -6.51 50.45 4.58
N TYR A 700 -5.33 50.10 4.08
CA TYR A 700 -4.05 50.34 4.77
C TYR A 700 -3.03 50.82 3.75
N THR A 701 -2.36 51.91 4.08
CA THR A 701 -1.23 52.41 3.25
C THR A 701 0.07 51.82 3.78
N ILE A 702 0.72 51.01 2.95
CA ILE A 702 2.05 50.46 3.24
C ILE A 702 2.97 51.62 3.64
N PRO A 703 3.90 51.40 4.61
CA PRO A 703 4.96 52.38 4.89
C PRO A 703 5.91 52.62 3.70
N GLU A 704 6.59 53.78 3.70
CA GLU A 704 7.61 54.20 2.68
C GLU A 704 8.70 53.12 2.54
N GLY A 705 9.11 52.83 1.32
CA GLY A 705 10.23 51.92 1.07
C GLY A 705 9.93 50.90 -0.01
N THR A 706 10.89 50.02 -0.21
CA THR A 706 10.83 48.93 -1.20
C THR A 706 10.64 47.62 -0.41
N TRP A 707 9.43 47.06 -0.46
CA TRP A 707 8.99 45.88 0.33
C TRP A 707 8.77 44.66 -0.57
N TYR A 708 8.95 43.46 -0.03
CA TYR A 708 8.64 42.16 -0.68
C TYR A 708 7.65 41.38 0.22
N LEU A 709 6.68 40.70 -0.39
CA LEU A 709 5.80 39.70 0.28
C LEU A 709 6.59 38.42 0.45
N TYR A 710 7.46 38.41 1.46
CA TYR A 710 8.41 37.32 1.75
C TYR A 710 7.73 35.94 1.81
N LEU A 711 6.48 35.81 2.28
CA LEU A 711 5.87 34.47 2.50
C LEU A 711 5.52 33.81 1.16
N GLU A 712 5.37 34.59 0.08
CA GLU A 712 4.96 34.08 -1.26
C GLU A 712 5.74 34.81 -2.36
N GLY A 714 8.61 35.76 -3.55
CA GLY A 714 8.24 37.11 -3.05
C GLY A 714 8.57 38.19 -4.05
N ASN A 715 7.57 38.64 -4.80
CA ASN A 715 7.68 39.76 -5.79
C ASN A 715 7.61 41.08 -5.03
N PRO A 716 8.21 42.17 -5.57
CA PRO A 716 8.20 43.50 -4.95
C PRO A 716 6.85 44.18 -4.72
N VAL A 717 6.83 45.27 -3.95
CA VAL A 717 5.62 46.09 -3.58
C VAL A 717 6.07 47.51 -3.26
N GLU A 718 5.41 48.52 -3.84
CA GLU A 718 5.74 49.96 -3.64
C GLU A 718 5.18 50.42 -2.29
N GLY A 719 6.02 51.04 -1.44
CA GLY A 719 5.59 51.72 -0.20
C GLY A 719 4.74 52.95 -0.49
N GLU A 720 3.98 53.42 0.50
CA GLU A 720 3.00 54.52 0.42
C GLU A 720 1.89 54.18 -0.58
N LYS A 721 1.58 52.88 -0.75
CA LYS A 721 0.60 52.31 -1.71
C LYS A 721 -0.60 51.78 -0.90
N LYS A 722 -1.82 52.18 -1.25
CA LYS A 722 -3.02 51.78 -0.50
C LYS A 722 -3.43 50.37 -0.93
N ILE A 723 -3.78 49.53 0.04
CA ILE A 723 -4.24 48.12 -0.20
C ILE A 723 -5.48 47.90 0.65
N SER A 724 -6.29 46.96 0.20
CA SER A 724 -7.54 46.54 0.90
CA SER A 724 -7.53 46.54 0.90
C SER A 724 -7.23 45.19 1.54
N VAL A 725 -7.18 45.15 2.87
CA VAL A 725 -6.82 43.86 3.55
C VAL A 725 -8.12 43.25 4.03
N PRO A 726 -8.47 42.07 3.51
CA PRO A 726 -9.72 41.43 3.89
C PRO A 726 -9.70 41.05 5.39
N ALA A 727 -10.90 40.98 5.96
CA ALA A 727 -11.23 40.42 7.29
C ALA A 727 -10.32 39.24 7.62
N HIS A 728 -9.64 39.30 8.77
CA HIS A 728 -8.93 38.15 9.42
C HIS A 728 -7.54 37.91 8.84
N GLU A 729 -7.13 38.74 7.88
CA GLU A 729 -5.88 38.48 7.11
C GLU A 729 -4.76 39.42 7.54
N PHE A 730 -3.54 39.02 7.24
CA PHE A 730 -2.35 39.83 7.54
C PHE A 730 -1.51 40.00 6.27
N ARG A 731 -0.64 41.01 6.27
CA ARG A 731 0.42 41.15 5.24
C ARG A 731 1.79 41.23 5.90
N LEU A 732 2.69 40.37 5.50
CA LEU A 732 4.08 40.39 5.97
C LEU A 732 4.99 40.90 4.83
N TYR A 733 5.70 41.98 5.09
CA TYR A 733 6.70 42.60 4.18
C TYR A 733 8.09 42.56 4.81
N THR A 734 9.07 42.20 4.00
CA THR A 734 10.52 42.41 4.27
C THR A 734 11.06 43.51 3.33
N ASN A 735 12.13 44.19 3.72
CA ASN A 735 12.81 45.18 2.82
C ASN A 735 13.99 44.50 2.11
N PHE A 736 14.01 43.17 2.08
CA PHE A 736 15.01 42.32 1.38
C PHE A 736 14.28 41.14 0.73
N ALA A 737 15.03 40.32 -0.02
CA ALA A 737 14.64 38.97 -0.50
C ALA A 737 15.87 38.07 -0.61
N LEU B 26 -35.33 22.44 -14.41
CA LEU B 26 -34.66 22.32 -13.05
C LEU B 26 -35.56 21.54 -12.11
N HIS B 27 -35.06 20.48 -11.47
CA HIS B 27 -35.75 19.87 -10.30
C HIS B 27 -35.07 20.34 -9.01
N ASP B 28 -35.76 20.14 -7.89
CA ASP B 28 -35.28 20.40 -6.51
C ASP B 28 -33.86 19.83 -6.37
N GLY B 29 -32.97 20.54 -5.71
CA GLY B 29 -31.61 20.03 -5.49
C GLY B 29 -30.68 20.40 -6.63
N PHE B 30 -29.73 19.51 -6.92
CA PHE B 30 -28.63 19.70 -7.88
C PHE B 30 -29.10 19.35 -9.29
N ASN B 31 -28.67 20.18 -10.24
CA ASN B 31 -29.00 20.06 -11.69
C ASN B 31 -27.66 20.19 -12.42
N PHE B 32 -27.38 19.31 -13.39
CA PHE B 32 -26.07 19.24 -14.07
C PHE B 32 -26.22 19.55 -15.57
N ASP B 33 -25.23 20.23 -16.14
CA ASP B 33 -25.10 20.54 -17.58
C ASP B 33 -23.62 20.49 -17.88
N PRO B 34 -23.11 19.50 -18.65
CA PRO B 34 -23.95 18.49 -19.29
C PRO B 34 -24.69 17.56 -18.31
N ALA B 35 -25.90 17.10 -18.69
CA ALA B 35 -26.82 16.26 -17.89
C ALA B 35 -26.08 15.04 -17.37
N ILE B 36 -25.09 14.58 -18.12
CA ILE B 36 -24.09 13.56 -17.71
C ILE B 36 -22.76 14.26 -17.55
N PRO B 37 -22.32 14.55 -16.32
CA PRO B 37 -21.04 15.21 -16.10
C PRO B 37 -19.89 14.46 -16.75
N LYS B 38 -18.93 15.21 -17.31
CA LYS B 38 -17.75 14.66 -18.01
C LYS B 38 -16.49 15.16 -17.31
N ALA B 39 -15.57 14.27 -17.00
CA ALA B 39 -14.36 14.59 -16.21
C ALA B 39 -13.55 15.68 -16.91
N ASP B 40 -13.38 15.56 -18.23
CA ASP B 40 -12.44 16.40 -19.01
C ASP B 40 -13.22 17.50 -19.73
N GLU B 41 -14.37 17.91 -19.20
CA GLU B 41 -15.18 19.03 -19.73
C GLU B 41 -15.63 19.91 -18.58
N PRO B 42 -16.03 21.17 -18.88
CA PRO B 42 -16.65 22.05 -17.90
C PRO B 42 -18.01 21.52 -17.44
N LEU B 43 -18.40 21.89 -16.23
CA LEU B 43 -19.72 21.49 -15.65
C LEU B 43 -20.37 22.71 -15.03
N THR B 44 -21.64 22.90 -15.31
CA THR B 44 -22.47 23.91 -14.62
C THR B 44 -23.38 23.13 -13.68
N ILE B 45 -23.34 23.50 -12.40
CA ILE B 45 -24.20 22.95 -11.32
C ILE B 45 -25.19 24.04 -10.94
N THR B 46 -26.46 23.70 -10.92
CA THR B 46 -27.53 24.63 -10.51
C THR B 46 -28.27 23.99 -9.34
N PHE B 47 -28.35 24.72 -8.23
CA PHE B 47 -29.00 24.25 -6.99
C PHE B 47 -30.33 24.98 -6.90
N LYS B 48 -31.42 24.23 -6.78
CA LYS B 48 -32.76 24.80 -6.62
C LYS B 48 -33.24 24.42 -5.22
N ALA B 49 -33.52 25.40 -4.38
CA ALA B 49 -34.01 25.19 -3.00
C ALA B 49 -35.49 24.83 -3.06
N PRO B 50 -35.91 23.64 -2.60
CA PRO B 50 -37.32 23.30 -2.53
C PRO B 50 -38.03 24.13 -1.47
N GLU B 51 -39.30 24.42 -1.69
CA GLU B 51 -40.23 25.02 -0.71
C GLU B 51 -40.08 24.29 0.63
N GLY B 52 -40.03 25.04 1.74
CA GLY B 52 -39.90 24.50 3.12
C GLY B 52 -38.53 23.86 3.40
N SER B 53 -37.53 24.07 2.54
CA SER B 53 -36.14 23.61 2.78
C SER B 53 -35.32 24.78 3.35
N ASN B 54 -34.13 24.53 3.88
CA ASN B 54 -33.38 25.52 4.70
C ASN B 54 -33.02 26.75 3.86
N PHE B 55 -32.78 26.60 2.56
CA PHE B 55 -32.36 27.73 1.70
C PHE B 55 -33.54 28.39 0.97
N TYR B 56 -34.77 27.89 1.12
CA TYR B 56 -35.94 28.49 0.44
C TYR B 56 -36.04 29.97 0.85
N GLY B 57 -35.99 30.88 -0.12
CA GLY B 57 -36.11 32.33 0.12
C GLY B 57 -34.87 32.92 0.76
N TYR B 58 -33.73 32.21 0.71
CA TYR B 58 -32.41 32.75 1.11
C TYR B 58 -32.04 33.88 0.13
N ALA B 59 -31.68 35.05 0.67
CA ALA B 59 -31.45 36.29 -0.10
C ALA B 59 -30.06 36.27 -0.75
N ASP B 60 -29.08 35.54 -0.21
CA ASP B 60 -27.65 35.73 -0.60
C ASP B 60 -27.16 34.59 -1.49
N ASP B 61 -25.93 34.70 -1.98
CA ASP B 61 -25.19 33.66 -2.73
C ASP B 61 -24.82 32.47 -1.80
N LEU B 62 -24.59 31.29 -2.38
CA LEU B 62 -24.22 30.06 -1.65
C LEU B 62 -22.80 29.72 -2.06
N TYR B 63 -22.15 28.83 -1.31
CA TYR B 63 -20.80 28.36 -1.66
C TYR B 63 -20.85 26.86 -1.75
N LEU B 64 -19.92 26.36 -2.54
CA LEU B 64 -19.76 24.94 -2.86
C LEU B 64 -18.59 24.38 -2.07
N HIS B 65 -18.88 23.29 -1.36
CA HIS B 65 -17.90 22.44 -0.66
C HIS B 65 -17.97 21.09 -1.36
N SER B 66 -16.90 20.71 -2.05
CA SER B 66 -16.94 19.59 -3.03
C SER B 66 -15.55 19.01 -3.19
N GLY B 67 -15.52 17.77 -3.63
CA GLY B 67 -14.30 17.04 -4.04
C GLY B 67 -14.70 15.77 -4.76
N THR B 68 -13.74 14.93 -5.13
CA THR B 68 -13.99 13.79 -6.04
C THR B 68 -13.63 12.52 -5.30
N GLY B 69 -14.28 11.44 -5.68
CA GLY B 69 -13.94 10.11 -5.19
C GLY B 69 -14.48 9.89 -3.79
N ALA B 70 -14.17 8.74 -3.23
CA ALA B 70 -14.71 8.24 -1.96
C ALA B 70 -14.33 9.25 -0.86
N ASN B 71 -13.16 9.87 -0.98
CA ASN B 71 -12.52 10.62 0.13
C ASN B 71 -12.38 12.11 -0.24
N TRP B 72 -13.26 12.63 -1.10
CA TRP B 72 -13.47 14.08 -1.34
C TRP B 72 -12.14 14.77 -1.70
N THR B 73 -11.37 14.16 -2.60
CA THR B 73 -10.09 14.70 -3.15
C THR B 73 -10.32 16.15 -3.62
N GLY B 74 -9.46 17.06 -3.17
CA GLY B 74 -9.47 18.50 -3.51
C GLY B 74 -10.56 19.28 -2.79
N ALA B 75 -11.16 18.74 -1.72
CA ALA B 75 -12.15 19.51 -0.95
C ALA B 75 -11.42 20.74 -0.39
N PRO B 76 -12.04 21.91 -0.34
CA PRO B 76 -11.42 23.06 0.30
C PRO B 76 -11.54 22.93 1.82
N THR B 77 -10.91 23.84 2.55
CA THR B 77 -11.14 24.05 3.99
C THR B 77 -12.57 24.56 4.12
N TRP B 78 -13.37 23.94 4.99
CA TRP B 78 -14.76 24.39 5.28
C TRP B 78 -14.83 25.91 5.41
N GLY B 79 -15.67 26.56 4.61
CA GLY B 79 -15.92 28.01 4.66
C GLY B 79 -15.05 28.82 3.67
N ASP B 80 -14.20 28.17 2.89
CA ASP B 80 -13.33 28.85 1.89
C ASP B 80 -14.20 29.59 0.87
N ASN B 81 -14.28 30.93 0.96
CA ASN B 81 -15.22 31.79 0.20
C ASN B 81 -14.53 32.48 -1.01
N GLN B 82 -13.52 31.84 -1.57
CA GLN B 82 -12.95 32.18 -2.88
C GLN B 82 -14.04 32.17 -3.93
N ASN B 83 -13.94 33.08 -4.92
CA ASN B 83 -14.94 33.24 -6.00
C ASN B 83 -15.12 31.94 -6.78
N LYS B 84 -14.10 31.12 -6.99
CA LYS B 84 -14.29 29.85 -7.73
C LYS B 84 -15.32 28.94 -7.04
N TYR B 85 -15.69 29.20 -5.76
CA TYR B 85 -16.65 28.35 -5.00
C TYR B 85 -18.02 29.02 -4.93
N ARG B 86 -18.17 30.24 -5.45
CA ARG B 86 -19.45 30.96 -5.29
C ARG B 86 -20.48 30.40 -6.26
N LEU B 87 -21.68 30.08 -5.77
CA LEU B 87 -22.89 29.86 -6.60
C LEU B 87 -23.61 31.21 -6.62
N LYS B 88 -23.61 31.93 -7.75
CA LYS B 88 -24.38 33.19 -7.93
C LYS B 88 -25.87 32.84 -7.99
N LYS B 89 -26.67 33.58 -7.24
CA LYS B 89 -28.14 33.45 -7.26
C LYS B 89 -28.65 34.10 -8.56
N THR B 90 -29.33 33.34 -9.42
CA THR B 90 -29.74 33.75 -10.79
C THR B 90 -31.24 34.08 -10.84
N LYS B 91 -32.06 33.42 -10.00
CA LYS B 91 -33.52 33.64 -9.81
C LYS B 91 -33.81 33.47 -8.32
N ASP B 92 -35.03 33.78 -7.84
CA ASP B 92 -35.49 33.32 -6.49
C ASP B 92 -35.18 31.80 -6.38
N ASN B 93 -34.46 31.38 -5.32
CA ASN B 93 -34.26 29.96 -4.91
C ASN B 93 -33.43 29.14 -5.90
N VAL B 94 -32.60 29.80 -6.71
CA VAL B 94 -31.79 29.12 -7.76
C VAL B 94 -30.41 29.74 -7.77
N TRP B 95 -29.37 28.90 -7.64
CA TRP B 95 -27.95 29.30 -7.67
C TRP B 95 -27.25 28.46 -8.69
N SER B 96 -26.16 28.99 -9.24
CA SER B 96 -25.40 28.30 -10.29
C SER B 96 -23.93 28.62 -10.15
N ILE B 97 -23.09 27.68 -10.53
CA ILE B 97 -21.63 27.80 -10.53
C ILE B 97 -21.17 26.97 -11.72
N THR B 98 -20.05 27.33 -12.32
CA THR B 98 -19.43 26.56 -13.42
C THR B 98 -18.07 26.15 -12.93
N LEU B 99 -17.74 24.88 -13.05
CA LEU B 99 -16.37 24.38 -12.82
C LEU B 99 -15.66 24.47 -14.18
N SER B 100 -14.79 25.48 -14.32
CA SER B 100 -14.26 25.96 -15.63
C SER B 100 -12.95 25.25 -15.93
N SER B 101 -12.58 25.24 -17.22
CA SER B 101 -11.55 24.35 -17.82
C SER B 101 -12.20 22.97 -17.88
N SER B 102 -12.01 22.15 -16.83
CA SER B 102 -12.61 20.80 -16.67
C SER B 102 -12.90 20.52 -15.19
N ILE B 103 -13.83 19.60 -14.94
CA ILE B 103 -14.02 18.96 -13.60
C ILE B 103 -12.61 18.59 -13.09
N ARG B 104 -11.80 17.94 -13.93
CA ARG B 104 -10.46 17.42 -13.53
C ARG B 104 -9.51 18.58 -13.14
N HIS B 105 -9.52 19.67 -13.92
CA HIS B 105 -8.64 20.85 -13.67
C HIS B 105 -9.14 21.55 -12.39
N PHE B 106 -10.45 21.63 -12.20
CA PHE B 106 -11.05 22.27 -11.00
C PHE B 106 -10.49 21.60 -9.74
N TYR B 107 -10.39 20.29 -9.70
CA TYR B 107 -10.00 19.54 -8.47
C TYR B 107 -8.50 19.20 -8.49
N SER B 108 -7.78 19.62 -9.54
CA SER B 108 -6.32 19.34 -9.75
C SER B 108 -6.08 17.83 -9.68
N VAL B 109 -6.87 17.02 -10.37
CA VAL B 109 -6.72 15.54 -10.35
C VAL B 109 -5.76 15.12 -11.48
N ALA B 110 -4.89 14.13 -11.22
CA ALA B 110 -3.95 13.58 -12.23
C ALA B 110 -4.73 13.01 -13.40
N PRO B 111 -4.24 13.19 -14.65
CA PRO B 111 -4.98 12.73 -15.83
C PRO B 111 -5.26 11.22 -15.84
N SER B 112 -4.34 10.42 -15.31
CA SER B 112 -4.49 8.94 -15.29
C SER B 112 -5.25 8.48 -14.04
N THR B 113 -5.71 9.41 -13.18
CA THR B 113 -6.57 9.10 -11.99
C THR B 113 -8.02 9.14 -12.46
N PRO B 114 -8.76 8.01 -12.39
CA PRO B 114 -10.17 8.01 -12.75
C PRO B 114 -10.97 8.97 -11.85
N LEU B 115 -11.77 9.83 -12.45
CA LEU B 115 -12.63 10.82 -11.78
C LEU B 115 -14.07 10.40 -12.07
N GLN B 116 -14.66 9.68 -11.11
CA GLN B 116 -15.87 8.83 -11.25
C GLN B 116 -17.02 9.39 -10.41
N THR B 117 -16.73 10.06 -9.29
CA THR B 117 -17.77 10.79 -8.52
C THR B 117 -17.33 12.21 -8.18
N ILE B 118 -18.31 13.08 -8.04
CA ILE B 118 -18.18 14.43 -7.43
C ILE B 118 -19.15 14.50 -6.23
N ASN B 119 -18.63 14.95 -5.09
CA ASN B 119 -19.39 15.11 -3.82
C ASN B 119 -19.68 16.59 -3.63
N LEU B 120 -20.91 16.96 -3.28
CA LEU B 120 -21.39 18.35 -3.29
C LEU B 120 -22.16 18.65 -2.01
N ILE B 121 -21.77 19.75 -1.38
CA ILE B 121 -22.52 20.44 -0.30
C ILE B 121 -22.61 21.90 -0.72
N VAL B 122 -23.74 22.52 -0.46
CA VAL B 122 -23.82 23.99 -0.54
C VAL B 122 -24.05 24.53 0.86
N ARG B 123 -23.54 25.73 1.11
CA ARG B 123 -23.55 26.37 2.44
C ARG B 123 -23.70 27.88 2.29
N ASP B 124 -24.13 28.52 3.35
CA ASP B 124 -24.03 29.99 3.50
C ASP B 124 -22.53 30.31 3.62
N ALA B 125 -22.19 31.59 3.46
CA ALA B 125 -20.83 32.17 3.52
C ALA B 125 -20.20 31.91 4.90
N GLU B 126 -21.01 31.90 5.95
CA GLU B 126 -20.58 31.73 7.37
C GLU B 126 -20.22 30.27 7.65
N GLY B 127 -20.71 29.35 6.83
CA GLY B 127 -20.54 27.90 7.04
C GLY B 127 -21.38 27.36 8.19
N SER B 128 -22.52 27.97 8.50
CA SER B 128 -23.48 27.47 9.51
C SER B 128 -24.53 26.61 8.79
N GLN B 129 -25.41 27.22 8.02
CA GLN B 129 -26.44 26.52 7.22
C GLN B 129 -25.77 25.74 6.07
N GLN B 130 -26.20 24.49 5.84
CA GLN B 130 -25.65 23.62 4.75
C GLN B 130 -26.67 22.57 4.33
N THR B 131 -26.42 21.99 3.16
CA THR B 131 -26.89 20.64 2.78
C THR B 131 -25.84 19.62 3.20
N TYR B 132 -26.09 18.34 3.00
CA TYR B 132 -25.28 17.24 3.58
C TYR B 132 -24.74 16.37 2.44
N ASP B 133 -23.75 15.51 2.74
CA ASP B 133 -23.01 14.69 1.75
C ASP B 133 -23.98 14.24 0.66
N TYR B 134 -23.68 14.59 -0.59
CA TYR B 134 -24.40 14.18 -1.81
C TYR B 134 -23.33 13.90 -2.89
N ALA B 135 -23.52 12.87 -3.71
CA ALA B 135 -22.58 12.51 -4.80
C ALA B 135 -23.36 12.28 -6.11
N THR B 136 -22.71 12.66 -7.23
CA THR B 136 -23.16 12.29 -8.60
C THR B 136 -22.04 11.59 -9.37
N LEU B 137 -22.44 10.76 -10.34
CA LEU B 137 -21.53 10.00 -11.23
C LEU B 137 -20.94 10.97 -12.27
N VAL B 138 -19.67 10.77 -12.62
CA VAL B 138 -18.94 11.52 -13.69
C VAL B 138 -18.38 10.49 -14.67
N GLU B 139 -18.64 10.71 -15.96
CA GLU B 139 -18.04 9.90 -17.07
C GLU B 139 -16.58 10.31 -17.23
N ASP B 140 -15.67 9.33 -17.22
CA ASP B 140 -14.22 9.52 -17.48
C ASP B 140 -13.78 8.62 -18.66
N SER B 141 -14.15 8.98 -19.88
CA SER B 141 -13.78 8.27 -21.14
C SER B 141 -12.26 8.13 -21.24
N GLN B 142 -11.53 9.19 -20.94
CA GLN B 142 -10.04 9.15 -20.90
C GLN B 142 -9.56 7.94 -20.10
N ASN B 143 -10.19 7.57 -18.98
CA ASN B 143 -9.71 6.46 -18.12
C ASN B 143 -10.67 5.26 -18.21
N GLY B 144 -11.55 5.25 -19.23
CA GLY B 144 -12.34 4.08 -19.64
C GLY B 144 -13.50 3.81 -18.70
N PHE B 145 -14.23 4.86 -18.30
CA PHE B 145 -15.43 4.84 -17.45
C PHE B 145 -16.61 5.45 -18.22
N ILE B 146 -17.36 4.60 -18.94
CA ILE B 146 -18.45 5.05 -19.84
C ILE B 146 -19.79 4.49 -19.36
N TRP B 147 -20.83 5.32 -19.45
CA TRP B 147 -22.24 5.04 -19.06
C TRP B 147 -22.81 3.82 -19.80
N GLU B 148 -23.39 2.86 -19.06
CA GLU B 148 -24.13 1.68 -19.57
C GLU B 148 -25.36 1.40 -18.68
N GLU B 149 -26.52 1.08 -19.28
CA GLU B 149 -27.76 0.74 -18.54
C GLU B 149 -27.56 -0.62 -17.88
N PRO B 150 -28.01 -0.81 -16.62
CA PRO B 150 -27.92 -2.13 -15.99
C PRO B 150 -28.82 -3.10 -16.78
N GLN B 151 -28.51 -4.39 -16.82
CA GLN B 151 -29.43 -5.43 -17.33
C GLN B 151 -30.52 -5.69 -16.29
N LYS B 152 -31.77 -5.76 -16.74
CA LYS B 152 -32.86 -6.42 -15.99
C LYS B 152 -32.78 -7.91 -16.31
N ALA B 153 -32.69 -8.74 -15.27
CA ALA B 153 -32.43 -10.19 -15.45
C ALA B 153 -32.84 -10.90 -14.16
N PRO B 154 -33.35 -12.12 -14.22
CA PRO B 154 -33.78 -12.81 -13.01
C PRO B 154 -32.62 -13.07 -12.04
N LEU B 155 -32.92 -12.99 -10.75
CA LEU B 155 -32.08 -13.53 -9.64
C LEU B 155 -31.79 -14.99 -9.98
N PRO B 156 -30.53 -15.45 -10.04
CA PRO B 156 -30.25 -16.87 -10.21
C PRO B 156 -30.71 -17.78 -9.05
N ILE B 157 -31.15 -17.25 -7.91
CA ILE B 157 -31.52 -18.11 -6.74
C ILE B 157 -32.95 -17.79 -6.33
N SER B 158 -33.54 -18.69 -5.53
CA SER B 158 -34.94 -18.63 -5.05
C SER B 158 -34.92 -18.87 -3.54
N GLY B 159 -36.11 -19.03 -2.93
CA GLY B 159 -36.26 -19.41 -1.52
C GLY B 159 -36.21 -18.21 -0.58
N GLU B 160 -36.09 -18.50 0.72
CA GLU B 160 -36.00 -17.49 1.80
C GLU B 160 -34.54 -17.02 1.85
N GLU B 161 -34.30 -15.80 2.35
CA GLU B 161 -32.93 -15.26 2.60
C GLU B 161 -32.14 -15.15 1.30
N LYS B 162 -32.80 -14.64 0.24
CA LYS B 162 -32.18 -14.27 -1.06
C LYS B 162 -31.15 -13.16 -0.83
N GLU B 163 -31.51 -12.15 -0.03
CA GLU B 163 -30.69 -10.93 0.16
C GLU B 163 -29.39 -11.30 0.88
N GLY B 164 -28.27 -10.72 0.49
CA GLY B 164 -27.01 -10.87 1.24
C GLY B 164 -25.88 -11.46 0.42
N ILE B 165 -25.01 -12.23 1.08
CA ILE B 165 -23.73 -12.74 0.55
C ILE B 165 -23.83 -14.27 0.47
N HIS B 166 -23.61 -14.81 -0.71
CA HIS B 166 -23.68 -16.27 -0.99
C HIS B 166 -22.31 -16.74 -1.50
N ILE B 167 -21.62 -17.54 -0.70
CA ILE B 167 -20.36 -18.24 -1.08
C ILE B 167 -20.74 -19.41 -1.99
N HIS B 168 -20.33 -19.36 -3.27
CA HIS B 168 -20.46 -20.47 -4.24
C HIS B 168 -19.25 -21.42 -4.07
N SER B 169 -18.05 -20.86 -4.02
CA SER B 169 -16.74 -21.56 -3.85
C SER B 169 -15.75 -20.61 -3.17
N ALA B 170 -14.47 -21.01 -3.15
CA ALA B 170 -13.32 -20.20 -2.64
C ALA B 170 -13.05 -18.99 -3.52
N THR B 171 -13.55 -18.96 -4.76
CA THR B 171 -13.20 -17.87 -5.72
C THR B 171 -14.45 -17.17 -6.25
N SER B 172 -15.63 -17.57 -5.80
CA SER B 172 -16.94 -17.13 -6.34
C SER B 172 -17.91 -16.73 -5.21
N ILE B 173 -18.40 -15.49 -5.19
CA ILE B 173 -19.56 -15.16 -4.32
C ILE B 173 -20.66 -14.47 -5.14
N MET B 174 -21.88 -14.61 -4.68
CA MET B 174 -22.98 -13.79 -5.23
C MET B 174 -23.48 -12.80 -4.17
N LEU B 175 -23.68 -11.56 -4.61
CA LEU B 175 -24.15 -10.41 -3.81
C LEU B 175 -25.57 -10.02 -4.26
N VAL B 176 -26.54 -10.00 -3.34
CA VAL B 176 -27.97 -9.68 -3.62
C VAL B 176 -28.40 -8.53 -2.69
N LEU B 177 -28.75 -7.37 -3.25
CA LEU B 177 -29.13 -6.15 -2.49
C LEU B 177 -30.58 -5.83 -2.81
N TYR B 178 -31.45 -5.92 -1.79
CA TYR B 178 -32.88 -5.51 -1.89
C TYR B 178 -32.98 -4.01 -2.09
N ASP B 179 -33.92 -3.60 -2.94
CA ASP B 179 -34.16 -2.19 -3.30
C ASP B 179 -35.60 -2.03 -3.81
N LYS B 180 -36.53 -1.73 -2.93
CA LYS B 180 -37.80 -1.09 -3.30
C LYS B 180 -38.12 -0.01 -2.25
N ASP B 181 -38.22 1.24 -2.67
CA ASP B 181 -38.53 2.37 -1.77
C ASP B 181 -40.03 2.30 -1.48
N SER B 182 -40.49 3.12 -0.55
CA SER B 182 -41.86 3.07 0.00
C SER B 182 -42.83 3.61 -1.05
N GLN B 183 -42.35 4.20 -2.13
CA GLN B 183 -43.19 4.62 -3.28
C GLN B 183 -43.18 3.54 -4.37
N GLY B 184 -42.40 2.46 -4.23
CA GLY B 184 -42.32 1.40 -5.24
C GLY B 184 -41.18 1.60 -6.24
N GLY B 185 -40.42 2.69 -6.16
CA GLY B 185 -39.26 2.94 -7.05
C GLY B 185 -38.01 2.18 -6.63
N HIS B 186 -36.95 2.29 -7.44
CA HIS B 186 -35.63 1.68 -7.15
C HIS B 186 -34.56 2.57 -7.73
N LYS B 187 -33.30 2.30 -7.40
CA LYS B 187 -32.13 3.09 -7.84
C LYS B 187 -32.01 2.94 -9.36
N ASP B 188 -31.26 3.83 -10.01
CA ASP B 188 -30.97 3.73 -11.46
C ASP B 188 -29.83 2.71 -11.67
N CYS B 189 -28.86 2.60 -10.77
CA CYS B 189 -27.81 1.57 -10.89
C CYS B 189 -27.04 1.38 -9.58
N VAL B 190 -26.35 0.25 -9.47
CA VAL B 190 -25.53 -0.15 -8.31
C VAL B 190 -24.27 -0.80 -8.85
N PHE B 191 -23.14 -0.38 -8.31
CA PHE B 191 -21.78 -0.91 -8.57
C PHE B 191 -21.32 -1.63 -7.32
N VAL B 192 -20.51 -2.66 -7.47
CA VAL B 192 -19.77 -3.24 -6.34
C VAL B 192 -18.30 -2.93 -6.58
N THR B 193 -17.62 -2.59 -5.51
CA THR B 193 -16.26 -2.04 -5.49
C THR B 193 -15.57 -2.73 -4.33
N GLY B 194 -14.26 -2.97 -4.42
CA GLY B 194 -13.57 -3.80 -3.42
C GLY B 194 -12.08 -3.94 -3.66
N ASN B 195 -11.46 -4.82 -2.88
CA ASN B 195 -10.00 -5.12 -2.97
C ASN B 195 -9.76 -5.94 -4.24
N PHE B 196 -10.83 -6.39 -4.91
CA PHE B 196 -10.77 -7.16 -6.18
C PHE B 196 -10.70 -6.23 -7.39
N ASN B 197 -10.79 -4.90 -7.23
CA ASN B 197 -10.69 -3.95 -8.39
C ASN B 197 -10.14 -2.61 -7.93
N ASN B 198 -9.33 -2.59 -6.88
CA ASN B 198 -8.70 -1.38 -6.31
C ASN B 198 -9.73 -0.26 -6.07
N TRP B 199 -10.96 -0.61 -5.68
CA TRP B 199 -11.93 0.40 -5.14
C TRP B 199 -12.28 1.40 -6.23
N LYS B 200 -12.53 0.93 -7.44
CA LYS B 200 -12.94 1.81 -8.56
C LYS B 200 -14.36 1.43 -8.95
N LEU B 201 -15.11 2.36 -9.50
CA LEU B 201 -16.36 2.04 -10.22
C LEU B 201 -15.98 1.55 -11.62
N ASP B 202 -16.67 0.53 -12.09
CA ASP B 202 -16.30 -0.22 -13.32
C ASP B 202 -17.58 -0.85 -13.86
N SER B 203 -17.92 -0.55 -15.10
CA SER B 203 -19.12 -1.08 -15.81
C SER B 203 -19.19 -2.61 -15.69
N ARG B 204 -18.05 -3.30 -15.62
CA ARG B 204 -17.93 -4.77 -15.44
C ARG B 204 -18.53 -5.22 -14.09
N TYR B 205 -18.60 -4.33 -13.10
CA TYR B 205 -19.14 -4.67 -11.78
C TYR B 205 -20.43 -3.89 -11.51
N MET B 206 -21.23 -3.62 -12.55
CA MET B 206 -22.61 -3.10 -12.41
C MET B 206 -23.50 -4.29 -12.14
N MET B 207 -24.36 -4.17 -11.13
CA MET B 207 -25.28 -5.26 -10.73
C MET B 207 -26.46 -5.24 -11.69
N LYS B 208 -27.06 -6.40 -11.90
CA LYS B 208 -28.30 -6.56 -12.68
C LYS B 208 -29.47 -6.38 -11.71
N TYR B 209 -30.62 -5.94 -12.21
CA TYR B 209 -31.81 -5.69 -11.40
C TYR B 209 -32.90 -6.67 -11.80
N ASP B 210 -33.34 -7.47 -10.82
CA ASP B 210 -34.54 -8.31 -10.92
C ASP B 210 -35.68 -7.53 -10.27
N GLU B 211 -36.54 -6.91 -11.09
CA GLU B 211 -37.67 -6.06 -10.63
C GLU B 211 -38.76 -6.91 -10.01
N THR B 212 -38.78 -8.22 -10.25
CA THR B 212 -39.83 -9.09 -9.65
C THR B 212 -39.50 -9.37 -8.18
N ASN B 213 -38.22 -9.58 -7.88
CA ASN B 213 -37.73 -9.83 -6.49
C ASN B 213 -37.27 -8.52 -5.86
N HIS B 214 -37.33 -7.42 -6.61
CA HIS B 214 -36.77 -6.09 -6.26
C HIS B 214 -35.35 -6.22 -5.67
N CYS B 215 -34.48 -7.03 -6.30
CA CYS B 215 -33.07 -7.23 -5.93
C CYS B 215 -32.11 -6.82 -7.07
N TRP B 216 -31.04 -6.10 -6.72
CA TRP B 216 -29.77 -6.06 -7.46
C TRP B 216 -28.98 -7.34 -7.15
N TRP B 217 -28.25 -7.82 -8.14
CA TRP B 217 -27.46 -9.06 -7.97
C TRP B 217 -26.28 -9.06 -8.92
N ILE B 218 -25.24 -9.76 -8.52
CA ILE B 218 -24.01 -9.92 -9.32
C ILE B 218 -23.28 -11.12 -8.74
N THR B 219 -22.56 -11.82 -9.62
CA THR B 219 -21.60 -12.91 -9.28
C THR B 219 -20.20 -12.35 -9.48
N LEU B 220 -19.37 -12.41 -8.44
CA LEU B 220 -17.94 -12.06 -8.55
C LEU B 220 -17.17 -13.37 -8.74
N GLU B 221 -16.43 -13.46 -9.84
CA GLU B 221 -15.60 -14.64 -10.19
C GLU B 221 -14.14 -14.24 -10.04
N GLU B 222 -13.24 -15.21 -10.04
CA GLU B 222 -11.77 -14.99 -10.13
C GLU B 222 -11.35 -14.12 -8.94
N LEU B 223 -11.89 -14.41 -7.76
CA LEU B 223 -11.44 -13.81 -6.48
C LEU B 223 -10.28 -14.64 -5.94
N THR B 224 -9.28 -13.98 -5.35
CA THR B 224 -8.21 -14.62 -4.54
C THR B 224 -8.76 -15.11 -3.20
N ALA B 225 -9.00 -16.42 -3.07
CA ALA B 225 -9.36 -17.11 -1.81
C ALA B 225 -8.73 -16.41 -0.60
N GLU B 227 -9.82 -13.27 1.94
CA GLU B 227 -10.82 -12.25 2.36
C GLU B 227 -11.12 -11.24 1.25
N THR B 228 -12.38 -11.20 0.81
CA THR B 228 -12.89 -10.15 -0.11
C THR B 228 -13.46 -9.00 0.75
N GLN B 229 -13.06 -7.78 0.44
CA GLN B 229 -13.59 -6.52 1.02
C GLN B 229 -14.40 -5.83 -0.06
N PHE B 230 -15.60 -5.33 0.26
CA PHE B 230 -16.41 -4.61 -0.74
C PHE B 230 -17.38 -3.63 -0.05
N GLN B 231 -17.77 -2.64 -0.85
CA GLN B 231 -18.95 -1.78 -0.65
C GLN B 231 -19.76 -1.78 -1.93
N TYR B 232 -20.99 -1.31 -1.84
CA TYR B 232 -21.83 -0.94 -2.99
C TYR B 232 -21.77 0.57 -3.16
N PHE B 233 -21.90 1.02 -4.40
CA PHE B 233 -22.22 2.41 -4.75
C PHE B 233 -23.59 2.35 -5.40
N VAL B 234 -24.60 2.88 -4.73
CA VAL B 234 -26.00 2.95 -5.21
C VAL B 234 -26.20 4.36 -5.78
N TYR B 235 -27.03 4.50 -6.81
CA TYR B 235 -27.20 5.79 -7.50
C TYR B 235 -28.58 5.91 -8.12
N SER B 236 -29.22 7.07 -7.98
CA SER B 236 -30.40 7.50 -8.78
C SER B 236 -30.30 8.99 -9.09
N ALA B 237 -30.96 9.45 -10.16
CA ALA B 237 -31.02 10.87 -10.57
C ALA B 237 -31.60 11.69 -9.42
N SER B 238 -32.66 11.20 -8.79
CA SER B 238 -33.34 11.96 -7.71
C SER B 238 -32.50 11.96 -6.41
N ASP B 239 -31.69 10.94 -6.11
CA ASP B 239 -31.04 10.82 -4.77
C ASP B 239 -29.55 11.12 -4.84
N GLY B 240 -28.95 11.07 -6.02
CA GLY B 240 -27.49 10.99 -6.15
C GLY B 240 -27.00 9.61 -5.76
N GLY B 241 -25.74 9.53 -5.42
CA GLY B 241 -25.02 8.28 -5.17
C GLY B 241 -24.51 8.26 -3.74
N THR B 242 -24.42 7.09 -3.14
CA THR B 242 -23.70 6.88 -1.87
C THR B 242 -23.06 5.49 -1.84
N TYR B 243 -21.97 5.37 -1.11
CA TYR B 243 -21.37 4.08 -0.75
C TYR B 243 -22.06 3.53 0.52
N LEU B 244 -22.29 2.22 0.60
CA LEU B 244 -22.75 1.54 1.81
C LEU B 244 -22.28 0.10 1.70
N CYS B 245 -22.26 -0.63 2.80
CA CYS B 245 -21.82 -2.04 2.82
C CYS B 245 -23.07 -2.90 2.74
N ASP B 246 -22.93 -4.21 2.81
CA ASP B 246 -24.07 -5.14 2.74
C ASP B 246 -24.66 -5.27 4.15
N PRO B 247 -25.99 -5.07 4.26
CA PRO B 247 -26.66 -5.18 5.55
C PRO B 247 -26.55 -6.57 6.19
N TYR B 248 -26.28 -7.62 5.39
CA TYR B 248 -26.31 -9.03 5.87
C TYR B 248 -24.89 -9.57 6.03
N CYS B 249 -23.87 -8.74 6.00
CA CYS B 249 -22.47 -9.16 6.18
C CYS B 249 -22.22 -9.52 7.65
N GLU B 250 -21.33 -10.49 7.88
CA GLU B 250 -21.11 -11.11 9.21
C GLU B 250 -19.78 -10.59 9.74
N GLN B 251 -19.08 -9.83 8.92
CA GLN B 251 -17.80 -9.21 9.29
C GLN B 251 -17.68 -7.90 8.53
N ALA B 252 -17.18 -6.86 9.19
CA ALA B 252 -17.10 -5.50 8.63
C ALA B 252 -15.86 -4.84 9.21
N LEU B 253 -15.22 -3.99 8.43
CA LEU B 253 -14.15 -3.10 8.94
C LEU B 253 -14.82 -1.75 9.13
N GLU B 254 -14.50 -1.08 10.22
CA GLU B 254 -15.08 0.24 10.55
C GLU B 254 -13.99 1.31 10.47
N LYS B 255 -14.24 2.34 9.69
CA LYS B 255 -13.26 3.45 9.63
C LYS B 255 -13.20 4.16 11.00
N GLY B 256 -11.98 4.41 11.48
CA GLY B 256 -11.70 5.05 12.77
C GLY B 256 -11.49 4.03 13.87
N VAL B 257 -11.71 2.75 13.57
CA VAL B 257 -11.48 1.66 14.54
C VAL B 257 -10.48 0.69 13.93
N ASP B 258 -10.75 0.13 12.75
CA ASP B 258 -9.83 -0.87 12.13
C ASP B 258 -8.73 -0.11 11.39
N THR B 259 -7.45 -0.31 11.75
CA THR B 259 -6.28 0.40 11.15
C THR B 259 -6.08 -0.06 9.70
N ASN B 260 -6.49 -1.28 9.36
CA ASN B 260 -6.43 -1.80 7.97
C ASN B 260 -7.70 -1.43 7.18
N PHE B 261 -8.51 -0.45 7.60
CA PHE B 261 -9.64 0.04 6.76
C PHE B 261 -9.07 0.53 5.43
N PRO B 262 -9.56 0.02 4.28
CA PRO B 262 -8.92 0.31 2.99
C PRO B 262 -8.95 1.81 2.67
N THR B 263 -7.83 2.37 2.22
CA THR B 263 -7.68 3.77 1.76
C THR B 263 -8.73 4.13 0.69
N GLY B 264 -9.08 3.19 -0.20
CA GLY B 264 -9.95 3.48 -1.35
C GLY B 264 -11.42 3.45 -1.00
N ALA B 265 -11.77 2.93 0.19
CA ALA B 265 -13.17 2.80 0.64
C ALA B 265 -13.60 4.08 1.35
N GLN B 266 -14.89 4.39 1.22
CA GLN B 266 -15.54 5.47 2.00
C GLN B 266 -15.99 4.91 3.35
N ALA B 267 -15.79 5.70 4.41
CA ALA B 267 -16.37 5.44 5.75
C ALA B 267 -17.88 5.32 5.57
N PRO B 268 -18.62 4.57 6.44
CA PRO B 268 -18.07 3.95 7.65
C PRO B 268 -17.62 2.49 7.56
N TYR B 269 -18.26 1.71 6.71
CA TYR B 269 -18.16 0.23 6.72
C TYR B 269 -17.77 -0.35 5.35
N VAL B 270 -16.85 -1.32 5.37
CA VAL B 270 -16.64 -2.29 4.26
C VAL B 270 -17.02 -3.68 4.78
N SER B 271 -17.78 -4.42 3.98
CA SER B 271 -18.15 -5.84 4.23
C SER B 271 -16.93 -6.72 3.94
N VAL B 272 -16.70 -7.72 4.79
CA VAL B 272 -15.58 -8.68 4.65
C VAL B 272 -16.19 -10.07 4.51
N VAL B 273 -15.76 -10.81 3.48
CA VAL B 273 -16.17 -12.22 3.28
C VAL B 273 -14.92 -13.09 3.23
N SER B 274 -14.88 -14.11 4.07
CA SER B 274 -13.98 -15.30 3.98
C SER B 274 -14.66 -16.35 3.11
N THR B 275 -14.14 -16.50 1.90
CA THR B 275 -14.49 -17.56 0.92
C THR B 275 -14.06 -18.95 1.45
N ASN B 276 -12.99 -19.03 2.26
CA ASN B 276 -12.55 -20.30 2.90
C ASN B 276 -12.47 -20.12 4.42
N PRO B 277 -13.62 -20.10 5.13
CA PRO B 277 -13.58 -19.98 6.58
C PRO B 277 -13.20 -21.32 7.22
N GLN B 278 -12.60 -21.30 8.42
CA GLN B 278 -12.48 -22.49 9.30
C GLN B 278 -13.67 -22.45 10.26
N PRO B 279 -14.76 -23.22 10.01
CA PRO B 279 -15.96 -23.16 10.85
C PRO B 279 -15.75 -23.65 12.30
N TYR B 280 -16.29 -22.90 13.26
CA TYR B 280 -16.18 -23.23 14.70
C TYR B 280 -16.80 -24.62 14.92
N GLN B 281 -16.14 -25.45 15.72
CA GLN B 281 -16.59 -26.81 16.11
C GLN B 281 -17.26 -26.71 17.47
N TRP B 282 -18.58 -26.83 17.49
CA TRP B 282 -19.39 -26.78 18.73
C TRP B 282 -19.15 -28.06 19.53
N SER B 283 -19.06 -27.96 20.85
CA SER B 283 -18.99 -29.12 21.78
C SER B 283 -20.25 -29.99 21.60
N ALA B 284 -20.18 -31.25 22.02
CA ALA B 284 -21.14 -32.33 21.64
C ALA B 284 -22.41 -32.32 22.52
N GLY B 285 -22.35 -31.74 23.71
CA GLY B 285 -23.40 -31.89 24.75
C GLY B 285 -24.70 -31.20 24.39
N GLU B 286 -25.83 -31.74 24.88
CA GLU B 286 -27.18 -31.09 24.85
C GLU B 286 -27.11 -29.92 25.85
N PHE B 287 -27.84 -28.84 25.59
CA PHE B 287 -27.94 -27.72 26.56
C PHE B 287 -29.41 -27.29 26.68
N GLU B 288 -29.80 -27.02 27.93
CA GLU B 288 -31.09 -26.44 28.31
C GLU B 288 -30.86 -25.46 29.46
N MET B 289 -31.47 -24.28 29.43
CA MET B 289 -31.36 -23.33 30.56
C MET B 289 -31.81 -24.07 31.83
N LYS B 290 -31.04 -24.06 32.92
CA LYS B 290 -31.62 -24.55 34.21
C LYS B 290 -32.57 -23.49 34.77
N ASN B 291 -33.52 -23.92 35.60
CA ASN B 291 -34.50 -23.06 36.29
C ASN B 291 -35.22 -22.20 35.25
N LYS B 292 -35.64 -22.80 34.14
CA LYS B 292 -36.03 -22.07 32.91
C LYS B 292 -37.30 -21.28 33.17
N GLU B 293 -38.12 -21.61 34.16
CA GLU B 293 -39.37 -20.84 34.39
C GLU B 293 -39.06 -19.58 35.22
N ASN B 294 -37.94 -19.53 35.93
CA ASN B 294 -37.73 -18.44 36.93
C ASN B 294 -36.24 -18.21 37.09
N PRO B 295 -35.50 -18.03 35.98
CA PRO B 295 -34.04 -17.93 36.06
C PRO B 295 -33.56 -16.69 36.79
N VAL B 296 -32.35 -16.81 37.31
CA VAL B 296 -31.53 -15.67 37.79
C VAL B 296 -30.59 -15.31 36.64
N ILE B 297 -30.74 -14.09 36.15
CA ILE B 297 -30.02 -13.54 34.96
C ILE B 297 -28.97 -12.53 35.45
N TYR B 298 -27.74 -12.67 34.96
CA TYR B 298 -26.60 -11.77 35.25
C TYR B 298 -26.35 -10.90 34.04
N GLU B 299 -26.71 -9.63 34.13
CA GLU B 299 -26.51 -8.63 33.08
C GLU B 299 -25.03 -8.15 33.10
N LEU B 300 -24.37 -8.24 31.95
CA LEU B 300 -22.91 -8.06 31.80
C LEU B 300 -22.62 -7.18 30.58
N LEU B 301 -21.79 -6.16 30.75
CA LEU B 301 -21.26 -5.30 29.67
C LEU B 301 -19.82 -5.74 29.45
N LEU B 302 -19.54 -6.35 28.32
CA LEU B 302 -18.19 -6.94 28.04
C LEU B 302 -17.13 -5.86 28.15
N ARG B 303 -17.46 -4.61 27.76
CA ARG B 303 -16.51 -3.48 27.78
C ARG B 303 -15.94 -3.30 29.19
N ASP B 304 -16.77 -3.47 30.24
CA ASP B 304 -16.45 -3.05 31.62
C ASP B 304 -16.43 -4.27 32.58
N PHE B 305 -16.70 -5.49 32.13
CA PHE B 305 -16.75 -6.69 33.02
C PHE B 305 -15.33 -7.14 33.43
N THR B 306 -14.34 -6.91 32.55
CA THR B 306 -12.90 -7.22 32.76
C THR B 306 -12.04 -6.12 32.14
N SER B 307 -10.79 -6.01 32.60
CA SER B 307 -9.80 -5.02 32.15
C SER B 307 -9.54 -5.16 30.65
N SER B 308 -9.60 -6.38 30.13
CA SER B 308 -9.46 -6.69 28.68
C SER B 308 -10.63 -6.08 27.89
N GLY B 309 -11.81 -5.99 28.48
CA GLY B 309 -13.01 -5.40 27.83
C GLY B 309 -13.51 -6.25 26.69
N ASN B 310 -13.37 -7.57 26.75
CA ASN B 310 -13.64 -8.43 25.57
C ASN B 310 -14.04 -9.84 26.01
N LEU B 311 -14.33 -10.70 25.02
CA LEU B 311 -14.78 -12.09 25.32
C LEU B 311 -13.66 -12.85 26.03
N ALA B 312 -12.40 -12.65 25.64
CA ALA B 312 -11.27 -13.42 26.20
C ALA B 312 -11.23 -13.19 27.71
N GLY B 313 -11.41 -11.94 28.17
CA GLY B 313 -11.42 -11.60 29.60
C GLY B 313 -12.64 -12.21 30.29
N ALA B 314 -13.83 -12.08 29.70
CA ALA B 314 -15.07 -12.60 30.29
C ALA B 314 -14.97 -14.13 30.46
N MET B 315 -14.37 -14.80 29.48
CA MET B 315 -14.30 -16.27 29.52
C MET B 315 -13.58 -16.71 30.81
N GLU B 316 -12.60 -15.95 31.29
CA GLU B 316 -11.81 -16.33 32.47
C GLU B 316 -12.68 -16.27 33.72
N LYS B 317 -13.81 -15.55 33.69
CA LYS B 317 -14.68 -15.33 34.86
C LYS B 317 -15.90 -16.22 34.86
N LEU B 318 -16.09 -17.04 33.83
CA LEU B 318 -17.27 -17.94 33.77
C LEU B 318 -17.31 -18.89 34.98
N PRO B 319 -16.18 -19.46 35.46
CA PRO B 319 -16.24 -20.30 36.67
C PRO B 319 -16.74 -19.55 37.92
N TYR B 320 -16.43 -18.26 38.03
CA TYR B 320 -16.95 -17.35 39.09
C TYR B 320 -18.47 -17.26 38.99
N LEU B 321 -19.01 -17.03 37.80
CA LEU B 321 -20.46 -16.90 37.56
C LEU B 321 -21.17 -18.25 37.79
N LYS B 322 -20.58 -19.38 37.35
CA LYS B 322 -21.15 -20.73 37.62
C LYS B 322 -21.31 -20.90 39.13
N GLU B 323 -20.30 -20.51 39.92
CA GLU B 323 -20.24 -20.70 41.39
C GLU B 323 -21.22 -19.74 42.07
N LEU B 324 -21.40 -18.55 41.51
CA LEU B 324 -22.40 -17.60 42.02
C LEU B 324 -23.80 -18.23 41.95
N GLY B 325 -24.06 -19.09 40.96
CA GLY B 325 -25.25 -19.95 40.87
C GLY B 325 -26.20 -19.51 39.77
N ILE B 326 -25.83 -18.57 38.91
CA ILE B 326 -26.77 -17.92 37.95
C ILE B 326 -27.21 -18.89 36.86
N ASP B 327 -28.36 -18.64 36.27
CA ASP B 327 -28.95 -19.52 35.23
C ASP B 327 -28.56 -19.01 33.84
N ALA B 328 -28.35 -17.69 33.70
CA ALA B 328 -28.18 -17.09 32.35
C ALA B 328 -27.34 -15.82 32.45
N ILE B 329 -26.53 -15.56 31.44
CA ILE B 329 -25.84 -14.24 31.24
C ILE B 329 -26.63 -13.50 30.18
N GLU B 330 -27.01 -12.26 30.46
CA GLU B 330 -27.58 -11.34 29.47
C GLU B 330 -26.46 -10.37 29.03
N LEU B 331 -26.04 -10.48 27.79
CA LEU B 331 -24.99 -9.57 27.26
C LEU B 331 -25.70 -8.30 26.79
N MET B 332 -25.22 -7.17 27.25
CA MET B 332 -25.57 -5.87 26.62
C MET B 332 -25.09 -5.87 25.16
N PRO B 333 -25.69 -5.05 24.29
CA PRO B 333 -25.62 -5.31 22.84
C PRO B 333 -24.23 -5.59 22.25
N VAL B 334 -24.10 -6.66 21.47
CA VAL B 334 -22.83 -7.07 20.83
C VAL B 334 -22.92 -6.97 19.31
N GLN B 335 -24.07 -6.64 18.73
CA GLN B 335 -24.14 -6.37 17.29
C GLN B 335 -23.33 -5.10 16.99
N GLU B 336 -22.69 -5.07 15.83
CA GLU B 336 -21.72 -4.00 15.45
C GLU B 336 -22.33 -2.63 15.77
N PHE B 337 -21.66 -1.85 16.60
CA PHE B 337 -22.14 -0.52 17.07
C PHE B 337 -21.09 0.53 16.67
N ALA B 338 -21.47 1.80 16.59
CA ALA B 338 -20.56 2.90 16.19
C ALA B 338 -19.35 2.94 17.14
N GLY B 339 -18.15 2.99 16.56
CA GLY B 339 -16.87 3.01 17.30
C GLY B 339 -16.62 1.72 18.05
N ASN B 340 -15.75 1.75 19.04
CA ASN B 340 -15.40 0.55 19.81
C ASN B 340 -15.50 0.82 21.32
N ASP B 341 -16.26 1.83 21.75
CA ASP B 341 -16.37 2.20 23.19
C ASP B 341 -17.82 2.56 23.50
N SER B 342 -18.65 1.60 23.83
CA SER B 342 -20.12 1.84 23.83
C SER B 342 -20.84 0.87 24.76
N TRP B 343 -21.99 1.29 25.27
CA TRP B 343 -22.96 0.34 25.88
C TRP B 343 -23.46 -0.64 24.79
N GLY B 344 -23.59 -0.13 23.55
CA GLY B 344 -24.03 -0.92 22.38
C GLY B 344 -25.37 -0.51 21.82
N TYR B 345 -26.07 0.49 22.34
CA TYR B 345 -27.46 0.85 21.91
C TYR B 345 -27.40 1.81 20.71
N ASN B 346 -26.53 1.48 19.76
CA ASN B 346 -26.19 2.34 18.59
C ASN B 346 -25.71 1.41 17.47
N THR B 347 -26.61 0.50 17.08
CA THR B 347 -26.31 -0.64 16.18
C THR B 347 -26.23 -0.09 14.76
N GLY B 348 -25.08 -0.32 14.09
CA GLY B 348 -24.90 0.00 12.68
C GLY B 348 -25.16 -1.19 11.77
N LEU B 349 -24.84 -2.42 12.23
CA LEU B 349 -25.02 -3.69 11.46
C LEU B 349 -25.55 -4.79 12.39
N TYR B 350 -26.52 -5.55 11.94
CA TYR B 350 -27.28 -6.52 12.76
C TYR B 350 -26.73 -7.94 12.57
N PHE B 351 -26.03 -8.26 11.48
CA PHE B 351 -25.57 -9.65 11.19
C PHE B 351 -24.08 -9.80 11.47
N ALA B 352 -23.41 -8.69 11.75
CA ALA B 352 -22.00 -8.63 12.17
C ALA B 352 -21.98 -8.28 13.68
N LEU B 353 -21.25 -9.07 14.46
CA LEU B 353 -21.02 -8.79 15.90
C LEU B 353 -19.77 -7.91 16.01
N ASP B 354 -19.80 -6.94 16.92
CA ASP B 354 -18.72 -5.94 17.04
C ASP B 354 -17.39 -6.68 17.33
N ALA B 355 -16.41 -6.41 16.49
CA ALA B 355 -15.06 -7.05 16.51
C ALA B 355 -14.24 -6.54 17.70
N SER B 356 -14.63 -5.45 18.37
CA SER B 356 -13.90 -4.94 19.56
C SER B 356 -14.02 -5.96 20.71
N TYR B 357 -15.02 -6.84 20.73
CA TYR B 357 -15.19 -7.87 21.77
C TYR B 357 -14.58 -9.19 21.30
N GLY B 358 -14.57 -9.41 19.99
CA GLY B 358 -13.89 -10.57 19.39
C GLY B 358 -14.35 -10.90 17.99
N THR B 359 -13.87 -12.03 17.45
CA THR B 359 -14.25 -12.54 16.12
C THR B 359 -15.53 -13.36 16.29
N GLN B 360 -16.17 -13.67 15.17
CA GLN B 360 -17.37 -14.54 15.12
C GLN B 360 -17.09 -15.80 15.94
N ASN B 361 -15.94 -16.43 15.73
CA ASN B 361 -15.62 -17.74 16.36
C ASN B 361 -15.30 -17.59 17.86
N GLU B 362 -14.75 -16.46 18.28
CA GLU B 362 -14.60 -16.07 19.70
C GLU B 362 -15.98 -15.89 20.36
N TYR B 363 -16.96 -15.31 19.68
CA TYR B 363 -18.33 -15.23 20.25
C TYR B 363 -18.88 -16.65 20.46
N LYS B 364 -18.69 -17.52 19.45
CA LYS B 364 -19.17 -18.91 19.47
C LYS B 364 -18.50 -19.65 20.63
N ALA B 365 -17.18 -19.52 20.73
CA ALA B 365 -16.40 -20.18 21.80
C ALA B 365 -16.93 -19.70 23.16
N PHE B 366 -17.22 -18.40 23.29
CA PHE B 366 -17.71 -17.81 24.55
C PHE B 366 -19.02 -18.47 24.93
N ILE B 367 -19.94 -18.52 23.97
CA ILE B 367 -21.29 -19.09 24.24
C ILE B 367 -21.16 -20.58 24.57
N ASP B 368 -20.33 -21.31 23.82
CA ASP B 368 -20.09 -22.76 24.02
C ASP B 368 -19.59 -22.95 25.47
N ALA B 369 -18.67 -22.10 25.93
CA ALA B 369 -18.10 -22.20 27.29
C ALA B 369 -19.19 -21.91 28.34
N CYS B 370 -20.10 -20.94 28.07
CA CYS B 370 -21.19 -20.64 29.02
C CYS B 370 -21.99 -21.93 29.19
N HIS B 371 -22.36 -22.55 28.08
CA HIS B 371 -23.16 -23.78 28.01
C HIS B 371 -22.47 -24.92 28.78
N GLN B 372 -21.17 -25.08 28.61
CA GLN B 372 -20.41 -26.14 29.32
C GLN B 372 -20.33 -25.82 30.81
N ASN B 373 -20.44 -24.55 31.21
CA ASN B 373 -20.57 -24.14 32.63
C ASN B 373 -22.05 -24.24 33.12
N GLY B 374 -22.98 -24.71 32.30
CA GLY B 374 -24.42 -24.82 32.63
C GLY B 374 -25.17 -23.48 32.57
N ILE B 375 -24.60 -22.46 31.93
CA ILE B 375 -25.14 -21.06 31.93
C ILE B 375 -25.70 -20.77 30.53
N ALA B 376 -26.94 -20.29 30.47
CA ALA B 376 -27.59 -19.83 29.22
C ALA B 376 -27.09 -18.44 28.81
N VAL B 377 -27.26 -18.10 27.53
CA VAL B 377 -26.85 -16.77 26.99
C VAL B 377 -28.05 -16.06 26.34
N ILE B 378 -28.32 -14.84 26.80
CA ILE B 378 -29.36 -13.93 26.25
C ILE B 378 -28.66 -12.74 25.58
N PHE B 379 -29.03 -12.42 24.35
CA PHE B 379 -28.56 -11.18 23.68
C PHE B 379 -29.59 -10.07 23.91
N ASP B 380 -29.10 -8.90 24.31
CA ASP B 380 -29.78 -7.59 24.27
C ASP B 380 -29.78 -7.14 22.80
N VAL B 381 -30.96 -6.98 22.20
CA VAL B 381 -31.10 -6.59 20.76
C VAL B 381 -31.91 -5.30 20.66
N VAL B 382 -31.50 -4.41 19.77
CA VAL B 382 -31.91 -2.97 19.74
C VAL B 382 -32.56 -2.71 18.37
N TYR B 383 -33.87 -2.93 18.29
CA TYR B 383 -34.62 -2.79 17.03
C TYR B 383 -35.45 -1.52 17.00
N ASN B 384 -35.43 -0.67 18.03
CA ASN B 384 -36.19 0.59 17.94
C ASN B 384 -35.54 1.45 16.83
N HIS B 385 -34.23 1.44 16.79
CA HIS B 385 -33.43 2.41 16.02
C HIS B 385 -32.12 1.75 15.64
N THR B 386 -31.54 2.29 14.57
CA THR B 386 -30.19 2.03 14.12
C THR B 386 -29.46 3.38 14.16
N ASN B 387 -28.51 3.59 13.25
CA ASN B 387 -27.66 4.79 13.22
C ASN B 387 -27.38 5.15 11.75
N ASN B 388 -26.72 6.27 11.49
CA ASN B 388 -26.56 6.78 10.11
C ASN B 388 -25.65 5.84 9.29
N ASP B 389 -24.89 4.96 9.93
CA ASP B 389 -23.91 4.07 9.26
C ASP B 389 -24.63 2.88 8.59
N ASN B 390 -25.85 2.59 9.04
CA ASN B 390 -26.57 1.39 8.58
C ASN B 390 -26.83 1.57 7.09
N PRO B 391 -26.54 0.54 6.28
CA PRO B 391 -26.88 0.54 4.85
C PRO B 391 -28.35 0.87 4.62
N PHE B 392 -29.28 0.51 5.52
CA PHE B 392 -30.73 0.82 5.33
C PHE B 392 -30.95 2.33 5.42
N ALA B 393 -30.18 3.04 6.24
CA ALA B 393 -30.28 4.51 6.39
C ALA B 393 -29.64 5.15 5.16
N ARG B 394 -28.45 4.69 4.79
CA ARG B 394 -27.61 5.34 3.73
C ARG B 394 -28.30 5.18 2.36
N MET B 395 -29.03 4.10 2.14
CA MET B 395 -29.65 3.75 0.84
C MET B 395 -30.73 4.75 0.48
N TYR B 396 -31.51 5.20 1.47
CA TYR B 396 -32.66 6.11 1.29
C TYR B 396 -32.56 7.25 2.32
N TRP B 397 -31.76 8.25 1.96
CA TRP B 397 -31.29 9.34 2.84
C TRP B 397 -31.68 10.71 2.27
N ASP B 398 -32.07 11.64 3.15
CA ASP B 398 -32.43 13.05 2.83
C ASP B 398 -31.18 13.90 3.02
N THR B 399 -30.53 14.29 1.92
CA THR B 399 -29.28 15.10 1.94
C THR B 399 -29.59 16.56 2.29
N PHE B 400 -30.87 16.94 2.39
CA PHE B 400 -31.25 18.30 2.84
C PHE B 400 -31.42 18.36 4.37
N ASN B 401 -31.95 17.30 5.00
CA ASN B 401 -32.30 17.32 6.45
C ASN B 401 -31.39 16.37 7.23
N ASN B 402 -30.52 15.63 6.54
CA ASN B 402 -29.55 14.71 7.16
C ASN B 402 -30.30 13.71 8.07
N ARG B 403 -31.24 13.01 7.48
CA ARG B 403 -31.99 11.93 8.15
C ARG B 403 -32.55 11.06 7.04
N PRO B 404 -33.24 9.95 7.37
CA PRO B 404 -33.82 9.08 6.36
C PRO B 404 -34.83 9.84 5.52
N SER B 405 -34.92 9.49 4.25
CA SER B 405 -35.86 10.15 3.31
C SER B 405 -37.25 9.60 3.55
N THR B 406 -38.26 10.29 3.04
CA THR B 406 -39.67 9.85 3.09
C THR B 406 -39.89 8.61 2.21
N LYS B 407 -38.96 8.26 1.34
CA LYS B 407 -39.00 7.00 0.53
C LYS B 407 -38.35 5.81 1.28
N ASN B 408 -37.69 6.03 2.40
CA ASN B 408 -37.00 4.93 3.10
C ASN B 408 -38.03 3.88 3.51
N PRO B 409 -37.91 2.62 3.04
CA PRO B 409 -38.91 1.58 3.29
C PRO B 409 -38.78 0.89 4.66
N TRP B 410 -37.67 1.12 5.38
CA TRP B 410 -37.44 0.55 6.73
C TRP B 410 -37.63 1.58 7.86
N LEU B 411 -37.19 2.80 7.63
CA LEU B 411 -37.01 3.86 8.64
C LEU B 411 -37.99 5.00 8.38
N ASN B 412 -38.43 5.61 9.47
CA ASN B 412 -39.14 6.93 9.49
C ASN B 412 -38.15 8.06 9.25
N ALA B 413 -38.61 9.13 8.60
CA ALA B 413 -37.79 10.35 8.39
C ALA B 413 -37.56 11.02 9.76
N VAL B 414 -38.63 11.06 10.56
CA VAL B 414 -38.70 11.74 11.87
C VAL B 414 -39.29 10.75 12.88
N THR B 415 -38.61 10.59 14.01
CA THR B 415 -39.07 9.73 15.11
C THR B 415 -40.46 10.15 15.56
N PRO B 416 -41.47 9.25 15.48
CA PRO B 416 -42.83 9.55 15.92
C PRO B 416 -43.01 9.83 17.43
N HIS B 417 -42.22 9.13 18.25
CA HIS B 417 -42.31 9.23 19.73
C HIS B 417 -41.28 10.23 20.19
N GLN B 418 -41.68 11.52 20.17
CA GLN B 418 -40.72 12.63 20.32
C GLN B 418 -40.15 12.70 21.73
N LYS B 419 -40.72 12.01 22.71
CA LYS B 419 -40.15 11.98 24.09
C LYS B 419 -38.81 11.21 24.10
N TYR B 420 -38.63 10.26 23.22
CA TYR B 420 -37.43 9.38 23.22
C TYR B 420 -36.89 9.31 21.80
N VAL B 421 -35.86 10.09 21.53
CA VAL B 421 -35.14 10.13 20.23
C VAL B 421 -33.71 9.71 20.50
N PHE B 422 -33.40 8.43 20.38
CA PHE B 422 -32.07 7.90 20.76
C PHE B 422 -31.13 7.97 19.54
N SER B 423 -31.65 8.17 18.34
CA SER B 423 -30.82 8.33 17.13
C SER B 423 -31.69 8.96 16.03
N PRO B 424 -31.10 9.47 14.92
CA PRO B 424 -31.90 9.99 13.82
C PRO B 424 -32.70 8.91 13.04
N ASP B 425 -32.42 7.62 13.30
CA ASP B 425 -32.83 6.46 12.43
C ASP B 425 -33.77 5.50 13.18
N ASP B 426 -35.02 5.90 13.29
CA ASP B 426 -36.08 5.13 13.99
C ASP B 426 -36.70 4.13 13.00
N PHE B 427 -36.78 2.87 13.37
CA PHE B 427 -37.41 1.82 12.56
C PHE B 427 -38.91 2.01 12.57
N ASN B 428 -39.51 1.77 11.39
CA ASN B 428 -40.97 1.72 11.20
C ASN B 428 -41.42 0.26 11.33
N HIS B 429 -41.94 -0.15 12.47
CA HIS B 429 -42.31 -1.58 12.70
C HIS B 429 -43.66 -1.91 12.05
N THR B 430 -44.27 -0.99 11.29
CA THR B 430 -45.39 -1.35 10.39
C THR B 430 -44.91 -1.63 8.95
N SER B 431 -43.62 -1.49 8.66
CA SER B 431 -43.03 -1.87 7.36
C SER B 431 -42.85 -3.38 7.32
N GLU B 432 -43.40 -4.02 6.27
CA GLU B 432 -43.27 -5.48 6.04
C GLU B 432 -41.79 -5.81 5.85
N GLN B 433 -41.04 -4.89 5.26
CA GLN B 433 -39.58 -5.00 5.04
CA GLN B 433 -39.58 -5.10 5.06
C GLN B 433 -38.90 -5.02 6.42
N THR B 434 -39.30 -4.10 7.30
CA THR B 434 -38.72 -3.98 8.66
C THR B 434 -39.01 -5.25 9.46
N LYS B 435 -40.23 -5.73 9.43
CA LYS B 435 -40.62 -6.94 10.21
C LYS B 435 -39.89 -8.18 9.71
N ALA B 436 -39.71 -8.33 8.41
CA ALA B 436 -39.01 -9.49 7.83
C ALA B 436 -37.54 -9.42 8.24
N PHE B 437 -36.96 -8.23 8.29
CA PHE B 437 -35.55 -8.05 8.65
C PHE B 437 -35.36 -8.50 10.11
N VAL B 438 -36.25 -8.06 10.99
CA VAL B 438 -36.16 -8.38 12.43
C VAL B 438 -36.31 -9.90 12.61
N LYS B 439 -37.31 -10.51 11.98
CA LYS B 439 -37.54 -11.96 12.17
C LYS B 439 -36.36 -12.75 11.61
N ARG B 440 -35.80 -12.31 10.49
CA ARG B 440 -34.65 -13.01 9.89
C ARG B 440 -33.45 -12.88 10.85
N ASN B 441 -33.26 -11.68 11.42
CA ASN B 441 -32.12 -11.39 12.33
C ASN B 441 -32.21 -12.25 13.60
N LEU B 442 -33.41 -12.37 14.18
CA LEU B 442 -33.66 -13.22 15.38
C LEU B 442 -33.32 -14.70 15.08
N LYS B 443 -33.75 -15.20 13.93
CA LYS B 443 -33.49 -16.60 13.52
C LYS B 443 -31.98 -16.80 13.32
N TYR B 444 -31.30 -15.83 12.72
CA TYR B 444 -29.85 -15.88 12.44
C TYR B 444 -29.04 -15.99 13.74
N LEU B 445 -29.38 -15.17 14.72
CA LEU B 445 -28.65 -15.14 16.02
C LEU B 445 -28.87 -16.48 16.74
N LEU B 446 -30.10 -17.00 16.74
CA LEU B 446 -30.43 -18.34 17.31
C LEU B 446 -29.65 -19.44 16.55
N ASP B 447 -29.69 -19.43 15.22
CA ASP B 447 -29.10 -20.46 14.33
C ASP B 447 -27.57 -20.43 14.40
N THR B 448 -26.95 -19.26 14.34
CA THR B 448 -25.50 -19.14 14.24
C THR B 448 -24.85 -19.17 15.62
N TYR B 449 -25.43 -18.51 16.64
CA TYR B 449 -24.70 -18.32 17.93
C TYR B 449 -25.28 -19.23 19.01
N HIS B 450 -26.30 -20.02 18.70
CA HIS B 450 -26.83 -21.06 19.62
C HIS B 450 -27.27 -20.42 20.96
N ILE B 451 -27.75 -19.18 20.93
CA ILE B 451 -28.19 -18.45 22.16
C ILE B 451 -29.56 -18.97 22.63
N ASP B 452 -29.92 -18.61 23.85
CA ASP B 452 -31.05 -19.19 24.61
C ASP B 452 -32.21 -18.19 24.72
N GLY B 453 -32.03 -16.96 24.25
CA GLY B 453 -33.02 -15.92 24.53
C GLY B 453 -32.61 -14.56 24.08
N PHE B 454 -33.56 -13.64 24.18
CA PHE B 454 -33.39 -12.22 23.80
C PHE B 454 -33.99 -11.34 24.88
N ARG B 455 -33.35 -10.18 25.06
CA ARG B 455 -33.91 -9.00 25.75
C ARG B 455 -34.10 -7.93 24.68
N PHE B 456 -35.33 -7.63 24.34
CA PHE B 456 -35.67 -6.57 23.36
C PHE B 456 -35.62 -5.24 24.09
N ASP B 457 -34.65 -4.39 23.76
CA ASP B 457 -34.51 -2.99 24.20
C ASP B 457 -35.69 -2.15 23.72
N PHE B 458 -36.27 -1.31 24.59
CA PHE B 458 -37.21 -0.21 24.23
C PHE B 458 -38.33 -0.66 23.27
N THR B 459 -39.12 -1.67 23.67
CA THR B 459 -40.25 -2.17 22.85
C THR B 459 -41.35 -1.13 22.83
N LYS B 460 -41.34 -0.19 23.75
CA LYS B 460 -42.27 0.97 23.75
C LYS B 460 -42.08 1.84 22.48
N GLY B 461 -40.90 1.83 21.90
CA GLY B 461 -40.54 2.57 20.68
C GLY B 461 -41.08 1.91 19.42
N PHE B 462 -41.66 0.71 19.48
CA PHE B 462 -42.11 -0.01 18.27
C PHE B 462 -43.52 0.47 17.89
N THR B 463 -43.66 1.77 17.66
CA THR B 463 -44.94 2.50 17.43
C THR B 463 -44.73 3.59 16.37
N GLN B 464 -45.72 3.77 15.51
CA GLN B 464 -45.79 4.84 14.48
C GLN B 464 -46.63 6.03 14.97
N LYS B 465 -47.28 5.91 16.13
CA LYS B 465 -48.17 7.01 16.62
C LYS B 465 -47.32 8.25 16.91
N GLN B 466 -47.84 9.43 16.56
CA GLN B 466 -47.18 10.72 16.88
C GLN B 466 -47.46 11.05 18.34
N THR B 467 -46.44 11.07 19.19
CA THR B 467 -46.61 11.37 20.63
C THR B 467 -45.55 12.39 21.01
N THR B 468 -45.71 13.06 22.15
CA THR B 468 -44.70 14.02 22.65
C THR B 468 -44.35 13.79 24.13
N GLY B 469 -45.07 12.97 24.89
CA GLY B 469 -44.78 12.76 26.32
C GLY B 469 -44.71 11.28 26.70
N ASP B 470 -44.81 10.95 27.99
CA ASP B 470 -44.79 9.56 28.48
C ASP B 470 -46.18 8.96 28.39
N ASP B 471 -47.24 9.72 28.72
CA ASP B 471 -48.61 9.17 28.88
C ASP B 471 -49.16 8.78 27.50
N ASP B 472 -48.96 9.61 26.48
CA ASP B 472 -49.55 9.37 25.14
C ASP B 472 -48.80 8.17 24.55
N LEU B 473 -47.51 8.06 24.83
CA LEU B 473 -46.67 6.96 24.27
C LEU B 473 -47.07 5.64 24.95
N ALA B 474 -47.31 5.69 26.25
CA ALA B 474 -47.60 4.52 27.10
C ALA B 474 -49.00 3.98 26.83
N ALA B 475 -49.93 4.78 26.31
CA ALA B 475 -51.30 4.30 26.01
C ALA B 475 -51.21 3.15 24.98
N THR B 476 -52.12 2.20 25.08
CA THR B 476 -52.14 0.98 24.26
C THR B 476 -52.15 1.38 22.78
N ASP B 477 -51.22 0.84 22.01
CA ASP B 477 -51.15 0.96 20.55
C ASP B 477 -51.31 -0.46 20.02
N PRO B 478 -52.48 -0.82 19.46
CA PRO B 478 -52.72 -2.20 18.99
C PRO B 478 -51.71 -2.71 17.96
N ALA B 479 -51.13 -1.83 17.14
CA ALA B 479 -50.08 -2.20 16.16
C ALA B 479 -48.79 -2.57 16.91
N ARG B 480 -48.45 -1.90 18.02
CA ARG B 480 -47.24 -2.25 18.81
C ARG B 480 -47.45 -3.64 19.46
N VAL B 481 -48.57 -3.84 20.11
CA VAL B 481 -48.88 -5.15 20.73
C VAL B 481 -48.81 -6.23 19.67
N SER B 482 -49.43 -5.97 18.53
CA SER B 482 -49.49 -6.97 17.45
C SER B 482 -48.08 -7.32 16.94
N VAL B 483 -47.22 -6.33 16.74
CA VAL B 483 -45.90 -6.64 16.15
C VAL B 483 -44.99 -7.34 17.19
N LEU B 484 -45.18 -7.05 18.48
CA LEU B 484 -44.35 -7.66 19.56
C LEU B 484 -44.73 -9.14 19.68
N LYS B 485 -46.02 -9.46 19.45
CA LYS B 485 -46.52 -10.85 19.36
C LYS B 485 -45.89 -11.53 18.14
N GLU B 486 -45.79 -10.85 17.00
CA GLU B 486 -45.16 -11.46 15.77
C GLU B 486 -43.70 -11.79 16.08
N TYR B 487 -42.97 -10.87 16.70
CA TYR B 487 -41.53 -11.08 16.99
C TYR B 487 -41.41 -12.25 17.98
N TYR B 488 -42.23 -12.28 19.01
CA TYR B 488 -42.22 -13.38 20.00
C TYR B 488 -42.43 -14.74 19.28
N GLU B 489 -43.48 -14.83 18.47
CA GLU B 489 -43.87 -16.05 17.72
C GLU B 489 -42.75 -16.41 16.75
N ALA B 490 -42.12 -15.44 16.11
CA ALA B 490 -40.99 -15.74 15.21
C ALA B 490 -39.86 -16.38 16.03
N VAL B 491 -39.58 -15.94 17.25
CA VAL B 491 -38.51 -16.62 18.08
C VAL B 491 -38.96 -18.06 18.42
N LYS B 492 -40.20 -18.23 18.84
CA LYS B 492 -40.71 -19.52 19.34
C LYS B 492 -40.71 -20.52 18.18
N ALA B 493 -40.93 -20.09 16.93
CA ALA B 493 -40.96 -20.98 15.74
C ALA B 493 -39.58 -21.57 15.50
N VAL B 494 -38.53 -20.85 15.90
CA VAL B 494 -37.13 -21.31 15.70
C VAL B 494 -36.71 -22.11 16.92
N LYS B 495 -37.02 -21.66 18.13
CA LYS B 495 -36.57 -22.30 19.38
C LYS B 495 -37.71 -22.19 20.40
N GLU B 496 -38.42 -23.28 20.58
CA GLU B 496 -39.69 -23.30 21.34
C GLU B 496 -39.41 -22.89 22.79
N ASP B 497 -38.20 -23.15 23.32
CA ASP B 497 -37.86 -22.86 24.73
C ASP B 497 -36.98 -21.60 24.83
N ALA B 498 -36.91 -20.77 23.79
CA ALA B 498 -36.14 -19.51 23.82
C ALA B 498 -36.81 -18.59 24.86
N MET B 499 -36.05 -17.95 25.74
CA MET B 499 -36.67 -16.98 26.68
C MET B 499 -36.77 -15.61 25.99
N VAL B 500 -37.96 -15.05 25.88
CA VAL B 500 -38.12 -13.70 25.27
C VAL B 500 -38.47 -12.72 26.37
N THR B 501 -37.61 -11.74 26.57
CA THR B 501 -37.83 -10.66 27.53
C THR B 501 -37.90 -9.33 26.78
N MET B 502 -38.80 -8.46 27.22
CA MET B 502 -39.01 -7.14 26.61
C MET B 502 -38.85 -6.08 27.71
N GLU B 503 -38.16 -5.01 27.37
CA GLU B 503 -38.07 -3.82 28.24
C GLU B 503 -39.11 -2.85 27.70
N HIS B 504 -40.30 -2.86 28.30
CA HIS B 504 -41.54 -2.29 27.71
C HIS B 504 -42.01 -1.07 28.52
N PHE B 505 -42.50 -1.29 29.74
CA PHE B 505 -42.99 -0.23 30.66
C PHE B 505 -44.26 0.42 30.12
N CYS B 506 -45.13 -0.36 29.45
CA CYS B 506 -46.55 -0.04 29.09
C CYS B 506 -47.44 -1.06 29.84
N ALA B 507 -47.99 -0.67 30.99
CA ALA B 507 -48.65 -1.55 31.98
C ALA B 507 -49.77 -2.37 31.31
N ASN B 508 -50.72 -1.74 30.61
CA ASN B 508 -51.84 -2.49 29.97
C ASN B 508 -51.33 -3.47 28.92
N GLU B 509 -50.36 -3.07 28.09
CA GLU B 509 -49.77 -3.96 27.07
C GLU B 509 -49.02 -5.12 27.72
N GLU B 510 -48.32 -4.89 28.83
CA GLU B 510 -47.61 -5.99 29.55
C GLU B 510 -48.64 -7.00 30.05
N THR B 511 -49.78 -6.57 30.60
CA THR B 511 -50.83 -7.54 31.03
C THR B 511 -51.17 -8.47 29.85
N THR B 512 -51.49 -7.88 28.69
CA THR B 512 -51.90 -8.61 27.48
C THR B 512 -50.75 -9.52 27.03
N LEU B 513 -49.55 -8.98 26.91
CA LEU B 513 -48.45 -9.76 26.29
C LEU B 513 -47.94 -10.82 27.26
N ALA B 514 -47.97 -10.58 28.57
CA ALA B 514 -47.50 -11.60 29.54
C ALA B 514 -48.39 -12.85 29.43
N THR B 515 -49.68 -12.68 29.11
CA THR B 515 -50.65 -13.77 28.83
C THR B 515 -50.12 -14.68 27.71
N GLU B 516 -49.43 -14.13 26.68
CA GLU B 516 -48.81 -14.90 25.55
C GLU B 516 -47.53 -15.65 25.93
N GLY B 517 -46.89 -15.31 27.05
CA GLY B 517 -45.64 -15.95 27.50
C GLY B 517 -44.43 -15.03 27.41
N ILE B 518 -44.61 -13.76 27.01
CA ILE B 518 -43.47 -12.78 26.98
C ILE B 518 -43.10 -12.39 28.42
N HIS B 519 -41.83 -12.24 28.70
CA HIS B 519 -41.33 -11.70 30.00
C HIS B 519 -41.06 -10.19 29.87
N PHE B 520 -41.22 -9.47 30.97
CA PHE B 520 -41.00 -8.01 31.06
C PHE B 520 -40.05 -7.69 32.22
N TRP B 521 -39.19 -6.72 31.94
CA TRP B 521 -38.43 -5.95 32.98
C TRP B 521 -39.39 -5.31 33.98
N ARG B 522 -39.13 -5.57 35.24
CA ARG B 522 -39.90 -5.03 36.36
C ARG B 522 -38.89 -4.28 37.25
N ASN B 523 -38.86 -2.95 37.11
CA ASN B 523 -37.84 -2.06 37.72
C ASN B 523 -38.13 -1.78 39.19
N MET B 524 -37.41 -2.43 40.10
CA MET B 524 -37.60 -2.18 41.55
C MET B 524 -36.36 -1.44 42.12
N ASN B 525 -35.60 -0.75 41.26
CA ASN B 525 -34.37 -0.04 41.66
C ASN B 525 -34.78 1.08 42.63
N HIS B 526 -35.85 1.81 42.38
CA HIS B 526 -36.18 2.92 43.30
C HIS B 526 -36.40 2.35 44.73
N SER B 527 -37.21 1.32 44.91
CA SER B 527 -37.58 0.79 46.25
C SER B 527 -36.36 0.22 46.97
N TYR B 528 -35.49 -0.53 46.26
CA TYR B 528 -34.34 -1.22 46.88
C TYR B 528 -33.24 -0.22 47.15
N CYS B 529 -33.15 0.88 46.39
CA CYS B 529 -32.23 1.99 46.71
C CYS B 529 -32.70 2.64 48.00
N GLN B 530 -33.98 2.94 48.10
CA GLN B 530 -34.54 3.53 49.33
C GLN B 530 -34.22 2.66 50.56
N SER B 531 -34.48 1.36 50.48
CA SER B 531 -34.19 0.42 51.59
C SER B 531 -32.66 0.28 51.83
N ALA B 532 -31.82 0.18 50.79
CA ALA B 532 -30.34 0.19 50.93
C ALA B 532 -29.88 1.42 51.72
N MET B 533 -30.48 2.59 51.48
CA MET B 533 -30.10 3.85 52.16
C MET B 533 -30.72 3.94 53.56
N GLY B 534 -31.68 3.10 53.94
CA GLY B 534 -32.40 3.21 55.24
C GLY B 534 -33.48 4.27 55.22
N TRP B 535 -34.09 4.59 54.06
CA TRP B 535 -35.20 5.57 53.97
C TRP B 535 -36.50 4.83 53.64
N LYS B 536 -37.49 4.88 54.53
CA LYS B 536 -38.76 4.16 54.28
C LYS B 536 -39.55 4.77 53.13
N ASP B 537 -39.41 6.08 52.86
CA ASP B 537 -40.12 6.76 51.74
C ASP B 537 -39.96 5.93 50.47
N ASN B 538 -41.06 5.57 49.81
CA ASN B 538 -41.08 4.91 48.48
C ASN B 538 -40.16 3.66 48.49
N SER B 539 -40.21 2.84 49.53
CA SER B 539 -39.35 1.66 49.73
C SER B 539 -40.17 0.38 49.54
N ASP B 540 -41.41 0.51 49.06
CA ASP B 540 -42.35 -0.64 48.94
C ASP B 540 -41.76 -1.69 47.98
N PHE B 541 -41.54 -2.92 48.42
CA PHE B 541 -40.94 -3.97 47.55
C PHE B 541 -42.00 -4.69 46.70
N SER B 542 -43.29 -4.41 46.89
CA SER B 542 -44.37 -5.34 46.45
C SER B 542 -44.41 -5.49 44.93
N GLY B 543 -43.94 -4.49 44.14
CA GLY B 543 -43.94 -4.61 42.68
C GLY B 543 -43.04 -5.74 42.19
N LEU B 544 -42.16 -6.29 43.03
CA LEU B 544 -41.27 -7.39 42.58
C LEU B 544 -42.09 -8.63 42.21
N TYR B 545 -43.20 -8.85 42.93
CA TYR B 545 -44.05 -10.08 42.81
C TYR B 545 -45.34 -9.65 42.13
N ASP B 546 -45.53 -10.06 40.89
CA ASP B 546 -46.80 -9.78 40.18
C ASP B 546 -47.78 -10.91 40.55
N THR B 547 -48.81 -10.62 41.31
CA THR B 547 -49.78 -11.63 41.79
C THR B 547 -50.38 -12.45 40.64
N THR B 548 -50.66 -11.87 39.47
CA THR B 548 -51.40 -12.56 38.38
CA THR B 548 -51.39 -12.55 38.37
C THR B 548 -50.47 -13.58 37.69
N ARG B 549 -49.24 -13.17 37.34
CA ARG B 549 -48.30 -14.07 36.59
C ARG B 549 -46.88 -13.81 37.07
N PRO B 550 -46.52 -14.28 38.28
CA PRO B 550 -45.24 -13.98 38.88
C PRO B 550 -44.07 -14.29 37.95
N ASN B 551 -44.16 -15.39 37.23
CA ASN B 551 -43.05 -15.87 36.38
C ASN B 551 -42.85 -14.96 35.14
N GLN B 552 -43.72 -14.01 34.81
CA GLN B 552 -43.54 -13.22 33.55
C GLN B 552 -42.78 -11.91 33.81
N PHE B 553 -42.41 -11.63 35.06
CA PHE B 553 -41.81 -10.33 35.47
C PHE B 553 -40.43 -10.58 36.06
N VAL B 554 -39.43 -10.13 35.28
CA VAL B 554 -37.97 -10.19 35.62
C VAL B 554 -37.68 -8.98 36.51
N GLY B 555 -37.78 -9.20 37.82
CA GLY B 555 -37.52 -8.17 38.82
C GLY B 555 -36.04 -7.92 38.96
N TYR B 556 -35.68 -6.67 39.22
CA TYR B 556 -34.27 -6.29 39.50
C TYR B 556 -34.22 -5.10 40.46
N MET B 557 -33.17 -5.15 41.27
CA MET B 557 -32.79 -4.05 42.20
C MET B 557 -31.87 -3.10 41.41
N GLU B 558 -31.10 -3.65 40.47
CA GLU B 558 -30.14 -2.87 39.62
C GLU B 558 -30.21 -3.32 38.16
N SER B 559 -29.99 -2.39 37.26
CA SER B 559 -29.75 -2.64 35.82
C SER B 559 -28.69 -1.65 35.37
N HIS B 560 -28.12 -1.86 34.18
CA HIS B 560 -27.15 -0.91 33.58
C HIS B 560 -27.71 0.52 33.55
N ASP B 561 -29.04 0.68 33.56
CA ASP B 561 -29.71 1.98 33.34
C ASP B 561 -29.80 2.78 34.63
N GLU B 562 -29.59 2.15 35.78
CA GLU B 562 -29.89 2.74 37.09
C GLU B 562 -28.61 3.00 37.88
N GLU B 563 -28.75 3.90 38.83
CA GLU B 563 -27.77 4.17 39.88
C GLU B 563 -27.63 2.93 40.76
N ARG B 564 -26.43 2.71 41.28
CA ARG B 564 -26.11 1.58 42.18
C ARG B 564 -26.64 1.86 43.59
N CYS B 565 -27.23 0.83 44.21
CA CYS B 565 -27.77 0.89 45.58
C CYS B 565 -26.62 1.27 46.53
N ALA B 566 -25.45 0.71 46.31
CA ALA B 566 -24.32 0.86 47.26
C ALA B 566 -23.68 2.23 47.06
N TYR B 567 -23.85 2.86 45.89
CA TYR B 567 -23.41 4.24 45.64
C TYR B 567 -24.32 5.19 46.42
N LYS B 568 -25.62 4.99 46.32
CA LYS B 568 -26.57 5.90 47.02
C LYS B 568 -26.37 5.82 48.53
N GLN B 569 -25.98 4.66 49.07
CA GLN B 569 -25.69 4.54 50.54
C GLN B 569 -24.58 5.54 50.92
N ILE B 570 -23.48 5.56 50.17
CA ILE B 570 -22.32 6.47 50.45
C ILE B 570 -22.79 7.90 50.44
N GLU B 571 -23.58 8.30 49.43
CA GLU B 571 -23.88 9.75 49.21
C GLU B 571 -25.06 10.19 50.06
N TYR B 572 -26.09 9.36 50.27
CA TYR B 572 -27.37 9.83 50.86
C TYR B 572 -27.86 8.91 51.98
N GLY B 573 -27.07 7.94 52.38
CA GLY B 573 -27.51 6.93 53.36
C GLY B 573 -27.88 7.54 54.70
N ASN B 574 -28.78 6.86 55.40
CA ASN B 574 -29.23 7.23 56.76
C ASN B 574 -28.12 6.88 57.77
N GLY B 575 -27.58 7.86 58.47
CA GLY B 575 -26.58 7.68 59.55
C GLY B 575 -25.34 6.95 59.07
N ALA B 576 -25.00 5.84 59.71
CA ALA B 576 -23.74 5.10 59.49
C ALA B 576 -23.69 4.46 58.10
N LEU B 577 -24.82 4.29 57.37
CA LEU B 577 -24.80 3.69 55.99
C LEU B 577 -23.92 4.51 55.00
N LYS B 578 -23.59 5.75 55.31
CA LYS B 578 -22.73 6.60 54.44
C LYS B 578 -21.27 6.18 54.56
N THR B 579 -20.82 5.71 55.72
CA THR B 579 -19.36 5.56 56.00
C THR B 579 -18.97 4.15 56.47
N ASN B 580 -19.90 3.33 56.96
CA ASN B 580 -19.61 2.01 57.58
C ASN B 580 -19.85 0.92 56.56
N LEU B 581 -18.78 0.41 55.93
CA LEU B 581 -18.87 -0.61 54.85
C LEU B 581 -19.58 -1.83 55.43
N SER B 582 -19.18 -2.25 56.61
CA SER B 582 -19.76 -3.46 57.26
C SER B 582 -21.28 -3.31 57.35
N GLU B 583 -21.79 -2.18 57.82
CA GLU B 583 -23.25 -1.92 57.96
C GLU B 583 -23.90 -1.85 56.56
N ARG B 584 -23.22 -1.23 55.60
CA ARG B 584 -23.71 -1.16 54.20
C ARG B 584 -23.90 -2.57 53.67
N LEU B 585 -22.96 -3.50 53.88
CA LEU B 585 -23.04 -4.88 53.33
C LEU B 585 -24.14 -5.66 54.06
N LYS B 586 -24.35 -5.42 55.35
CA LYS B 586 -25.52 -6.02 56.08
C LYS B 586 -26.82 -5.59 55.39
N GLN B 587 -26.99 -4.30 55.11
CA GLN B 587 -28.25 -3.75 54.57
C GLN B 587 -28.47 -4.32 53.17
N LEU B 588 -27.42 -4.43 52.37
CA LEU B 588 -27.51 -5.00 51.00
C LEU B 588 -27.80 -6.51 51.05
N SER B 589 -27.30 -7.20 52.07
CA SER B 589 -27.60 -8.61 52.36
C SER B 589 -29.10 -8.75 52.60
N SER B 590 -29.64 -7.86 53.41
CA SER B 590 -31.08 -7.87 53.78
C SER B 590 -31.91 -7.59 52.53
N ASN B 591 -31.46 -6.68 51.66
CA ASN B 591 -32.16 -6.42 50.38
C ASN B 591 -32.21 -7.73 49.62
N ALA B 592 -31.07 -8.40 49.47
CA ALA B 592 -30.97 -9.64 48.70
C ALA B 592 -31.90 -10.73 49.28
N ALA B 593 -32.04 -10.75 50.59
CA ALA B 593 -32.88 -11.78 51.28
C ALA B 593 -34.37 -11.47 51.04
N PHE B 594 -34.69 -10.27 50.52
CA PHE B 594 -36.05 -9.83 50.10
C PHE B 594 -36.15 -9.74 48.58
N PHE B 595 -35.30 -10.46 47.87
CA PHE B 595 -35.18 -10.39 46.40
C PHE B 595 -35.06 -11.81 45.82
N PHE B 596 -34.00 -12.52 46.14
CA PHE B 596 -33.75 -13.88 45.59
C PHE B 596 -34.73 -14.90 46.20
N THR B 597 -35.44 -14.52 47.27
CA THR B 597 -36.38 -15.40 48.02
C THR B 597 -37.79 -15.26 47.40
N VAL B 598 -37.93 -14.44 46.36
CA VAL B 598 -39.26 -14.12 45.76
C VAL B 598 -39.43 -14.91 44.49
N PRO B 599 -40.61 -15.58 44.29
CA PRO B 599 -40.88 -16.24 43.02
C PRO B 599 -40.75 -15.32 41.80
N GLY B 600 -40.54 -15.94 40.65
CA GLY B 600 -40.37 -15.30 39.35
C GLY B 600 -38.89 -15.09 39.04
N PRO B 601 -38.61 -14.82 37.76
CA PRO B 601 -37.26 -14.52 37.33
C PRO B 601 -36.74 -13.21 37.98
N LYS B 602 -35.42 -13.14 38.08
CA LYS B 602 -34.64 -12.08 38.74
C LYS B 602 -33.40 -11.75 37.91
N MET B 603 -33.01 -10.49 37.90
CA MET B 603 -31.78 -10.09 37.20
C MET B 603 -30.92 -9.32 38.21
N LEU B 604 -29.63 -9.52 38.12
CA LEU B 604 -28.68 -8.61 38.79
C LEU B 604 -27.76 -8.06 37.72
N TRP B 605 -27.37 -6.81 37.89
CA TRP B 605 -26.36 -6.11 37.08
C TRP B 605 -24.96 -6.38 37.66
N GLN B 606 -23.97 -6.56 36.77
CA GLN B 606 -22.60 -7.01 37.12
C GLN B 606 -22.07 -6.26 38.35
N PHE B 607 -21.61 -7.05 39.33
CA PHE B 607 -20.88 -6.56 40.53
C PHE B 607 -21.81 -6.02 41.61
N GLY B 608 -23.12 -6.05 41.41
CA GLY B 608 -24.05 -5.74 42.52
C GLY B 608 -23.83 -6.73 43.66
N GLU B 609 -23.43 -7.96 43.35
CA GLU B 609 -23.16 -9.02 44.36
C GLU B 609 -21.92 -8.65 45.22
N MET B 610 -21.10 -7.68 44.80
CA MET B 610 -19.94 -7.26 45.64
C MET B 610 -20.06 -5.79 46.02
N GLY B 611 -21.28 -5.27 46.01
CA GLY B 611 -21.57 -3.91 46.48
C GLY B 611 -20.91 -2.87 45.62
N TYR B 612 -20.88 -3.06 44.31
CA TYR B 612 -20.24 -2.07 43.40
C TYR B 612 -20.88 -0.70 43.66
N ASP B 613 -20.06 0.32 43.92
CA ASP B 613 -20.50 1.59 44.52
C ASP B 613 -19.90 2.80 43.79
N ILE B 614 -19.55 2.65 42.53
CA ILE B 614 -19.22 3.80 41.63
C ILE B 614 -20.53 4.29 41.01
N SER B 615 -20.77 5.59 41.09
CA SER B 615 -21.94 6.26 40.49
C SER B 615 -22.00 5.98 38.98
N ILE B 616 -23.19 5.78 38.49
CA ILE B 616 -23.44 5.61 37.03
C ILE B 616 -22.88 6.87 36.34
N ASP B 617 -22.87 8.02 37.00
CA ASP B 617 -22.44 9.28 36.35
C ASP B 617 -20.91 9.45 36.36
N GLU B 618 -20.12 8.59 37.01
CA GLU B 618 -18.65 8.74 37.03
C GLU B 618 -18.12 8.46 35.62
N ASN B 619 -17.34 9.40 35.05
CA ASN B 619 -16.82 9.30 33.66
C ASN B 619 -18.01 9.31 32.67
N GLY B 620 -19.12 9.95 33.03
CA GLY B 620 -20.32 10.04 32.17
C GLY B 620 -21.22 8.82 32.33
N ARG B 621 -22.53 8.97 32.11
CA ARG B 621 -23.51 7.87 32.21
C ARG B 621 -22.98 6.60 31.52
N THR B 622 -22.62 6.69 30.24
CA THR B 622 -22.28 5.51 29.41
C THR B 622 -20.77 5.32 29.33
N GLY B 623 -19.97 6.14 30.01
CA GLY B 623 -18.50 6.08 30.01
C GLY B 623 -17.99 4.84 30.73
N LYS B 624 -16.82 4.38 30.30
CA LYS B 624 -16.11 3.21 30.89
C LYS B 624 -16.03 3.37 32.40
N LYS B 625 -16.38 2.33 33.12
CA LYS B 625 -16.38 2.33 34.60
C LYS B 625 -15.14 1.60 35.11
N PRO B 626 -14.69 1.92 36.32
CA PRO B 626 -13.59 1.16 36.92
C PRO B 626 -13.94 -0.33 37.03
N VAL B 627 -12.94 -1.18 36.79
CA VAL B 627 -13.01 -2.65 36.97
C VAL B 627 -12.40 -2.96 38.33
N LEU B 628 -13.16 -3.49 39.28
CA LEU B 628 -12.76 -3.56 40.69
C LEU B 628 -12.97 -4.99 41.19
N TRP B 629 -12.27 -5.93 40.60
CA TRP B 629 -12.39 -7.34 41.01
C TRP B 629 -11.86 -7.55 42.43
N GLU B 630 -11.09 -6.61 42.96
CA GLU B 630 -10.66 -6.69 44.39
C GLU B 630 -11.90 -6.66 45.32
N TYR B 631 -13.02 -6.07 44.87
CA TYR B 631 -14.28 -6.04 45.67
C TYR B 631 -14.74 -7.46 45.97
N GLN B 632 -14.41 -8.45 45.15
CA GLN B 632 -14.85 -9.83 45.40
C GLN B 632 -14.32 -10.34 46.75
N THR B 633 -13.14 -9.88 47.14
CA THR B 633 -12.45 -10.32 48.39
C THR B 633 -12.88 -9.38 49.51
N GLU B 634 -12.84 -8.07 49.33
CA GLU B 634 -13.21 -7.13 50.43
C GLU B 634 -14.71 -7.25 50.82
N ARG B 635 -15.58 -7.50 49.84
CA ARG B 635 -17.03 -7.65 50.07
C ARG B 635 -17.44 -9.12 49.89
N LYS B 636 -16.55 -10.06 50.20
CA LYS B 636 -16.82 -11.51 50.13
C LYS B 636 -18.08 -11.88 50.93
N SER B 637 -18.40 -11.20 52.03
CA SER B 637 -19.59 -11.52 52.87
C SER B 637 -20.89 -11.30 52.07
N LEU B 638 -20.93 -10.29 51.18
CA LEU B 638 -22.12 -10.08 50.34
C LEU B 638 -22.07 -11.07 49.18
N VAL B 639 -20.90 -11.33 48.61
CA VAL B 639 -20.82 -12.30 47.50
C VAL B 639 -21.34 -13.65 48.02
N ASP B 640 -20.94 -14.02 49.22
CA ASP B 640 -21.35 -15.31 49.85
C ASP B 640 -22.86 -15.35 50.02
N ILE B 641 -23.48 -14.25 50.49
CA ILE B 641 -24.94 -14.20 50.73
C ILE B 641 -25.67 -14.33 49.38
N TYR B 642 -25.25 -13.62 48.33
CA TYR B 642 -25.88 -13.74 46.99
C TYR B 642 -25.78 -15.20 46.53
N THR B 643 -24.60 -15.78 46.70
CA THR B 643 -24.30 -17.15 46.26
C THR B 643 -25.26 -18.11 46.96
N LYS B 644 -25.43 -17.98 48.26
CA LYS B 644 -26.28 -18.92 49.04
C LYS B 644 -27.76 -18.73 48.69
N LEU B 645 -28.24 -17.50 48.60
CA LEU B 645 -29.66 -17.22 48.24
C LEU B 645 -29.94 -17.70 46.82
N ILE B 646 -29.06 -17.43 45.86
CA ILE B 646 -29.28 -17.89 44.46
C ILE B 646 -29.22 -19.43 44.45
N THR B 647 -28.25 -20.05 45.12
CA THR B 647 -28.11 -21.53 45.12
C THR B 647 -29.36 -22.19 45.73
N LEU B 648 -30.02 -21.56 46.71
CA LEU B 648 -31.23 -22.08 47.38
C LEU B 648 -32.36 -22.27 46.37
N ARG B 649 -32.37 -21.47 45.29
CA ARG B 649 -33.41 -21.55 44.25
C ARG B 649 -33.23 -22.83 43.43
N THR B 650 -32.03 -23.37 43.38
CA THR B 650 -31.72 -24.67 42.72
C THR B 650 -31.95 -25.81 43.72
N THR B 651 -31.31 -25.75 44.88
CA THR B 651 -31.34 -26.80 45.93
C THR B 651 -32.80 -27.11 46.28
N HIS B 652 -33.63 -26.10 46.46
CA HIS B 652 -35.06 -26.26 46.83
C HIS B 652 -35.97 -25.55 45.81
N SER B 653 -35.81 -25.85 44.52
CA SER B 653 -36.54 -25.19 43.41
C SER B 653 -38.06 -25.37 43.57
N ASP B 654 -38.51 -26.42 44.24
CA ASP B 654 -39.95 -26.68 44.50
C ASP B 654 -40.52 -25.54 45.36
N LEU B 655 -39.78 -24.96 46.32
CA LEU B 655 -40.27 -23.78 47.09
C LEU B 655 -40.67 -22.64 46.12
N PHE B 656 -39.89 -22.42 45.05
CA PHE B 656 -39.96 -21.17 44.23
C PHE B 656 -40.96 -21.31 43.09
N ASN B 657 -41.52 -22.50 42.94
CA ASN B 657 -42.63 -22.78 42.01
C ASN B 657 -43.66 -21.66 42.14
N ALA B 658 -44.19 -21.16 41.03
CA ALA B 658 -45.21 -20.09 41.04
C ALA B 658 -46.49 -20.54 41.77
N SER B 659 -46.72 -21.84 41.97
CA SER B 659 -47.90 -22.38 42.71
C SER B 659 -47.72 -22.18 44.22
N SER B 660 -46.51 -21.86 44.69
CA SER B 660 -46.28 -21.64 46.14
C SER B 660 -47.07 -20.43 46.57
N GLN B 661 -47.57 -20.48 47.79
CA GLN B 661 -48.24 -19.34 48.41
C GLN B 661 -47.14 -18.38 48.86
N PHE B 662 -47.24 -17.12 48.46
CA PHE B 662 -46.27 -16.07 48.77
C PHE B 662 -46.98 -14.88 49.40
N THR B 663 -46.56 -14.45 50.59
CA THR B 663 -47.14 -13.28 51.26
C THR B 663 -45.99 -12.49 51.86
N TRP B 664 -46.08 -11.18 51.93
CA TRP B 664 -45.02 -10.40 52.61
C TRP B 664 -45.60 -9.09 53.09
N LYS B 665 -44.94 -8.51 54.08
CA LYS B 665 -45.21 -7.18 54.68
C LYS B 665 -44.00 -6.32 54.36
N VAL B 666 -44.10 -5.53 53.29
CA VAL B 666 -42.91 -4.80 52.72
C VAL B 666 -43.35 -3.43 52.26
N SER B 667 -44.44 -2.92 52.83
CA SER B 667 -44.99 -1.60 52.46
C SER B 667 -44.27 -0.54 53.28
N TYR B 668 -44.54 0.70 52.92
CA TYR B 668 -44.12 1.87 53.70
C TYR B 668 -44.44 1.67 55.19
N ASN B 669 -45.60 1.11 55.51
CA ASN B 669 -46.02 0.97 56.92
C ASN B 669 -45.29 -0.18 57.59
N ASP B 670 -44.61 -1.02 56.83
CA ASP B 670 -43.83 -2.17 57.36
C ASP B 670 -42.38 -1.73 57.40
N TRP B 671 -41.97 -1.14 58.51
CA TRP B 671 -40.61 -0.56 58.64
C TRP B 671 -40.18 -0.57 60.10
N ASP B 672 -40.86 0.21 60.93
CA ASP B 672 -40.53 0.42 62.36
C ASP B 672 -40.39 -0.92 63.08
N ASN B 673 -41.13 -1.96 62.69
CA ASN B 673 -41.06 -3.29 63.30
C ASN B 673 -40.41 -4.31 62.37
N GLY B 674 -39.89 -3.88 61.23
CA GLY B 674 -39.22 -4.77 60.26
C GLY B 674 -40.11 -5.19 59.13
N ARG B 675 -39.61 -6.09 58.30
CA ARG B 675 -40.32 -6.60 57.12
C ARG B 675 -40.27 -8.11 57.16
N THR B 676 -41.30 -8.75 56.64
CA THR B 676 -41.40 -10.23 56.68
C THR B 676 -41.80 -10.76 55.32
N LEU B 677 -41.37 -11.95 55.00
CA LEU B 677 -42.07 -12.70 53.93
C LEU B 677 -42.19 -14.17 54.34
N THR B 678 -43.17 -14.85 53.73
CA THR B 678 -43.34 -16.30 53.89
C THR B 678 -43.69 -16.91 52.55
N LEU B 679 -42.97 -17.97 52.25
CA LEU B 679 -43.13 -18.73 51.00
C LEU B 679 -43.45 -20.16 51.42
N LYS B 680 -44.62 -20.68 51.03
CA LYS B 680 -45.08 -22.05 51.37
C LYS B 680 -45.34 -22.86 50.10
N ALA B 681 -44.58 -23.92 49.90
CA ALA B 681 -44.74 -24.87 48.78
C ALA B 681 -45.97 -25.75 49.04
N VAL B 682 -46.58 -26.30 47.98
CA VAL B 682 -47.80 -27.15 48.08
C VAL B 682 -47.42 -28.42 48.85
N ASN B 683 -46.17 -28.89 48.76
CA ASN B 683 -45.66 -30.04 49.56
C ASN B 683 -45.34 -29.67 51.02
N GLY B 684 -45.60 -28.46 51.49
CA GLY B 684 -45.41 -28.09 52.91
C GLY B 684 -44.07 -27.45 53.25
N LYS B 685 -43.07 -27.44 52.37
CA LYS B 685 -41.83 -26.66 52.61
C LYS B 685 -42.18 -25.18 52.83
N GLN B 686 -41.56 -24.55 53.81
CA GLN B 686 -41.79 -23.12 54.15
C GLN B 686 -40.46 -22.38 54.28
N LEU B 687 -40.45 -21.13 53.80
CA LEU B 687 -39.30 -20.20 53.97
C LEU B 687 -39.90 -18.94 54.56
N HIS B 688 -39.27 -18.44 55.62
CA HIS B 688 -39.62 -17.19 56.30
C HIS B 688 -38.37 -16.32 56.43
N VAL B 689 -38.53 -15.02 56.14
CA VAL B 689 -37.41 -14.05 56.22
C VAL B 689 -37.93 -12.87 57.02
N TYR B 690 -37.13 -12.44 57.96
CA TYR B 690 -37.36 -11.19 58.70
C TYR B 690 -36.16 -10.29 58.37
N ALA B 691 -36.39 -8.99 58.29
CA ALA B 691 -35.29 -8.01 58.14
C ALA B 691 -35.61 -6.72 58.85
N ASN B 692 -34.58 -6.15 59.44
CA ASN B 692 -34.61 -4.84 60.13
C ASN B 692 -33.79 -3.86 59.28
N PHE B 693 -34.45 -2.97 58.55
CA PHE B 693 -33.82 -2.01 57.59
C PHE B 693 -33.51 -0.71 58.34
N THR B 694 -33.86 -0.67 59.64
CA THR B 694 -33.79 0.57 60.47
C THR B 694 -32.39 0.64 61.07
N ASN B 695 -32.09 1.73 61.75
CA ASN B 695 -30.71 1.94 62.27
CA ASN B 695 -30.75 2.06 62.33
C ASN B 695 -30.68 1.59 63.78
N ALA B 696 -31.68 0.86 64.30
CA ALA B 696 -31.63 0.34 65.69
C ALA B 696 -32.20 -1.07 65.79
N SER B 697 -31.84 -1.71 66.88
CA SER B 697 -32.26 -3.08 67.24
C SER B 697 -33.79 -3.15 67.37
N ILE B 698 -34.39 -4.22 66.86
CA ILE B 698 -35.86 -4.48 66.94
C ILE B 698 -36.07 -5.89 67.51
N ASP B 699 -37.05 -6.02 68.41
CA ASP B 699 -37.55 -7.34 68.87
C ASP B 699 -38.59 -7.87 67.88
N TYR B 700 -38.43 -9.12 67.50
CA TYR B 700 -39.36 -9.85 66.62
C TYR B 700 -39.70 -11.18 67.27
N THR B 701 -40.94 -11.64 67.18
CA THR B 701 -41.30 -13.01 67.59
C THR B 701 -41.37 -13.89 66.35
N ILE B 702 -40.53 -14.92 66.32
CA ILE B 702 -40.47 -15.94 65.23
C ILE B 702 -41.85 -16.59 65.14
N PRO B 703 -42.38 -16.87 63.93
CA PRO B 703 -43.69 -17.51 63.82
C PRO B 703 -43.70 -18.89 64.50
N GLU B 704 -44.91 -19.42 64.79
CA GLU B 704 -45.15 -20.80 65.31
C GLU B 704 -44.38 -21.76 64.42
N GLY B 705 -43.65 -22.70 65.00
CA GLY B 705 -43.22 -23.92 64.31
C GLY B 705 -41.82 -24.29 64.63
N THR B 706 -41.27 -25.24 63.91
CA THR B 706 -39.86 -25.68 64.06
C THR B 706 -39.04 -25.17 62.85
N TRP B 707 -38.03 -24.34 63.09
CA TRP B 707 -37.33 -23.58 62.04
C TRP B 707 -35.84 -23.90 62.10
N TYR B 708 -35.15 -23.70 60.99
CA TYR B 708 -33.68 -23.85 60.84
C TYR B 708 -33.12 -22.57 60.20
N LEU B 709 -32.01 -22.08 60.74
CA LEU B 709 -31.19 -21.04 60.11
C LEU B 709 -30.42 -21.68 58.97
N TYR B 710 -31.12 -21.88 57.84
CA TYR B 710 -30.62 -22.58 56.63
C TYR B 710 -29.27 -22.01 56.18
N LEU B 711 -29.03 -20.71 56.30
CA LEU B 711 -27.76 -20.14 55.77
C LEU B 711 -26.61 -20.39 56.77
N GLU B 712 -26.91 -20.80 58.01
CA GLU B 712 -25.92 -21.07 59.09
C GLU B 712 -25.49 -22.54 59.02
N ASN B 713 -26.30 -23.46 59.54
CA ASN B 713 -26.19 -24.93 59.28
C ASN B 713 -27.58 -25.50 59.56
N GLY B 714 -27.70 -26.77 59.95
CA GLY B 714 -28.98 -27.26 60.50
C GLY B 714 -29.49 -26.23 61.48
N ASN B 715 -29.04 -26.31 62.73
CA ASN B 715 -29.20 -25.26 63.77
C ASN B 715 -30.69 -24.95 63.94
N PRO B 716 -31.42 -25.80 64.70
CA PRO B 716 -32.85 -25.59 64.89
C PRO B 716 -33.10 -24.34 65.73
N VAL B 717 -34.33 -23.85 65.68
CA VAL B 717 -34.81 -22.66 66.41
C VAL B 717 -36.29 -22.88 66.70
N GLU B 718 -36.72 -22.63 67.92
CA GLU B 718 -38.16 -22.70 68.32
C GLU B 718 -38.91 -21.45 67.84
N GLY B 719 -40.06 -21.64 67.21
CA GLY B 719 -41.07 -20.60 66.94
C GLY B 719 -41.70 -20.08 68.22
N GLU B 720 -42.50 -19.03 68.10
CA GLU B 720 -43.07 -18.19 69.17
C GLU B 720 -41.96 -17.70 70.13
N LYS B 721 -40.72 -17.61 69.63
CA LYS B 721 -39.51 -17.19 70.40
C LYS B 721 -39.15 -15.74 70.02
N LYS B 722 -38.89 -14.89 71.00
CA LYS B 722 -38.54 -13.45 70.86
C LYS B 722 -37.02 -13.33 70.69
N ILE B 723 -36.58 -12.70 69.60
CA ILE B 723 -35.16 -12.40 69.31
C ILE B 723 -35.03 -10.90 69.09
N SER B 724 -33.83 -10.40 69.32
CA SER B 724 -33.44 -9.00 69.07
CA SER B 724 -33.45 -8.99 69.05
C SER B 724 -32.61 -8.99 67.78
N VAL B 725 -33.14 -8.40 66.73
CA VAL B 725 -32.45 -8.35 65.39
C VAL B 725 -31.75 -7.01 65.29
N PRO B 726 -30.40 -7.01 65.21
CA PRO B 726 -29.68 -5.75 65.08
C PRO B 726 -30.08 -4.97 63.81
N ALA B 727 -29.83 -3.66 63.83
CA ALA B 727 -29.83 -2.75 62.68
C ALA B 727 -29.25 -3.45 61.44
N HIS B 728 -30.00 -3.38 60.33
CA HIS B 728 -29.51 -3.73 58.97
C HIS B 728 -29.44 -5.24 58.80
N GLU B 729 -29.90 -6.03 59.76
CA GLU B 729 -29.72 -7.50 59.65
C GLU B 729 -31.02 -8.22 59.26
N PHE B 730 -30.89 -9.41 58.71
CA PHE B 730 -32.06 -10.25 58.41
C PHE B 730 -31.90 -11.62 59.12
N ARG B 731 -32.99 -12.36 59.15
CA ARG B 731 -33.00 -13.77 59.64
C ARG B 731 -33.76 -14.61 58.62
N LEU B 732 -33.15 -15.66 58.13
CA LEU B 732 -33.79 -16.58 57.17
C LEU B 732 -33.98 -17.97 57.82
N TYR B 733 -35.21 -18.45 57.80
CA TYR B 733 -35.66 -19.72 58.43
C TYR B 733 -36.30 -20.61 57.37
N THR B 734 -35.89 -21.88 57.31
CA THR B 734 -36.59 -22.93 56.57
C THR B 734 -37.18 -23.89 57.61
N ASN B 735 -38.31 -24.50 57.30
CA ASN B 735 -38.90 -25.55 58.19
C ASN B 735 -38.28 -26.89 57.81
N PHE B 736 -37.16 -26.88 57.07
CA PHE B 736 -36.38 -28.07 56.65
C PHE B 736 -34.90 -27.78 56.91
N ALA B 737 -34.11 -28.79 57.25
CA ALA B 737 -32.66 -28.67 57.53
C ALA B 737 -31.83 -28.89 56.24
N GLU B 738 -32.29 -29.80 55.38
CA GLU B 738 -31.84 -30.07 53.97
C GLU B 738 -30.96 -28.91 53.43
N LEU C 26 44.84 31.41 -40.17
CA LEU C 26 43.96 30.19 -40.26
C LEU C 26 44.55 29.04 -39.46
N HIS C 27 43.97 28.70 -38.30
CA HIS C 27 44.26 27.44 -37.57
C HIS C 27 43.41 26.31 -38.16
N ASP C 28 43.69 25.08 -37.75
CA ASP C 28 42.99 23.85 -38.21
C ASP C 28 41.52 23.95 -37.81
N GLY C 29 40.60 23.42 -38.63
CA GLY C 29 39.15 23.43 -38.33
C GLY C 29 38.53 24.78 -38.63
N PHE C 30 37.64 25.27 -37.76
CA PHE C 30 36.75 26.44 -38.01
C PHE C 30 37.44 27.75 -37.60
N ASN C 31 37.47 28.72 -38.52
CA ASN C 31 37.91 30.12 -38.32
C ASN C 31 36.75 31.09 -38.64
N PHE C 32 36.60 32.12 -37.80
CA PHE C 32 35.46 33.08 -37.78
C PHE C 32 35.94 34.49 -38.09
N ASP C 33 35.21 35.14 -39.00
CA ASP C 33 35.31 36.58 -39.34
C ASP C 33 33.90 37.15 -39.34
N PRO C 34 33.47 38.02 -38.40
CA PRO C 34 34.26 38.49 -37.26
C PRO C 34 34.75 37.38 -36.31
N ALA C 35 35.88 37.64 -35.65
CA ALA C 35 36.59 36.69 -34.75
C ALA C 35 35.67 36.24 -33.61
N ILE C 36 34.91 37.18 -33.03
CA ILE C 36 33.74 36.94 -32.13
C ILE C 36 32.48 37.03 -32.97
N PRO C 37 31.88 35.88 -33.37
CA PRO C 37 30.65 35.92 -34.17
C PRO C 37 29.60 36.80 -33.46
N LYS C 38 28.89 37.57 -34.26
CA LYS C 38 27.87 38.54 -33.77
C LYS C 38 26.51 38.11 -34.31
N ALA C 39 25.52 37.93 -33.45
CA ALA C 39 24.20 37.40 -33.85
C ALA C 39 23.61 38.30 -34.95
N ASP C 40 23.74 39.62 -34.86
CA ASP C 40 23.03 40.56 -35.76
C ASP C 40 23.98 41.08 -36.84
N GLU C 41 25.05 40.37 -37.12
CA GLU C 41 26.00 40.71 -38.21
C GLU C 41 26.25 39.48 -39.04
N PRO C 42 26.71 39.65 -40.29
CA PRO C 42 27.13 38.54 -41.13
C PRO C 42 28.38 37.85 -40.55
N LEU C 43 28.65 36.65 -41.04
CA LEU C 43 29.71 35.76 -40.51
C LEU C 43 30.33 35.04 -41.71
N THR C 44 31.64 35.12 -41.84
CA THR C 44 32.38 34.28 -42.80
C THR C 44 33.01 33.13 -42.02
N ILE C 45 32.75 31.89 -42.45
CA ILE C 45 33.28 30.68 -41.78
C ILE C 45 34.26 30.10 -42.76
N THR C 46 35.52 29.94 -42.33
CA THR C 46 36.59 29.30 -43.12
C THR C 46 36.94 27.98 -42.45
N PHE C 47 36.82 26.88 -43.16
CA PHE C 47 37.23 25.53 -42.67
C PHE C 47 38.58 25.19 -43.30
N LYS C 48 39.57 24.91 -42.47
CA LYS C 48 40.89 24.37 -42.89
C LYS C 48 41.01 22.91 -42.42
N ALA C 49 41.16 21.98 -43.35
CA ALA C 49 41.34 20.55 -43.04
C ALA C 49 42.78 20.28 -42.55
N PRO C 50 42.94 19.72 -41.34
CA PRO C 50 44.24 19.24 -40.88
C PRO C 50 44.88 18.12 -41.72
N GLU C 51 46.22 18.10 -41.84
CA GLU C 51 46.99 16.90 -42.28
C GLU C 51 46.43 15.69 -41.51
N GLY C 52 46.09 14.60 -42.20
CA GLY C 52 45.62 13.35 -41.57
C GLY C 52 44.11 13.29 -41.42
N SER C 53 43.44 14.44 -41.41
CA SER C 53 41.96 14.54 -41.28
C SER C 53 41.29 14.04 -42.58
N ASN C 54 39.98 13.79 -42.54
CA ASN C 54 39.24 13.13 -43.64
C ASN C 54 39.17 14.00 -44.90
N PHE C 55 39.21 15.33 -44.79
CA PHE C 55 39.07 16.24 -45.97
C PHE C 55 40.45 16.79 -46.42
N TYR C 56 41.53 16.46 -45.72
CA TYR C 56 42.89 16.81 -46.21
C TYR C 56 43.08 16.20 -47.61
N GLY C 57 43.33 17.04 -48.62
CA GLY C 57 43.50 16.61 -50.02
C GLY C 57 42.20 16.58 -50.79
N TYR C 58 41.06 16.86 -50.16
CA TYR C 58 39.71 16.70 -50.77
C TYR C 58 39.56 17.75 -51.88
N ALA C 59 39.00 17.34 -53.02
CA ALA C 59 39.09 18.05 -54.32
C ALA C 59 37.94 19.06 -54.49
N ASP C 60 36.72 18.68 -54.09
CA ASP C 60 35.45 19.41 -54.38
C ASP C 60 35.05 20.35 -53.22
N ASP C 61 33.94 21.06 -53.38
CA ASP C 61 33.42 21.99 -52.35
C ASP C 61 32.81 21.18 -51.20
N LEU C 62 32.64 21.81 -50.05
CA LEU C 62 31.96 21.20 -48.87
C LEU C 62 30.61 21.91 -48.63
N TYR C 63 29.82 21.37 -47.72
CA TYR C 63 28.44 21.85 -47.44
C TYR C 63 28.29 21.92 -45.95
N LEU C 64 27.57 22.96 -45.52
CA LEU C 64 27.40 23.32 -44.11
C LEU C 64 26.10 22.70 -43.62
N HIS C 65 26.19 22.01 -42.50
CA HIS C 65 25.02 21.53 -41.73
C HIS C 65 25.11 22.20 -40.36
N SER C 66 24.18 23.09 -40.05
CA SER C 66 24.34 24.07 -38.96
C SER C 66 22.98 24.55 -38.43
N GLY C 67 22.98 25.02 -37.20
CA GLY C 67 21.84 25.71 -36.57
C GLY C 67 22.26 26.27 -35.24
N THR C 68 21.37 26.94 -34.53
CA THR C 68 21.76 27.80 -33.41
C THR C 68 21.18 27.20 -32.14
N GLY C 69 21.82 27.53 -31.03
CA GLY C 69 21.38 27.13 -29.69
C GLY C 69 21.49 25.63 -29.48
N ALA C 70 20.93 25.19 -28.36
CA ALA C 70 21.07 23.83 -27.82
C ALA C 70 20.54 22.83 -28.84
N ASN C 71 19.49 23.20 -29.58
CA ASN C 71 18.71 22.24 -30.39
C ASN C 71 18.79 22.58 -31.88
N TRP C 72 19.83 23.29 -32.31
CA TRP C 72 20.18 23.41 -33.75
C TRP C 72 19.01 24.04 -34.52
N THR C 73 18.49 25.16 -34.02
CA THR C 73 17.43 25.97 -34.68
C THR C 73 17.84 26.27 -36.13
N GLY C 74 16.97 25.90 -37.08
CA GLY C 74 17.14 26.21 -38.51
C GLY C 74 18.08 25.22 -39.19
N ALA C 75 18.35 24.04 -38.60
CA ALA C 75 19.18 23.03 -39.29
C ALA C 75 18.39 22.58 -40.51
N PRO C 76 19.05 22.31 -41.65
CA PRO C 76 18.38 21.83 -42.84
C PRO C 76 18.14 20.32 -42.74
N THR C 77 17.41 19.77 -43.70
CA THR C 77 17.41 18.31 -43.95
C THR C 77 18.86 17.88 -44.26
N TRP C 78 19.35 16.81 -43.63
CA TRP C 78 20.72 16.29 -43.91
C TRP C 78 20.89 16.16 -45.42
N GLY C 79 21.93 16.78 -45.98
CA GLY C 79 22.24 16.67 -47.41
C GLY C 79 21.77 17.86 -48.23
N ASP C 80 21.10 18.85 -47.63
CA ASP C 80 20.51 19.99 -48.38
C ASP C 80 21.65 20.75 -49.08
N ASN C 81 21.74 20.62 -50.39
CA ASN C 81 22.86 21.11 -51.24
C ASN C 81 22.47 22.41 -51.95
N GLN C 82 21.45 23.12 -51.48
CA GLN C 82 21.21 24.53 -51.86
C GLN C 82 22.53 25.31 -51.86
N ASN C 83 22.64 26.31 -52.72
CA ASN C 83 23.86 27.14 -52.85
C ASN C 83 24.17 27.87 -51.53
N LYS C 84 23.17 28.32 -50.76
CA LYS C 84 23.46 29.10 -49.52
C LYS C 84 24.21 28.26 -48.48
N TYR C 85 24.33 26.94 -48.67
CA TYR C 85 25.06 26.04 -47.74
C TYR C 85 26.40 25.57 -48.32
N ARG C 86 26.80 26.06 -49.48
CA ARG C 86 28.03 25.58 -50.17
C ARG C 86 29.25 26.33 -49.62
N LEU C 87 30.28 25.62 -49.17
CA LEU C 87 31.59 26.18 -48.79
C LEU C 87 32.48 26.13 -50.04
N LYS C 88 32.72 27.28 -50.71
CA LYS C 88 33.62 27.35 -51.90
C LYS C 88 35.06 27.11 -51.44
N LYS C 89 35.76 26.18 -52.09
CA LYS C 89 37.22 26.00 -51.89
C LYS C 89 37.93 27.29 -52.32
N THR C 90 38.81 27.83 -51.47
CA THR C 90 39.65 29.01 -51.79
C THR C 90 41.03 28.52 -52.28
N LYS C 91 41.73 27.71 -51.48
CA LYS C 91 43.04 27.09 -51.80
C LYS C 91 43.02 25.64 -51.32
N ASP C 92 44.11 24.90 -51.50
CA ASP C 92 44.24 23.49 -51.02
C ASP C 92 43.80 23.47 -49.54
N ASN C 93 42.76 22.69 -49.22
CA ASN C 93 42.37 22.36 -47.81
C ASN C 93 41.74 23.56 -47.10
N VAL C 94 41.29 24.58 -47.83
CA VAL C 94 40.56 25.74 -47.25
C VAL C 94 39.25 25.93 -48.01
N TRP C 95 38.14 26.06 -47.28
CA TRP C 95 36.77 26.29 -47.80
C TRP C 95 36.13 27.41 -46.98
N SER C 96 35.26 28.16 -47.63
CA SER C 96 34.74 29.43 -47.06
C SER C 96 33.28 29.59 -47.44
N ILE C 97 32.49 30.07 -46.49
CA ILE C 97 31.05 30.40 -46.68
C ILE C 97 30.76 31.66 -45.89
N THR C 98 29.88 32.50 -46.41
CA THR C 98 29.38 33.68 -45.69
C THR C 98 27.89 33.46 -45.41
N LEU C 99 27.46 33.73 -44.18
CA LEU C 99 26.03 33.76 -43.80
C LEU C 99 25.57 35.21 -43.94
N SER C 100 24.88 35.53 -45.04
CA SER C 100 24.67 36.92 -45.51
C SER C 100 23.52 37.53 -44.71
N SER C 101 23.46 38.86 -44.71
CA SER C 101 22.60 39.71 -43.85
C SER C 101 23.07 39.54 -42.40
N SER C 102 22.75 38.43 -41.73
CA SER C 102 23.16 38.19 -40.33
C SER C 102 23.03 36.70 -40.00
N ILE C 103 23.72 36.26 -38.95
CA ILE C 103 23.55 34.88 -38.43
C ILE C 103 22.08 34.71 -38.09
N ARG C 104 21.50 35.69 -37.40
CA ARG C 104 20.07 35.62 -36.97
C ARG C 104 19.17 35.46 -38.21
N HIS C 105 19.35 36.25 -39.26
CA HIS C 105 18.47 36.19 -40.45
CA HIS C 105 18.49 36.19 -40.48
C HIS C 105 18.73 34.86 -41.18
N PHE C 106 19.98 34.41 -41.23
CA PHE C 106 20.36 33.15 -41.90
C PHE C 106 19.57 31.95 -41.31
N TYR C 107 19.34 31.92 -39.99
CA TYR C 107 18.65 30.77 -39.32
C TYR C 107 17.18 31.09 -38.98
N SER C 108 16.67 32.25 -39.38
CA SER C 108 15.28 32.70 -39.11
C SER C 108 14.98 32.68 -37.62
N VAL C 109 15.91 33.14 -36.81
CA VAL C 109 15.71 33.31 -35.35
C VAL C 109 15.04 34.67 -35.14
N ALA C 110 14.07 34.72 -34.24
CA ALA C 110 13.34 35.94 -33.85
C ALA C 110 14.31 36.88 -33.14
N PRO C 111 14.15 38.20 -33.36
CA PRO C 111 15.00 39.20 -32.72
C PRO C 111 15.20 39.06 -31.22
N SER C 112 14.20 38.69 -30.45
CA SER C 112 14.32 38.63 -28.96
C SER C 112 14.63 37.20 -28.48
N THR C 113 14.94 36.24 -29.35
CA THR C 113 15.55 34.94 -28.97
C THR C 113 17.04 35.15 -28.82
N PRO C 114 17.62 34.97 -27.61
CA PRO C 114 19.07 34.99 -27.47
C PRO C 114 19.66 33.97 -28.45
N LEU C 115 20.57 34.41 -29.29
CA LEU C 115 21.29 33.57 -30.27
C LEU C 115 22.75 33.50 -29.81
N GLN C 116 23.10 32.43 -29.12
CA GLN C 116 24.27 32.34 -28.20
C GLN C 116 25.29 31.30 -28.68
N THR C 117 24.87 30.31 -29.47
CA THR C 117 25.78 29.29 -30.05
C THR C 117 25.41 29.07 -31.50
N ILE C 118 26.42 28.85 -32.33
CA ILE C 118 26.23 28.29 -33.68
C ILE C 118 26.88 26.90 -33.72
N ASN C 119 26.13 25.92 -34.23
CA ASN C 119 26.57 24.51 -34.35
C ASN C 119 26.96 24.24 -35.80
N LEU C 120 28.08 23.56 -36.03
CA LEU C 120 28.70 23.51 -37.38
C LEU C 120 29.21 22.10 -37.67
N ILE C 121 28.72 21.51 -38.76
CA ILE C 121 29.23 20.29 -39.43
C ILE C 121 29.53 20.68 -40.87
N VAL C 122 30.68 20.25 -41.39
CA VAL C 122 30.89 20.22 -42.86
C VAL C 122 30.83 18.78 -43.35
N ARG C 123 30.39 18.60 -44.58
CA ARG C 123 30.18 17.27 -45.20
C ARG C 123 30.44 17.38 -46.70
N ASP C 124 30.71 16.25 -47.35
CA ASP C 124 30.74 16.14 -48.83
C ASP C 124 29.32 16.36 -49.33
N ALA C 125 29.16 16.56 -50.64
CA ALA C 125 27.86 16.71 -51.31
C ALA C 125 26.96 15.51 -51.00
N GLU C 126 27.53 14.32 -50.85
CA GLU C 126 26.76 13.05 -50.72
C GLU C 126 26.22 12.92 -49.28
N GLY C 127 26.81 13.63 -48.32
CA GLY C 127 26.48 13.46 -46.90
C GLY C 127 27.01 12.15 -46.38
N SER C 128 28.11 11.67 -46.93
CA SER C 128 28.81 10.46 -46.47
C SER C 128 29.88 10.84 -45.44
N GLN C 129 30.91 11.54 -45.88
CA GLN C 129 32.00 12.05 -45.01
C GLN C 129 31.56 13.36 -44.38
N GLN C 130 31.92 13.56 -43.11
CA GLN C 130 31.55 14.76 -42.34
C GLN C 130 32.53 14.97 -41.19
N THR C 131 32.53 16.18 -40.63
CA THR C 131 32.98 16.46 -39.26
C THR C 131 31.79 16.19 -38.33
N TYR C 132 31.99 16.34 -37.02
CA TYR C 132 30.96 15.99 -36.00
C TYR C 132 30.66 17.23 -35.16
N ASP C 133 29.59 17.15 -34.38
CA ASP C 133 28.99 18.25 -33.58
C ASP C 133 30.11 19.14 -33.04
N TYR C 134 30.12 20.39 -33.48
CA TYR C 134 31.02 21.44 -32.99
C TYR C 134 30.19 22.70 -32.78
N ALA C 135 30.42 23.46 -31.72
CA ALA C 135 29.67 24.71 -31.45
C ALA C 135 30.67 25.80 -31.10
N THR C 136 30.40 27.04 -31.54
CA THR C 136 31.12 28.22 -30.96
C THR C 136 30.13 29.21 -30.35
N LEU C 137 30.60 30.06 -29.44
CA LEU C 137 29.76 31.12 -28.82
C LEU C 137 29.48 32.20 -29.85
N VAL C 138 28.33 32.87 -29.69
CA VAL C 138 27.91 34.05 -30.50
C VAL C 138 27.51 35.14 -29.50
N GLU C 139 28.12 36.31 -29.61
CA GLU C 139 27.72 37.50 -28.81
C GLU C 139 26.36 38.00 -29.35
N ASP C 140 25.42 38.22 -28.46
CA ASP C 140 24.10 38.80 -28.81
C ASP C 140 23.87 40.06 -27.97
N SER C 141 24.52 41.17 -28.31
CA SER C 141 24.47 42.45 -27.55
C SER C 141 23.00 42.88 -27.38
N GLN C 142 22.22 42.76 -28.44
CA GLN C 142 20.81 43.20 -28.51
C GLN C 142 19.99 42.47 -27.46
N ASN C 143 20.32 41.22 -27.10
CA ASN C 143 19.61 40.48 -26.03
C ASN C 143 20.50 40.41 -24.78
N GLY C 144 21.58 41.20 -24.74
CA GLY C 144 22.38 41.40 -23.53
C GLY C 144 23.29 40.21 -23.22
N PHE C 145 23.68 39.45 -24.24
CA PHE C 145 24.67 38.34 -24.15
C PHE C 145 26.01 38.85 -24.67
N ILE C 146 26.76 39.48 -23.76
CA ILE C 146 28.20 39.86 -23.91
C ILE C 146 28.92 39.11 -22.77
N TRP C 147 30.10 38.55 -23.02
CA TRP C 147 30.81 37.84 -21.93
C TRP C 147 32.16 38.52 -21.67
N GLU C 148 32.62 38.26 -20.46
CA GLU C 148 33.79 38.82 -19.77
C GLU C 148 34.81 37.69 -19.70
N GLU C 149 36.06 37.97 -19.32
CA GLU C 149 36.96 36.93 -18.74
C GLU C 149 36.23 36.39 -17.51
N PRO C 150 36.25 35.06 -17.23
CA PRO C 150 35.75 34.54 -15.95
C PRO C 150 36.58 35.10 -14.79
N GLN C 151 36.00 35.19 -13.59
CA GLN C 151 36.75 35.54 -12.35
C GLN C 151 37.69 34.40 -11.96
N LYS C 152 38.92 34.74 -11.55
CA LYS C 152 39.83 33.84 -10.80
C LYS C 152 39.50 34.01 -9.31
N ALA C 153 39.07 32.96 -8.63
CA ALA C 153 38.82 33.00 -7.17
C ALA C 153 39.10 31.64 -6.55
N PRO C 154 39.54 31.60 -5.28
CA PRO C 154 39.77 30.34 -4.58
C PRO C 154 38.46 29.60 -4.27
N LEU C 155 38.46 28.28 -4.48
CA LEU C 155 37.35 27.38 -4.10
C LEU C 155 37.14 27.51 -2.60
N PRO C 156 35.91 27.79 -2.11
CA PRO C 156 35.67 28.02 -0.69
C PRO C 156 35.71 26.77 0.20
N ILE C 157 35.90 25.58 -0.35
CA ILE C 157 35.92 24.29 0.43
C ILE C 157 37.19 23.52 0.07
N SER C 158 37.63 22.62 0.94
CA SER C 158 38.74 21.68 0.64
C SER C 158 38.25 20.26 0.96
N GLY C 159 39.08 19.43 1.58
CA GLY C 159 38.81 17.99 1.80
C GLY C 159 38.83 17.23 0.49
N GLU C 160 38.53 15.93 0.55
CA GLU C 160 38.31 15.07 -0.64
C GLU C 160 36.85 15.30 -1.09
N GLU C 161 36.53 14.84 -2.30
CA GLU C 161 35.18 14.92 -2.91
C GLU C 161 34.72 16.38 -2.97
N LYS C 162 35.62 17.31 -3.28
CA LYS C 162 35.22 18.72 -3.49
C LYS C 162 34.53 18.82 -4.86
N GLU C 163 34.85 17.96 -5.82
CA GLU C 163 34.22 17.98 -7.16
C GLU C 163 32.78 17.51 -7.00
N GLY C 164 31.88 18.15 -7.77
CA GLY C 164 30.48 17.73 -7.88
C GLY C 164 29.50 18.75 -7.29
N ILE C 165 28.52 18.26 -6.54
CA ILE C 165 27.30 19.03 -6.19
C ILE C 165 27.23 19.09 -4.68
N HIS C 166 27.12 20.29 -4.09
CA HIS C 166 27.00 20.50 -2.63
C HIS C 166 25.73 21.28 -2.35
N ILE C 167 24.82 20.67 -1.60
CA ILE C 167 23.55 21.30 -1.16
C ILE C 167 23.89 22.12 0.10
N HIS C 168 23.90 23.44 0.00
CA HIS C 168 24.06 24.35 1.16
C HIS C 168 22.72 24.42 1.92
N SER C 169 21.63 24.62 1.18
CA SER C 169 20.27 24.84 1.77
C SER C 169 19.23 24.40 0.75
N ALA C 170 17.95 24.52 1.13
CA ALA C 170 16.80 24.22 0.25
C ALA C 170 16.87 25.13 -0.99
N THR C 171 17.58 26.26 -0.92
CA THR C 171 17.53 27.28 -2.00
C THR C 171 18.91 27.52 -2.62
N SER C 172 19.94 26.77 -2.18
CA SER C 172 21.34 27.03 -2.57
C SER C 172 22.08 25.70 -2.78
N ILE C 173 22.82 25.61 -3.88
CA ILE C 173 23.74 24.48 -4.21
C ILE C 173 25.03 25.10 -4.76
N MET C 174 26.18 24.51 -4.42
CA MET C 174 27.48 24.88 -5.04
C MET C 174 27.87 23.76 -6.02
N LEU C 175 28.39 24.16 -7.18
CA LEU C 175 28.79 23.27 -8.29
C LEU C 175 30.30 23.44 -8.52
N VAL C 176 31.03 22.32 -8.55
CA VAL C 176 32.52 22.30 -8.68
C VAL C 176 32.83 21.31 -9.81
N LEU C 177 33.47 21.78 -10.86
CA LEU C 177 33.76 21.00 -12.09
C LEU C 177 35.27 21.01 -12.28
N TYR C 178 35.88 19.84 -12.16
CA TYR C 178 37.35 19.69 -12.36
C TYR C 178 37.68 19.96 -13.82
N ASP C 179 38.75 20.68 -14.09
CA ASP C 179 39.18 21.02 -15.47
C ASP C 179 40.70 21.24 -15.49
N LYS C 180 41.44 20.17 -15.81
CA LYS C 180 42.88 20.22 -16.20
C LYS C 180 43.07 19.17 -17.29
N ASP C 181 43.35 19.61 -18.52
CA ASP C 181 43.61 18.72 -19.67
C ASP C 181 45.00 18.07 -19.45
N SER C 182 45.35 17.09 -20.27
CA SER C 182 46.55 16.26 -20.03
C SER C 182 47.79 17.06 -20.41
N GLN C 183 47.63 18.26 -20.97
CA GLN C 183 48.75 19.19 -21.29
C GLN C 183 48.84 20.28 -20.23
N GLY C 184 48.07 20.20 -19.14
CA GLY C 184 48.05 21.22 -18.08
C GLY C 184 47.16 22.42 -18.38
N GLY C 185 46.51 22.47 -19.55
CA GLY C 185 45.56 23.55 -19.92
C GLY C 185 44.18 23.42 -19.26
N HIS C 186 43.28 24.36 -19.55
CA HIS C 186 41.88 24.38 -19.02
C HIS C 186 41.00 25.20 -19.98
N LYS C 187 39.67 25.14 -19.83
CA LYS C 187 38.75 25.80 -20.77
C LYS C 187 38.82 27.33 -20.58
N ASP C 188 38.41 28.08 -21.59
CA ASP C 188 38.39 29.56 -21.53
C ASP C 188 37.28 29.98 -20.59
N CYS C 189 36.12 29.32 -20.63
CA CYS C 189 35.00 29.60 -19.70
C CYS C 189 33.99 28.45 -19.62
N VAL C 190 33.19 28.50 -18.56
CA VAL C 190 32.10 27.54 -18.27
C VAL C 190 30.90 28.33 -17.72
N PHE C 191 29.71 28.06 -18.26
CA PHE C 191 28.39 28.52 -17.77
C PHE C 191 27.62 27.37 -17.16
N VAL C 192 26.80 27.67 -16.18
CA VAL C 192 25.72 26.76 -15.77
C VAL C 192 24.39 27.35 -16.27
N THR C 193 23.55 26.45 -16.77
CA THR C 193 22.25 26.75 -17.39
C THR C 193 21.27 25.73 -16.83
N GLY C 194 19.98 26.05 -16.78
CA GLY C 194 19.01 25.12 -16.19
C GLY C 194 17.63 25.71 -16.05
N ASN C 195 16.77 25.05 -15.28
CA ASN C 195 15.36 25.45 -15.10
C ASN C 195 15.31 26.68 -14.19
N PHE C 196 16.46 27.18 -13.71
CA PHE C 196 16.55 28.40 -12.88
C PHE C 196 16.65 29.63 -13.77
N ASN C 197 16.89 29.49 -15.07
CA ASN C 197 17.08 30.66 -15.97
C ASN C 197 16.69 30.29 -17.39
N ASN C 198 15.77 29.35 -17.54
CA ASN C 198 15.16 28.97 -18.85
C ASN C 198 16.26 28.57 -19.85
N TRP C 199 17.33 27.91 -19.37
CA TRP C 199 18.27 27.20 -20.27
C TRP C 199 18.95 28.20 -21.20
N LYS C 200 19.29 29.38 -20.69
CA LYS C 200 20.06 30.40 -21.45
C LYS C 200 21.49 30.44 -20.91
N LEU C 201 22.44 30.86 -21.76
CA LEU C 201 23.79 31.29 -21.31
C LEU C 201 23.68 32.73 -20.78
N ASP C 202 24.28 32.99 -19.63
CA ASP C 202 24.21 34.29 -18.94
C ASP C 202 25.51 34.49 -18.14
N SER C 203 26.21 35.59 -18.43
CA SER C 203 27.41 36.07 -17.71
C SER C 203 27.21 35.93 -16.20
N ARG C 204 25.98 36.11 -15.76
CA ARG C 204 25.63 35.99 -14.32
C ARG C 204 25.96 34.58 -13.83
N TYR C 205 25.86 33.57 -14.72
CA TYR C 205 26.04 32.14 -14.34
C TYR C 205 27.38 31.58 -14.86
N MET C 206 28.32 32.47 -15.18
CA MET C 206 29.69 32.05 -15.53
C MET C 206 30.39 31.54 -14.25
N MET C 207 31.03 30.39 -14.33
CA MET C 207 31.72 29.79 -13.16
C MET C 207 33.07 30.51 -12.94
N LYS C 208 33.54 30.55 -11.69
CA LYS C 208 34.85 31.10 -11.30
C LYS C 208 35.89 29.98 -11.34
N TYR C 209 37.14 30.32 -11.66
CA TYR C 209 38.23 29.34 -11.83
C TYR C 209 39.21 29.46 -10.67
N ASP C 210 39.43 28.35 -9.97
CA ASP C 210 40.47 28.15 -8.92
C ASP C 210 41.65 27.43 -9.55
N GLU C 211 42.70 28.20 -9.88
CA GLU C 211 43.91 27.77 -10.63
C GLU C 211 44.68 26.68 -9.87
N THR C 212 44.61 26.65 -8.54
CA THR C 212 45.49 25.76 -7.73
C THR C 212 44.76 24.44 -7.46
N ASN C 213 43.42 24.42 -7.44
CA ASN C 213 42.61 23.17 -7.39
C ASN C 213 42.19 22.74 -8.80
N HIS C 214 42.49 23.53 -9.83
CA HIS C 214 42.04 23.35 -11.24
C HIS C 214 40.54 23.04 -11.29
N CYS C 215 39.72 23.83 -10.59
CA CYS C 215 38.25 23.65 -10.50
C CYS C 215 37.50 24.91 -10.92
N TRP C 216 36.49 24.76 -11.77
CA TRP C 216 35.41 25.76 -11.95
C TRP C 216 34.43 25.62 -10.80
N TRP C 217 33.90 26.73 -10.29
CA TRP C 217 32.89 26.66 -9.19
C TRP C 217 31.95 27.87 -9.28
N ILE C 218 30.76 27.70 -8.70
CA ILE C 218 29.71 28.74 -8.62
C ILE C 218 28.77 28.30 -7.51
N THR C 219 28.21 29.25 -6.78
CA THR C 219 27.02 29.03 -5.93
C THR C 219 25.82 29.66 -6.62
N LEU C 220 24.78 28.84 -6.78
CA LEU C 220 23.43 29.24 -7.24
C LEU C 220 22.62 29.51 -5.98
N GLU C 221 22.01 30.70 -5.90
CA GLU C 221 21.16 31.17 -4.77
C GLU C 221 19.73 31.38 -5.28
N GLU C 222 18.76 31.49 -4.36
CA GLU C 222 17.37 31.93 -4.67
C GLU C 222 16.72 30.86 -5.56
N LEU C 223 17.01 29.58 -5.32
CA LEU C 223 16.46 28.49 -6.17
C LEU C 223 15.09 28.12 -5.60
N THR C 224 14.14 27.77 -6.46
CA THR C 224 12.83 27.22 -6.04
C THR C 224 13.07 25.88 -5.35
N ALA C 225 13.07 25.84 -4.01
CA ALA C 225 13.08 24.59 -3.21
C ALA C 225 12.29 23.52 -3.98
N GLY C 226 12.91 22.35 -4.20
CA GLY C 226 12.41 21.28 -5.10
C GLY C 226 13.53 20.71 -5.95
N GLU C 227 13.25 20.36 -7.21
CA GLU C 227 14.25 19.81 -8.17
C GLU C 227 14.84 20.93 -9.03
N THR C 228 16.14 21.19 -8.86
CA THR C 228 16.94 22.00 -9.79
C THR C 228 17.42 21.06 -10.91
N GLN C 229 17.23 21.46 -12.15
CA GLN C 229 17.74 20.78 -13.35
C GLN C 229 18.83 21.66 -13.95
N PHE C 230 19.95 21.09 -14.41
CA PHE C 230 21.06 21.92 -14.96
C PHE C 230 21.98 21.11 -15.85
N GLN C 231 22.69 21.86 -16.70
CA GLN C 231 23.79 21.42 -17.56
C GLN C 231 24.85 22.51 -17.52
N TYR C 232 26.08 22.15 -17.87
CA TYR C 232 27.20 23.10 -18.02
C TYR C 232 27.32 23.36 -19.51
N PHE C 233 27.83 24.52 -19.88
CA PHE C 233 28.35 24.77 -21.25
C PHE C 233 29.82 25.12 -21.09
N VAL C 234 30.72 24.28 -21.60
CA VAL C 234 32.20 24.48 -21.47
C VAL C 234 32.64 25.01 -22.83
N TYR C 235 33.63 25.89 -22.87
CA TYR C 235 34.09 26.53 -24.12
C TYR C 235 35.60 26.78 -24.08
N SER C 236 36.28 26.54 -25.17
CA SER C 236 37.61 27.14 -25.42
C SER C 236 37.70 27.49 -26.90
N ALA C 237 38.60 28.39 -27.27
CA ALA C 237 38.80 28.76 -28.68
C ALA C 237 39.27 27.54 -29.48
N SER C 238 40.13 26.68 -28.94
CA SER C 238 40.65 25.52 -29.71
C SER C 238 39.60 24.39 -29.80
N ASP C 239 38.76 24.18 -28.78
CA ASP C 239 37.82 23.02 -28.75
C ASP C 239 36.42 23.45 -29.22
N GLY C 240 36.13 24.76 -29.29
CA GLY C 240 34.75 25.26 -29.34
C GLY C 240 34.05 24.93 -28.05
N GLY C 241 32.71 24.85 -28.06
CA GLY C 241 31.90 24.70 -26.84
C GLY C 241 31.08 23.42 -26.89
N THR C 242 30.61 22.99 -25.72
CA THR C 242 29.69 21.84 -25.63
CA THR C 242 29.91 21.70 -25.52
C THR C 242 29.00 21.82 -24.29
N TYR C 243 27.78 21.28 -24.32
CA TYR C 243 26.89 21.08 -23.16
C TYR C 243 27.20 19.71 -22.58
N LEU C 244 27.17 19.58 -21.26
CA LEU C 244 27.38 18.29 -20.58
C LEU C 244 26.83 18.44 -19.18
N CYS C 245 26.45 17.33 -18.56
CA CYS C 245 25.89 17.36 -17.21
C CYS C 245 27.02 17.15 -16.20
N ASP C 246 26.70 17.13 -14.90
CA ASP C 246 27.73 16.94 -13.86
C ASP C 246 28.02 15.44 -13.73
N PRO C 247 29.31 15.04 -13.74
CA PRO C 247 29.70 13.64 -13.59
C PRO C 247 29.23 13.02 -12.28
N TYR C 248 28.97 13.82 -11.26
CA TYR C 248 28.68 13.32 -9.90
C TYR C 248 27.20 13.39 -9.60
N CYS C 249 26.33 13.71 -10.55
CA CYS C 249 24.88 13.80 -10.22
C CYS C 249 24.32 12.42 -9.87
N GLU C 250 23.38 12.39 -8.94
CA GLU C 250 22.77 11.15 -8.38
C GLU C 250 21.46 10.90 -9.15
N GLN C 251 21.06 11.86 -9.97
CA GLN C 251 19.76 11.86 -10.69
C GLN C 251 19.98 12.61 -12.01
N ALA C 252 19.50 12.03 -13.10
CA ALA C 252 19.56 12.61 -14.45
C ALA C 252 18.22 12.38 -15.17
N LEU C 253 17.94 13.22 -16.16
CA LEU C 253 16.92 12.97 -17.18
C LEU C 253 17.68 12.71 -18.47
N GLU C 254 17.25 11.72 -19.25
CA GLU C 254 17.91 11.33 -20.51
C GLU C 254 16.99 11.66 -21.68
N LYS C 255 17.49 12.39 -22.67
CA LYS C 255 16.68 12.72 -23.85
C LYS C 255 16.45 11.45 -24.66
N GLY C 256 15.19 11.23 -25.08
CA GLY C 256 14.78 10.04 -25.83
C GLY C 256 14.27 8.97 -24.90
N VAL C 257 14.38 9.14 -23.59
CA VAL C 257 13.85 8.19 -22.56
C VAL C 257 12.85 8.93 -21.67
N ASP C 258 13.29 10.00 -21.00
CA ASP C 258 12.43 10.79 -20.08
C ASP C 258 11.58 11.76 -20.95
N THR C 259 10.25 11.60 -20.92
CA THR C 259 9.28 12.46 -21.66
C THR C 259 9.35 13.91 -21.14
N ASN C 260 9.66 14.11 -19.86
CA ASN C 260 9.85 15.43 -19.24
C ASN C 260 11.29 15.96 -19.42
N PHE C 261 12.11 15.41 -20.32
CA PHE C 261 13.44 16.01 -20.62
C PHE C 261 13.24 17.46 -21.07
N PRO C 262 13.90 18.46 -20.46
CA PRO C 262 13.61 19.88 -20.74
C PRO C 262 13.83 20.25 -22.21
N THR C 263 12.86 20.93 -22.81
CA THR C 263 12.88 21.31 -24.25
C THR C 263 14.06 22.25 -24.51
N GLY C 264 14.48 23.07 -23.55
CA GLY C 264 15.62 23.99 -23.75
C GLY C 264 16.99 23.35 -23.53
N ALA C 265 17.05 22.16 -22.94
CA ALA C 265 18.32 21.44 -22.66
C ALA C 265 18.83 20.73 -23.92
N GLN C 266 20.14 20.60 -24.07
CA GLN C 266 20.72 19.75 -25.14
C GLN C 266 20.84 18.30 -24.65
N ALA C 267 20.52 17.33 -25.50
CA ALA C 267 20.79 15.90 -25.25
C ALA C 267 22.29 15.72 -24.96
N PRO C 268 22.75 14.64 -24.28
CA PRO C 268 21.89 13.60 -23.73
C PRO C 268 21.25 13.82 -22.36
N TYR C 269 21.99 14.41 -21.42
CA TYR C 269 21.61 14.39 -19.99
C TYR C 269 21.50 15.80 -19.38
N VAL C 270 20.57 15.96 -18.46
CA VAL C 270 20.60 17.07 -17.49
C VAL C 270 20.67 16.44 -16.11
N SER C 271 21.41 17.10 -15.23
CA SER C 271 21.55 16.73 -13.81
C SER C 271 20.31 17.24 -13.08
N VAL C 272 19.82 16.43 -12.15
CA VAL C 272 18.66 16.79 -11.32
C VAL C 272 19.11 16.73 -9.87
N VAL C 273 18.92 17.82 -9.14
CA VAL C 273 19.23 17.89 -7.69
C VAL C 273 17.94 18.29 -6.97
N SER C 274 17.48 17.44 -6.06
CA SER C 274 16.45 17.77 -5.05
C SER C 274 17.16 18.29 -3.80
N THR C 275 16.90 19.55 -3.45
CA THR C 275 17.48 20.24 -2.26
C THR C 275 16.80 19.76 -0.96
N ASN C 276 15.53 19.33 -1.03
CA ASN C 276 14.68 18.92 0.13
C ASN C 276 14.31 17.44 0.05
N PRO C 277 15.28 16.51 -0.14
CA PRO C 277 14.95 15.12 -0.49
C PRO C 277 14.47 14.24 0.66
N GLN C 278 13.58 13.25 0.39
CA GLN C 278 12.95 12.34 1.38
C GLN C 278 13.85 11.13 1.62
N PRO C 279 14.63 11.07 2.72
CA PRO C 279 15.64 10.02 2.89
C PRO C 279 14.97 8.64 3.09
N TYR C 280 15.62 7.58 2.62
CA TYR C 280 15.12 6.19 2.81
C TYR C 280 15.47 5.79 4.25
N GLN C 281 14.54 5.12 4.93
CA GLN C 281 14.73 4.58 6.31
C GLN C 281 15.11 3.10 6.20
N TRP C 282 16.40 2.81 6.37
CA TRP C 282 17.00 1.45 6.36
C TRP C 282 16.53 0.70 7.60
N SER C 283 16.10 -0.54 7.42
CA SER C 283 15.73 -1.44 8.53
C SER C 283 16.95 -1.66 9.44
N ALA C 284 16.72 -1.96 10.72
CA ALA C 284 17.76 -2.02 11.77
C ALA C 284 18.69 -3.21 11.56
N GLY C 285 19.88 -3.19 12.16
CA GLY C 285 20.74 -4.37 12.39
C GLY C 285 21.83 -4.50 11.34
N GLU C 286 23.02 -4.97 11.73
CA GLU C 286 24.13 -5.31 10.81
C GLU C 286 23.65 -6.46 9.91
N PHE C 287 23.95 -6.39 8.62
CA PHE C 287 23.79 -7.51 7.66
C PHE C 287 25.19 -8.05 7.35
N GLU C 288 25.29 -9.35 7.18
CA GLU C 288 26.55 -10.08 6.85
C GLU C 288 26.21 -11.15 5.82
N MET C 289 26.93 -11.19 4.70
CA MET C 289 26.71 -12.25 3.68
C MET C 289 26.90 -13.58 4.42
N LYS C 290 26.02 -14.57 4.21
CA LYS C 290 26.24 -15.96 4.71
C LYS C 290 27.13 -16.73 3.71
N ASN C 291 27.73 -17.83 4.15
CA ASN C 291 28.74 -18.63 3.41
C ASN C 291 29.71 -17.69 2.69
N LYS C 292 30.23 -16.70 3.41
CA LYS C 292 30.95 -15.52 2.84
C LYS C 292 32.21 -15.98 2.09
N GLU C 293 32.81 -17.13 2.42
CA GLU C 293 34.11 -17.57 1.83
C GLU C 293 33.89 -18.29 0.50
N ASN C 294 32.69 -18.80 0.28
CA ASN C 294 32.40 -19.68 -0.87
C ASN C 294 30.94 -19.53 -1.27
N PRO C 295 30.41 -18.30 -1.47
CA PRO C 295 28.98 -18.11 -1.68
C PRO C 295 28.50 -18.67 -3.03
N VAL C 296 27.21 -19.03 -3.09
CA VAL C 296 26.47 -19.23 -4.35
C VAL C 296 25.86 -17.89 -4.76
N ILE C 297 26.21 -17.40 -5.95
CA ILE C 297 25.83 -16.07 -6.50
C ILE C 297 24.82 -16.29 -7.63
N TYR C 298 23.68 -15.61 -7.58
CA TYR C 298 22.64 -15.66 -8.63
C TYR C 298 22.79 -14.40 -9.46
N GLU C 299 23.22 -14.53 -10.71
CA GLU C 299 23.39 -13.40 -11.65
C GLU C 299 22.01 -13.10 -12.27
N LEU C 300 21.59 -11.84 -12.24
CA LEU C 300 20.20 -11.39 -12.57
C LEU C 300 20.26 -10.10 -13.40
N LEU C 301 19.58 -10.08 -14.55
CA LEU C 301 19.39 -8.89 -15.38
C LEU C 301 17.97 -8.38 -15.11
N LEU C 302 17.83 -7.23 -14.46
CA LEU C 302 16.49 -6.78 -13.98
C LEU C 302 15.55 -6.65 -15.16
N ARG C 303 16.09 -6.28 -16.33
CA ARG C 303 15.32 -6.15 -17.58
C ARG C 303 14.58 -7.44 -17.92
N ASP C 304 15.15 -8.62 -17.71
CA ASP C 304 14.60 -9.87 -18.28
C ASP C 304 14.23 -10.85 -17.16
N PHE C 305 14.42 -10.48 -15.90
CA PHE C 305 14.17 -11.37 -14.73
C PHE C 305 12.68 -11.49 -14.43
N THR C 306 11.90 -10.47 -14.78
CA THR C 306 10.41 -10.45 -14.63
C THR C 306 9.79 -9.66 -15.79
N SER C 307 8.50 -9.88 -16.04
CA SER C 307 7.77 -9.19 -17.15
C SER C 307 7.78 -7.65 -16.97
N SER C 308 7.75 -7.13 -15.75
CA SER C 308 7.86 -5.66 -15.50
C SER C 308 9.30 -5.15 -15.70
N GLY C 309 10.33 -6.02 -15.71
CA GLY C 309 11.69 -5.63 -16.10
C GLY C 309 12.31 -4.60 -15.16
N ASN C 310 11.99 -4.62 -13.87
CA ASN C 310 12.37 -3.53 -12.94
C ASN C 310 12.50 -4.10 -11.54
N LEU C 311 12.79 -3.26 -10.54
CA LEU C 311 13.05 -3.65 -9.13
C LEU C 311 11.76 -4.14 -8.47
N ALA C 312 10.63 -3.49 -8.74
CA ALA C 312 9.29 -3.87 -8.21
C ALA C 312 9.01 -5.32 -8.65
N GLY C 313 9.24 -5.64 -9.92
CA GLY C 313 9.11 -7.02 -10.44
C GLY C 313 9.95 -7.98 -9.62
N ALA C 314 11.24 -7.68 -9.48
CA ALA C 314 12.25 -8.56 -8.89
C ALA C 314 11.98 -8.73 -7.38
N MET C 315 11.52 -7.67 -6.73
CA MET C 315 11.19 -7.65 -5.28
C MET C 315 10.23 -8.82 -4.98
N GLU C 316 9.33 -9.14 -5.90
CA GLU C 316 8.25 -10.15 -5.69
C GLU C 316 8.83 -11.56 -5.77
N LYS C 317 10.01 -11.75 -6.36
CA LYS C 317 10.66 -13.07 -6.51
C LYS C 317 11.66 -13.35 -5.39
N LEU C 318 11.78 -12.50 -4.38
CA LEU C 318 12.77 -12.70 -3.29
C LEU C 318 12.47 -13.95 -2.48
N PRO C 319 11.21 -14.31 -2.20
CA PRO C 319 10.90 -15.56 -1.51
C PRO C 319 11.46 -16.75 -2.29
N TYR C 320 11.20 -16.80 -3.60
CA TYR C 320 11.69 -17.86 -4.52
C TYR C 320 13.23 -17.99 -4.41
N LEU C 321 13.96 -16.87 -4.47
CA LEU C 321 15.45 -16.87 -4.45
C LEU C 321 15.96 -17.29 -3.07
N LYS C 322 15.33 -16.83 -2.00
CA LYS C 322 15.59 -17.23 -0.59
C LYS C 322 15.45 -18.76 -0.44
N GLU C 323 14.40 -19.35 -1.00
CA GLU C 323 14.08 -20.80 -0.88
C GLU C 323 15.09 -21.61 -1.70
N LEU C 324 15.61 -21.02 -2.79
CA LEU C 324 16.64 -21.62 -3.67
C LEU C 324 17.93 -21.85 -2.86
N GLY C 325 18.18 -21.00 -1.85
CA GLY C 325 19.29 -21.07 -0.87
C GLY C 325 20.48 -20.18 -1.25
N ILE C 326 20.35 -19.34 -2.26
CA ILE C 326 21.48 -18.47 -2.73
C ILE C 326 21.98 -17.57 -1.60
N ASP C 327 23.25 -17.21 -1.68
CA ASP C 327 23.94 -16.36 -0.67
C ASP C 327 23.93 -14.91 -1.14
N ALA C 328 23.99 -14.68 -2.45
CA ALA C 328 24.08 -13.31 -3.00
C ALA C 328 23.34 -13.20 -4.33
N ILE C 329 22.84 -11.99 -4.63
CA ILE C 329 22.38 -11.60 -6.00
C ILE C 329 23.44 -10.67 -6.58
N GLU C 330 23.89 -10.96 -7.78
CA GLU C 330 24.75 -10.06 -8.57
C GLU C 330 23.87 -9.43 -9.64
N LEU C 331 23.63 -8.13 -9.53
CA LEU C 331 22.83 -7.39 -10.54
C LEU C 331 23.74 -7.05 -11.70
N MET C 332 23.32 -7.33 -12.93
CA MET C 332 23.99 -6.74 -14.11
C MET C 332 23.83 -5.22 -14.03
N PRO C 333 24.71 -4.45 -14.72
CA PRO C 333 24.97 -3.06 -14.38
C PRO C 333 23.68 -2.21 -14.26
N VAL C 334 23.58 -1.50 -13.15
CA VAL C 334 22.40 -0.63 -12.89
C VAL C 334 22.80 0.83 -12.95
N GLN C 335 24.07 1.17 -13.15
CA GLN C 335 24.46 2.59 -13.36
C GLN C 335 23.92 3.10 -14.69
N GLU C 336 23.48 4.35 -14.66
CA GLU C 336 22.77 4.99 -15.78
C GLU C 336 23.44 4.58 -17.08
N PHE C 337 22.72 3.90 -17.97
CA PHE C 337 23.26 3.35 -19.24
C PHE C 337 22.51 4.04 -20.40
N ALA C 338 23.03 3.99 -21.63
CA ALA C 338 22.40 4.66 -22.79
C ALA C 338 21.05 4.00 -23.04
N GLY C 339 19.97 4.80 -23.13
CA GLY C 339 18.62 4.27 -23.41
C GLY C 339 18.03 3.58 -22.21
N ASN C 340 17.00 2.76 -22.40
CA ASN C 340 16.35 2.07 -21.26
C ASN C 340 16.15 0.60 -21.59
N ASP C 341 16.89 0.05 -22.56
CA ASP C 341 16.78 -1.37 -22.99
C ASP C 341 18.19 -1.93 -23.24
N SER C 342 18.87 -2.40 -22.19
CA SER C 342 20.33 -2.70 -22.23
C SER C 342 20.68 -3.77 -21.20
N TRP C 343 21.75 -4.51 -21.49
CA TRP C 343 22.43 -5.37 -20.49
C TRP C 343 23.02 -4.44 -19.43
N GLY C 344 23.45 -3.25 -19.86
CA GLY C 344 23.97 -2.20 -18.96
C GLY C 344 25.45 -1.91 -19.14
N TYR C 345 26.13 -2.49 -20.15
CA TYR C 345 27.62 -2.42 -20.28
C TYR C 345 27.94 -1.19 -21.13
N ASN C 346 27.20 -0.10 -20.86
CA ASN C 346 27.21 1.12 -21.69
C ASN C 346 26.87 2.29 -20.76
N THR C 347 27.68 2.46 -19.72
CA THR C 347 27.49 3.44 -18.63
C THR C 347 27.74 4.86 -19.13
N GLY C 348 26.74 5.73 -18.96
CA GLY C 348 26.89 7.18 -19.25
C GLY C 348 27.24 7.95 -17.99
N LEU C 349 26.67 7.55 -16.86
CA LEU C 349 26.84 8.23 -15.57
C LEU C 349 27.01 7.15 -14.50
N TYR C 350 27.98 7.35 -13.61
CA TYR C 350 28.42 6.35 -12.61
C TYR C 350 27.79 6.64 -11.26
N PHE C 351 27.34 7.87 -10.98
CA PHE C 351 26.79 8.22 -9.65
C PHE C 351 25.26 8.18 -9.65
N ALA C 352 24.64 8.06 -10.83
CA ALA C 352 23.18 7.91 -11.00
C ALA C 352 22.88 6.45 -11.40
N LEU C 353 21.87 5.85 -10.77
CA LEU C 353 21.38 4.51 -11.15
C LEU C 353 20.28 4.70 -12.20
N ASP C 354 20.25 3.86 -13.24
CA ASP C 354 19.28 3.98 -14.36
C ASP C 354 17.86 3.98 -13.78
N ALA C 355 17.04 4.96 -14.20
CA ALA C 355 15.66 5.19 -13.70
C ALA C 355 14.67 4.17 -14.28
N SER C 356 15.00 3.50 -15.39
CA SER C 356 14.17 2.44 -16.01
C SER C 356 13.95 1.27 -15.02
N TYR C 357 14.85 1.03 -14.07
CA TYR C 357 14.70 -0.07 -13.09
C TYR C 357 13.97 0.42 -11.86
N GLY C 358 14.07 1.73 -11.57
CA GLY C 358 13.40 2.39 -10.44
C GLY C 358 14.16 3.63 -10.00
N THR C 359 13.69 4.27 -8.93
CA THR C 359 14.28 5.48 -8.30
C THR C 359 15.36 5.09 -7.30
N GLN C 360 16.16 6.05 -6.89
CA GLN C 360 17.21 5.87 -5.86
C GLN C 360 16.59 5.03 -4.72
N ASN C 361 15.41 5.38 -4.21
CA ASN C 361 14.87 4.73 -2.97
C ASN C 361 14.31 3.34 -3.28
N GLU C 362 14.00 3.07 -4.55
CA GLU C 362 13.55 1.73 -5.01
C GLU C 362 14.76 0.78 -5.01
N TYR C 363 15.92 1.23 -5.48
CA TYR C 363 17.18 0.46 -5.33
C TYR C 363 17.44 0.18 -3.86
N LYS C 364 17.32 1.20 -2.98
CA LYS C 364 17.62 1.06 -1.52
C LYS C 364 16.63 0.07 -0.90
N ALA C 365 15.35 0.18 -1.24
CA ALA C 365 14.28 -0.74 -0.79
C ALA C 365 14.64 -2.16 -1.19
N PHE C 366 14.98 -2.37 -2.45
CA PHE C 366 15.28 -3.71 -3.03
C PHE C 366 16.43 -4.35 -2.24
N ILE C 367 17.51 -3.60 -2.04
CA ILE C 367 18.73 -4.09 -1.33
C ILE C 367 18.34 -4.42 0.12
N ASP C 368 17.52 -3.56 0.75
CA ASP C 368 17.04 -3.74 2.13
C ASP C 368 16.25 -5.06 2.19
N ALA C 369 15.36 -5.27 1.22
CA ALA C 369 14.50 -6.49 1.14
C ALA C 369 15.40 -7.72 0.99
N CYS C 370 16.40 -7.66 0.11
CA CYS C 370 17.43 -8.73 -0.06
C CYS C 370 18.07 -9.04 1.29
N HIS C 371 18.51 -8.01 2.01
CA HIS C 371 19.19 -8.15 3.31
C HIS C 371 18.26 -8.83 4.33
N GLN C 372 16.96 -8.51 4.28
CA GLN C 372 15.98 -9.04 5.27
C GLN C 372 15.67 -10.49 4.93
N ASN C 373 15.93 -10.91 3.69
CA ASN C 373 15.83 -12.32 3.24
C ASN C 373 17.15 -13.06 3.43
N GLY C 374 18.16 -12.42 4.02
CA GLY C 374 19.51 -13.00 4.25
C GLY C 374 20.33 -13.10 2.97
N ILE C 375 20.02 -12.31 1.95
CA ILE C 375 20.66 -12.39 0.60
C ILE C 375 21.50 -11.12 0.35
N ALA C 376 22.77 -11.29 0.00
CA ALA C 376 23.71 -10.19 -0.24
C ALA C 376 23.48 -9.65 -1.66
N VAL C 377 23.95 -8.42 -1.92
CA VAL C 377 23.81 -7.77 -3.24
C VAL C 377 25.20 -7.31 -3.72
N ILE C 378 25.55 -7.76 -4.91
CA ILE C 378 26.76 -7.38 -5.67
C ILE C 378 26.31 -6.55 -6.87
N PHE C 379 26.93 -5.39 -7.11
CA PHE C 379 26.79 -4.61 -8.36
C PHE C 379 27.91 -5.00 -9.30
N ASP C 380 27.51 -5.26 -10.55
CA ASP C 380 28.35 -5.35 -11.75
C ASP C 380 28.68 -3.90 -12.16
N VAL C 381 29.98 -3.55 -12.24
CA VAL C 381 30.49 -2.17 -12.48
C VAL C 381 31.50 -2.20 -13.64
N VAL C 382 31.44 -1.16 -14.47
CA VAL C 382 32.04 -1.14 -15.83
C VAL C 382 32.95 0.07 -15.95
N TYR C 383 34.22 -0.09 -15.62
CA TYR C 383 35.19 1.01 -15.62
C TYR C 383 36.16 0.87 -16.78
N ASN C 384 36.05 -0.16 -17.61
CA ASN C 384 36.95 -0.22 -18.78
C ASN C 384 36.66 1.00 -19.66
N HIS C 385 35.38 1.25 -19.91
CA HIS C 385 34.91 2.21 -20.94
C HIS C 385 33.63 2.89 -20.43
N THR C 386 33.35 4.08 -20.94
CA THR C 386 32.06 4.78 -20.70
C THR C 386 31.44 4.97 -22.08
N ASN C 387 30.57 5.96 -22.27
CA ASN C 387 30.03 6.22 -23.64
C ASN C 387 30.13 7.71 -23.98
N ASN C 388 29.73 8.10 -25.19
CA ASN C 388 29.90 9.48 -25.71
C ASN C 388 29.07 10.48 -24.90
N ASP C 389 28.16 9.98 -24.06
CA ASP C 389 27.25 10.82 -23.22
C ASP C 389 27.92 11.23 -21.91
N ASN C 390 28.99 10.54 -21.49
CA ASN C 390 29.65 10.85 -20.19
C ASN C 390 30.19 12.27 -20.28
N PRO C 391 30.00 13.13 -19.27
CA PRO C 391 30.63 14.45 -19.27
C PRO C 391 32.16 14.38 -19.49
N PHE C 392 32.83 13.34 -18.98
CA PHE C 392 34.30 13.22 -19.12
C PHE C 392 34.66 13.10 -20.60
N ALA C 393 33.84 12.42 -21.38
CA ALA C 393 34.07 12.32 -22.83
C ALA C 393 33.75 13.66 -23.50
N ARG C 394 32.57 14.21 -23.25
CA ARG C 394 32.07 15.45 -23.92
C ARG C 394 33.01 16.61 -23.61
N MET C 395 33.56 16.66 -22.41
CA MET C 395 34.39 17.81 -22.00
C MET C 395 35.68 17.94 -22.82
N TYR C 396 36.24 16.84 -23.35
CA TYR C 396 37.50 16.87 -24.14
C TYR C 396 37.34 15.90 -25.30
N TRP C 397 36.74 16.42 -26.36
CA TRP C 397 36.20 15.63 -27.48
C TRP C 397 36.87 16.09 -28.75
N ASP C 398 37.11 15.16 -29.67
CA ASP C 398 37.74 15.40 -30.98
C ASP C 398 36.59 15.44 -31.99
N THR C 399 36.27 16.61 -32.55
CA THR C 399 35.09 16.78 -33.43
C THR C 399 35.41 16.37 -34.86
N PHE C 400 36.67 16.04 -35.16
CA PHE C 400 37.06 15.51 -36.49
C PHE C 400 36.84 14.00 -36.54
N ASN C 401 37.18 13.30 -35.45
CA ASN C 401 37.23 11.81 -35.46
C ASN C 401 36.09 11.24 -34.60
N ASN C 402 35.31 12.09 -33.94
CA ASN C 402 34.19 11.69 -33.03
C ASN C 402 34.67 10.70 -31.97
N ARG C 403 35.66 11.10 -31.16
CA ARG C 403 36.18 10.26 -30.04
C ARG C 403 36.86 11.20 -29.07
N PRO C 404 37.31 10.76 -27.88
CA PRO C 404 38.05 11.64 -26.98
C PRO C 404 39.25 12.33 -27.67
N SER C 405 39.54 13.56 -27.25
CA SER C 405 40.69 14.34 -27.77
C SER C 405 41.95 13.88 -27.04
N THR C 406 43.11 14.18 -27.60
CA THR C 406 44.40 13.80 -27.00
C THR C 406 44.59 14.62 -25.73
N LYS C 407 43.77 15.66 -25.52
CA LYS C 407 43.82 16.51 -24.29
C LYS C 407 43.07 15.85 -23.14
N ASN C 408 42.29 14.81 -23.40
CA ASN C 408 41.34 14.26 -22.39
C ASN C 408 42.13 13.65 -21.23
N PRO C 409 41.95 14.09 -19.96
CA PRO C 409 42.76 13.57 -18.86
C PRO C 409 42.22 12.31 -18.17
N TRP C 410 41.07 11.80 -18.61
CA TRP C 410 40.45 10.55 -18.07
C TRP C 410 40.53 9.43 -19.12
N LEU C 411 40.37 9.76 -20.41
CA LEU C 411 40.05 8.79 -21.48
C LEU C 411 41.15 8.80 -22.52
N ASN C 412 41.42 7.63 -23.13
CA ASN C 412 42.24 7.50 -24.36
C ASN C 412 41.44 8.00 -25.56
N ALA C 413 42.13 8.62 -26.50
CA ALA C 413 41.61 8.99 -27.84
C ALA C 413 41.23 7.69 -28.57
N VAL C 414 42.12 6.68 -28.53
CA VAL C 414 41.99 5.40 -29.28
C VAL C 414 42.29 4.24 -28.32
N THR C 415 41.41 3.25 -28.25
CA THR C 415 41.55 2.10 -27.32
C THR C 415 42.92 1.45 -27.57
N PRO C 416 43.79 1.31 -26.54
CA PRO C 416 45.08 0.63 -26.72
C PRO C 416 44.96 -0.86 -27.08
N HIS C 417 43.97 -1.54 -26.49
CA HIS C 417 43.70 -3.00 -26.67
C HIS C 417 42.73 -3.24 -27.84
N GLN C 418 43.25 -3.24 -29.07
CA GLN C 418 42.42 -3.14 -30.30
C GLN C 418 41.70 -4.46 -30.55
N LYS C 419 41.98 -5.51 -29.78
CA LYS C 419 41.16 -6.75 -29.85
C LYS C 419 39.75 -6.49 -29.31
N TYR C 420 39.59 -5.66 -28.28
CA TYR C 420 38.28 -5.44 -27.60
C TYR C 420 38.00 -3.93 -27.54
N VAL C 421 37.13 -3.45 -28.42
CA VAL C 421 36.71 -2.02 -28.51
C VAL C 421 35.20 -1.99 -28.28
N PHE C 422 34.80 -1.84 -27.03
CA PHE C 422 33.37 -1.95 -26.63
C PHE C 422 32.66 -0.59 -26.74
N SER C 423 33.43 0.50 -26.85
CA SER C 423 32.94 1.87 -27.10
C SER C 423 34.11 2.74 -27.55
N PRO C 424 33.84 3.96 -28.08
CA PRO C 424 34.91 4.89 -28.44
C PRO C 424 35.62 5.48 -27.21
N ASP C 425 35.14 5.20 -25.98
CA ASP C 425 35.52 5.94 -24.74
C ASP C 425 36.21 5.02 -23.73
N ASP C 426 37.46 4.69 -23.99
CA ASP C 426 38.25 3.79 -23.11
C ASP C 426 38.91 4.59 -21.98
N PHE C 427 38.71 4.22 -20.71
CA PHE C 427 39.39 4.86 -19.56
C PHE C 427 40.90 4.58 -19.58
N ASN C 428 41.67 5.62 -19.25
CA ASN C 428 43.14 5.58 -19.03
C ASN C 428 43.34 5.32 -17.55
N HIS C 429 43.54 4.06 -17.17
CA HIS C 429 43.63 3.68 -15.74
C HIS C 429 45.03 4.03 -15.19
N THR C 430 45.89 4.68 -15.97
CA THR C 430 47.15 5.29 -15.44
C THR C 430 46.94 6.77 -15.13
N SER C 431 45.79 7.36 -15.50
CA SER C 431 45.46 8.75 -15.12
C SER C 431 45.09 8.78 -13.65
N GLU C 432 45.73 9.65 -12.85
CA GLU C 432 45.40 9.76 -11.40
C GLU C 432 43.98 10.33 -11.25
N GLN C 433 43.50 11.12 -12.21
CA GLN C 433 42.11 11.63 -12.20
C GLN C 433 41.15 10.46 -12.35
N THR C 434 41.38 9.58 -13.32
CA THR C 434 40.56 8.36 -13.51
C THR C 434 40.53 7.51 -12.24
N LYS C 435 41.69 7.24 -11.65
CA LYS C 435 41.76 6.33 -10.47
C LYS C 435 41.00 6.90 -9.27
N ALA C 436 41.15 8.18 -8.97
CA ALA C 436 40.42 8.89 -7.87
C ALA C 436 38.92 8.81 -8.16
N PHE C 437 38.52 8.98 -9.41
CA PHE C 437 37.10 8.84 -9.85
C PHE C 437 36.57 7.43 -9.56
N VAL C 438 37.27 6.38 -10.01
CA VAL C 438 36.79 5.00 -9.75
C VAL C 438 36.72 4.75 -8.24
N LYS C 439 37.72 5.17 -7.48
CA LYS C 439 37.75 4.90 -6.02
C LYS C 439 36.59 5.63 -5.34
N ARG C 440 36.39 6.89 -5.68
CA ARG C 440 35.26 7.68 -5.09
C ARG C 440 33.91 6.99 -5.40
N ASN C 441 33.73 6.54 -6.63
CA ASN C 441 32.50 5.83 -7.08
C ASN C 441 32.27 4.53 -6.31
N LEU C 442 33.31 3.70 -6.15
CA LEU C 442 33.24 2.44 -5.36
C LEU C 442 32.78 2.77 -3.94
N LYS C 443 33.37 3.79 -3.33
CA LYS C 443 33.00 4.16 -1.94
C LYS C 443 31.55 4.67 -1.92
N TYR C 444 31.18 5.48 -2.92
CA TYR C 444 29.80 6.04 -3.04
C TYR C 444 28.77 4.91 -3.12
N LEU C 445 29.02 3.88 -3.95
CA LEU C 445 28.05 2.76 -4.08
C LEU C 445 27.96 1.99 -2.74
N LEU C 446 29.07 1.78 -2.03
CA LEU C 446 29.04 1.04 -0.73
C LEU C 446 28.25 1.86 0.30
N ASP C 447 28.56 3.16 0.37
CA ASP C 447 28.04 4.09 1.41
C ASP C 447 26.54 4.28 1.18
N THR C 448 26.14 4.55 -0.05
CA THR C 448 24.76 5.00 -0.38
C THR C 448 23.82 3.80 -0.49
N TYR C 449 24.27 2.70 -1.09
CA TYR C 449 23.36 1.58 -1.44
C TYR C 449 23.58 0.38 -0.50
N HIS C 450 24.58 0.42 0.38
CA HIS C 450 24.82 -0.63 1.42
C HIS C 450 25.11 -1.97 0.74
N ILE C 451 25.80 -1.97 -0.41
CA ILE C 451 26.04 -3.23 -1.16
C ILE C 451 27.16 -4.04 -0.53
N ASP C 452 27.25 -5.31 -0.93
CA ASP C 452 28.05 -6.35 -0.24
C ASP C 452 29.31 -6.62 -1.05
N GLY C 453 29.37 -6.16 -2.29
CA GLY C 453 30.58 -6.27 -3.12
C GLY C 453 30.36 -5.90 -4.56
N PHE C 454 31.35 -6.22 -5.37
CA PHE C 454 31.47 -5.77 -6.77
C PHE C 454 31.92 -6.93 -7.64
N ARG C 455 31.43 -6.92 -8.89
CA ARG C 455 31.98 -7.67 -10.01
C ARG C 455 32.47 -6.62 -10.99
N PHE C 456 33.78 -6.51 -11.16
CA PHE C 456 34.42 -5.58 -12.11
C PHE C 456 34.48 -6.27 -13.47
N ASP C 457 33.75 -5.69 -14.41
CA ASP C 457 33.65 -6.07 -15.82
C ASP C 457 35.00 -5.79 -16.46
N PHE C 458 35.47 -6.71 -17.31
CA PHE C 458 36.59 -6.56 -18.26
C PHE C 458 37.79 -5.83 -17.61
N THR C 459 38.24 -6.29 -16.45
CA THR C 459 39.47 -5.78 -15.81
C THR C 459 40.69 -6.00 -16.71
N LYS C 460 40.61 -6.93 -17.67
CA LYS C 460 41.62 -7.16 -18.73
C LYS C 460 41.87 -5.87 -19.51
N GLY C 461 40.82 -5.06 -19.66
CA GLY C 461 40.91 -3.74 -20.30
C GLY C 461 41.63 -2.68 -19.49
N PHE C 462 42.01 -2.88 -18.23
CA PHE C 462 42.58 -1.72 -17.48
C PHE C 462 44.07 -1.67 -17.80
N THR C 463 44.43 -1.37 -19.04
CA THR C 463 45.82 -1.39 -19.55
C THR C 463 45.99 -0.32 -20.61
N GLN C 464 47.19 0.29 -20.64
CA GLN C 464 47.66 1.27 -21.66
C GLN C 464 48.59 0.63 -22.70
N LYS C 465 48.91 -0.67 -22.61
CA LYS C 465 49.78 -1.29 -23.65
C LYS C 465 49.03 -1.34 -24.96
N GLN C 466 49.74 -0.99 -26.04
CA GLN C 466 49.26 -1.15 -27.44
C GLN C 466 49.24 -2.64 -27.76
N THR C 467 48.06 -3.24 -28.00
CA THR C 467 47.93 -4.67 -28.37
C THR C 467 46.94 -4.78 -29.52
N THR C 468 46.92 -5.95 -30.17
CA THR C 468 46.07 -6.20 -31.37
C THR C 468 45.40 -7.56 -31.28
N GLY C 469 45.75 -8.39 -30.30
CA GLY C 469 45.26 -9.78 -30.25
C GLY C 469 44.87 -10.17 -28.84
N ASP C 470 44.69 -11.46 -28.62
CA ASP C 470 44.33 -12.03 -27.30
C ASP C 470 45.59 -12.24 -26.45
N ASP C 471 46.67 -12.79 -27.05
CA ASP C 471 47.91 -13.20 -26.32
C ASP C 471 48.68 -11.97 -25.81
N ASP C 472 49.00 -11.01 -26.67
CA ASP C 472 49.70 -9.76 -26.26
C ASP C 472 48.89 -9.07 -25.14
N LEU C 473 47.56 -9.22 -25.11
CA LEU C 473 46.66 -8.58 -24.10
C LEU C 473 46.66 -9.34 -22.78
N ALA C 474 46.58 -10.66 -22.81
CA ALA C 474 46.48 -11.53 -21.61
C ALA C 474 47.85 -11.56 -20.90
N ALA C 475 48.93 -11.31 -21.63
CA ALA C 475 50.31 -11.28 -21.08
C ALA C 475 50.32 -10.31 -19.89
N THR C 476 51.12 -10.60 -18.86
CA THR C 476 51.15 -9.80 -17.61
C THR C 476 51.52 -8.35 -17.94
N ASP C 477 50.76 -7.42 -17.34
CA ASP C 477 51.02 -5.96 -17.43
C ASP C 477 51.13 -5.46 -16.00
N PRO C 478 52.37 -5.21 -15.50
CA PRO C 478 52.59 -4.77 -14.12
C PRO C 478 51.70 -3.60 -13.68
N ALA C 479 51.51 -2.61 -14.56
CA ALA C 479 50.62 -1.45 -14.29
C ALA C 479 49.17 -1.92 -14.07
N ARG C 480 48.70 -2.94 -14.80
CA ARG C 480 47.30 -3.43 -14.70
C ARG C 480 47.17 -4.17 -13.37
N VAL C 481 48.17 -4.98 -13.01
CA VAL C 481 48.11 -5.69 -11.70
C VAL C 481 48.06 -4.63 -10.60
N SER C 482 48.90 -3.62 -10.75
CA SER C 482 49.08 -2.57 -9.73
C SER C 482 47.76 -1.81 -9.51
N VAL C 483 47.14 -1.35 -10.58
CA VAL C 483 45.90 -0.52 -10.43
C VAL C 483 44.78 -1.43 -9.92
N LEU C 484 44.76 -2.72 -10.27
CA LEU C 484 43.65 -3.60 -9.82
C LEU C 484 43.81 -3.84 -8.32
N LYS C 485 45.04 -3.89 -7.82
CA LYS C 485 45.30 -3.96 -6.35
C LYS C 485 44.81 -2.66 -5.68
N GLU C 486 45.03 -1.50 -6.32
CA GLU C 486 44.61 -0.20 -5.74
C GLU C 486 43.08 -0.16 -5.57
N TYR C 487 42.33 -0.57 -6.59
CA TYR C 487 40.84 -0.58 -6.52
C TYR C 487 40.40 -1.56 -5.46
N TYR C 488 41.01 -2.74 -5.41
CA TYR C 488 40.66 -3.76 -4.38
C TYR C 488 40.85 -3.15 -2.98
N GLU C 489 42.02 -2.56 -2.72
CA GLU C 489 42.33 -1.92 -1.41
C GLU C 489 41.36 -0.75 -1.14
N ALA C 490 41.03 0.06 -2.14
CA ALA C 490 40.08 1.18 -1.90
C ALA C 490 38.76 0.62 -1.38
N VAL C 491 38.25 -0.46 -1.97
CA VAL C 491 37.00 -1.15 -1.51
C VAL C 491 37.18 -1.65 -0.06
N LYS C 492 38.28 -2.33 0.21
CA LYS C 492 38.54 -2.98 1.54
C LYS C 492 38.62 -1.93 2.64
N ALA C 493 39.17 -0.75 2.35
CA ALA C 493 39.28 0.38 3.29
C ALA C 493 37.89 0.96 3.61
N VAL C 494 36.90 0.80 2.74
CA VAL C 494 35.50 1.24 3.04
C VAL C 494 34.75 0.12 3.76
N LYS C 495 34.84 -1.10 3.25
CA LYS C 495 34.08 -2.24 3.83
C LYS C 495 34.98 -3.47 3.81
N GLU C 496 35.47 -3.88 4.99
CA GLU C 496 36.56 -4.87 5.19
C GLU C 496 36.07 -6.20 4.59
N ASP C 497 34.78 -6.51 4.74
CA ASP C 497 34.23 -7.83 4.32
C ASP C 497 33.56 -7.73 2.93
N ALA C 498 33.76 -6.65 2.17
CA ALA C 498 33.23 -6.51 0.79
C ALA C 498 33.84 -7.63 -0.06
N MET C 499 33.03 -8.32 -0.85
CA MET C 499 33.52 -9.34 -1.80
C MET C 499 33.89 -8.65 -3.11
N VAL C 500 35.14 -8.76 -3.56
CA VAL C 500 35.60 -8.13 -4.81
C VAL C 500 35.88 -9.24 -5.81
N THR C 501 35.09 -9.24 -6.90
CA THR C 501 35.24 -10.21 -8.01
C THR C 501 35.63 -9.43 -9.25
N MET C 502 36.56 -9.97 -10.02
CA MET C 502 36.96 -9.35 -11.30
C MET C 502 36.76 -10.43 -12.38
N GLU C 503 36.18 -10.04 -13.49
CA GLU C 503 36.12 -10.83 -14.72
C GLU C 503 37.35 -10.46 -15.55
N HIS C 504 38.41 -11.29 -15.46
CA HIS C 504 39.79 -10.91 -15.82
C HIS C 504 40.29 -11.73 -17.02
N PHE C 505 40.45 -13.06 -16.85
CA PHE C 505 40.91 -13.99 -17.92
C PHE C 505 42.36 -13.67 -18.39
N CYS C 506 43.22 -13.08 -17.53
CA CYS C 506 44.71 -12.94 -17.73
C CYS C 506 45.38 -13.89 -16.71
N ALA C 507 45.63 -15.14 -17.08
CA ALA C 507 45.79 -16.25 -16.10
C ALA C 507 46.91 -15.93 -15.10
N ASN C 508 48.05 -15.39 -15.52
CA ASN C 508 49.20 -15.18 -14.60
C ASN C 508 48.86 -14.09 -13.56
N GLU C 509 48.20 -13.01 -13.98
CA GLU C 509 47.78 -11.94 -13.05
C GLU C 509 46.79 -12.51 -12.04
N GLU C 510 45.94 -13.42 -12.48
CA GLU C 510 44.91 -14.01 -11.57
C GLU C 510 45.59 -14.71 -10.38
N THR C 511 46.64 -15.47 -10.66
CA THR C 511 47.43 -16.19 -9.61
C THR C 511 47.91 -15.19 -8.56
N THR C 512 48.58 -14.12 -9.00
CA THR C 512 49.12 -13.03 -8.16
C THR C 512 47.99 -12.34 -7.40
N LEU C 513 46.93 -11.92 -8.08
CA LEU C 513 45.86 -11.09 -7.47
C LEU C 513 45.00 -11.94 -6.52
N ALA C 514 44.83 -13.23 -6.83
CA ALA C 514 44.08 -14.16 -5.96
C ALA C 514 44.75 -14.23 -4.58
N THR C 515 46.09 -14.18 -4.51
CA THR C 515 46.83 -14.27 -3.22
C THR C 515 46.48 -13.05 -2.37
N GLU C 516 46.16 -11.90 -3.01
CA GLU C 516 45.77 -10.63 -2.32
C GLU C 516 44.35 -10.70 -1.74
N GLY C 517 43.48 -11.60 -2.21
CA GLY C 517 42.09 -11.74 -1.72
C GLY C 517 41.02 -11.45 -2.80
N ILE C 518 41.45 -11.13 -4.01
CA ILE C 518 40.54 -10.86 -5.15
C ILE C 518 40.01 -12.19 -5.68
N HIS C 519 38.73 -12.22 -6.01
CA HIS C 519 38.03 -13.37 -6.65
C HIS C 519 37.96 -13.15 -8.15
N PHE C 520 38.04 -14.25 -8.92
CA PHE C 520 37.97 -14.24 -10.40
C PHE C 520 36.85 -15.13 -10.93
N TRP C 521 36.29 -14.70 -12.06
CA TRP C 521 35.37 -15.54 -12.87
C TRP C 521 36.15 -16.73 -13.46
N ARG C 522 35.63 -17.93 -13.27
CA ARG C 522 36.20 -19.17 -13.84
C ARG C 522 35.13 -19.81 -14.74
N ASN C 523 35.27 -19.60 -16.04
CA ASN C 523 34.26 -19.93 -17.09
C ASN C 523 34.33 -21.43 -17.44
N MET C 524 33.44 -22.24 -16.91
CA MET C 524 33.35 -23.70 -17.21
C MET C 524 32.15 -23.98 -18.16
N ASN C 525 31.68 -22.96 -18.89
CA ASN C 525 30.44 -23.10 -19.68
C ASN C 525 30.70 -24.10 -20.81
N HIS C 526 31.84 -24.02 -21.47
CA HIS C 526 32.12 -24.93 -22.61
C HIS C 526 32.04 -26.38 -22.10
N SER C 527 32.68 -26.69 -20.98
CA SER C 527 32.80 -28.09 -20.52
C SER C 527 31.41 -28.61 -20.14
N TYR C 528 30.63 -27.81 -19.42
CA TYR C 528 29.29 -28.20 -18.90
C TYR C 528 28.24 -28.18 -20.02
N CYS C 529 28.43 -27.38 -21.10
CA CYS C 529 27.60 -27.47 -22.35
C CYS C 529 27.86 -28.81 -23.03
N GLN C 530 29.13 -29.18 -23.17
CA GLN C 530 29.52 -30.46 -23.80
C GLN C 530 28.88 -31.60 -23.02
N SER C 531 28.99 -31.61 -21.70
CA SER C 531 28.45 -32.70 -20.86
C SER C 531 26.91 -32.70 -20.91
N ALA C 532 26.28 -31.52 -20.91
CA ALA C 532 24.82 -31.35 -21.04
C ALA C 532 24.34 -31.98 -22.35
N MET C 533 25.06 -31.79 -23.45
CA MET C 533 24.71 -32.36 -24.77
C MET C 533 25.13 -33.84 -24.85
N GLY C 534 25.79 -34.38 -23.82
CA GLY C 534 26.29 -35.78 -23.80
C GLY C 534 27.43 -36.00 -24.77
N TRP C 535 28.27 -34.98 -25.04
CA TRP C 535 29.51 -35.08 -25.87
C TRP C 535 30.75 -34.99 -24.96
N LYS C 536 31.57 -36.04 -25.01
CA LYS C 536 32.80 -36.27 -24.19
C LYS C 536 33.84 -35.20 -24.56
N ASP C 537 33.94 -34.86 -25.84
CA ASP C 537 34.83 -33.84 -26.41
C ASP C 537 34.78 -32.57 -25.58
N ASN C 538 35.94 -32.13 -25.09
CA ASN C 538 36.12 -30.80 -24.49
C ASN C 538 35.15 -30.67 -23.31
N SER C 539 35.02 -31.71 -22.51
CA SER C 539 34.03 -31.80 -21.41
C SER C 539 34.70 -31.84 -20.04
N ASP C 540 36.01 -31.58 -20.00
CA ASP C 540 36.81 -31.60 -18.75
C ASP C 540 36.26 -30.57 -17.76
N PHE C 541 35.81 -31.00 -16.60
CA PHE C 541 35.33 -30.10 -15.53
C PHE C 541 36.45 -29.57 -14.63
N SER C 542 37.71 -30.02 -14.77
CA SER C 542 38.73 -29.85 -13.68
C SER C 542 39.00 -28.38 -13.38
N GLY C 543 38.85 -27.49 -14.37
CA GLY C 543 39.00 -26.04 -14.21
C GLY C 543 38.08 -25.40 -13.17
N LEU C 544 37.01 -26.05 -12.76
CA LEU C 544 36.08 -25.47 -11.75
C LEU C 544 36.80 -25.32 -10.40
N TYR C 545 37.76 -26.20 -10.12
CA TYR C 545 38.39 -26.32 -8.79
C TYR C 545 39.85 -25.93 -8.96
N ASP C 546 40.21 -24.78 -8.41
CA ASP C 546 41.61 -24.28 -8.50
C ASP C 546 42.37 -24.89 -7.31
N THR C 547 43.32 -25.77 -7.58
CA THR C 547 44.03 -26.49 -6.49
C THR C 547 44.70 -25.46 -5.57
N THR C 548 45.34 -24.41 -6.11
CA THR C 548 46.10 -23.44 -5.27
C THR C 548 45.16 -22.68 -4.31
N ARG C 549 44.12 -22.01 -4.80
CA ARG C 549 43.22 -21.21 -3.93
C ARG C 549 41.76 -21.41 -4.33
N PRO C 550 41.10 -22.50 -3.87
CA PRO C 550 39.79 -22.86 -4.37
C PRO C 550 38.76 -21.75 -4.16
N ASN C 551 38.89 -20.99 -3.07
CA ASN C 551 37.87 -20.01 -2.66
C ASN C 551 37.97 -18.73 -3.50
N GLN C 552 38.97 -18.59 -4.37
CA GLN C 552 39.24 -17.31 -5.06
C GLN C 552 38.65 -17.35 -6.47
N PHE C 553 38.05 -18.48 -6.87
CA PHE C 553 37.59 -18.70 -8.26
C PHE C 553 36.08 -18.97 -8.26
N VAL C 554 35.33 -18.01 -8.81
CA VAL C 554 33.84 -18.09 -8.92
C VAL C 554 33.52 -18.89 -10.17
N GLY C 555 33.24 -20.17 -10.00
CA GLY C 555 33.03 -21.08 -11.14
C GLY C 555 31.59 -21.01 -11.61
N TYR C 556 31.36 -21.15 -12.90
CA TYR C 556 29.98 -21.18 -13.44
C TYR C 556 29.93 -22.05 -14.69
N MET C 557 28.76 -22.66 -14.88
CA MET C 557 28.37 -23.43 -16.09
C MET C 557 27.71 -22.46 -17.07
N GLU C 558 27.10 -21.39 -16.55
CA GLU C 558 26.42 -20.38 -17.38
C GLU C 558 26.68 -18.95 -16.85
N SER C 559 26.77 -17.99 -17.75
CA SER C 559 26.71 -16.55 -17.44
C SER C 559 25.89 -15.85 -18.52
N HIS C 560 25.60 -14.58 -18.31
CA HIS C 560 24.84 -13.75 -19.30
C HIS C 560 25.62 -13.72 -20.63
N ASP C 561 26.93 -13.96 -20.63
CA ASP C 561 27.72 -13.90 -21.89
C ASP C 561 27.69 -15.22 -22.70
N GLU C 562 27.12 -16.29 -22.14
CA GLU C 562 27.28 -17.65 -22.73
C GLU C 562 25.91 -18.18 -23.20
N GLU C 563 25.97 -19.04 -24.21
CA GLU C 563 24.88 -19.95 -24.65
C GLU C 563 24.47 -20.83 -23.48
N ARG C 564 23.20 -21.17 -23.44
CA ARG C 564 22.56 -21.94 -22.35
C ARG C 564 22.79 -23.42 -22.57
N CYS C 565 23.17 -24.15 -21.53
CA CYS C 565 23.46 -25.62 -21.63
C CYS C 565 22.19 -26.34 -22.15
N ALA C 566 21.01 -25.97 -21.62
CA ALA C 566 19.72 -26.61 -21.96
C ALA C 566 19.37 -26.27 -23.40
N TYR C 567 19.83 -25.13 -23.94
CA TYR C 567 19.59 -24.78 -25.35
C TYR C 567 20.46 -25.65 -26.25
N LYS C 568 21.73 -25.83 -25.88
CA LYS C 568 22.69 -26.64 -26.69
C LYS C 568 22.13 -28.07 -26.82
N GLN C 569 21.51 -28.59 -25.77
CA GLN C 569 20.87 -29.92 -25.82
C GLN C 569 19.92 -29.98 -27.04
N ILE C 570 19.02 -28.99 -27.15
CA ILE C 570 17.95 -28.95 -28.20
C ILE C 570 18.63 -29.00 -29.57
N GLU C 571 19.56 -28.08 -29.83
CA GLU C 571 20.09 -27.94 -31.20
C GLU C 571 21.07 -29.09 -31.52
N TYR C 572 21.92 -29.55 -30.60
CA TYR C 572 23.02 -30.50 -30.95
C TYR C 572 23.18 -31.69 -30.01
N GLY C 573 22.23 -31.94 -29.12
CA GLY C 573 22.27 -33.02 -28.12
C GLY C 573 22.53 -34.40 -28.74
N ASN C 574 23.17 -35.26 -27.97
CA ASN C 574 23.46 -36.66 -28.37
C ASN C 574 22.17 -37.49 -28.20
N GLY C 575 21.62 -38.00 -29.30
CA GLY C 575 20.42 -38.85 -29.33
C GLY C 575 19.24 -38.23 -28.61
N ALA C 576 18.81 -38.85 -27.51
CA ALA C 576 17.60 -38.50 -26.71
C ALA C 576 17.70 -37.11 -26.07
N LEU C 577 18.91 -36.56 -26.00
CA LEU C 577 19.16 -35.29 -25.25
C LEU C 577 18.67 -34.12 -26.09
N LYS C 578 18.37 -34.36 -27.35
CA LYS C 578 17.77 -33.35 -28.26
C LYS C 578 16.28 -33.16 -27.93
N THR C 579 15.53 -34.23 -27.63
CA THR C 579 14.05 -34.23 -27.72
C THR C 579 13.40 -34.75 -26.43
N ASN C 580 14.12 -35.42 -25.57
CA ASN C 580 13.53 -36.03 -24.37
C ASN C 580 13.76 -35.13 -23.17
N LEU C 581 12.70 -34.52 -22.62
CA LEU C 581 12.89 -33.46 -21.61
C LEU C 581 13.26 -34.11 -20.28
N SER C 582 12.65 -35.24 -19.95
CA SER C 582 12.97 -36.04 -18.74
C SER C 582 14.50 -36.27 -18.67
N GLU C 583 15.08 -36.74 -19.77
CA GLU C 583 16.51 -37.10 -19.87
C GLU C 583 17.33 -35.80 -19.82
N ARG C 584 16.93 -34.78 -20.58
CA ARG C 584 17.61 -33.47 -20.57
C ARG C 584 17.76 -33.02 -19.12
N LEU C 585 16.72 -33.18 -18.30
CA LEU C 585 16.78 -32.60 -16.93
C LEU C 585 17.67 -33.47 -16.06
N LYS C 586 17.66 -34.78 -16.30
CA LYS C 586 18.57 -35.76 -15.64
C LYS C 586 20.02 -35.33 -15.84
N GLN C 587 20.42 -35.10 -17.09
CA GLN C 587 21.79 -34.68 -17.49
C GLN C 587 22.14 -33.35 -16.80
N LEU C 588 21.25 -32.35 -16.87
CA LEU C 588 21.46 -31.03 -16.21
C LEU C 588 21.61 -31.23 -14.70
N SER C 589 20.88 -32.18 -14.11
CA SER C 589 20.92 -32.46 -12.65
C SER C 589 22.32 -33.00 -12.27
N SER C 590 22.82 -33.86 -13.13
CA SER C 590 24.13 -34.53 -13.03
C SER C 590 25.23 -33.45 -13.13
N ASN C 591 25.10 -32.51 -14.08
CA ASN C 591 26.00 -31.32 -14.18
C ASN C 591 26.01 -30.65 -12.81
N ALA C 592 24.83 -30.40 -12.25
CA ALA C 592 24.66 -29.69 -10.98
C ALA C 592 25.38 -30.46 -9.86
N ALA C 593 25.33 -31.79 -9.90
CA ALA C 593 25.90 -32.65 -8.85
C ALA C 593 27.44 -32.70 -8.97
N PHE C 594 27.99 -32.23 -10.10
CA PHE C 594 29.43 -32.01 -10.36
C PHE C 594 29.75 -30.51 -10.36
N PHE C 595 29.00 -29.70 -9.61
CA PHE C 595 29.14 -28.22 -9.61
C PHE C 595 28.96 -27.65 -8.21
N PHE C 596 27.76 -27.75 -7.64
CA PHE C 596 27.49 -27.22 -6.27
C PHE C 596 28.19 -28.06 -5.19
N THR C 597 28.77 -29.21 -5.55
CA THR C 597 29.40 -30.15 -4.60
C THR C 597 30.88 -29.81 -4.43
N VAL C 598 31.36 -28.80 -5.16
CA VAL C 598 32.80 -28.48 -5.36
C VAL C 598 33.13 -27.25 -4.54
N PRO C 599 34.18 -27.29 -3.70
CA PRO C 599 34.53 -26.16 -2.86
C PRO C 599 34.74 -24.89 -3.72
N GLY C 600 34.66 -23.76 -3.07
CA GLY C 600 34.86 -22.47 -3.77
C GLY C 600 33.52 -21.85 -4.18
N PRO C 601 33.50 -20.52 -4.37
CA PRO C 601 32.26 -19.84 -4.74
C PRO C 601 31.79 -20.33 -6.11
N LYS C 602 30.48 -20.21 -6.35
CA LYS C 602 29.81 -20.68 -7.57
C LYS C 602 28.78 -19.63 -8.02
N MET C 603 28.60 -19.49 -9.33
CA MET C 603 27.63 -18.51 -9.85
C MET C 603 26.70 -19.27 -10.78
N LEU C 604 25.42 -18.98 -10.71
CA LEU C 604 24.49 -19.39 -11.79
C LEU C 604 23.77 -18.16 -12.34
N TRP C 605 23.53 -18.20 -13.64
CA TRP C 605 22.79 -17.19 -14.44
C TRP C 605 21.30 -17.53 -14.32
N GLN C 606 20.48 -16.49 -14.18
CA GLN C 606 19.02 -16.58 -13.90
C GLN C 606 18.38 -17.66 -14.78
N PHE C 607 17.68 -18.59 -14.15
CA PHE C 607 16.78 -19.59 -14.80
C PHE C 607 17.54 -20.83 -15.30
N GLY C 608 18.84 -20.92 -15.03
CA GLY C 608 19.58 -22.18 -15.27
C GLY C 608 18.99 -23.27 -14.40
N GLU C 609 18.60 -22.93 -13.18
CA GLU C 609 17.96 -23.90 -12.25
C GLU C 609 16.65 -24.48 -12.82
N MET C 610 16.06 -23.91 -13.88
CA MET C 610 14.77 -24.44 -14.42
C MET C 610 14.94 -24.80 -15.89
N GLY C 611 16.19 -24.98 -16.32
CA GLY C 611 16.51 -25.49 -17.67
C GLY C 611 16.23 -24.49 -18.76
N TYR C 612 16.30 -23.20 -18.49
CA TYR C 612 16.05 -22.13 -19.51
C TYR C 612 16.85 -22.47 -20.77
N ASP C 613 16.17 -22.49 -21.93
CA ASP C 613 16.66 -23.13 -23.18
C ASP C 613 16.33 -22.26 -24.39
N ILE C 614 16.18 -20.95 -24.20
CA ILE C 614 16.16 -20.00 -25.34
C ILE C 614 17.60 -19.66 -25.68
N SER C 615 17.97 -19.68 -26.95
CA SER C 615 19.31 -19.29 -27.42
C SER C 615 19.63 -17.84 -27.03
N ILE C 616 20.88 -17.61 -26.58
CA ILE C 616 21.41 -16.24 -26.35
C ILE C 616 21.17 -15.38 -27.61
N ASP C 617 21.17 -15.97 -28.80
CA ASP C 617 21.00 -15.21 -30.07
C ASP C 617 19.53 -14.93 -30.39
N GLU C 618 18.57 -15.49 -29.65
CA GLU C 618 17.13 -15.21 -29.93
C GLU C 618 16.85 -13.73 -29.63
N ASN C 619 16.38 -13.00 -30.64
CA ASN C 619 16.07 -11.55 -30.57
C ASN C 619 17.39 -10.73 -30.46
N GLY C 620 18.50 -11.29 -30.96
CA GLY C 620 19.84 -10.69 -30.88
C GLY C 620 20.55 -11.01 -29.56
N ARG C 621 21.88 -11.14 -29.56
CA ARG C 621 22.67 -11.51 -28.36
C ARG C 621 22.14 -10.77 -27.11
N THR C 622 22.07 -9.44 -27.16
CA THR C 622 21.75 -8.57 -26.01
C THR C 622 20.26 -8.20 -26.03
N GLY C 623 19.48 -8.73 -26.96
CA GLY C 623 18.02 -8.44 -27.05
C GLY C 623 17.27 -9.01 -25.87
N LYS C 624 16.15 -8.37 -25.54
CA LYS C 624 15.17 -8.84 -24.53
C LYS C 624 14.80 -10.30 -24.80
N LYS C 625 14.76 -11.08 -23.73
CA LYS C 625 14.58 -12.55 -23.77
C LYS C 625 13.20 -12.87 -23.19
N PRO C 626 12.54 -13.95 -23.68
CA PRO C 626 11.32 -14.46 -23.06
C PRO C 626 11.42 -14.66 -21.55
N VAL C 627 10.41 -14.19 -20.83
CA VAL C 627 10.24 -14.46 -19.39
C VAL C 627 9.36 -15.70 -19.26
N LEU C 628 9.89 -16.79 -18.70
CA LEU C 628 9.23 -18.13 -18.69
C LEU C 628 9.22 -18.70 -17.29
N TRP C 629 8.59 -17.99 -16.34
CA TRP C 629 8.44 -18.44 -14.93
C TRP C 629 7.67 -19.77 -14.83
N GLU C 630 6.93 -20.17 -15.85
CA GLU C 630 6.15 -21.44 -15.79
C GLU C 630 7.14 -22.62 -15.82
N TYR C 631 8.36 -22.44 -16.32
CA TYR C 631 9.46 -23.45 -16.21
C TYR C 631 9.65 -23.85 -14.75
N GLN C 632 9.31 -22.98 -13.82
CA GLN C 632 9.46 -23.23 -12.36
C GLN C 632 8.69 -24.49 -11.94
N THR C 633 7.58 -24.79 -12.63
CA THR C 633 6.67 -25.94 -12.34
C THR C 633 6.95 -27.04 -13.37
N GLU C 634 7.14 -26.70 -14.64
CA GLU C 634 7.39 -27.66 -15.73
C GLU C 634 8.76 -28.35 -15.52
N ARG C 635 9.72 -27.69 -14.89
CA ARG C 635 11.07 -28.29 -14.65
C ARG C 635 11.37 -28.26 -13.16
N LYS C 636 10.34 -28.45 -12.32
CA LYS C 636 10.48 -28.33 -10.85
C LYS C 636 11.54 -29.33 -10.37
N SER C 637 11.68 -30.47 -11.03
CA SER C 637 12.61 -31.54 -10.57
C SER C 637 14.06 -31.01 -10.61
N LEU C 638 14.43 -30.18 -11.60
CA LEU C 638 15.78 -29.56 -11.65
C LEU C 638 15.85 -28.45 -10.58
N VAL C 639 14.78 -27.69 -10.39
CA VAL C 639 14.81 -26.62 -9.37
C VAL C 639 15.05 -27.26 -8.01
N ASP C 640 14.38 -28.38 -7.75
CA ASP C 640 14.48 -29.11 -6.46
C ASP C 640 15.91 -29.64 -6.24
N ILE C 641 16.55 -30.15 -7.30
CA ILE C 641 17.96 -30.64 -7.21
C ILE C 641 18.88 -29.45 -6.90
N TYR C 642 18.75 -28.34 -7.65
CA TYR C 642 19.55 -27.09 -7.41
C TYR C 642 19.37 -26.69 -5.95
N THR C 643 18.13 -26.66 -5.49
CA THR C 643 17.77 -26.21 -4.12
C THR C 643 18.46 -27.10 -3.08
N LYS C 644 18.41 -28.42 -3.27
CA LYS C 644 18.95 -29.40 -2.28
C LYS C 644 20.49 -29.33 -2.28
N LEU C 645 21.13 -29.25 -3.45
CA LEU C 645 22.62 -29.13 -3.55
C LEU C 645 23.11 -27.82 -2.93
N ILE C 646 22.41 -26.71 -3.19
CA ILE C 646 22.78 -25.37 -2.67
C ILE C 646 22.60 -25.38 -1.14
N THR C 647 21.49 -25.94 -0.65
CA THR C 647 21.15 -26.06 0.80
C THR C 647 22.19 -26.93 1.52
N LEU C 648 22.59 -28.04 0.91
CA LEU C 648 23.63 -28.94 1.47
C LEU C 648 24.87 -28.13 1.86
N ARG C 649 25.22 -27.08 1.09
CA ARG C 649 26.42 -26.22 1.37
C ARG C 649 26.24 -25.42 2.67
N THR C 650 25.02 -25.05 3.04
CA THR C 650 24.75 -24.47 4.38
C THR C 650 24.70 -25.61 5.41
N THR C 651 23.86 -26.61 5.17
CA THR C 651 23.56 -27.64 6.20
C THR C 651 24.89 -28.23 6.69
N HIS C 652 25.79 -28.61 5.78
CA HIS C 652 27.11 -29.20 6.13
C HIS C 652 28.25 -28.35 5.52
N SER C 653 28.33 -27.08 5.91
CA SER C 653 29.31 -26.10 5.35
C SER C 653 30.73 -26.51 5.74
N ASP C 654 30.90 -27.23 6.86
CA ASP C 654 32.21 -27.75 7.33
C ASP C 654 32.81 -28.60 6.19
N LEU C 655 31.96 -29.36 5.49
CA LEU C 655 32.36 -30.22 4.34
C LEU C 655 33.03 -29.37 3.25
N PHE C 656 32.47 -28.19 2.99
CA PHE C 656 32.81 -27.34 1.82
C PHE C 656 33.88 -26.32 2.19
N ASN C 657 34.40 -26.41 3.42
CA ASN C 657 35.64 -25.71 3.84
C ASN C 657 36.75 -25.99 2.82
N ALA C 658 37.51 -24.97 2.42
CA ALA C 658 38.58 -25.09 1.39
C ALA C 658 39.66 -26.07 1.84
N SER C 659 39.80 -26.30 3.16
CA SER C 659 40.82 -27.20 3.74
C SER C 659 40.44 -28.67 3.49
N SER C 660 39.18 -28.95 3.11
CA SER C 660 38.71 -30.33 2.81
C SER C 660 39.51 -30.89 1.64
N GLN C 661 39.85 -32.18 1.71
CA GLN C 661 40.47 -32.90 0.57
C GLN C 661 39.39 -33.11 -0.49
N PHE C 662 39.70 -32.78 -1.74
CA PHE C 662 38.80 -32.87 -2.90
C PHE C 662 39.56 -33.51 -4.04
N THR C 663 39.04 -34.63 -4.55
CA THR C 663 39.57 -35.30 -5.75
C THR C 663 38.40 -35.66 -6.65
N TRP C 664 38.66 -35.73 -7.93
CA TRP C 664 37.60 -36.14 -8.88
C TRP C 664 38.26 -36.60 -10.16
N LYS C 665 37.50 -37.37 -10.93
CA LYS C 665 37.87 -37.90 -12.24
C LYS C 665 36.84 -37.34 -13.21
N VAL C 666 37.22 -36.31 -13.98
CA VAL C 666 36.28 -35.52 -14.83
C VAL C 666 37.00 -35.08 -16.10
N SER C 667 38.07 -35.76 -16.50
CA SER C 667 38.80 -35.49 -17.76
C SER C 667 38.01 -36.11 -18.90
N TYR C 668 38.39 -35.77 -20.12
CA TYR C 668 38.00 -36.42 -21.39
C TYR C 668 38.00 -37.95 -21.23
N ASN C 669 38.95 -38.51 -20.48
CA ASN C 669 39.18 -39.97 -20.38
C ASN C 669 38.28 -40.57 -19.29
N ASP C 670 37.58 -39.73 -18.52
CA ASP C 670 36.62 -40.15 -17.47
C ASP C 670 35.21 -39.95 -18.04
N TRP C 671 34.66 -40.96 -18.72
CA TRP C 671 33.35 -40.86 -19.43
C TRP C 671 32.63 -42.20 -19.47
N ASP C 672 33.20 -43.17 -20.22
CA ASP C 672 32.61 -44.50 -20.51
C ASP C 672 32.26 -45.23 -19.21
N ASN C 673 32.99 -45.01 -18.11
CA ASN C 673 32.74 -45.65 -16.79
C ASN C 673 32.11 -44.65 -15.84
N GLY C 674 31.83 -43.43 -16.28
CA GLY C 674 31.27 -42.39 -15.40
C GLY C 674 32.34 -41.45 -14.85
N ARG C 675 31.90 -40.50 -14.04
CA ARG C 675 32.75 -39.49 -13.37
C ARG C 675 32.49 -39.61 -11.90
N THR C 676 33.49 -39.33 -11.06
CA THR C 676 33.38 -39.41 -9.59
C THR C 676 33.99 -38.16 -8.97
N LEU C 677 33.53 -37.81 -7.80
CA LEU C 677 34.26 -36.87 -6.93
C LEU C 677 34.08 -37.37 -5.51
N THR C 678 35.04 -37.02 -4.68
CA THR C 678 35.05 -37.29 -3.23
C THR C 678 35.57 -36.02 -2.56
N LEU C 679 34.89 -35.60 -1.51
CA LEU C 679 35.22 -34.43 -0.70
C LEU C 679 35.26 -34.92 0.74
N LYS C 680 36.41 -34.80 1.41
CA LYS C 680 36.62 -35.29 2.80
C LYS C 680 37.01 -34.10 3.68
N ALA C 681 36.22 -33.83 4.70
CA ALA C 681 36.48 -32.81 5.72
C ALA C 681 37.50 -33.33 6.73
N VAL C 682 38.21 -32.41 7.36
CA VAL C 682 39.20 -32.70 8.43
C VAL C 682 38.49 -33.43 9.57
N ASN C 683 37.16 -33.27 9.72
CA ASN C 683 36.39 -33.84 10.85
C ASN C 683 35.87 -35.25 10.54
N GLY C 684 36.20 -35.83 9.38
CA GLY C 684 35.80 -37.20 8.99
C GLY C 684 34.59 -37.25 8.06
N LYS C 685 33.70 -36.25 8.08
CA LYS C 685 32.53 -36.18 7.14
C LYS C 685 33.00 -36.38 5.69
N GLN C 686 32.24 -37.09 4.87
CA GLN C 686 32.64 -37.40 3.48
C GLN C 686 31.44 -37.32 2.53
N LEU C 687 31.69 -36.80 1.33
CA LEU C 687 30.72 -36.75 0.20
C LEU C 687 31.33 -37.46 -0.98
N HIS C 688 30.62 -38.43 -1.54
CA HIS C 688 31.00 -39.06 -2.82
C HIS C 688 29.85 -38.88 -3.81
N VAL C 689 30.17 -38.62 -5.07
CA VAL C 689 29.18 -38.46 -6.16
C VAL C 689 29.69 -39.25 -7.37
N TYR C 690 28.79 -40.01 -7.98
CA TYR C 690 29.01 -40.74 -9.25
C TYR C 690 27.97 -40.24 -10.24
N ALA C 691 28.37 -39.97 -11.48
CA ALA C 691 27.45 -39.59 -12.56
C ALA C 691 27.81 -40.36 -13.82
N ASN C 692 26.78 -40.71 -14.60
CA ASN C 692 26.84 -41.35 -15.91
C ASN C 692 26.31 -40.36 -16.96
N PHE C 693 27.21 -39.71 -17.66
CA PHE C 693 26.87 -38.71 -18.69
C PHE C 693 26.54 -39.42 -20.00
N THR C 694 26.73 -40.74 -20.06
CA THR C 694 26.57 -41.51 -21.33
C THR C 694 25.07 -41.77 -21.56
N ASN C 695 24.69 -42.16 -22.76
CA ASN C 695 23.27 -42.56 -22.99
C ASN C 695 23.11 -44.09 -22.89
N ALA C 696 23.84 -44.76 -21.99
CA ALA C 696 23.57 -46.17 -21.61
C ALA C 696 23.96 -46.42 -20.16
N SER C 697 23.32 -47.41 -19.55
CA SER C 697 23.44 -47.73 -18.11
C SER C 697 24.84 -48.26 -17.83
N ILE C 698 25.38 -47.98 -16.65
CA ILE C 698 26.77 -48.35 -16.27
C ILE C 698 26.71 -48.97 -14.90
N ASP C 699 27.44 -50.08 -14.71
CA ASP C 699 27.67 -50.70 -13.37
C ASP C 699 28.76 -49.93 -12.62
N TYR C 700 28.55 -49.71 -11.33
CA TYR C 700 29.48 -48.94 -10.47
C TYR C 700 29.54 -49.62 -9.10
N THR C 701 30.75 -49.82 -8.57
CA THR C 701 30.91 -50.37 -7.20
C THR C 701 31.09 -49.19 -6.25
N ILE C 702 30.16 -49.02 -5.31
CA ILE C 702 30.23 -47.95 -4.28
C ILE C 702 31.50 -48.18 -3.49
N PRO C 703 32.28 -47.13 -3.16
CA PRO C 703 33.50 -47.29 -2.36
C PRO C 703 33.21 -47.86 -0.96
N GLU C 704 34.21 -48.48 -0.32
CA GLU C 704 34.06 -49.03 1.05
C GLU C 704 33.52 -47.90 1.93
N GLY C 705 32.68 -48.25 2.91
CA GLY C 705 32.15 -47.33 3.91
C GLY C 705 30.68 -47.59 4.13
N THR C 706 30.11 -47.04 5.21
CA THR C 706 28.64 -46.89 5.42
C THR C 706 28.22 -45.55 4.83
N TRP C 707 27.38 -45.60 3.79
CA TRP C 707 27.01 -44.47 2.91
C TRP C 707 25.48 -44.31 2.94
N TYR C 708 25.00 -43.05 2.90
CA TYR C 708 23.56 -42.69 2.90
C TYR C 708 23.27 -41.90 1.63
N LEU C 709 22.12 -42.13 1.01
CA LEU C 709 21.59 -41.30 -0.10
C LEU C 709 20.99 -40.03 0.50
N TYR C 710 21.82 -39.00 0.68
CA TYR C 710 21.44 -37.77 1.42
C TYR C 710 20.24 -37.07 0.77
N LEU C 711 20.11 -37.13 -0.56
CA LEU C 711 19.12 -36.34 -1.33
C LEU C 711 17.72 -36.95 -1.29
N GLU C 712 17.55 -38.13 -0.68
CA GLU C 712 16.21 -38.74 -0.44
C GLU C 712 16.17 -39.35 0.96
N ASN C 713 15.54 -38.66 1.91
CA ASN C 713 15.22 -39.17 3.27
C ASN C 713 16.52 -39.40 4.07
N GLY C 714 17.43 -40.23 3.56
CA GLY C 714 18.77 -40.47 4.11
C GLY C 714 19.04 -41.95 4.30
N ASN C 715 18.67 -42.77 3.31
CA ASN C 715 18.59 -44.26 3.40
C ASN C 715 19.96 -44.87 3.14
N PRO C 716 20.41 -45.89 3.91
CA PRO C 716 21.62 -46.64 3.60
C PRO C 716 21.41 -47.70 2.51
N LYS C 721 26.51 -53.07 -2.82
CA LYS C 721 27.81 -52.43 -3.10
C LYS C 721 27.92 -52.14 -4.59
N LYS C 722 27.76 -53.16 -5.46
CA LYS C 722 27.71 -52.96 -6.93
C LYS C 722 26.30 -52.48 -7.31
N ILE C 723 26.19 -51.46 -8.17
CA ILE C 723 24.89 -50.95 -8.68
C ILE C 723 24.97 -50.76 -10.20
N SER C 724 23.80 -50.59 -10.81
CA SER C 724 23.63 -50.10 -12.19
C SER C 724 23.07 -48.68 -12.13
N VAL C 725 23.67 -47.77 -12.89
CA VAL C 725 23.32 -46.32 -12.86
C VAL C 725 22.81 -45.97 -14.25
N PRO C 726 21.51 -45.69 -14.39
CA PRO C 726 20.94 -45.41 -15.72
C PRO C 726 21.62 -44.21 -16.39
N ALA C 727 21.59 -44.19 -17.72
CA ALA C 727 21.97 -43.06 -18.58
C ALA C 727 21.52 -41.74 -17.94
N HIS C 728 22.44 -40.75 -17.91
CA HIS C 728 22.21 -39.33 -17.54
C HIS C 728 21.99 -39.19 -16.03
N GLU C 729 22.06 -40.27 -15.26
CA GLU C 729 21.76 -40.15 -13.81
C GLU C 729 23.06 -40.05 -12.99
N PHE C 730 22.90 -39.55 -11.77
CA PHE C 730 23.97 -39.44 -10.75
C PHE C 730 23.48 -40.06 -9.44
N ARG C 731 24.41 -40.34 -8.54
CA ARG C 731 24.15 -40.87 -7.20
C ARG C 731 25.04 -40.08 -6.24
N LEU C 732 24.46 -39.57 -5.17
CA LEU C 732 25.17 -38.77 -4.17
C LEU C 732 25.10 -39.49 -2.82
N TYR C 733 26.26 -39.71 -2.21
CA TYR C 733 26.43 -40.45 -0.94
C TYR C 733 27.16 -39.58 0.07
N THR C 734 26.60 -39.49 1.27
CA THR C 734 27.26 -38.92 2.47
C THR C 734 27.56 -40.06 3.46
N ASN C 735 28.59 -39.93 4.29
CA ASN C 735 28.92 -40.93 5.34
C ASN C 735 28.19 -40.58 6.64
N PHE C 736 27.24 -39.66 6.59
CA PHE C 736 26.40 -39.21 7.74
C PHE C 736 24.94 -39.21 7.30
N ALA C 737 24.00 -39.33 8.25
CA ALA C 737 22.54 -39.28 7.99
C ALA C 737 22.02 -37.84 8.14
N GLU C 738 22.51 -37.09 9.13
CA GLU C 738 22.13 -35.67 9.43
C GLU C 738 22.04 -34.88 8.12
N GLN D 24 -11.12 -58.75 -28.06
CA GLN D 24 -11.80 -58.43 -29.36
C GLN D 24 -10.75 -58.13 -30.44
N VAL D 25 -11.17 -58.24 -31.71
CA VAL D 25 -10.41 -57.84 -32.94
C VAL D 25 -9.88 -56.40 -32.76
N LEU D 26 -8.58 -56.17 -33.02
CA LEU D 26 -7.92 -54.84 -32.90
C LEU D 26 -8.13 -54.02 -34.17
N HIS D 27 -8.37 -52.72 -34.03
CA HIS D 27 -8.42 -51.76 -35.16
C HIS D 27 -7.30 -50.73 -35.00
N ASP D 28 -7.09 -49.94 -36.05
CA ASP D 28 -5.94 -49.00 -36.18
C ASP D 28 -6.00 -47.95 -35.08
N GLY D 29 -4.88 -47.72 -34.42
CA GLY D 29 -4.78 -46.76 -33.32
C GLY D 29 -5.05 -47.45 -32.01
N PHE D 30 -5.69 -46.76 -31.08
CA PHE D 30 -5.87 -47.23 -29.69
C PHE D 30 -7.10 -48.13 -29.56
N ASN D 31 -6.97 -49.05 -28.63
CA ASN D 31 -7.91 -50.16 -28.33
C ASN D 31 -7.95 -50.30 -26.81
N PHE D 32 -9.14 -50.48 -26.26
CA PHE D 32 -9.35 -50.43 -24.80
C PHE D 32 -9.96 -51.75 -24.35
N ASP D 33 -9.48 -52.23 -23.20
CA ASP D 33 -10.12 -53.32 -22.44
C ASP D 33 -10.12 -52.90 -20.98
N PRO D 34 -11.27 -52.63 -20.32
CA PRO D 34 -12.61 -52.72 -20.93
C PRO D 34 -12.90 -51.73 -22.07
N ALA D 35 -13.82 -52.12 -22.95
CA ALA D 35 -14.15 -51.41 -24.20
C ALA D 35 -14.60 -50.00 -23.83
N ILE D 36 -15.28 -49.92 -22.70
CA ILE D 36 -15.68 -48.63 -22.05
C ILE D 36 -14.83 -48.50 -20.80
N PRO D 37 -13.74 -47.68 -20.82
CA PRO D 37 -12.86 -47.54 -19.67
C PRO D 37 -13.68 -47.13 -18.45
N LYS D 38 -13.38 -47.76 -17.31
CA LYS D 38 -14.01 -47.43 -16.00
C LYS D 38 -12.94 -46.77 -15.13
N ALA D 39 -13.24 -45.59 -14.59
CA ALA D 39 -12.34 -44.76 -13.76
C ALA D 39 -11.67 -45.62 -12.68
N ASP D 40 -12.48 -46.44 -12.01
CA ASP D 40 -12.09 -47.12 -10.76
C ASP D 40 -11.74 -48.59 -11.07
N GLU D 41 -11.35 -48.88 -12.31
CA GLU D 41 -10.82 -50.21 -12.68
C GLU D 41 -9.56 -50.07 -13.51
N PRO D 42 -8.71 -51.13 -13.54
CA PRO D 42 -7.59 -51.21 -14.47
C PRO D 42 -8.04 -51.04 -15.92
N LEU D 43 -7.15 -50.53 -16.77
CA LEU D 43 -7.38 -50.37 -18.22
C LEU D 43 -6.18 -50.95 -18.94
N THR D 44 -6.40 -51.75 -19.98
CA THR D 44 -5.32 -52.20 -20.90
C THR D 44 -5.47 -51.46 -22.21
N ILE D 45 -4.43 -50.75 -22.61
CA ILE D 45 -4.46 -49.96 -23.87
C ILE D 45 -3.61 -50.72 -24.87
N THR D 46 -4.12 -50.91 -26.07
CA THR D 46 -3.36 -51.56 -27.16
C THR D 46 -3.33 -50.63 -28.36
N PHE D 47 -2.14 -50.37 -28.85
CA PHE D 47 -1.90 -49.46 -29.99
C PHE D 47 -1.48 -50.32 -31.17
N LYS D 48 -2.19 -50.23 -32.30
CA LYS D 48 -1.87 -50.84 -33.60
C LYS D 48 -1.47 -49.74 -34.60
N ALA D 49 -0.25 -49.79 -35.14
CA ALA D 49 0.18 -48.81 -36.16
C ALA D 49 -0.46 -49.20 -37.48
N PRO D 50 -1.23 -48.31 -38.11
CA PRO D 50 -1.73 -48.58 -39.46
C PRO D 50 -0.61 -48.56 -40.51
N GLU D 51 -0.85 -49.26 -41.62
CA GLU D 51 0.06 -49.33 -42.79
C GLU D 51 0.39 -47.89 -43.22
N GLY D 52 1.67 -47.56 -43.38
CA GLY D 52 2.12 -46.24 -43.86
C GLY D 52 1.99 -45.14 -42.81
N SER D 53 1.85 -45.49 -41.53
CA SER D 53 1.98 -44.54 -40.39
C SER D 53 3.44 -44.53 -39.94
N ASN D 54 3.82 -43.58 -39.08
CA ASN D 54 5.23 -43.39 -38.67
C ASN D 54 5.75 -44.62 -37.90
N PHE D 55 4.94 -45.36 -37.13
CA PHE D 55 5.42 -46.50 -36.29
C PHE D 55 5.20 -47.87 -36.96
N TYR D 56 4.67 -47.91 -38.18
CA TYR D 56 4.54 -49.15 -38.98
C TYR D 56 5.95 -49.69 -39.25
N GLY D 57 6.26 -50.88 -38.75
CA GLY D 57 7.58 -51.53 -38.90
C GLY D 57 8.46 -51.28 -37.70
N TYR D 58 8.17 -50.24 -36.91
CA TYR D 58 9.04 -49.80 -35.79
C TYR D 58 9.37 -51.03 -34.93
N ALA D 59 10.64 -51.24 -34.60
CA ALA D 59 11.20 -52.51 -34.07
C ALA D 59 11.14 -52.55 -32.53
N ASP D 60 11.25 -51.38 -31.89
CA ASP D 60 11.38 -51.25 -30.41
C ASP D 60 10.02 -50.95 -29.79
N ASP D 61 10.00 -50.95 -28.46
CA ASP D 61 8.84 -50.57 -27.63
C ASP D 61 8.55 -49.06 -27.75
N LEU D 62 7.32 -48.69 -27.39
CA LEU D 62 6.83 -47.31 -27.34
C LEU D 62 6.59 -46.94 -25.89
N TYR D 63 6.32 -45.65 -25.66
CA TYR D 63 6.02 -45.09 -24.33
C TYR D 63 4.74 -44.25 -24.41
N LEU D 64 4.10 -44.16 -23.25
CA LEU D 64 2.78 -43.53 -23.07
C LEU D 64 2.98 -42.16 -22.41
N HIS D 65 2.56 -41.10 -23.12
CA HIS D 65 2.38 -39.73 -22.58
C HIS D 65 0.88 -39.49 -22.41
N SER D 66 0.39 -39.40 -21.19
CA SER D 66 -1.06 -39.48 -20.92
C SER D 66 -1.42 -38.76 -19.63
N GLY D 67 -2.69 -38.37 -19.51
CA GLY D 67 -3.30 -37.71 -18.34
C GLY D 67 -4.80 -37.66 -18.51
N THR D 68 -5.53 -37.22 -17.48
CA THR D 68 -7.01 -37.23 -17.49
C THR D 68 -7.55 -35.79 -17.57
N GLY D 69 -8.76 -35.67 -18.16
CA GLY D 69 -9.52 -34.41 -18.19
C GLY D 69 -8.92 -33.44 -19.16
N ALA D 70 -9.50 -32.24 -19.23
CA ALA D 70 -9.20 -31.20 -20.23
C ALA D 70 -7.70 -30.88 -20.19
N ASN D 71 -7.09 -30.91 -18.99
CA ASN D 71 -5.71 -30.40 -18.75
C ASN D 71 -4.74 -31.56 -18.41
N TRP D 72 -5.06 -32.81 -18.77
CA TRP D 72 -4.07 -33.93 -18.78
C TRP D 72 -3.50 -34.12 -17.37
N THR D 73 -4.36 -34.21 -16.35
CA THR D 73 -3.98 -34.45 -14.94
C THR D 73 -3.12 -35.71 -14.87
N GLY D 74 -1.96 -35.60 -14.22
CA GLY D 74 -1.06 -36.75 -14.00
C GLY D 74 -0.15 -36.95 -15.17
N ALA D 75 -0.07 -35.98 -16.09
CA ALA D 75 0.84 -36.09 -17.26
C ALA D 75 2.26 -36.09 -16.73
N PRO D 76 3.19 -36.91 -17.27
CA PRO D 76 4.56 -36.86 -16.80
C PRO D 76 5.34 -35.79 -17.56
N THR D 77 6.56 -35.46 -17.13
CA THR D 77 7.57 -34.81 -17.99
C THR D 77 7.69 -35.54 -19.31
N TRP D 78 7.63 -34.82 -20.42
CA TRP D 78 7.79 -35.44 -21.76
C TRP D 78 9.07 -36.31 -21.74
N GLY D 79 8.95 -37.60 -22.07
CA GLY D 79 10.10 -38.51 -22.25
C GLY D 79 10.37 -39.40 -21.06
N ASP D 80 9.60 -39.26 -19.97
CA ASP D 80 9.78 -40.05 -18.74
C ASP D 80 9.61 -41.54 -19.10
N ASN D 81 10.73 -42.28 -19.14
CA ASN D 81 10.80 -43.67 -19.66
C ASN D 81 10.75 -44.68 -18.51
N GLN D 82 10.34 -44.26 -17.31
CA GLN D 82 9.90 -45.18 -16.22
C GLN D 82 9.14 -46.39 -16.81
N ASN D 83 9.13 -47.53 -16.10
CA ASN D 83 8.58 -48.79 -16.65
C ASN D 83 7.04 -48.74 -16.70
N LYS D 84 6.37 -48.07 -15.75
CA LYS D 84 4.90 -47.89 -15.73
C LYS D 84 4.36 -47.15 -16.99
N TYR D 85 5.21 -46.54 -17.81
CA TYR D 85 4.82 -45.83 -19.07
C TYR D 85 5.17 -46.64 -20.31
N ARG D 86 5.82 -47.80 -20.14
CA ARG D 86 6.36 -48.62 -21.27
C ARG D 86 5.23 -49.41 -21.97
N LEU D 87 5.05 -49.26 -23.28
CA LEU D 87 4.20 -50.18 -24.08
C LEU D 87 5.08 -51.29 -24.68
N LYS D 88 4.98 -52.53 -24.17
CA LYS D 88 5.69 -53.74 -24.71
C LYS D 88 5.10 -54.12 -26.06
N LYS D 89 5.95 -54.29 -27.08
CA LYS D 89 5.59 -54.87 -28.40
C LYS D 89 5.14 -56.32 -28.18
N THR D 90 3.92 -56.68 -28.63
CA THR D 90 3.30 -58.02 -28.44
C THR D 90 3.28 -58.79 -29.77
N LYS D 91 3.52 -58.13 -30.89
CA LYS D 91 3.33 -58.68 -32.26
C LYS D 91 3.74 -57.54 -33.19
N ASP D 92 4.05 -57.81 -34.47
CA ASP D 92 4.31 -56.73 -35.49
C ASP D 92 3.24 -55.64 -35.34
N ASN D 93 3.68 -54.39 -35.21
CA ASN D 93 2.86 -53.15 -35.28
C ASN D 93 1.74 -53.15 -34.22
N VAL D 94 1.93 -53.84 -33.09
CA VAL D 94 0.96 -53.89 -31.96
C VAL D 94 1.75 -53.80 -30.66
N TRP D 95 1.42 -52.79 -29.84
CA TRP D 95 1.96 -52.60 -28.47
C TRP D 95 0.83 -52.48 -27.48
N SER D 96 1.07 -52.89 -26.25
CA SER D 96 0.08 -52.87 -25.15
C SER D 96 0.76 -52.47 -23.84
N ILE D 97 -0.04 -51.91 -22.94
CA ILE D 97 0.29 -51.42 -21.58
C ILE D 97 -0.97 -51.53 -20.72
N THR D 98 -0.79 -51.77 -19.43
CA THR D 98 -1.88 -51.89 -18.44
C THR D 98 -1.67 -50.81 -17.38
N LEU D 99 -2.68 -49.96 -17.12
CA LEU D 99 -2.70 -49.00 -15.99
C LEU D 99 -3.27 -49.77 -14.80
N SER D 100 -2.45 -50.13 -13.82
CA SER D 100 -2.84 -51.17 -12.83
C SER D 100 -3.40 -50.53 -11.56
N SER D 101 -4.18 -51.34 -10.84
CA SER D 101 -5.03 -50.94 -9.71
C SER D 101 -6.27 -50.26 -10.28
N SER D 102 -6.11 -49.07 -10.87
CA SER D 102 -7.20 -48.35 -11.58
C SER D 102 -6.64 -47.13 -12.32
N ILE D 103 -7.41 -46.65 -13.29
CA ILE D 103 -7.11 -45.40 -14.04
C ILE D 103 -6.90 -44.31 -13.00
N ARG D 104 -7.81 -44.25 -12.03
CA ARG D 104 -7.81 -43.20 -11.00
C ARG D 104 -6.50 -43.23 -10.21
N HIS D 105 -6.10 -44.40 -9.70
CA HIS D 105 -4.88 -44.56 -8.86
CA HIS D 105 -4.88 -44.59 -8.87
C HIS D 105 -3.65 -44.25 -9.72
N PHE D 106 -3.62 -44.72 -10.96
CA PHE D 106 -2.47 -44.52 -11.89
C PHE D 106 -2.13 -43.03 -12.05
N TYR D 107 -3.14 -42.16 -12.11
CA TYR D 107 -2.97 -40.70 -12.38
C TYR D 107 -3.06 -39.89 -11.08
N SER D 108 -3.33 -40.57 -9.95
CA SER D 108 -3.39 -39.96 -8.59
C SER D 108 -4.48 -38.88 -8.56
N VAL D 109 -5.63 -39.20 -9.14
CA VAL D 109 -6.83 -38.34 -9.19
C VAL D 109 -7.65 -38.68 -7.93
N ALA D 110 -8.22 -37.66 -7.28
CA ALA D 110 -8.96 -37.79 -6.01
C ALA D 110 -10.28 -38.52 -6.28
N PRO D 111 -10.76 -39.38 -5.34
CA PRO D 111 -12.01 -40.12 -5.55
C PRO D 111 -13.20 -39.22 -5.93
N SER D 112 -13.27 -38.03 -5.34
CA SER D 112 -14.38 -37.05 -5.53
C SER D 112 -14.26 -36.33 -6.88
N THR D 113 -13.07 -36.28 -7.51
CA THR D 113 -12.84 -35.57 -8.81
C THR D 113 -13.39 -36.40 -9.97
N PRO D 114 -14.39 -35.93 -10.73
CA PRO D 114 -14.87 -36.71 -11.87
C PRO D 114 -13.69 -36.98 -12.85
N LEU D 115 -13.56 -38.24 -13.26
CA LEU D 115 -12.52 -38.72 -14.20
C LEU D 115 -13.22 -39.22 -15.47
N GLN D 116 -13.25 -38.38 -16.50
CA GLN D 116 -14.27 -38.43 -17.59
C GLN D 116 -13.59 -38.65 -18.94
N THR D 117 -12.32 -38.24 -19.08
CA THR D 117 -11.52 -38.47 -20.31
C THR D 117 -10.09 -38.86 -19.95
N ILE D 118 -9.49 -39.64 -20.82
CA ILE D 118 -8.06 -40.04 -20.76
C ILE D 118 -7.46 -39.64 -22.09
N ASN D 119 -6.36 -38.91 -22.01
CA ASN D 119 -5.65 -38.33 -23.16
C ASN D 119 -4.41 -39.19 -23.38
N LEU D 120 -4.11 -39.52 -24.64
CA LEU D 120 -3.13 -40.59 -24.99
C LEU D 120 -2.25 -40.14 -26.16
N ILE D 121 -0.93 -40.20 -25.92
CA ILE D 121 0.10 -40.10 -26.97
C ILE D 121 1.04 -41.29 -26.78
N VAL D 122 1.46 -41.91 -27.89
CA VAL D 122 2.58 -42.89 -27.91
C VAL D 122 3.76 -42.23 -28.64
N ARG D 123 4.97 -42.47 -28.12
CA ARG D 123 6.24 -41.91 -28.63
C ARG D 123 7.36 -42.96 -28.54
N ASP D 124 8.41 -42.79 -29.35
CA ASP D 124 9.70 -43.53 -29.15
C ASP D 124 10.27 -43.12 -27.79
N ALA D 125 11.20 -43.89 -27.26
CA ALA D 125 11.94 -43.59 -26.00
C ALA D 125 12.66 -42.24 -26.10
N GLU D 126 13.06 -41.81 -27.30
CA GLU D 126 13.74 -40.50 -27.53
C GLU D 126 12.77 -39.30 -27.40
N GLY D 127 11.46 -39.51 -27.53
CA GLY D 127 10.48 -38.40 -27.58
C GLY D 127 10.63 -37.59 -28.86
N SER D 128 11.04 -38.25 -29.94
CA SER D 128 11.22 -37.64 -31.28
C SER D 128 10.04 -37.98 -32.19
N GLN D 129 9.65 -39.25 -32.26
CA GLN D 129 8.51 -39.73 -33.05
C GLN D 129 7.33 -39.84 -32.07
N GLN D 130 6.13 -39.42 -32.47
CA GLN D 130 4.94 -39.50 -31.59
C GLN D 130 3.66 -39.53 -32.43
N THR D 131 2.58 -40.02 -31.83
CA THR D 131 1.18 -39.63 -32.21
C THR D 131 0.85 -38.28 -31.55
N TYR D 132 -0.32 -37.71 -31.87
CA TYR D 132 -0.76 -36.37 -31.39
C TYR D 132 -2.03 -36.47 -30.55
N ASP D 133 -2.42 -35.35 -29.95
CA ASP D 133 -3.46 -35.31 -28.89
C ASP D 133 -4.66 -36.13 -29.38
N TYR D 134 -5.06 -37.10 -28.55
CA TYR D 134 -6.20 -38.02 -28.72
C TYR D 134 -6.80 -38.24 -27.33
N ALA D 135 -8.11 -38.33 -27.23
CA ALA D 135 -8.79 -38.68 -25.96
C ALA D 135 -9.97 -39.63 -26.21
N THR D 136 -10.29 -40.39 -25.18
CA THR D 136 -11.51 -41.21 -25.13
C THR D 136 -12.22 -40.92 -23.82
N LEU D 137 -13.51 -41.21 -23.80
CA LEU D 137 -14.39 -41.09 -22.61
C LEU D 137 -14.06 -42.17 -21.59
N VAL D 138 -14.20 -41.82 -20.31
CA VAL D 138 -14.12 -42.78 -19.18
C VAL D 138 -15.42 -42.70 -18.39
N GLU D 139 -16.03 -43.84 -18.13
CA GLU D 139 -17.16 -43.93 -17.19
C GLU D 139 -16.59 -43.78 -15.78
N ASP D 140 -17.21 -42.94 -14.96
CA ASP D 140 -16.91 -42.78 -13.51
C ASP D 140 -18.23 -42.79 -12.74
N SER D 141 -18.79 -43.98 -12.48
CA SER D 141 -20.12 -44.13 -11.85
C SER D 141 -20.07 -43.66 -10.38
N GLN D 142 -18.93 -43.75 -9.71
CA GLN D 142 -18.76 -43.20 -8.34
C GLN D 142 -19.10 -41.70 -8.35
N ASN D 143 -18.96 -41.02 -9.49
CA ASN D 143 -19.21 -39.55 -9.55
C ASN D 143 -20.43 -39.24 -10.44
N GLY D 144 -21.27 -40.24 -10.75
CA GLY D 144 -22.52 -40.06 -11.51
C GLY D 144 -22.29 -39.78 -12.99
N PHE D 145 -21.16 -40.22 -13.57
CA PHE D 145 -20.85 -40.08 -15.01
C PHE D 145 -21.00 -41.44 -15.68
N ILE D 146 -22.22 -41.72 -16.15
CA ILE D 146 -22.69 -43.02 -16.69
C ILE D 146 -23.11 -42.83 -18.15
N TRP D 147 -22.81 -43.80 -19.01
CA TRP D 147 -23.16 -43.77 -20.47
C TRP D 147 -24.68 -43.62 -20.66
N GLU D 148 -25.13 -42.65 -21.47
CA GLU D 148 -26.52 -42.56 -22.01
C GLU D 148 -26.45 -42.35 -23.54
N GLU D 149 -27.21 -43.09 -24.37
CA GLU D 149 -27.19 -42.93 -25.85
C GLU D 149 -27.71 -41.54 -26.22
N PRO D 150 -27.06 -40.81 -27.13
CA PRO D 150 -27.60 -39.52 -27.57
C PRO D 150 -28.99 -39.70 -28.23
N GLN D 151 -29.88 -38.75 -28.01
CA GLN D 151 -31.24 -38.78 -28.58
C GLN D 151 -31.28 -38.05 -29.93
N LYS D 152 -32.20 -38.51 -30.77
CA LYS D 152 -32.55 -37.87 -32.07
C LYS D 152 -33.74 -36.95 -31.81
N ALA D 153 -33.73 -35.73 -32.34
CA ALA D 153 -34.88 -34.83 -32.24
C ALA D 153 -34.71 -33.77 -33.30
N PRO D 154 -35.81 -33.35 -33.95
CA PRO D 154 -35.73 -32.33 -34.96
C PRO D 154 -35.30 -30.99 -34.38
N LEU D 155 -34.49 -30.24 -35.14
CA LEU D 155 -34.01 -28.87 -34.83
C LEU D 155 -35.23 -27.96 -34.75
N PRO D 156 -35.47 -27.25 -33.63
CA PRO D 156 -36.67 -26.41 -33.52
C PRO D 156 -36.68 -25.21 -34.45
N ILE D 157 -35.65 -25.00 -35.25
CA ILE D 157 -35.53 -23.80 -36.12
C ILE D 157 -35.09 -24.22 -37.51
N SER D 158 -35.09 -23.28 -38.45
CA SER D 158 -34.55 -23.50 -39.82
C SER D 158 -34.18 -22.14 -40.41
N GLY D 159 -33.46 -22.16 -41.53
CA GLY D 159 -33.11 -20.98 -42.32
C GLY D 159 -31.63 -20.96 -42.62
N GLU D 160 -31.20 -19.95 -43.41
CA GLU D 160 -29.78 -19.56 -43.43
C GLU D 160 -29.48 -19.22 -41.97
N GLU D 161 -28.26 -19.52 -41.53
CA GLU D 161 -27.68 -19.02 -40.25
C GLU D 161 -28.34 -19.72 -39.06
N LYS D 162 -28.83 -20.94 -39.25
CA LYS D 162 -29.34 -21.75 -38.11
C LYS D 162 -28.20 -22.29 -37.26
N GLU D 163 -27.03 -22.59 -37.85
CA GLU D 163 -25.84 -23.01 -37.08
C GLU D 163 -25.40 -21.84 -36.20
N GLY D 164 -24.99 -22.16 -34.99
CA GLY D 164 -24.33 -21.21 -34.08
C GLY D 164 -25.08 -21.03 -32.79
N ILE D 165 -25.12 -19.78 -32.34
CA ILE D 165 -25.55 -19.37 -30.97
C ILE D 165 -26.81 -18.53 -31.14
N HIS D 166 -27.90 -18.94 -30.50
CA HIS D 166 -29.20 -18.22 -30.51
C HIS D 166 -29.63 -17.93 -29.07
N ILE D 167 -29.58 -16.67 -28.64
CA ILE D 167 -30.13 -16.28 -27.31
C ILE D 167 -31.66 -16.38 -27.35
N HIS D 168 -32.28 -17.10 -26.39
CA HIS D 168 -33.76 -17.25 -26.29
C HIS D 168 -34.36 -16.38 -25.18
N SER D 169 -33.57 -16.00 -24.19
CA SER D 169 -33.97 -15.23 -22.98
C SER D 169 -32.69 -14.79 -22.25
N ALA D 170 -32.86 -13.97 -21.21
CA ALA D 170 -31.80 -13.56 -20.28
C ALA D 170 -31.06 -14.79 -19.76
N THR D 171 -31.69 -15.95 -19.66
CA THR D 171 -31.12 -17.15 -18.98
C THR D 171 -31.09 -18.39 -19.88
N SER D 172 -31.17 -18.24 -21.21
CA SER D 172 -31.20 -19.44 -22.09
C SER D 172 -30.61 -19.11 -23.45
N ILE D 173 -29.91 -20.10 -23.99
CA ILE D 173 -29.24 -20.05 -25.30
C ILE D 173 -29.43 -21.41 -25.97
N MET D 174 -29.80 -21.37 -27.24
CA MET D 174 -29.81 -22.58 -28.11
C MET D 174 -28.49 -22.60 -28.90
N LEU D 175 -27.82 -23.73 -28.90
CA LEU D 175 -26.55 -23.98 -29.65
C LEU D 175 -26.84 -25.01 -30.75
N VAL D 176 -26.34 -24.73 -31.95
CA VAL D 176 -26.57 -25.59 -33.15
C VAL D 176 -25.22 -25.77 -33.84
N LEU D 177 -24.76 -27.01 -33.89
CA LEU D 177 -23.41 -27.40 -34.39
C LEU D 177 -23.60 -28.34 -35.60
N TYR D 178 -23.21 -27.90 -36.78
CA TYR D 178 -23.31 -28.72 -38.00
C TYR D 178 -22.27 -29.83 -37.93
N ASP D 179 -22.68 -31.03 -38.30
CA ASP D 179 -21.84 -32.24 -38.25
C ASP D 179 -22.29 -33.25 -39.33
N LYS D 180 -21.65 -33.17 -40.49
CA LYS D 180 -21.59 -34.25 -41.49
C LYS D 180 -20.20 -34.26 -42.13
N ASP D 181 -19.48 -35.37 -41.97
CA ASP D 181 -18.12 -35.54 -42.53
C ASP D 181 -18.27 -35.84 -44.04
N SER D 182 -17.17 -35.92 -44.78
CA SER D 182 -17.20 -35.91 -46.27
C SER D 182 -17.65 -37.29 -46.81
N GLN D 183 -17.78 -38.29 -45.95
CA GLN D 183 -18.35 -39.64 -46.23
C GLN D 183 -19.82 -39.75 -45.77
N GLY D 184 -20.44 -38.66 -45.32
CA GLY D 184 -21.84 -38.67 -44.82
C GLY D 184 -21.94 -39.12 -43.38
N GLY D 185 -20.85 -39.29 -42.64
CA GLY D 185 -20.94 -39.68 -41.22
C GLY D 185 -21.06 -38.47 -40.30
N HIS D 186 -21.27 -38.73 -39.01
CA HIS D 186 -21.34 -37.71 -37.92
C HIS D 186 -20.82 -38.34 -36.65
N LYS D 187 -20.53 -37.51 -35.64
CA LYS D 187 -19.93 -37.96 -34.36
C LYS D 187 -20.93 -38.88 -33.65
N ASP D 188 -20.51 -39.63 -32.64
CA ASP D 188 -21.43 -40.47 -31.84
C ASP D 188 -22.15 -39.65 -30.77
N CYS D 189 -21.50 -38.62 -30.19
CA CYS D 189 -22.10 -37.71 -29.18
C CYS D 189 -21.33 -36.37 -29.13
N VAL D 190 -22.03 -35.31 -28.71
CA VAL D 190 -21.44 -33.97 -28.40
C VAL D 190 -21.97 -33.50 -27.05
N PHE D 191 -21.06 -33.14 -26.15
CA PHE D 191 -21.40 -32.50 -24.86
C PHE D 191 -21.11 -31.01 -24.98
N VAL D 192 -21.91 -30.19 -24.30
CA VAL D 192 -21.57 -28.76 -24.08
C VAL D 192 -21.07 -28.64 -22.64
N THR D 193 -19.92 -28.02 -22.49
CA THR D 193 -19.27 -27.83 -21.19
C THR D 193 -19.05 -26.33 -21.02
N GLY D 194 -19.11 -25.81 -19.81
CA GLY D 194 -18.76 -24.39 -19.61
C GLY D 194 -18.87 -23.93 -18.17
N ASN D 195 -19.01 -22.60 -18.01
CA ASN D 195 -18.97 -21.96 -16.68
C ASN D 195 -20.22 -22.38 -15.92
N PHE D 196 -21.28 -22.77 -16.62
CA PHE D 196 -22.60 -23.12 -16.06
C PHE D 196 -22.58 -24.50 -15.40
N ASN D 197 -21.55 -25.32 -15.61
CA ASN D 197 -21.47 -26.70 -15.02
C ASN D 197 -20.02 -27.02 -14.63
N ASN D 198 -19.23 -25.97 -14.38
CA ASN D 198 -17.82 -26.08 -13.89
C ASN D 198 -17.01 -27.01 -14.81
N TRP D 199 -17.22 -26.90 -16.13
CA TRP D 199 -16.33 -27.45 -17.16
C TRP D 199 -16.32 -28.98 -17.06
N LYS D 200 -17.44 -29.58 -16.73
CA LYS D 200 -17.59 -31.05 -16.61
C LYS D 200 -18.34 -31.59 -17.82
N LEU D 201 -18.08 -32.84 -18.15
CA LEU D 201 -18.98 -33.62 -19.05
C LEU D 201 -20.19 -34.08 -18.23
N ASP D 202 -21.41 -33.88 -18.75
CA ASP D 202 -22.64 -34.19 -17.98
C ASP D 202 -23.71 -34.62 -18.97
N SER D 203 -24.36 -35.75 -18.70
CA SER D 203 -25.33 -36.36 -19.63
C SER D 203 -26.48 -35.38 -19.88
N ARG D 204 -26.82 -34.52 -18.92
CA ARG D 204 -27.84 -33.45 -19.09
C ARG D 204 -27.46 -32.41 -20.16
N TYR D 205 -26.18 -32.33 -20.55
CA TYR D 205 -25.68 -31.33 -21.53
C TYR D 205 -25.28 -32.06 -22.81
N MET D 206 -25.83 -33.24 -23.04
CA MET D 206 -25.62 -33.97 -24.31
C MET D 206 -26.54 -33.36 -25.35
N MET D 207 -26.00 -32.91 -26.47
CA MET D 207 -26.79 -32.36 -27.58
C MET D 207 -27.62 -33.46 -28.24
N LYS D 208 -28.71 -33.07 -28.88
CA LYS D 208 -29.57 -33.97 -29.67
C LYS D 208 -29.14 -33.82 -31.11
N TYR D 209 -29.29 -34.87 -31.93
CA TYR D 209 -28.87 -34.85 -33.35
C TYR D 209 -30.13 -34.86 -34.23
N ASP D 210 -30.20 -33.94 -35.17
CA ASP D 210 -31.22 -33.91 -36.24
C ASP D 210 -30.58 -34.47 -37.51
N GLU D 211 -30.91 -35.73 -37.83
CA GLU D 211 -30.35 -36.51 -38.97
C GLU D 211 -30.70 -35.81 -40.29
N THR D 212 -31.77 -35.01 -40.34
CA THR D 212 -32.29 -34.42 -41.60
C THR D 212 -31.52 -33.16 -41.95
N ASN D 213 -31.08 -32.40 -40.95
CA ASN D 213 -30.30 -31.15 -41.13
C ASN D 213 -28.84 -31.33 -40.77
N HIS D 214 -28.46 -32.50 -40.25
CA HIS D 214 -27.08 -32.87 -39.87
C HIS D 214 -26.58 -31.92 -38.79
N CYS D 215 -27.41 -31.60 -37.78
CA CYS D 215 -27.08 -30.58 -36.75
C CYS D 215 -27.30 -31.21 -35.38
N TRP D 216 -26.32 -31.03 -34.51
CA TRP D 216 -26.46 -31.18 -33.04
C TRP D 216 -27.14 -29.91 -32.52
N TRP D 217 -28.01 -30.05 -31.53
CA TRP D 217 -28.66 -28.86 -30.93
C TRP D 217 -29.02 -29.15 -29.46
N ILE D 218 -29.05 -28.08 -28.68
CA ILE D 218 -29.48 -28.13 -27.27
C ILE D 218 -29.89 -26.72 -26.88
N THR D 219 -30.91 -26.61 -26.05
CA THR D 219 -31.29 -25.34 -25.40
C THR D 219 -30.81 -25.41 -23.95
N LEU D 220 -29.84 -24.58 -23.60
CA LEU D 220 -29.36 -24.47 -22.20
C LEU D 220 -30.33 -23.52 -21.49
N GLU D 221 -30.96 -24.00 -20.42
CA GLU D 221 -31.90 -23.24 -19.56
C GLU D 221 -31.23 -22.93 -18.22
N GLU D 222 -31.79 -21.97 -17.50
CA GLU D 222 -31.40 -21.66 -16.10
C GLU D 222 -29.91 -21.31 -16.07
N LEU D 223 -29.39 -20.72 -17.14
CA LEU D 223 -28.09 -20.02 -17.11
C LEU D 223 -28.23 -18.80 -16.20
N THR D 224 -27.14 -18.43 -15.52
CA THR D 224 -27.02 -17.10 -14.87
C THR D 224 -26.93 -16.07 -15.99
N ALA D 225 -27.82 -15.08 -16.00
CA ALA D 225 -27.86 -13.98 -16.99
C ALA D 225 -26.49 -13.30 -17.00
N GLY D 226 -26.09 -12.77 -18.16
CA GLY D 226 -24.75 -12.18 -18.40
C GLY D 226 -23.90 -13.08 -19.28
N GLU D 227 -22.61 -13.23 -18.97
CA GLU D 227 -21.61 -13.97 -19.81
C GLU D 227 -21.69 -15.48 -19.58
N THR D 228 -21.89 -16.22 -20.66
CA THR D 228 -21.70 -17.68 -20.67
C THR D 228 -20.40 -17.95 -21.43
N GLN D 229 -19.61 -18.86 -20.92
CA GLN D 229 -18.38 -19.39 -21.55
C GLN D 229 -18.58 -20.89 -21.78
N PHE D 230 -18.23 -21.38 -22.94
CA PHE D 230 -18.47 -22.80 -23.29
C PHE D 230 -17.51 -23.30 -24.36
N GLN D 231 -17.45 -24.62 -24.38
CA GLN D 231 -16.82 -25.43 -25.43
C GLN D 231 -17.71 -26.62 -25.67
N TYR D 232 -17.54 -27.24 -26.83
CA TYR D 232 -18.12 -28.55 -27.16
C TYR D 232 -17.04 -29.60 -26.91
N PHE D 233 -17.46 -30.75 -26.39
CA PHE D 233 -16.71 -32.01 -26.49
C PHE D 233 -17.41 -32.91 -27.51
N VAL D 234 -16.82 -33.05 -28.71
CA VAL D 234 -17.29 -33.97 -29.77
C VAL D 234 -16.55 -35.29 -29.59
N TYR D 235 -17.25 -36.39 -29.81
CA TYR D 235 -16.75 -37.77 -29.59
C TYR D 235 -17.30 -38.73 -30.63
N SER D 236 -16.39 -39.52 -31.22
CA SER D 236 -16.70 -40.77 -31.96
C SER D 236 -15.71 -41.87 -31.58
N ALA D 237 -16.17 -43.11 -31.71
CA ALA D 237 -15.37 -44.32 -31.39
C ALA D 237 -14.09 -44.24 -32.23
N SER D 238 -14.20 -43.84 -33.49
CA SER D 238 -13.08 -43.89 -34.45
C SER D 238 -12.18 -42.65 -34.31
N ASP D 239 -12.67 -41.49 -33.80
CA ASP D 239 -11.86 -40.24 -33.74
C ASP D 239 -11.37 -39.93 -32.32
N GLY D 240 -11.90 -40.66 -31.34
CA GLY D 240 -11.95 -40.28 -29.93
C GLY D 240 -12.64 -38.93 -29.77
N GLY D 241 -12.29 -38.20 -28.71
CA GLY D 241 -12.89 -36.91 -28.31
C GLY D 241 -11.99 -35.71 -28.53
N THR D 242 -12.61 -34.57 -28.78
CA THR D 242 -11.92 -33.29 -28.99
C THR D 242 -12.76 -32.19 -28.36
N TYR D 243 -12.12 -31.24 -27.69
CA TYR D 243 -12.70 -29.96 -27.23
C TYR D 243 -12.56 -28.98 -28.36
N LEU D 244 -13.59 -28.19 -28.63
CA LEU D 244 -13.53 -27.08 -29.61
C LEU D 244 -14.61 -26.05 -29.31
N CYS D 245 -14.41 -24.83 -29.78
CA CYS D 245 -15.36 -23.72 -29.49
C CYS D 245 -16.39 -23.66 -30.63
N ASP D 246 -17.29 -22.68 -30.64
CA ASP D 246 -18.31 -22.58 -31.70
C ASP D 246 -17.67 -21.78 -32.82
N PRO D 247 -17.71 -22.30 -34.07
CA PRO D 247 -17.20 -21.56 -35.22
C PRO D 247 -17.83 -20.17 -35.43
N TYR D 248 -19.05 -19.96 -34.94
CA TYR D 248 -19.83 -18.72 -35.24
C TYR D 248 -19.76 -17.77 -34.05
N CYS D 249 -18.93 -18.04 -33.04
CA CYS D 249 -18.90 -17.16 -31.85
C CYS D 249 -18.32 -15.81 -32.28
N GLU D 250 -18.83 -14.76 -31.65
CA GLU D 250 -18.48 -13.36 -31.97
C GLU D 250 -17.42 -12.91 -30.98
N GLN D 251 -17.19 -13.72 -29.96
CA GLN D 251 -16.21 -13.43 -28.89
C GLN D 251 -15.69 -14.74 -28.31
N ALA D 252 -14.40 -14.76 -28.02
CA ALA D 252 -13.67 -15.95 -27.55
C ALA D 252 -12.53 -15.50 -26.63
N LEU D 253 -12.16 -16.36 -25.71
CA LEU D 253 -10.91 -16.24 -24.91
C LEU D 253 -9.89 -17.25 -25.47
N GLU D 254 -8.63 -16.85 -25.58
CA GLU D 254 -7.54 -17.63 -26.18
C GLU D 254 -6.57 -17.97 -25.05
N LYS D 255 -6.33 -19.25 -24.79
CA LYS D 255 -5.38 -19.64 -23.72
C LYS D 255 -3.98 -19.17 -24.13
N GLY D 256 -3.19 -18.67 -23.18
CA GLY D 256 -1.86 -18.09 -23.45
C GLY D 256 -1.93 -16.61 -23.84
N VAL D 257 -3.13 -16.04 -24.05
CA VAL D 257 -3.32 -14.59 -24.31
C VAL D 257 -4.17 -13.99 -23.19
N ASP D 258 -5.36 -14.55 -22.95
CA ASP D 258 -6.37 -14.00 -22.03
C ASP D 258 -6.11 -14.58 -20.63
N THR D 259 -5.72 -13.70 -19.69
CA THR D 259 -5.36 -14.08 -18.29
C THR D 259 -6.60 -14.68 -17.62
N ASN D 260 -7.81 -14.36 -18.08
CA ASN D 260 -9.07 -14.91 -17.50
C ASN D 260 -9.55 -16.18 -18.24
N PHE D 261 -8.73 -16.84 -19.05
CA PHE D 261 -9.06 -18.16 -19.65
C PHE D 261 -9.40 -19.14 -18.52
N PRO D 262 -10.61 -19.75 -18.52
CA PRO D 262 -11.01 -20.63 -17.43
C PRO D 262 -10.06 -21.82 -17.27
N THR D 263 -9.67 -22.13 -16.04
CA THR D 263 -8.70 -23.21 -15.73
C THR D 263 -9.30 -24.59 -16.05
N GLY D 264 -10.62 -24.75 -16.00
CA GLY D 264 -11.29 -26.01 -16.36
C GLY D 264 -11.33 -26.28 -17.87
N ALA D 265 -11.06 -25.27 -18.71
CA ALA D 265 -11.28 -25.37 -20.16
C ALA D 265 -9.98 -25.81 -20.84
N GLN D 266 -10.08 -26.47 -21.98
CA GLN D 266 -8.90 -26.86 -22.76
C GLN D 266 -8.56 -25.75 -23.76
N ALA D 267 -7.27 -25.49 -23.95
CA ALA D 267 -6.76 -24.70 -25.11
C ALA D 267 -7.32 -25.26 -26.41
N PRO D 268 -7.42 -24.47 -27.49
CA PRO D 268 -7.08 -23.06 -27.50
C PRO D 268 -8.16 -22.04 -27.12
N TYR D 269 -9.43 -22.31 -27.42
CA TYR D 269 -10.48 -21.26 -27.39
C TYR D 269 -11.70 -21.67 -26.56
N VAL D 270 -12.32 -20.74 -25.85
CA VAL D 270 -13.71 -20.87 -25.31
C VAL D 270 -14.55 -19.76 -25.95
N SER D 271 -15.78 -20.12 -26.28
CA SER D 271 -16.78 -19.19 -26.82
C SER D 271 -17.37 -18.41 -25.65
N VAL D 272 -17.53 -17.10 -25.86
CA VAL D 272 -18.18 -16.19 -24.89
C VAL D 272 -19.43 -15.62 -25.54
N VAL D 273 -20.56 -15.79 -24.89
CA VAL D 273 -21.83 -15.18 -25.34
C VAL D 273 -22.46 -14.48 -24.14
N SER D 274 -22.86 -13.24 -24.34
CA SER D 274 -23.55 -12.43 -23.32
C SER D 274 -25.06 -12.40 -23.64
N THR D 275 -25.91 -12.65 -22.66
CA THR D 275 -27.37 -12.33 -22.77
C THR D 275 -27.58 -10.84 -22.48
N ASN D 276 -26.54 -10.07 -22.13
CA ASN D 276 -26.57 -8.60 -21.88
C ASN D 276 -25.80 -7.83 -22.97
N PRO D 277 -26.23 -7.87 -24.24
CA PRO D 277 -25.54 -7.08 -25.27
C PRO D 277 -25.73 -5.56 -25.10
N GLN D 278 -24.67 -4.78 -25.29
CA GLN D 278 -24.69 -3.29 -25.39
C GLN D 278 -24.70 -2.91 -26.87
N PRO D 279 -25.87 -2.89 -27.57
CA PRO D 279 -25.89 -2.56 -28.99
C PRO D 279 -25.08 -1.27 -29.19
N TYR D 280 -24.07 -1.27 -30.07
CA TYR D 280 -23.31 -0.04 -30.42
C TYR D 280 -24.24 0.90 -31.21
N GLN D 281 -24.31 2.18 -30.86
CA GLN D 281 -25.15 3.17 -31.58
C GLN D 281 -24.32 3.77 -32.71
N TRP D 282 -24.67 3.46 -33.96
CA TRP D 282 -23.96 3.96 -35.16
C TRP D 282 -24.37 5.41 -35.43
N SER D 283 -23.44 6.28 -35.79
CA SER D 283 -23.73 7.59 -36.45
C SER D 283 -24.87 7.41 -37.46
N ALA D 284 -25.70 8.44 -37.64
CA ALA D 284 -26.83 8.46 -38.61
C ALA D 284 -26.29 8.91 -39.98
N GLY D 285 -27.01 8.59 -41.06
CA GLY D 285 -26.73 9.03 -42.43
C GLY D 285 -25.87 8.02 -43.18
N GLU D 286 -26.35 7.51 -44.33
CA GLU D 286 -25.63 6.54 -45.19
C GLU D 286 -24.19 7.04 -45.41
N PHE D 287 -23.20 6.13 -45.35
CA PHE D 287 -21.79 6.42 -45.72
C PHE D 287 -21.57 5.95 -47.18
N GLU D 288 -20.82 6.73 -47.96
CA GLU D 288 -20.36 6.34 -49.32
C GLU D 288 -18.86 6.62 -49.45
N MET D 289 -18.06 5.64 -49.88
CA MET D 289 -16.61 5.82 -50.18
C MET D 289 -16.47 6.93 -51.23
N LYS D 290 -15.63 7.93 -51.01
CA LYS D 290 -15.34 9.01 -52.01
C LYS D 290 -14.29 8.52 -53.01
N ASN D 291 -14.39 8.99 -54.26
CA ASN D 291 -13.56 8.54 -55.40
C ASN D 291 -13.67 7.02 -55.52
N LYS D 292 -14.90 6.49 -55.52
CA LYS D 292 -15.27 5.05 -55.42
C LYS D 292 -14.62 4.27 -56.58
N GLU D 293 -14.36 4.91 -57.71
CA GLU D 293 -13.88 4.22 -58.94
C GLU D 293 -12.36 4.02 -58.88
N ASN D 294 -11.64 4.97 -58.30
CA ASN D 294 -10.16 5.01 -58.36
C ASN D 294 -9.60 5.46 -57.02
N PRO D 295 -9.99 4.82 -55.90
CA PRO D 295 -9.63 5.30 -54.57
C PRO D 295 -8.14 5.10 -54.23
N VAL D 296 -7.63 6.00 -53.39
CA VAL D 296 -6.31 5.85 -52.74
C VAL D 296 -6.54 5.14 -51.41
N ILE D 297 -5.90 3.97 -51.26
CA ILE D 297 -6.08 3.04 -50.12
C ILE D 297 -4.80 3.07 -49.29
N TYR D 298 -4.94 3.30 -47.99
CA TYR D 298 -3.82 3.28 -47.02
C TYR D 298 -3.85 1.94 -46.31
N GLU D 299 -2.85 1.10 -46.58
CA GLU D 299 -2.74 -0.23 -45.93
C GLU D 299 -2.11 -0.02 -44.55
N LEU D 300 -2.72 -0.58 -43.53
CA LEU D 300 -2.41 -0.29 -42.12
C LEU D 300 -2.41 -1.61 -41.35
N LEU D 301 -1.32 -1.91 -40.63
CA LEU D 301 -1.24 -3.00 -39.65
C LEU D 301 -1.41 -2.39 -38.24
N LEU D 302 -2.49 -2.70 -37.54
CA LEU D 302 -2.83 -2.05 -36.25
C LEU D 302 -1.73 -2.27 -35.22
N ARG D 303 -1.11 -3.46 -35.24
CA ARG D 303 0.04 -3.86 -34.38
C ARG D 303 1.17 -2.82 -34.43
N ASP D 304 1.51 -2.29 -35.61
CA ASP D 304 2.74 -1.50 -35.85
C ASP D 304 2.42 -0.06 -36.27
N PHE D 305 1.17 0.33 -36.35
CA PHE D 305 0.77 1.69 -36.81
C PHE D 305 0.94 2.71 -35.68
N THR D 306 0.76 2.26 -34.45
CA THR D 306 1.04 3.09 -33.24
C THR D 306 1.66 2.24 -32.14
N SER D 307 2.28 2.92 -31.16
CA SER D 307 2.88 2.35 -29.93
C SER D 307 1.92 1.48 -29.14
N SER D 308 0.65 1.85 -29.02
CA SER D 308 -0.32 1.02 -28.28
C SER D 308 -0.75 -0.19 -29.15
N GLY D 309 -0.50 -0.18 -30.48
CA GLY D 309 -0.73 -1.36 -31.34
C GLY D 309 -2.18 -1.80 -31.39
N ASN D 310 -3.15 -0.89 -31.31
CA ASN D 310 -4.59 -1.23 -31.25
C ASN D 310 -5.47 -0.17 -31.93
N LEU D 311 -6.78 -0.36 -31.87
CA LEU D 311 -7.77 0.60 -32.41
C LEU D 311 -7.64 1.98 -31.74
N ALA D 312 -7.52 2.02 -30.40
CA ALA D 312 -7.48 3.28 -29.60
C ALA D 312 -6.31 4.15 -30.10
N GLY D 313 -5.12 3.57 -30.25
CA GLY D 313 -3.96 4.21 -30.88
C GLY D 313 -4.26 4.77 -32.25
N ALA D 314 -4.82 3.93 -33.14
CA ALA D 314 -5.05 4.28 -34.56
C ALA D 314 -6.12 5.38 -34.65
N MET D 315 -7.11 5.34 -33.77
CA MET D 315 -8.22 6.33 -33.71
C MET D 315 -7.65 7.74 -33.60
N GLU D 316 -6.61 7.92 -32.78
CA GLU D 316 -5.92 9.20 -32.50
C GLU D 316 -5.34 9.77 -33.81
N LYS D 317 -5.11 8.94 -34.83
CA LYS D 317 -4.35 9.33 -36.05
C LYS D 317 -5.31 9.54 -37.23
N LEU D 318 -6.62 9.40 -37.04
CA LEU D 318 -7.56 9.60 -38.16
C LEU D 318 -7.48 11.04 -38.69
N PRO D 319 -7.24 12.09 -37.88
CA PRO D 319 -7.09 13.44 -38.45
C PRO D 319 -5.87 13.59 -39.39
N TYR D 320 -4.75 12.91 -39.06
CA TYR D 320 -3.56 12.78 -39.94
C TYR D 320 -3.94 12.11 -41.27
N LEU D 321 -4.67 10.98 -41.19
CA LEU D 321 -5.02 10.18 -42.38
C LEU D 321 -6.01 10.97 -43.23
N LYS D 322 -6.97 11.65 -42.60
CA LYS D 322 -7.93 12.49 -43.34
C LYS D 322 -7.18 13.62 -44.06
N GLU D 323 -6.20 14.26 -43.41
CA GLU D 323 -5.49 15.43 -43.97
C GLU D 323 -4.61 14.95 -45.15
N LEU D 324 -4.17 13.70 -45.12
CA LEU D 324 -3.34 13.09 -46.18
C LEU D 324 -4.15 13.00 -47.49
N GLY D 325 -5.47 12.85 -47.35
CA GLY D 325 -6.44 12.88 -48.45
C GLY D 325 -6.89 11.49 -48.92
N ILE D 326 -6.61 10.43 -48.17
CA ILE D 326 -6.91 9.04 -48.59
C ILE D 326 -8.43 8.83 -48.62
N ASP D 327 -8.87 7.85 -49.41
CA ASP D 327 -10.29 7.48 -49.56
C ASP D 327 -10.63 6.25 -48.70
N ALA D 328 -9.66 5.39 -48.42
CA ALA D 328 -9.95 4.14 -47.68
C ALA D 328 -8.72 3.75 -46.86
N ILE D 329 -8.98 3.09 -45.74
CA ILE D 329 -7.97 2.39 -44.91
C ILE D 329 -8.23 0.93 -45.16
N GLU D 330 -7.19 0.18 -45.51
CA GLU D 330 -7.28 -1.29 -45.58
C GLU D 330 -6.59 -1.84 -44.34
N LEU D 331 -7.35 -2.47 -43.46
CA LEU D 331 -6.76 -3.14 -42.27
C LEU D 331 -6.22 -4.51 -42.67
N MET D 332 -4.98 -4.78 -42.30
CA MET D 332 -4.43 -6.15 -42.29
C MET D 332 -5.26 -6.98 -41.32
N PRO D 333 -5.30 -8.33 -41.46
CA PRO D 333 -6.36 -9.15 -40.89
C PRO D 333 -6.63 -8.93 -39.40
N VAL D 334 -7.92 -8.74 -39.11
CA VAL D 334 -8.39 -8.42 -37.73
C VAL D 334 -9.19 -9.59 -37.17
N GLN D 335 -9.56 -10.58 -37.98
CA GLN D 335 -10.23 -11.81 -37.46
C GLN D 335 -9.29 -12.57 -36.52
N GLU D 336 -9.87 -13.17 -35.50
CA GLU D 336 -9.13 -13.81 -34.38
C GLU D 336 -7.98 -14.61 -34.98
N PHE D 337 -6.74 -14.31 -34.61
CA PHE D 337 -5.54 -15.00 -35.17
C PHE D 337 -4.76 -15.60 -34.01
N ALA D 338 -3.89 -16.58 -34.29
CA ALA D 338 -3.09 -17.27 -33.25
C ALA D 338 -2.27 -16.23 -32.50
N GLY D 339 -2.38 -16.24 -31.17
CA GLY D 339 -1.62 -15.33 -30.28
C GLY D 339 -2.13 -13.90 -30.36
N ASN D 340 -1.23 -12.94 -30.10
CA ASN D 340 -1.59 -11.50 -30.07
C ASN D 340 -0.47 -10.66 -30.67
N ASP D 341 0.37 -11.27 -31.50
CA ASP D 341 1.54 -10.62 -32.16
C ASP D 341 1.68 -11.20 -33.57
N SER D 342 1.05 -10.59 -34.56
CA SER D 342 0.89 -11.25 -35.86
C SER D 342 0.56 -10.21 -36.91
N TRP D 343 0.98 -10.47 -38.14
CA TRP D 343 0.38 -9.81 -39.33
C TRP D 343 -1.12 -10.13 -39.41
N GLY D 344 -1.53 -11.31 -38.91
CA GLY D 344 -2.92 -11.78 -38.89
C GLY D 344 -3.25 -12.87 -39.90
N TYR D 345 -2.34 -13.27 -40.79
CA TYR D 345 -2.59 -14.32 -41.83
C TYR D 345 -2.56 -15.71 -41.18
N ASN D 346 -3.21 -15.86 -40.03
CA ASN D 346 -3.21 -17.10 -39.21
C ASN D 346 -4.51 -17.15 -38.43
N THR D 347 -5.62 -17.09 -39.15
CA THR D 347 -7.00 -16.96 -38.61
C THR D 347 -7.42 -18.27 -37.93
N GLY D 348 -7.84 -18.21 -36.67
CA GLY D 348 -8.44 -19.34 -35.95
C GLY D 348 -9.97 -19.24 -35.93
N LEU D 349 -10.55 -18.03 -35.96
CA LEU D 349 -12.03 -17.82 -35.87
C LEU D 349 -12.41 -16.66 -36.75
N TYR D 350 -13.50 -16.81 -37.51
CA TYR D 350 -13.86 -15.87 -38.61
C TYR D 350 -14.94 -14.90 -38.14
N PHE D 351 -15.71 -15.24 -37.11
CA PHE D 351 -16.86 -14.39 -36.65
C PHE D 351 -16.48 -13.60 -35.41
N ALA D 352 -15.34 -13.91 -34.78
CA ALA D 352 -14.74 -13.17 -33.65
C ALA D 352 -13.55 -12.37 -34.15
N LEU D 353 -13.52 -11.10 -33.83
CA LEU D 353 -12.39 -10.20 -34.17
C LEU D 353 -11.37 -10.26 -33.04
N ASP D 354 -10.09 -10.14 -33.36
CA ASP D 354 -9.02 -10.34 -32.35
C ASP D 354 -9.09 -9.26 -31.25
N ALA D 355 -9.28 -9.71 -30.02
CA ALA D 355 -9.46 -8.87 -28.82
C ALA D 355 -8.19 -8.05 -28.55
N SER D 356 -7.01 -8.46 -29.04
CA SER D 356 -5.76 -7.69 -28.79
C SER D 356 -5.83 -6.32 -29.46
N TYR D 357 -6.67 -6.13 -30.47
CA TYR D 357 -6.83 -4.79 -31.09
C TYR D 357 -7.98 -4.04 -30.41
N GLY D 358 -8.97 -4.76 -29.87
CA GLY D 358 -10.07 -4.15 -29.12
C GLY D 358 -11.29 -5.04 -29.11
N THR D 359 -12.34 -4.57 -28.44
CA THR D 359 -13.65 -5.26 -28.28
C THR D 359 -14.42 -5.10 -29.59
N GLN D 360 -15.46 -5.90 -29.78
CA GLN D 360 -16.37 -5.74 -30.92
C GLN D 360 -16.76 -4.26 -31.06
N ASN D 361 -17.16 -3.61 -29.97
CA ASN D 361 -17.72 -2.24 -30.01
C ASN D 361 -16.61 -1.22 -30.29
N GLU D 362 -15.38 -1.50 -29.91
CA GLU D 362 -14.25 -0.60 -30.26
C GLU D 362 -13.96 -0.69 -31.76
N TYR D 363 -14.13 -1.87 -32.38
CA TYR D 363 -13.99 -2.04 -33.86
C TYR D 363 -15.05 -1.16 -34.55
N LYS D 364 -16.32 -1.36 -34.19
CA LYS D 364 -17.49 -0.55 -34.67
C LYS D 364 -17.21 0.95 -34.47
N ALA D 365 -16.69 1.35 -33.31
CA ALA D 365 -16.39 2.77 -33.03
C ALA D 365 -15.27 3.25 -33.95
N PHE D 366 -14.28 2.40 -34.24
CA PHE D 366 -13.18 2.82 -35.16
C PHE D 366 -13.77 3.05 -36.56
N ILE D 367 -14.53 2.09 -37.09
CA ILE D 367 -15.14 2.17 -38.45
C ILE D 367 -16.10 3.38 -38.50
N ASP D 368 -16.87 3.60 -37.45
CA ASP D 368 -17.82 4.74 -37.37
C ASP D 368 -17.00 6.04 -37.47
N ALA D 369 -15.90 6.10 -36.73
CA ALA D 369 -14.96 7.23 -36.71
C ALA D 369 -14.37 7.46 -38.10
N CYS D 370 -13.85 6.43 -38.76
CA CYS D 370 -13.36 6.52 -40.17
C CYS D 370 -14.45 7.15 -41.05
N HIS D 371 -15.66 6.60 -41.02
CA HIS D 371 -16.80 7.08 -41.86
C HIS D 371 -17.04 8.58 -41.60
N GLN D 372 -17.02 9.01 -40.35
CA GLN D 372 -17.32 10.42 -40.00
C GLN D 372 -16.18 11.33 -40.46
N ASN D 373 -15.01 10.78 -40.75
CA ASN D 373 -13.86 11.50 -41.35
C ASN D 373 -13.91 11.37 -42.87
N GLY D 374 -14.91 10.69 -43.43
CA GLY D 374 -15.08 10.52 -44.88
C GLY D 374 -14.17 9.43 -45.45
N ILE D 375 -13.68 8.54 -44.57
CA ILE D 375 -12.73 7.44 -44.93
C ILE D 375 -13.47 6.10 -44.84
N ALA D 376 -13.41 5.31 -45.90
CA ALA D 376 -13.94 3.93 -45.98
C ALA D 376 -12.99 2.96 -45.25
N VAL D 377 -13.49 1.77 -44.93
CA VAL D 377 -12.68 0.70 -44.29
C VAL D 377 -12.84 -0.58 -45.12
N ILE D 378 -11.71 -1.16 -45.44
CA ILE D 378 -11.62 -2.46 -46.14
C ILE D 378 -10.97 -3.43 -45.17
N PHE D 379 -11.51 -4.63 -45.05
CA PHE D 379 -10.92 -5.71 -44.26
C PHE D 379 -10.15 -6.65 -45.21
N ASP D 380 -8.92 -6.93 -44.81
CA ASP D 380 -8.09 -8.00 -45.38
C ASP D 380 -8.62 -9.33 -44.80
N VAL D 381 -9.04 -10.25 -45.67
CA VAL D 381 -9.66 -11.52 -45.18
C VAL D 381 -8.92 -12.71 -45.81
N VAL D 382 -8.81 -13.80 -45.04
CA VAL D 382 -7.85 -14.90 -45.32
C VAL D 382 -8.61 -16.22 -45.37
N TYR D 383 -9.10 -16.60 -46.55
CA TYR D 383 -9.94 -17.82 -46.68
C TYR D 383 -9.18 -18.93 -47.38
N ASN D 384 -7.90 -18.73 -47.72
CA ASN D 384 -7.10 -19.83 -48.26
C ASN D 384 -6.93 -20.93 -47.20
N HIS D 385 -6.56 -20.52 -46.01
CA HIS D 385 -6.19 -21.44 -44.91
C HIS D 385 -6.70 -20.85 -43.60
N THR D 386 -6.84 -21.71 -42.61
CA THR D 386 -7.10 -21.34 -41.20
C THR D 386 -5.94 -21.95 -40.41
N ASN D 387 -6.17 -22.41 -39.20
CA ASN D 387 -5.05 -22.92 -38.37
C ASN D 387 -5.60 -24.04 -37.52
N ASN D 388 -4.79 -24.63 -36.66
CA ASN D 388 -5.15 -25.87 -35.95
C ASN D 388 -6.14 -25.57 -34.83
N ASP D 389 -6.36 -24.29 -34.52
CA ASP D 389 -7.24 -23.89 -33.40
C ASP D 389 -8.69 -23.83 -33.87
N ASN D 390 -8.89 -23.73 -35.19
CA ASN D 390 -10.22 -23.55 -35.80
C ASN D 390 -11.08 -24.77 -35.47
N PRO D 391 -12.32 -24.56 -34.98
CA PRO D 391 -13.19 -25.68 -34.65
C PRO D 391 -13.41 -26.63 -35.85
N PHE D 392 -13.36 -26.10 -37.08
CA PHE D 392 -13.50 -26.92 -38.32
C PHE D 392 -12.30 -27.88 -38.49
N ALA D 393 -11.11 -27.45 -38.09
CA ALA D 393 -9.90 -28.31 -38.10
C ALA D 393 -10.08 -29.36 -37.00
N ARG D 394 -10.42 -28.90 -35.78
CA ARG D 394 -10.40 -29.75 -34.55
C ARG D 394 -11.49 -30.81 -34.65
N MET D 395 -12.58 -30.50 -35.36
CA MET D 395 -13.77 -31.39 -35.46
C MET D 395 -13.43 -32.68 -36.21
N TYR D 396 -12.58 -32.58 -37.24
CA TYR D 396 -12.21 -33.70 -38.14
C TYR D 396 -10.71 -33.65 -38.37
N TRP D 397 -10.02 -34.20 -37.40
CA TRP D 397 -8.55 -34.13 -37.22
C TRP D 397 -7.93 -35.53 -37.24
N ASP D 398 -6.74 -35.64 -37.83
CA ASP D 398 -5.92 -36.87 -37.93
C ASP D 398 -4.84 -36.78 -36.85
N THR D 399 -4.96 -37.58 -35.80
CA THR D 399 -4.08 -37.60 -34.62
C THR D 399 -2.78 -38.41 -34.85
N PHE D 400 -2.60 -39.02 -36.02
CA PHE D 400 -1.33 -39.67 -36.43
C PHE D 400 -0.45 -38.65 -37.18
N ASN D 401 -1.06 -37.83 -38.02
CA ASN D 401 -0.34 -36.91 -38.94
C ASN D 401 -0.48 -35.45 -38.50
N ASN D 402 -1.26 -35.16 -37.46
CA ASN D 402 -1.50 -33.78 -36.95
C ASN D 402 -1.89 -32.86 -38.10
N ARG D 403 -2.94 -33.22 -38.82
CA ARG D 403 -3.49 -32.39 -39.91
C ARG D 403 -4.95 -32.74 -40.04
N PRO D 404 -5.74 -32.03 -40.85
CA PRO D 404 -7.16 -32.36 -41.02
C PRO D 404 -7.28 -33.80 -41.57
N SER D 405 -8.26 -34.56 -41.10
CA SER D 405 -8.45 -35.94 -41.58
C SER D 405 -9.07 -35.93 -42.99
N THR D 406 -9.09 -37.07 -43.67
CA THR D 406 -9.62 -37.19 -45.06
C THR D 406 -11.17 -37.09 -45.02
N LYS D 407 -11.77 -37.22 -43.84
CA LYS D 407 -13.22 -37.00 -43.53
C LYS D 407 -13.62 -35.53 -43.42
N ASN D 408 -12.67 -34.62 -43.26
CA ASN D 408 -12.98 -33.20 -42.95
C ASN D 408 -13.74 -32.56 -44.12
N PRO D 409 -14.98 -32.03 -43.90
CA PRO D 409 -15.80 -31.51 -45.00
C PRO D 409 -15.49 -30.08 -45.46
N TRP D 410 -14.65 -29.35 -44.70
CA TRP D 410 -14.23 -27.96 -45.01
C TRP D 410 -12.80 -27.93 -45.56
N LEU D 411 -11.93 -28.78 -45.03
CA LEU D 411 -10.45 -28.64 -45.20
C LEU D 411 -9.89 -29.86 -45.91
N ASN D 412 -8.81 -29.65 -46.68
CA ASN D 412 -7.94 -30.73 -47.22
C ASN D 412 -7.01 -31.26 -46.12
N ALA D 413 -6.71 -32.56 -46.16
CA ALA D 413 -5.66 -33.19 -45.32
C ALA D 413 -4.30 -32.61 -45.70
N VAL D 414 -4.03 -32.39 -46.99
CA VAL D 414 -2.71 -31.92 -47.50
C VAL D 414 -2.97 -30.81 -48.53
N THR D 415 -2.31 -29.69 -48.35
CA THR D 415 -2.42 -28.52 -49.27
C THR D 415 -2.19 -29.02 -50.69
N PRO D 416 -3.14 -28.81 -51.62
CA PRO D 416 -2.96 -29.17 -53.02
C PRO D 416 -1.80 -28.43 -53.71
N HIS D 417 -1.65 -27.13 -53.44
CA HIS D 417 -0.64 -26.22 -54.06
C HIS D 417 0.63 -26.23 -53.21
N GLN D 418 1.49 -27.22 -53.42
CA GLN D 418 2.66 -27.48 -52.52
C GLN D 418 3.75 -26.41 -52.62
N LYS D 419 3.70 -25.51 -53.59
CA LYS D 419 4.60 -24.32 -53.65
C LYS D 419 4.31 -23.37 -52.48
N TYR D 420 3.04 -23.21 -52.08
CA TYR D 420 2.64 -22.28 -50.98
C TYR D 420 1.83 -23.01 -49.91
N VAL D 421 2.50 -23.39 -48.82
CA VAL D 421 1.88 -24.10 -47.65
C VAL D 421 2.02 -23.18 -46.43
N PHE D 422 1.09 -22.24 -46.27
CA PHE D 422 1.15 -21.17 -45.24
C PHE D 422 0.61 -21.69 -43.88
N SER D 423 -0.01 -22.87 -43.87
CA SER D 423 -0.46 -23.58 -42.64
C SER D 423 -0.85 -25.02 -43.00
N PRO D 424 -1.04 -25.92 -42.00
CA PRO D 424 -1.55 -27.26 -42.26
C PRO D 424 -3.05 -27.32 -42.64
N ASP D 425 -3.78 -26.19 -42.69
CA ASP D 425 -5.27 -26.22 -42.75
C ASP D 425 -5.76 -25.42 -43.94
N ASP D 426 -5.61 -25.99 -45.14
CA ASP D 426 -5.96 -25.35 -46.42
C ASP D 426 -7.46 -25.63 -46.70
N PHE D 427 -8.26 -24.58 -46.91
CA PHE D 427 -9.69 -24.75 -47.24
C PHE D 427 -9.85 -25.40 -48.63
N ASN D 428 -10.84 -26.27 -48.74
CA ASN D 428 -11.37 -26.86 -50.00
C ASN D 428 -12.50 -25.97 -50.49
N HIS D 429 -12.22 -25.11 -51.46
CA HIS D 429 -13.19 -24.17 -52.02
C HIS D 429 -14.07 -24.86 -53.06
N THR D 430 -13.99 -26.19 -53.21
CA THR D 430 -15.02 -26.99 -53.93
C THR D 430 -16.04 -27.55 -52.93
N SER D 431 -15.77 -27.57 -51.62
CA SER D 431 -16.74 -28.00 -50.58
C SER D 431 -17.89 -26.99 -50.47
N GLU D 432 -19.14 -27.46 -50.53
CA GLU D 432 -20.31 -26.55 -50.51
C GLU D 432 -20.49 -26.01 -49.08
N GLN D 433 -20.08 -26.78 -48.06
CA GLN D 433 -20.05 -26.29 -46.65
C GLN D 433 -19.02 -25.14 -46.55
N THR D 434 -17.87 -25.24 -47.21
CA THR D 434 -16.83 -24.18 -47.20
C THR D 434 -17.38 -22.92 -47.86
N LYS D 435 -18.01 -23.03 -49.04
CA LYS D 435 -18.51 -21.86 -49.78
C LYS D 435 -19.59 -21.13 -48.98
N ALA D 436 -20.52 -21.87 -48.38
CA ALA D 436 -21.63 -21.33 -47.55
C ALA D 436 -21.05 -20.60 -46.34
N PHE D 437 -19.97 -21.13 -45.76
CA PHE D 437 -19.26 -20.51 -44.61
C PHE D 437 -18.65 -19.16 -45.03
N VAL D 438 -17.86 -19.13 -46.11
CA VAL D 438 -17.23 -17.89 -46.64
C VAL D 438 -18.32 -16.85 -46.93
N LYS D 439 -19.41 -17.25 -47.59
CA LYS D 439 -20.50 -16.31 -48.00
C LYS D 439 -21.18 -15.75 -46.76
N ARG D 440 -21.48 -16.61 -45.80
CA ARG D 440 -22.08 -16.20 -44.51
C ARG D 440 -21.17 -15.20 -43.78
N ASN D 441 -19.87 -15.48 -43.77
CA ASN D 441 -18.88 -14.65 -43.06
C ASN D 441 -18.79 -13.28 -43.74
N LEU D 442 -18.71 -13.23 -45.07
CA LEU D 442 -18.62 -11.95 -45.81
C LEU D 442 -19.85 -11.09 -45.47
N LYS D 443 -21.03 -11.70 -45.47
CA LYS D 443 -22.30 -11.01 -45.14
C LYS D 443 -22.28 -10.55 -43.67
N TYR D 444 -21.83 -11.40 -42.74
CA TYR D 444 -21.67 -11.01 -41.31
C TYR D 444 -20.77 -9.77 -41.20
N LEU D 445 -19.61 -9.74 -41.86
CA LEU D 445 -18.64 -8.64 -41.69
C LEU D 445 -19.27 -7.34 -42.23
N LEU D 446 -19.96 -7.41 -43.37
CA LEU D 446 -20.64 -6.24 -43.97
C LEU D 446 -21.79 -5.76 -43.05
N ASP D 447 -22.64 -6.68 -42.59
CA ASP D 447 -23.84 -6.34 -41.77
C ASP D 447 -23.41 -5.81 -40.40
N THR D 448 -22.44 -6.45 -39.71
CA THR D 448 -22.11 -6.15 -38.29
C THR D 448 -21.15 -4.97 -38.23
N TYR D 449 -20.16 -4.87 -39.12
CA TYR D 449 -19.05 -3.91 -38.97
C TYR D 449 -19.19 -2.77 -40.00
N HIS D 450 -20.20 -2.81 -40.88
CA HIS D 450 -20.54 -1.69 -41.79
C HIS D 450 -19.32 -1.36 -42.67
N ILE D 451 -18.55 -2.37 -43.04
CA ILE D 451 -17.32 -2.13 -43.83
C ILE D 451 -17.69 -1.92 -45.30
N ASP D 452 -16.74 -1.37 -46.05
CA ASP D 452 -16.91 -0.76 -47.39
C ASP D 452 -16.31 -1.68 -48.46
N GLY D 453 -15.63 -2.74 -48.04
CA GLY D 453 -15.15 -3.78 -48.97
C GLY D 453 -14.14 -4.74 -48.36
N PHE D 454 -13.53 -5.55 -49.21
CA PHE D 454 -12.61 -6.64 -48.79
C PHE D 454 -11.41 -6.63 -49.70
N ARG D 455 -10.26 -7.03 -49.14
CA ARG D 455 -9.13 -7.54 -49.93
C ARG D 455 -8.98 -9.03 -49.60
N PHE D 456 -9.29 -9.91 -50.55
CA PHE D 456 -9.10 -11.38 -50.40
C PHE D 456 -7.63 -11.70 -50.59
N ASP D 457 -7.03 -12.16 -49.51
CA ASP D 457 -5.64 -12.68 -49.48
C ASP D 457 -5.56 -14.00 -50.29
N PHE D 458 -4.50 -14.12 -51.11
CA PHE D 458 -4.01 -15.36 -51.76
C PHE D 458 -5.15 -16.12 -52.47
N THR D 459 -5.90 -15.45 -53.33
CA THR D 459 -7.02 -16.06 -54.11
C THR D 459 -6.48 -17.11 -55.08
N LYS D 460 -5.19 -17.08 -55.40
CA LYS D 460 -4.50 -18.13 -56.19
C LYS D 460 -4.62 -19.47 -55.46
N GLY D 461 -4.76 -19.45 -54.12
CA GLY D 461 -4.80 -20.69 -53.33
C GLY D 461 -6.17 -21.35 -53.34
N PHE D 462 -7.20 -20.74 -53.95
CA PHE D 462 -8.58 -21.28 -53.91
C PHE D 462 -8.72 -22.35 -55.02
N THR D 463 -7.99 -23.45 -54.91
CA THR D 463 -7.87 -24.45 -56.00
C THR D 463 -7.62 -25.82 -55.36
N GLN D 464 -8.18 -26.87 -55.94
CA GLN D 464 -7.98 -28.28 -55.52
C GLN D 464 -6.97 -29.00 -56.42
N LYS D 465 -6.46 -28.37 -57.49
CA LYS D 465 -5.49 -29.03 -58.39
C LYS D 465 -4.15 -29.28 -57.67
N GLN D 466 -3.55 -30.45 -57.90
CA GLN D 466 -2.24 -30.86 -57.34
C GLN D 466 -1.14 -30.18 -58.14
N THR D 467 -0.37 -29.29 -57.53
CA THR D 467 0.68 -28.48 -58.20
C THR D 467 1.90 -28.45 -57.29
N THR D 468 3.08 -28.13 -57.81
CA THR D 468 4.34 -28.12 -57.01
C THR D 468 5.14 -26.84 -57.26
N GLY D 469 4.81 -26.04 -58.29
CA GLY D 469 5.58 -24.84 -58.67
C GLY D 469 4.71 -23.60 -58.77
N ASP D 470 5.25 -22.55 -59.40
CA ASP D 470 4.49 -21.32 -59.72
C ASP D 470 3.69 -21.47 -61.01
N ASP D 471 4.26 -22.15 -62.01
CA ASP D 471 3.76 -22.12 -63.41
C ASP D 471 2.49 -22.96 -63.49
N ASP D 472 2.52 -24.15 -62.90
CA ASP D 472 1.35 -25.08 -62.82
C ASP D 472 0.24 -24.41 -61.98
N LEU D 473 0.57 -23.76 -60.86
CA LEU D 473 -0.44 -23.12 -59.97
C LEU D 473 -1.06 -21.92 -60.71
N ALA D 474 -0.27 -21.14 -61.46
CA ALA D 474 -0.74 -19.88 -62.09
C ALA D 474 -1.60 -20.18 -63.34
N ALA D 475 -1.44 -21.38 -63.93
CA ALA D 475 -2.22 -21.90 -65.08
C ALA D 475 -3.71 -21.79 -64.80
N THR D 476 -4.52 -21.31 -65.75
CA THR D 476 -5.97 -21.11 -65.52
C THR D 476 -6.56 -22.34 -64.82
N ASP D 477 -7.48 -22.10 -63.88
CA ASP D 477 -8.31 -23.12 -63.22
C ASP D 477 -9.76 -22.62 -63.25
N PRO D 478 -10.63 -23.19 -64.11
CA PRO D 478 -12.00 -22.71 -64.22
C PRO D 478 -12.80 -22.80 -62.91
N ALA D 479 -12.50 -23.77 -62.02
CA ALA D 479 -13.15 -23.91 -60.69
C ALA D 479 -12.73 -22.74 -59.77
N ARG D 480 -11.47 -22.28 -59.86
CA ARG D 480 -10.96 -21.15 -59.05
C ARG D 480 -11.65 -19.87 -59.53
N VAL D 481 -11.59 -19.60 -60.83
CA VAL D 481 -12.28 -18.43 -61.46
C VAL D 481 -13.74 -18.39 -61.00
N SER D 482 -14.38 -19.54 -60.99
CA SER D 482 -15.82 -19.69 -60.71
C SER D 482 -16.12 -19.38 -59.23
N VAL D 483 -15.35 -19.95 -58.31
CA VAL D 483 -15.64 -19.70 -56.86
C VAL D 483 -15.34 -18.23 -56.54
N LEU D 484 -14.31 -17.64 -57.15
CA LEU D 484 -14.00 -16.21 -56.94
C LEU D 484 -15.17 -15.35 -57.42
N LYS D 485 -15.82 -15.70 -58.55
CA LYS D 485 -17.07 -15.02 -59.01
C LYS D 485 -18.17 -15.20 -57.97
N GLU D 486 -18.38 -16.42 -57.48
CA GLU D 486 -19.42 -16.69 -56.45
C GLU D 486 -19.24 -15.78 -55.23
N TYR D 487 -18.01 -15.64 -54.71
CA TYR D 487 -17.78 -14.84 -53.48
C TYR D 487 -18.02 -13.38 -53.82
N TYR D 488 -17.52 -12.95 -54.98
CA TYR D 488 -17.72 -11.56 -55.47
C TYR D 488 -19.24 -11.29 -55.50
N GLU D 489 -20.01 -12.17 -56.14
CA GLU D 489 -21.48 -11.99 -56.32
C GLU D 489 -22.16 -12.00 -54.94
N ALA D 490 -21.72 -12.84 -53.98
CA ALA D 490 -22.30 -12.87 -52.62
C ALA D 490 -22.08 -11.52 -51.92
N VAL D 491 -20.92 -10.90 -52.10
CA VAL D 491 -20.63 -9.57 -51.46
C VAL D 491 -21.59 -8.53 -52.05
N LYS D 492 -21.68 -8.48 -53.37
CA LYS D 492 -22.51 -7.52 -54.15
C LYS D 492 -23.98 -7.68 -53.75
N ALA D 493 -24.44 -8.91 -53.51
CA ALA D 493 -25.82 -9.21 -53.08
C ALA D 493 -26.11 -8.53 -51.76
N VAL D 494 -25.10 -8.38 -50.90
CA VAL D 494 -25.25 -7.73 -49.58
C VAL D 494 -25.10 -6.23 -49.75
N LYS D 495 -24.10 -5.78 -50.51
CA LYS D 495 -23.75 -4.33 -50.62
C LYS D 495 -23.25 -4.03 -52.02
N GLU D 496 -24.13 -3.44 -52.83
CA GLU D 496 -23.96 -3.32 -54.30
C GLU D 496 -22.65 -2.54 -54.56
N ASP D 497 -22.33 -1.56 -53.71
CA ASP D 497 -21.16 -0.67 -53.95
C ASP D 497 -19.91 -1.14 -53.14
N ALA D 498 -19.92 -2.31 -52.50
CA ALA D 498 -18.75 -2.89 -51.80
C ALA D 498 -17.57 -3.03 -52.77
N MET D 499 -16.39 -2.57 -52.39
CA MET D 499 -15.17 -2.79 -53.19
C MET D 499 -14.58 -4.16 -52.85
N VAL D 500 -14.37 -4.98 -53.89
CA VAL D 500 -13.80 -6.34 -53.78
C VAL D 500 -12.47 -6.32 -54.54
N THR D 501 -11.37 -6.39 -53.80
CA THR D 501 -10.00 -6.54 -54.34
C THR D 501 -9.50 -7.93 -54.02
N MET D 502 -8.77 -8.56 -54.95
CA MET D 502 -8.20 -9.91 -54.74
C MET D 502 -6.71 -9.83 -55.03
N GLU D 503 -5.91 -10.46 -54.18
CA GLU D 503 -4.46 -10.56 -54.37
C GLU D 503 -4.23 -11.92 -55.04
N HIS D 504 -4.14 -11.91 -56.37
CA HIS D 504 -4.33 -13.11 -57.23
C HIS D 504 -3.03 -13.48 -57.93
N PHE D 505 -2.56 -12.63 -58.84
CA PHE D 505 -1.31 -12.82 -59.62
C PHE D 505 -1.41 -14.06 -60.54
N CYS D 506 -2.60 -14.40 -61.06
CA CYS D 506 -2.81 -15.34 -62.21
C CYS D 506 -3.29 -14.50 -63.39
N ALA D 507 -2.36 -14.13 -64.27
CA ALA D 507 -2.51 -13.07 -65.29
C ALA D 507 -3.81 -13.25 -66.10
N ASN D 508 -4.04 -14.45 -66.66
CA ASN D 508 -5.19 -14.68 -67.57
C ASN D 508 -6.50 -14.61 -66.77
N GLU D 509 -6.54 -15.14 -65.55
CA GLU D 509 -7.76 -15.14 -64.71
C GLU D 509 -8.10 -13.69 -64.32
N GLU D 510 -7.09 -12.85 -64.11
CA GLU D 510 -7.29 -11.42 -63.75
C GLU D 510 -8.02 -10.71 -64.89
N THR D 511 -7.65 -10.99 -66.16
CA THR D 511 -8.36 -10.40 -67.33
C THR D 511 -9.83 -10.81 -67.30
N THR D 512 -10.12 -12.11 -67.14
CA THR D 512 -11.52 -12.63 -67.03
C THR D 512 -12.23 -11.90 -65.90
N LEU D 513 -11.64 -11.90 -64.69
CA LEU D 513 -12.36 -11.48 -63.45
C LEU D 513 -12.45 -9.95 -63.37
N ALA D 514 -11.48 -9.20 -63.92
CA ALA D 514 -11.55 -7.72 -63.94
C ALA D 514 -12.78 -7.29 -64.74
N THR D 515 -13.20 -8.12 -65.70
CA THR D 515 -14.37 -7.86 -66.58
C THR D 515 -15.65 -7.89 -65.73
N GLU D 516 -15.70 -8.77 -64.72
CA GLU D 516 -16.86 -8.93 -63.79
C GLU D 516 -16.97 -7.74 -62.82
N GLY D 517 -15.90 -6.98 -62.61
CA GLY D 517 -15.90 -5.83 -61.67
C GLY D 517 -14.93 -6.00 -60.51
N ILE D 518 -14.24 -7.15 -60.42
CA ILE D 518 -13.23 -7.42 -59.35
C ILE D 518 -11.96 -6.57 -59.59
N HIS D 519 -11.42 -6.00 -58.51
CA HIS D 519 -10.15 -5.23 -58.51
C HIS D 519 -9.00 -6.19 -58.19
N PHE D 520 -7.80 -5.88 -58.64
CA PHE D 520 -6.61 -6.75 -58.43
C PHE D 520 -5.39 -5.95 -57.99
N TRP D 521 -4.63 -6.54 -57.09
CA TRP D 521 -3.31 -6.01 -56.63
C TRP D 521 -2.35 -6.05 -57.82
N ARG D 522 -1.79 -4.89 -58.18
CA ARG D 522 -0.77 -4.74 -59.24
C ARG D 522 0.54 -4.25 -58.60
N ASN D 523 1.52 -5.13 -58.52
CA ASN D 523 2.80 -4.98 -57.76
C ASN D 523 3.88 -4.30 -58.58
N MET D 524 4.06 -2.99 -58.41
CA MET D 524 5.12 -2.21 -59.10
C MET D 524 6.30 -1.94 -58.17
N ASN D 525 6.44 -2.73 -57.10
CA ASN D 525 7.49 -2.50 -56.06
C ASN D 525 8.90 -2.58 -56.65
N HIS D 526 9.20 -3.55 -57.52
CA HIS D 526 10.57 -3.75 -58.05
C HIS D 526 10.97 -2.51 -58.89
N SER D 527 10.12 -2.04 -59.80
CA SER D 527 10.37 -0.86 -60.67
C SER D 527 10.61 0.38 -59.80
N TYR D 528 9.72 0.64 -58.84
CA TYR D 528 9.74 1.92 -58.08
C TYR D 528 10.86 1.85 -57.05
N CYS D 529 11.26 0.66 -56.61
CA CYS D 529 12.53 0.45 -55.85
C CYS D 529 13.75 0.83 -56.72
N GLN D 530 13.83 0.32 -57.97
CA GLN D 530 14.96 0.58 -58.91
C GLN D 530 15.06 2.09 -59.13
N SER D 531 13.95 2.76 -59.45
CA SER D 531 13.87 4.25 -59.62
C SER D 531 14.27 4.96 -58.32
N ALA D 532 13.72 4.58 -57.16
CA ALA D 532 14.07 5.18 -55.86
C ALA D 532 15.58 5.09 -55.64
N MET D 533 16.21 3.97 -56.03
CA MET D 533 17.67 3.78 -55.90
C MET D 533 18.46 4.54 -56.99
N GLY D 534 17.80 5.07 -58.01
CA GLY D 534 18.46 5.71 -59.17
C GLY D 534 19.17 4.71 -60.09
N TRP D 535 18.64 3.50 -60.25
CA TRP D 535 19.12 2.46 -61.20
C TRP D 535 18.08 2.30 -62.31
N LYS D 536 18.47 2.46 -63.58
CA LYS D 536 17.54 2.40 -64.74
C LYS D 536 17.09 0.95 -65.02
N ASP D 537 17.88 -0.06 -64.64
CA ASP D 537 17.58 -1.51 -64.87
C ASP D 537 16.25 -1.87 -64.20
N ASN D 538 15.30 -2.42 -64.98
CA ASN D 538 14.02 -2.98 -64.49
C ASN D 538 13.29 -1.91 -63.70
N SER D 539 13.24 -0.68 -64.23
CA SER D 539 12.69 0.54 -63.58
C SER D 539 11.43 0.99 -64.33
N ASP D 540 10.88 0.12 -65.18
CA ASP D 540 9.74 0.39 -66.08
C ASP D 540 8.44 0.51 -65.24
N PHE D 541 7.84 1.70 -65.26
CA PHE D 541 6.61 2.01 -64.49
C PHE D 541 5.36 1.50 -65.20
N SER D 542 5.41 1.11 -66.48
CA SER D 542 4.19 1.05 -67.35
C SER D 542 3.15 0.08 -66.78
N GLY D 543 3.58 -0.97 -66.08
CA GLY D 543 2.69 -1.92 -65.36
C GLY D 543 1.65 -1.25 -64.45
N LEU D 544 1.93 -0.07 -63.89
CA LEU D 544 0.99 0.62 -62.96
C LEU D 544 -0.36 0.92 -63.64
N TYR D 545 -0.36 1.18 -64.95
CA TYR D 545 -1.54 1.60 -65.74
C TYR D 545 -1.92 0.46 -66.68
N ASP D 546 -3.05 -0.21 -66.45
CA ASP D 546 -3.58 -1.25 -67.36
C ASP D 546 -4.41 -0.52 -68.44
N THR D 547 -3.98 -0.58 -69.71
CA THR D 547 -4.68 0.09 -70.85
C THR D 547 -6.13 -0.39 -70.96
N THR D 548 -6.37 -1.71 -70.90
CA THR D 548 -7.73 -2.33 -71.04
C THR D 548 -8.70 -1.81 -69.96
N ARG D 549 -8.33 -1.87 -68.68
CA ARG D 549 -9.22 -1.52 -67.54
C ARG D 549 -8.43 -0.87 -66.41
N PRO D 550 -8.02 0.41 -66.57
CA PRO D 550 -7.19 1.09 -65.57
C PRO D 550 -7.78 1.05 -64.15
N ASN D 551 -9.11 1.20 -64.01
CA ASN D 551 -9.79 1.27 -62.70
C ASN D 551 -9.81 -0.07 -61.94
N GLN D 552 -9.43 -1.21 -62.55
CA GLN D 552 -9.61 -2.56 -61.96
C GLN D 552 -8.29 -3.04 -61.34
N PHE D 553 -7.23 -2.24 -61.46
CA PHE D 553 -5.88 -2.63 -60.99
C PHE D 553 -5.36 -1.60 -59.98
N VAL D 554 -5.28 -2.08 -58.74
CA VAL D 554 -4.80 -1.34 -57.54
C VAL D 554 -3.27 -1.42 -57.57
N GLY D 555 -2.65 -0.35 -58.06
CA GLY D 555 -1.19 -0.29 -58.19
C GLY D 555 -0.54 0.16 -56.89
N TYR D 556 0.65 -0.34 -56.61
CA TYR D 556 1.39 0.07 -55.40
C TYR D 556 2.89 -0.05 -55.65
N MET D 557 3.62 0.90 -55.08
CA MET D 557 5.10 0.94 -54.98
C MET D 557 5.54 0.09 -53.79
N GLU D 558 4.67 -0.04 -52.77
CA GLU D 558 4.98 -0.79 -51.54
C GLU D 558 3.70 -1.47 -51.01
N SER D 559 3.87 -2.65 -50.42
CA SER D 559 2.83 -3.34 -49.62
C SER D 559 3.53 -3.91 -48.41
N HIS D 560 2.78 -4.47 -47.47
CA HIS D 560 3.37 -5.11 -46.26
C HIS D 560 4.29 -6.26 -46.67
N ASP D 561 4.11 -6.86 -47.85
CA ASP D 561 4.90 -8.06 -48.29
C ASP D 561 6.25 -7.68 -48.90
N GLU D 562 6.50 -6.38 -49.14
CA GLU D 562 7.64 -5.88 -49.92
C GLU D 562 8.62 -5.09 -49.04
N GLU D 563 9.87 -5.05 -49.49
CA GLU D 563 10.93 -4.15 -48.99
C GLU D 563 10.52 -2.70 -49.26
N ARG D 564 10.98 -1.80 -48.41
CA ARG D 564 10.70 -0.36 -48.50
C ARG D 564 11.58 0.29 -49.57
N CYS D 565 11.02 1.10 -50.45
CA CYS D 565 11.84 1.87 -51.42
C CYS D 565 12.91 2.69 -50.67
N ALA D 566 12.56 3.33 -49.56
CA ALA D 566 13.50 4.18 -48.80
C ALA D 566 14.61 3.35 -48.17
N TYR D 567 14.39 2.07 -47.87
CA TYR D 567 15.45 1.20 -47.30
C TYR D 567 16.44 0.83 -48.39
N LYS D 568 15.95 0.55 -49.60
CA LYS D 568 16.81 0.08 -50.72
C LYS D 568 17.82 1.18 -51.05
N GLN D 569 17.40 2.45 -50.91
CA GLN D 569 18.26 3.65 -51.10
C GLN D 569 19.50 3.53 -50.21
N ILE D 570 19.32 3.19 -48.94
CA ILE D 570 20.40 3.18 -47.90
C ILE D 570 21.39 2.06 -48.24
N GLU D 571 20.88 0.88 -48.63
CA GLU D 571 21.65 -0.38 -48.79
C GLU D 571 22.42 -0.33 -50.11
N TYR D 572 21.76 0.05 -51.22
CA TYR D 572 22.23 -0.11 -52.63
C TYR D 572 22.05 1.15 -53.48
N GLY D 573 21.70 2.29 -52.88
CA GLY D 573 21.42 3.52 -53.64
C GLY D 573 22.55 3.87 -54.61
N ASN D 574 22.21 4.48 -55.74
CA ASN D 574 23.19 5.10 -56.67
C ASN D 574 23.74 6.40 -56.07
N GLY D 575 25.02 6.38 -55.69
CA GLY D 575 25.79 7.53 -55.21
C GLY D 575 25.16 8.18 -53.98
N ALA D 576 24.79 9.46 -54.12
CA ALA D 576 24.25 10.31 -53.04
C ALA D 576 22.98 9.69 -52.44
N LEU D 577 22.26 8.85 -53.20
CA LEU D 577 20.98 8.28 -52.71
C LEU D 577 21.20 7.29 -51.56
N LYS D 578 22.44 6.90 -51.25
CA LYS D 578 22.72 6.03 -50.07
C LYS D 578 22.62 6.83 -48.77
N THR D 579 23.00 8.11 -48.78
CA THR D 579 23.45 8.83 -47.56
C THR D 579 22.84 10.24 -47.44
N ASN D 580 22.39 10.82 -48.54
CA ASN D 580 21.85 12.22 -48.58
C ASN D 580 20.34 12.15 -48.42
N LEU D 581 19.81 12.45 -47.25
CA LEU D 581 18.34 12.46 -47.01
C LEU D 581 17.64 13.45 -47.96
N SER D 582 18.19 14.66 -48.14
CA SER D 582 17.59 15.65 -49.06
C SER D 582 17.36 15.01 -50.43
N GLU D 583 18.40 14.45 -51.06
CA GLU D 583 18.31 13.86 -52.41
C GLU D 583 17.39 12.62 -52.37
N ARG D 584 17.46 11.81 -51.30
CA ARG D 584 16.57 10.61 -51.18
C ARG D 584 15.11 11.02 -51.17
N LEU D 585 14.77 12.08 -50.43
CA LEU D 585 13.37 12.53 -50.38
C LEU D 585 12.96 13.12 -51.74
N LYS D 586 13.87 13.79 -52.46
CA LYS D 586 13.48 14.34 -53.78
C LYS D 586 13.14 13.16 -54.71
N GLN D 587 13.96 12.11 -54.72
CA GLN D 587 13.76 10.93 -55.60
C GLN D 587 12.40 10.27 -55.27
N LEU D 588 12.10 10.06 -53.99
CA LEU D 588 10.83 9.41 -53.57
C LEU D 588 9.65 10.31 -53.96
N SER D 589 9.87 11.63 -53.99
CA SER D 589 8.85 12.61 -54.43
C SER D 589 8.58 12.38 -55.92
N SER D 590 9.63 12.22 -56.70
CA SER D 590 9.56 11.99 -58.16
C SER D 590 8.84 10.65 -58.40
N ASN D 591 9.11 9.64 -57.58
CA ASN D 591 8.34 8.38 -57.61
C ASN D 591 6.86 8.70 -57.44
N ALA D 592 6.49 9.47 -56.40
CA ALA D 592 5.08 9.74 -56.06
C ALA D 592 4.44 10.50 -57.23
N ALA D 593 5.21 11.42 -57.84
CA ALA D 593 4.78 12.24 -58.99
C ALA D 593 4.47 11.33 -60.20
N PHE D 594 5.05 10.13 -60.24
CA PHE D 594 4.81 9.12 -61.31
C PHE D 594 3.94 7.98 -60.81
N PHE D 595 3.11 8.23 -59.79
CA PHE D 595 2.25 7.21 -59.13
C PHE D 595 0.84 7.74 -58.87
N PHE D 596 0.72 8.80 -58.08
CA PHE D 596 -0.60 9.37 -57.68
C PHE D 596 -1.23 10.15 -58.83
N THR D 597 -0.45 10.45 -59.85
CA THR D 597 -0.88 11.22 -61.04
C THR D 597 -1.47 10.27 -62.09
N VAL D 598 -1.47 8.96 -61.81
CA VAL D 598 -1.80 7.89 -62.79
C VAL D 598 -3.21 7.43 -62.50
N PRO D 599 -4.11 7.35 -63.52
CA PRO D 599 -5.47 6.88 -63.32
C PRO D 599 -5.53 5.45 -62.74
N GLY D 600 -6.68 5.14 -62.15
CA GLY D 600 -6.91 3.83 -61.51
C GLY D 600 -6.56 3.89 -60.02
N PRO D 601 -7.05 2.91 -59.23
CA PRO D 601 -6.85 2.92 -57.79
C PRO D 601 -5.37 2.73 -57.43
N LYS D 602 -5.01 3.22 -56.25
CA LYS D 602 -3.63 3.23 -55.74
C LYS D 602 -3.66 2.86 -54.25
N MET D 603 -2.65 2.11 -53.85
CA MET D 603 -2.42 1.75 -52.44
C MET D 603 -1.04 2.26 -52.01
N LEU D 604 -0.96 2.79 -50.79
CA LEU D 604 0.33 3.01 -50.12
C LEU D 604 0.32 2.25 -48.79
N TRP D 605 1.46 1.69 -48.45
CA TRP D 605 1.67 0.92 -47.19
C TRP D 605 2.10 1.94 -46.13
N GLN D 606 1.59 1.79 -44.90
CA GLN D 606 1.79 2.78 -43.80
C GLN D 606 3.24 3.29 -43.80
N PHE D 607 3.38 4.62 -43.77
CA PHE D 607 4.62 5.43 -43.53
C PHE D 607 5.48 5.53 -44.79
N GLY D 608 5.02 5.00 -45.92
CA GLY D 608 5.62 5.29 -47.24
C GLY D 608 5.70 6.79 -47.48
N GLU D 609 4.67 7.54 -47.10
CA GLU D 609 4.57 9.02 -47.25
C GLU D 609 5.66 9.75 -46.43
N MET D 610 6.27 9.14 -45.41
CA MET D 610 7.39 9.78 -44.67
C MET D 610 8.68 8.98 -44.86
N GLY D 611 8.79 8.21 -45.95
CA GLY D 611 10.04 7.56 -46.35
C GLY D 611 10.47 6.48 -45.38
N TYR D 612 9.51 5.77 -44.77
CA TYR D 612 9.84 4.72 -43.78
C TYR D 612 10.88 3.78 -44.37
N ASP D 613 12.02 3.61 -43.67
CA ASP D 613 13.25 3.02 -44.25
C ASP D 613 13.83 1.94 -43.32
N ILE D 614 12.99 1.25 -42.56
CA ILE D 614 13.41 0.03 -41.83
C ILE D 614 13.19 -1.13 -42.79
N SER D 615 14.20 -2.00 -42.93
CA SER D 615 14.11 -3.24 -43.71
C SER D 615 12.93 -4.06 -43.20
N ILE D 616 12.17 -4.66 -44.12
CA ILE D 616 11.13 -5.69 -43.81
C ILE D 616 11.78 -6.79 -42.96
N ASP D 617 13.09 -7.02 -43.05
CA ASP D 617 13.72 -8.18 -42.36
C ASP D 617 14.18 -7.79 -40.95
N GLU D 618 14.14 -6.52 -40.58
CA GLU D 618 14.53 -6.09 -39.21
C GLU D 618 13.55 -6.71 -38.21
N ASN D 619 14.08 -7.43 -37.21
CA ASN D 619 13.29 -8.16 -36.18
C ASN D 619 12.51 -9.33 -36.81
N GLY D 620 12.98 -9.86 -37.96
CA GLY D 620 12.29 -10.88 -38.76
C GLY D 620 11.21 -10.30 -39.66
N ARG D 621 10.88 -11.00 -40.76
CA ARG D 621 9.92 -10.54 -41.80
C ARG D 621 8.65 -9.97 -41.13
N THR D 622 7.99 -10.78 -40.32
CA THR D 622 6.67 -10.48 -39.72
C THR D 622 6.82 -9.89 -38.31
N GLY D 623 8.03 -9.70 -37.79
CA GLY D 623 8.22 -9.18 -36.42
C GLY D 623 7.75 -7.73 -36.27
N LYS D 624 7.43 -7.32 -35.05
CA LYS D 624 7.11 -5.91 -34.73
C LYS D 624 8.19 -4.98 -35.29
N LYS D 625 7.74 -3.90 -35.92
CA LYS D 625 8.61 -2.88 -36.55
C LYS D 625 8.66 -1.63 -35.67
N PRO D 626 9.78 -0.89 -35.69
CA PRO D 626 9.85 0.41 -35.01
C PRO D 626 8.70 1.33 -35.44
N VAL D 627 8.08 1.98 -34.45
CA VAL D 627 7.09 3.07 -34.66
C VAL D 627 7.81 4.43 -34.66
N LEU D 628 7.77 5.16 -35.77
CA LEU D 628 8.67 6.31 -36.05
C LEU D 628 7.85 7.52 -36.51
N TRP D 629 6.89 7.96 -35.71
CA TRP D 629 6.03 9.12 -36.06
C TRP D 629 6.86 10.41 -36.20
N GLU D 630 8.06 10.46 -35.62
CA GLU D 630 8.97 11.62 -35.76
C GLU D 630 9.36 11.82 -37.23
N TYR D 631 9.24 10.80 -38.08
CA TYR D 631 9.50 10.90 -39.54
C TYR D 631 8.48 11.86 -40.18
N GLN D 632 7.36 12.04 -39.50
CA GLN D 632 6.31 12.98 -39.95
C GLN D 632 6.87 14.41 -40.01
N THR D 633 7.80 14.72 -39.12
CA THR D 633 8.51 16.02 -39.03
C THR D 633 9.76 15.96 -39.89
N GLU D 634 10.61 14.95 -39.67
CA GLU D 634 11.96 14.86 -40.30
C GLU D 634 11.79 14.74 -41.82
N ARG D 635 10.72 14.08 -42.32
CA ARG D 635 10.49 13.92 -43.77
C ARG D 635 9.17 14.62 -44.17
N LYS D 636 8.90 15.77 -43.55
CA LYS D 636 7.68 16.59 -43.83
C LYS D 636 7.61 16.91 -45.33
N SER D 637 8.75 17.18 -45.99
CA SER D 637 8.76 17.57 -47.42
C SER D 637 8.12 16.44 -48.24
N LEU D 638 8.40 15.19 -47.92
CA LEU D 638 7.74 14.07 -48.65
C LEU D 638 6.26 13.92 -48.22
N VAL D 639 5.97 13.99 -46.92
CA VAL D 639 4.54 13.89 -46.47
C VAL D 639 3.74 14.97 -47.21
N ASP D 640 4.31 16.16 -47.39
CA ASP D 640 3.59 17.31 -48.03
C ASP D 640 3.34 17.03 -49.52
N ILE D 641 4.30 16.43 -50.22
CA ILE D 641 4.14 16.04 -51.66
C ILE D 641 3.07 14.95 -51.79
N TYR D 642 3.12 13.89 -50.96
CA TYR D 642 2.07 12.84 -50.92
C TYR D 642 0.69 13.49 -50.75
N THR D 643 0.55 14.34 -49.74
CA THR D 643 -0.72 15.04 -49.39
C THR D 643 -1.26 15.77 -50.63
N LYS D 644 -0.43 16.61 -51.25
CA LYS D 644 -0.86 17.48 -52.38
C LYS D 644 -1.22 16.61 -53.60
N LEU D 645 -0.48 15.53 -53.86
CA LEU D 645 -0.75 14.66 -55.03
C LEU D 645 -2.04 13.87 -54.76
N ILE D 646 -2.21 13.29 -53.58
CA ILE D 646 -3.43 12.49 -53.27
C ILE D 646 -4.61 13.45 -53.28
N THR D 647 -4.45 14.66 -52.75
CA THR D 647 -5.56 15.63 -52.59
C THR D 647 -5.97 16.18 -53.97
N LEU D 648 -5.01 16.30 -54.89
CA LEU D 648 -5.27 16.72 -56.30
C LEU D 648 -6.32 15.78 -56.92
N ARG D 649 -6.36 14.51 -56.52
CA ARG D 649 -7.26 13.49 -57.13
C ARG D 649 -8.73 13.73 -56.71
N THR D 650 -8.95 14.44 -55.59
CA THR D 650 -10.29 14.92 -55.13
C THR D 650 -10.56 16.27 -55.79
N THR D 651 -9.71 17.26 -55.53
CA THR D 651 -9.88 18.66 -56.00
C THR D 651 -10.27 18.64 -57.48
N HIS D 652 -9.51 17.90 -58.29
CA HIS D 652 -9.68 17.83 -59.76
C HIS D 652 -9.93 16.38 -60.17
N SER D 653 -10.89 15.70 -59.52
CA SER D 653 -11.24 14.27 -59.79
C SER D 653 -11.60 14.06 -61.27
N ASP D 654 -12.27 15.01 -61.92
CA ASP D 654 -12.72 14.85 -63.34
C ASP D 654 -11.50 14.46 -64.21
N LEU D 655 -10.34 15.06 -63.93
CA LEU D 655 -9.04 14.81 -64.61
C LEU D 655 -8.63 13.33 -64.55
N PHE D 656 -8.91 12.62 -63.44
CA PHE D 656 -8.39 11.24 -63.21
C PHE D 656 -9.37 10.18 -63.70
N ASN D 657 -10.57 10.58 -64.12
CA ASN D 657 -11.55 9.69 -64.80
C ASN D 657 -10.82 8.83 -65.85
N ALA D 658 -11.15 7.53 -65.88
CA ALA D 658 -10.57 6.50 -66.77
C ALA D 658 -10.79 6.90 -68.24
N SER D 659 -11.73 7.79 -68.50
CA SER D 659 -12.07 8.35 -69.84
C SER D 659 -10.97 9.30 -70.36
N SER D 660 -10.05 9.75 -69.50
CA SER D 660 -9.01 10.76 -69.82
C SER D 660 -7.92 10.10 -70.67
N GLN D 661 -7.30 10.86 -71.57
CA GLN D 661 -6.15 10.37 -72.37
C GLN D 661 -4.93 10.34 -71.43
N PHE D 662 -4.39 9.15 -71.16
CA PHE D 662 -3.16 8.97 -70.36
C PHE D 662 -2.02 8.45 -71.24
N THR D 663 -0.93 9.21 -71.36
CA THR D 663 0.34 8.78 -72.01
C THR D 663 1.53 9.07 -71.09
N TRP D 664 2.54 8.21 -71.15
CA TRP D 664 3.81 8.48 -70.44
C TRP D 664 4.95 7.71 -71.12
N LYS D 665 6.16 8.23 -70.94
CA LYS D 665 7.43 7.66 -71.40
C LYS D 665 8.18 7.18 -70.15
N VAL D 666 8.02 5.90 -69.79
CA VAL D 666 8.53 5.36 -68.49
C VAL D 666 9.23 4.01 -68.71
N SER D 667 9.81 3.81 -69.90
CA SER D 667 10.58 2.60 -70.30
C SER D 667 12.00 2.71 -69.75
N TYR D 668 12.75 1.61 -69.81
CA TYR D 668 14.21 1.56 -69.60
C TYR D 668 14.92 2.60 -70.48
N ASN D 669 14.37 2.92 -71.65
CA ASN D 669 15.04 3.85 -72.62
C ASN D 669 14.76 5.30 -72.23
N ASP D 670 13.77 5.52 -71.35
CA ASP D 670 13.32 6.85 -70.88
C ASP D 670 13.94 7.08 -69.51
N TRP D 671 15.08 7.74 -69.48
CA TRP D 671 15.89 7.89 -68.25
C TRP D 671 16.88 9.04 -68.44
N ASP D 672 17.80 8.88 -69.40
CA ASP D 672 18.95 9.80 -69.63
C ASP D 672 18.42 11.23 -69.79
N ASN D 673 17.30 11.42 -70.49
CA ASN D 673 16.61 12.73 -70.67
C ASN D 673 15.37 12.81 -69.77
N GLY D 674 15.29 11.94 -68.76
CA GLY D 674 14.21 11.94 -67.77
C GLY D 674 12.96 11.30 -68.33
N ARG D 675 11.84 11.45 -67.63
CA ARG D 675 10.58 10.72 -67.90
C ARG D 675 9.44 11.73 -67.85
N THR D 676 8.34 11.40 -68.51
CA THR D 676 7.21 12.33 -68.75
C THR D 676 5.91 11.52 -68.64
N LEU D 677 4.82 12.20 -68.25
CA LEU D 677 3.44 11.71 -68.43
C LEU D 677 2.55 12.91 -68.76
N THR D 678 1.51 12.70 -69.55
CA THR D 678 0.46 13.72 -69.79
C THR D 678 -0.90 13.05 -69.58
N LEU D 679 -1.80 13.76 -68.91
CA LEU D 679 -3.18 13.33 -68.63
C LEU D 679 -4.15 14.44 -69.08
N LYS D 680 -4.97 14.15 -70.10
CA LYS D 680 -5.89 15.10 -70.77
C LYS D 680 -7.33 14.62 -70.55
N ALA D 681 -8.10 15.40 -69.80
CA ALA D 681 -9.52 15.10 -69.54
C ALA D 681 -10.33 15.44 -70.79
N VAL D 682 -11.46 14.73 -70.99
CA VAL D 682 -12.49 15.04 -72.03
C VAL D 682 -12.78 16.55 -71.97
N ASN D 683 -12.95 17.13 -70.77
CA ASN D 683 -13.33 18.54 -70.56
C ASN D 683 -12.16 19.50 -70.86
N GLY D 684 -10.96 19.01 -71.21
CA GLY D 684 -9.82 19.84 -71.68
C GLY D 684 -8.76 20.12 -70.60
N LYS D 685 -9.06 19.87 -69.32
CA LYS D 685 -8.07 20.04 -68.22
C LYS D 685 -6.89 19.10 -68.51
N GLN D 686 -5.67 19.59 -68.27
CA GLN D 686 -4.43 18.83 -68.57
C GLN D 686 -3.43 18.93 -67.42
N LEU D 687 -2.64 17.88 -67.29
CA LEU D 687 -1.61 17.65 -66.25
C LEU D 687 -0.37 17.08 -66.96
N HIS D 688 0.76 17.74 -66.80
CA HIS D 688 2.06 17.28 -67.33
C HIS D 688 3.03 17.14 -66.16
N VAL D 689 3.81 16.05 -66.14
CA VAL D 689 4.86 15.79 -65.13
C VAL D 689 6.13 15.43 -65.89
N TYR D 690 7.25 16.04 -65.48
CA TYR D 690 8.61 15.65 -65.91
C TYR D 690 9.40 15.27 -64.65
N ALA D 691 10.24 14.26 -64.72
CA ALA D 691 11.09 13.88 -63.59
C ALA D 691 12.47 13.49 -64.10
N ASN D 692 13.48 13.87 -63.31
CA ASN D 692 14.90 13.56 -63.53
C ASN D 692 15.30 12.61 -62.41
N PHE D 693 15.30 11.32 -62.71
CA PHE D 693 15.71 10.20 -61.82
C PHE D 693 17.23 10.02 -61.85
N THR D 694 17.94 10.80 -62.68
CA THR D 694 19.43 10.74 -62.87
C THR D 694 20.14 11.51 -61.74
N ASN D 695 21.47 11.36 -61.65
CA ASN D 695 22.32 12.04 -60.64
C ASN D 695 22.91 13.36 -61.18
N ALA D 696 22.40 13.89 -62.31
CA ALA D 696 22.89 15.15 -62.93
C ALA D 696 21.73 15.99 -63.47
N SER D 697 21.86 17.31 -63.40
CA SER D 697 20.92 18.32 -63.97
C SER D 697 20.62 17.94 -65.41
N ILE D 698 19.42 18.23 -65.90
CA ILE D 698 18.97 17.88 -67.27
C ILE D 698 18.18 19.05 -67.83
N ASP D 699 18.53 19.48 -69.05
CA ASP D 699 17.77 20.51 -69.78
C ASP D 699 16.50 19.85 -70.31
N TYR D 700 15.36 20.49 -70.08
CA TYR D 700 14.04 20.03 -70.56
C TYR D 700 13.26 21.26 -71.04
N THR D 701 12.57 21.10 -72.16
CA THR D 701 11.68 22.10 -72.79
C THR D 701 10.24 21.78 -72.32
N ILE D 702 9.66 22.67 -71.50
CA ILE D 702 8.22 22.64 -71.10
C ILE D 702 7.40 22.64 -72.39
N PRO D 703 6.37 21.77 -72.54
CA PRO D 703 5.45 21.82 -73.69
C PRO D 703 4.78 23.17 -73.97
N GLU D 704 4.16 23.30 -75.16
CA GLU D 704 3.38 24.50 -75.57
C GLU D 704 2.11 24.56 -74.70
N GLY D 705 1.61 25.76 -74.41
CA GLY D 705 0.39 26.01 -73.64
C GLY D 705 0.65 26.95 -72.46
N THR D 706 -0.41 27.39 -71.78
CA THR D 706 -0.37 28.19 -70.53
C THR D 706 -0.34 27.23 -69.32
N TRP D 707 0.82 27.10 -68.67
CA TRP D 707 1.09 26.14 -67.57
C TRP D 707 1.30 26.87 -66.23
N TYR D 708 0.79 26.26 -65.16
CA TYR D 708 0.96 26.68 -63.73
C TYR D 708 1.60 25.53 -62.94
N LEU D 709 2.52 25.88 -62.04
CA LEU D 709 3.11 24.97 -61.04
C LEU D 709 2.10 24.78 -59.88
N TYR D 710 1.20 23.82 -60.06
CA TYR D 710 0.03 23.55 -59.19
C TYR D 710 0.46 23.34 -57.74
N LEU D 711 1.54 22.57 -57.53
CA LEU D 711 2.12 22.29 -56.20
C LEU D 711 2.84 23.52 -55.65
N GLU D 712 3.16 24.52 -56.48
CA GLU D 712 3.88 25.75 -56.04
C GLU D 712 2.89 26.92 -56.04
N ASN D 713 1.71 26.72 -55.44
CA ASN D 713 0.70 27.78 -55.19
C ASN D 713 0.08 28.23 -56.53
N GLY D 714 0.28 27.46 -57.60
CA GLY D 714 -0.26 27.76 -58.94
C GLY D 714 0.44 28.97 -59.56
N ASN D 715 1.66 29.26 -59.09
CA ASN D 715 2.59 30.25 -59.69
C ASN D 715 2.58 30.02 -61.20
N PRO D 716 2.22 31.03 -62.04
CA PRO D 716 2.30 30.88 -63.50
C PRO D 716 3.75 30.62 -63.97
N VAL D 717 3.91 29.99 -65.13
CA VAL D 717 5.23 29.79 -65.81
C VAL D 717 5.46 30.94 -66.78
N GLU D 720 10.91 31.49 -70.44
CA GLU D 720 11.98 30.66 -71.06
C GLU D 720 11.66 29.18 -70.81
N LYS D 721 10.93 28.57 -71.74
CA LYS D 721 10.42 27.18 -71.67
C LYS D 721 11.59 26.18 -71.59
N LYS D 722 12.78 26.51 -72.09
CA LYS D 722 14.03 25.72 -71.88
C LYS D 722 14.43 25.87 -70.40
N ILE D 723 14.41 24.75 -69.65
CA ILE D 723 14.51 24.65 -68.15
C ILE D 723 15.68 23.72 -67.80
N SER D 724 16.35 23.97 -66.68
CA SER D 724 17.32 23.04 -66.07
C SER D 724 16.68 22.36 -64.85
N VAL D 725 16.37 21.08 -64.94
CA VAL D 725 15.75 20.27 -63.86
C VAL D 725 16.88 19.57 -63.12
N PRO D 726 17.17 19.91 -61.84
CA PRO D 726 18.22 19.21 -61.09
C PRO D 726 17.93 17.72 -60.92
N ALA D 727 19.00 16.98 -60.66
CA ALA D 727 19.00 15.55 -60.29
C ALA D 727 17.91 15.29 -59.24
N HIS D 728 17.16 14.20 -59.44
CA HIS D 728 16.20 13.60 -58.47
C HIS D 728 14.90 14.40 -58.38
N GLU D 729 14.75 15.48 -59.14
CA GLU D 729 13.60 16.42 -59.00
C GLU D 729 12.59 16.20 -60.12
N PHE D 730 11.37 16.70 -59.91
CA PHE D 730 10.25 16.61 -60.88
C PHE D 730 9.66 17.98 -61.03
N ARG D 731 8.90 18.19 -62.11
CA ARG D 731 8.08 19.40 -62.27
C ARG D 731 6.70 18.94 -62.67
N LEU D 732 5.68 19.52 -62.06
CA LEU D 732 4.26 19.20 -62.33
C LEU D 732 3.60 20.47 -62.83
N TYR D 733 2.91 20.36 -63.97
CA TYR D 733 2.26 21.49 -64.70
C TYR D 733 0.77 21.17 -64.90
N THR D 734 -0.10 22.13 -64.63
CA THR D 734 -1.57 22.01 -64.85
C THR D 734 -2.04 23.14 -65.78
N ASN D 735 -3.14 22.89 -66.49
CA ASN D 735 -3.87 23.85 -67.36
C ASN D 735 -4.42 25.02 -66.54
N PHE D 736 -4.67 24.78 -65.26
CA PHE D 736 -5.55 25.57 -64.37
C PHE D 736 -4.75 25.89 -63.12
N ALA D 737 -5.10 26.96 -62.39
CA ALA D 737 -4.46 27.37 -61.12
C ALA D 737 -5.09 26.65 -59.92
C2 BGC E . -14.01 6.09 51.72
C3 BGC E . -12.80 5.39 52.37
C4 BGC E . -13.16 4.08 53.06
C5 BGC E . -13.98 3.23 52.09
C6 BGC E . -14.55 1.96 52.70
C1 BGC E . -14.83 5.14 50.84
O1 BGC E . -16.11 5.67 50.37
O2 BGC E . -13.42 7.11 50.87
O3 BGC E . -12.15 6.25 53.32
O4 BGC E . -11.90 3.46 53.40
O5 BGC E . -15.12 3.95 51.60
O6 BGC E . -15.43 1.36 51.72
C1 GLC E . -11.89 2.91 54.73
C2 GLC E . -10.76 3.49 55.55
C3 GLC E . -9.38 2.99 55.15
C4 GLC E . -9.41 1.49 55.09
C5 GLC E . -10.54 1.08 54.13
C6 GLC E . -10.68 -0.40 53.83
O2 GLC E . -10.78 4.91 55.45
O3 GLC E . -8.38 3.49 56.01
O4 GLC E . -8.17 0.99 54.59
O5 GLC E . -11.80 1.52 54.66
O6 GLC E . -10.66 -1.02 55.08
C1 AC1 E . -7.24 0.66 55.64
O2 AC1 E . -5.85 2.55 55.22
C2 AC1 E . -5.88 1.13 55.25
C4A AC1 E . -3.67 -3.86 50.20
C3 AC1 E . -5.40 0.44 53.97
O3 AC1 E . -4.05 0.76 53.68
C4 AC1 E . -5.50 -1.07 54.18
N4A AC1 E . -5.14 -1.78 52.94
C5 AC1 E . -6.89 -1.48 54.67
O5 AC1 E . -7.19 -0.73 55.85
C6 AC1 E . -7.06 -2.96 55.03
C1B AC1 E . -4.09 -2.83 52.95
C2B AC1 E . -2.89 -2.43 52.08
O2B AC1 E . -2.44 -1.15 52.49
C3B AC1 E . -3.27 -2.44 50.61
O3B AC1 E . -2.18 -1.95 49.82
O4 AC1 E . -4.26 -3.89 48.91
C5B AC1 E . -4.63 -4.49 51.20
C7B AC1 E . -4.65 -4.13 52.48
C6B AC1 E . -5.55 -5.57 50.69
O6B AC1 E . -4.96 -6.30 49.63
C1 GLC F . -17.29 33.07 34.61
C2 GLC F . -16.71 31.81 33.98
C3 GLC F . -16.27 32.02 32.53
C4 GLC F . -17.24 32.85 31.69
C5 GLC F . -17.93 33.99 32.47
C6 GLC F . -19.17 34.49 31.71
O1 GLC F . -16.29 34.09 34.74
O2 GLC F . -15.58 31.36 34.76
O3 GLC F . -16.12 30.73 31.92
O4 GLC F . -16.55 33.38 30.54
O5 GLC F . -18.35 33.55 33.76
O6 GLC F . -19.21 35.91 31.73
C1 GLC F . -16.89 32.61 29.37
C2 GLC F . -15.70 32.54 28.42
C3 GLC F . -15.39 33.92 27.86
C4 GLC F . -16.64 34.43 27.17
C5 GLC F . -17.82 34.45 28.14
C6 GLC F . -19.11 34.82 27.41
O2 GLC F . -14.57 32.11 29.13
O3 GLC F . -14.27 33.85 26.99
O4 GLC F . -16.45 35.77 26.71
O5 GLC F . -18.03 33.15 28.68
O6 GLC F . -20.11 35.10 28.36
C1 AC1 F . -16.00 35.77 25.36
O2 AC1 F . -14.02 36.78 26.18
C2 AC1 F . -15.07 36.92 25.22
C4A AC1 F . -19.42 42.92 24.35
C3 AC1 F . -15.81 38.22 25.40
O3 AC1 F . -14.97 39.35 25.17
C4 AC1 F . -17.01 38.30 24.44
N4A AC1 F . -17.69 39.56 24.72
C5 AC1 F . -17.90 37.06 24.57
O5 AC1 F . -17.07 35.88 24.44
C6 AC1 F . -19.01 36.93 23.54
C1B AC1 F . -18.17 40.35 23.56
C2B AC1 F . -17.45 41.68 23.45
O2B AC1 F . -16.03 41.48 23.52
C3B AC1 F . -17.94 42.59 24.55
O3B AC1 F . -17.20 43.80 24.58
O4 AC1 F . -19.95 43.61 25.47
C5B AC1 F . -20.22 41.67 24.09
C7B AC1 F . -19.66 40.54 23.65
C6B AC1 F . -21.71 41.77 24.30
O6B AC1 F . -22.41 41.05 23.31
C1 GLC G . -1.82 36.36 33.36
C2 GLC G . -2.83 36.63 34.43
C3 GLC G . -2.34 36.24 35.83
C4 GLC G . -1.79 34.80 35.82
C5 GLC G . -0.69 34.74 34.75
C6 GLC G . -0.10 33.33 34.56
O1 GLC G . -0.74 37.24 33.51
O2 GLC G . -3.16 38.01 34.49
O3 GLC G . -3.53 36.34 36.61
O4 GLC G . -1.17 34.39 37.04
O5 GLC G . -1.26 35.06 33.50
O6 GLC G . -1.17 32.45 34.23
C1 GLC G . -2.07 34.15 38.15
C2 GLC G . -1.21 33.83 39.34
C3 GLC G . -0.42 32.53 39.06
C4 GLC G . -1.34 31.38 38.77
C5 GLC G . -2.24 31.80 37.58
C6 GLC G . -3.31 30.81 37.17
O2 GLC G . -0.22 34.82 39.48
O3 GLC G . 0.49 32.26 40.15
O4 GLC G . -0.54 30.28 38.39
O5 GLC G . -2.91 33.05 37.81
O6 GLC G . -4.14 30.52 38.29
C1 AC1 G . -0.56 29.19 39.33
O2 AC1 G . 1.66 29.83 39.95
C2 AC1 G . 0.86 28.69 39.60
C4A AC1 G . 0.20 22.27 37.39
C3 AC1 G . 1.38 27.95 38.40
O3 AC1 G . 2.64 27.34 38.71
C4 AC1 G . 0.38 26.88 37.89
N4A AC1 G . 0.91 26.07 36.78
C5 AC1 G . -0.96 27.57 37.63
O5 AC1 G . -1.40 28.12 38.87
C6 AC1 G . -2.07 26.64 37.19
C1B AC1 G . 1.82 24.82 36.96
C2B AC1 G . 1.68 23.67 35.91
O2B AC1 G . 1.93 24.20 34.60
C3B AC1 G . 0.24 23.14 36.10
O3B AC1 G . -0.32 22.45 34.98
O4 AC1 G . -1.21 22.07 37.77
C5B AC1 G . 0.97 22.96 38.48
C7B AC1 G . 1.67 24.06 38.29
C6B AC1 G . 0.99 22.32 39.85
O6B AC1 G . 2.03 21.37 39.72
C1 GLC G . -1.73 20.83 37.16
C2 GLC G . -3.22 21.13 37.06
C3 GLC G . -3.91 21.15 38.41
C4 GLC G . -3.54 19.96 39.32
C5 GLC G . -2.01 19.85 39.38
C6 GLC G . -1.50 18.76 40.30
O2 GLC G . -3.44 22.40 36.40
O3 GLC G . -5.30 21.19 38.15
O4 GLC G . -4.00 20.22 40.66
O5 GLC G . -1.52 19.70 38.02
O6 GLC G . -1.96 17.52 39.72
C1 GLC G . -5.39 20.11 40.98
C2 GLC G . -5.59 20.36 42.48
C3 GLC G . -4.94 19.27 43.34
C4 GLC G . -5.39 17.90 42.87
C5 GLC G . -5.24 17.78 41.34
C6 GLC G . -5.87 16.45 40.88
O2 GLC G . -5.02 21.62 42.86
O3 GLC G . -5.25 19.31 44.74
O4 GLC G . -4.64 16.89 43.61
O5 GLC G . -5.89 18.82 40.62
O6 GLC G . -5.33 16.08 39.58
C2 BGC H . -18.56 21.81 13.31
C3 BGC H . -18.65 20.95 12.05
C4 BGC H . -17.77 21.49 10.92
C5 BGC H . -16.35 21.72 11.46
C6 BGC H . -15.43 22.44 10.49
C1 BGC H . -17.10 21.93 13.74
O1 BGC H . -16.93 22.66 14.99
O2 BGC H . -19.34 21.18 14.33
O3 BGC H . -20.01 20.93 11.62
O4 BGC H . -17.85 20.54 9.81
O5 BGC H . -16.38 22.53 12.65
O6 BGC H . -14.06 22.19 10.85
C1 GLC H . -17.97 21.18 8.51
C2 GLC H . -19.16 20.66 7.74
C3 GLC H . -19.02 19.25 7.26
C4 GLC H . -17.77 19.20 6.44
C5 GLC H . -16.55 19.70 7.25
C6 GLC H . -15.37 19.86 6.28
O2 GLC H . -20.35 20.74 8.50
O3 GLC H . -20.07 18.89 6.38
O4 GLC H . -17.55 17.86 6.01
O5 GLC H . -16.77 21.01 7.78
O6 GLC H . -14.28 19.66 7.09
C1 AC1 H . -17.83 17.62 4.64
O2 AC1 H . -19.68 16.26 5.36
C2 AC1 H . -18.48 16.29 4.59
C4A AC1 H . -12.78 11.39 4.92
C3 AC1 H . -17.53 15.21 5.03
O3 AC1 H . -18.11 13.93 4.85
C4 AC1 H . -16.24 15.27 4.20
N4A AC1 H . -15.24 14.30 4.67
C5 AC1 H . -15.65 16.68 4.21
O5 AC1 H . -16.65 17.60 3.82
C6 AC1 H . -14.46 16.90 3.29
C1B AC1 H . -14.67 13.33 3.71
C2B AC1 H . -15.03 11.88 3.98
O2B AC1 H . -16.43 11.78 4.16
C3B AC1 H . -14.29 11.39 5.20
O3B AC1 H . -14.71 10.09 5.58
O4 AC1 H . -12.08 11.13 6.13
C5B AC1 H . -12.34 12.72 4.34
C7B AC1 H . -13.18 13.54 3.72
C6B AC1 H . -10.88 13.09 4.45
O6B AC1 H . -10.02 11.97 4.29
C1 GLC I . -33.24 15.96 40.91
C2 GLC I . -31.81 15.42 40.84
C3 GLC I . -31.82 14.09 41.61
C4 GLC I . -32.13 14.44 43.08
C5 GLC I . -33.53 15.06 43.09
C6 GLC I . -34.07 15.42 44.46
O1 GLC I . -34.18 15.01 40.39
O2 GLC I . -31.29 15.30 39.51
O3 GLC I . -30.59 13.41 41.42
O4 GLC I . -32.14 13.27 43.85
O5 GLC I . -33.48 16.25 42.29
O6 GLC I . -33.21 16.40 45.03
C1 GLC I . -30.88 12.87 44.30
C2 GLC I . -30.90 11.38 44.50
C3 GLC I . -31.88 10.95 45.61
C4 GLC I . -31.56 11.68 46.89
C5 GLC I . -31.53 13.18 46.62
C6 GLC I . -30.96 13.93 47.80
O2 GLC I . -31.30 10.71 43.30
O3 GLC I . -31.75 9.55 45.76
O4 GLC I . -32.56 11.40 47.86
O5 GLC I . -30.62 13.44 45.58
O6 GLC I . -31.46 15.28 47.81
C1 AC1 I . -32.17 10.32 48.72
O2 AC1 I . -34.03 9.10 47.78
C2 AC1 I . -33.44 9.53 49.00
C4A AC1 I . -36.70 13.43 54.43
C3 AC1 I . -34.43 10.37 49.82
O3 AC1 I . -35.56 9.63 50.25
C4 AC1 I . -33.73 10.92 51.06
N4A AC1 I . -34.62 11.76 51.87
C5 AC1 I . -32.45 11.68 50.70
O5 AC1 I . -31.58 10.81 49.93
C6 AC1 I . -31.64 12.17 51.90
C1B AC1 I . -34.80 11.46 53.31
C2B AC1 I . -36.23 11.08 53.73
O2B AC1 I . -36.66 9.93 52.98
C3B AC1 I . -37.14 12.27 53.54
O3B AC1 I . -38.51 11.95 53.80
O4 AC1 I . -37.34 14.64 54.01
C5B AC1 I . -35.20 13.63 54.45
C7B AC1 I . -34.35 12.67 54.09
C6B AC1 I . -34.71 14.95 54.99
O6B AC1 I . -35.18 15.21 56.32
C1 GLC J . 31.58 -22.22 -36.78
C2 GLC J . 30.73 -21.49 -35.75
C3 GLC J . 30.37 -22.41 -34.59
C4 GLC J . 29.86 -23.76 -35.06
C5 GLC J . 30.73 -24.37 -36.17
C6 GLC J . 30.05 -25.61 -36.76
O1 GLC J . 32.84 -22.56 -36.19
O2 GLC J . 31.46 -20.36 -35.26
O3 GLC J . 29.28 -21.84 -33.88
O4 GLC J . 29.76 -24.64 -33.93
O5 GLC J . 30.92 -23.40 -37.22
O6 GLC J . 30.45 -25.83 -38.12
C1 GLC J . 28.36 -25.03 -33.78
C2 GLC J . 27.99 -25.26 -32.33
C3 GLC J . 28.68 -26.49 -31.75
C4 GLC J . 28.16 -27.69 -32.51
C5 GLC J . 28.46 -27.47 -33.97
C6 GLC J . 27.89 -28.57 -34.80
O2 GLC J . 28.29 -24.13 -31.53
O3 GLC J . 28.39 -26.70 -30.37
O4 GLC J . 28.85 -28.86 -32.06
O5 GLC J . 27.97 -26.22 -34.50
O6 GLC J . 28.48 -28.37 -36.08
C1 AC1 J . 28.18 -29.54 -31.01
O2 AC1 J . 30.00 -28.92 -29.60
C2 AC1 J . 29.21 -30.03 -30.02
C4A AC1 J . 31.90 -36.15 -33.49
C3 AC1 J . 30.10 -31.12 -30.65
O3 AC1 J . 30.93 -31.70 -29.65
C4 AC1 J . 29.26 -32.21 -31.31
N4A AC1 J . 30.11 -33.16 -32.04
C5 AC1 J . 28.20 -31.61 -32.24
O5 AC1 J . 27.43 -30.64 -31.51
C6 AC1 J . 27.22 -32.60 -32.84
C1B AC1 J . 29.91 -34.61 -31.89
C2B AC1 J . 31.11 -35.35 -31.24
O2B AC1 J . 31.45 -34.68 -30.02
C3B AC1 J . 32.27 -35.41 -32.21
O3B AC1 J . 33.40 -36.07 -31.63
O4 AC1 J . 32.89 -35.94 -34.48
C5B AC1 J . 30.56 -35.71 -34.02
C7B AC1 J . 29.61 -35.21 -33.23
C6B AC1 J . 30.31 -35.92 -35.49
O6B AC1 J . 29.85 -37.24 -35.73
C1 GLC K . 28.49 -6.99 -23.81
C2 GLC K . 28.30 -7.80 -25.08
C3 GLC K . 29.00 -7.16 -26.27
C4 GLC K . 28.78 -5.65 -26.37
C5 GLC K . 29.17 -5.02 -25.04
C6 GLC K . 28.98 -3.51 -25.09
O2 GLC K . 28.75 -9.16 -24.91
O3 GLC K . 28.53 -7.81 -27.42
O4 GLC K . 29.63 -4.99 -27.32
O5 GLC K . 28.39 -5.56 -23.98
O6 GLC K . 27.58 -3.27 -25.01
C1 GLC K . 29.43 -5.24 -28.73
C2 GLC K . 30.49 -4.57 -29.62
C3 GLC K . 30.44 -3.03 -29.43
C4 GLC K . 29.04 -2.64 -29.83
C5 GLC K . 28.05 -3.38 -28.92
C6 GLC K . 26.63 -2.87 -29.15
O2 GLC K . 31.82 -5.13 -29.42
O3 GLC K . 31.39 -2.23 -30.20
O4 GLC K . 28.92 -1.21 -29.80
O5 GLC K . 28.13 -4.81 -29.14
O6 GLC K . 26.53 -1.48 -28.76
C1 GLC L . 20.39 -7.91 -53.64
C2 GLC L . 19.30 -6.82 -53.65
C3 GLC L . 19.31 -6.03 -54.94
C4 GLC L . 20.71 -5.51 -55.23
C5 GLC L . 21.74 -6.63 -55.24
C6 GLC L . 23.14 -6.01 -55.41
O1 GLC L . 20.02 -9.03 -54.46
O2 GLC L . 17.99 -7.41 -53.48
O3 GLC L . 18.40 -4.92 -54.88
O4 GLC L . 20.66 -4.87 -56.51
O5 GLC L . 21.66 -7.37 -54.03
O6 GLC L . 24.27 -6.89 -55.32
C1 AC1 L . 20.53 -3.44 -56.48
O2 AC1 L . 18.68 -3.89 -57.93
C2 AC1 L . 19.83 -3.07 -57.75
C4A AC1 L . 25.36 -2.14 -62.85
C3 AC1 L . 20.73 -3.21 -58.97
O3 AC1 L . 20.03 -2.69 -60.08
C4 AC1 L . 22.06 -2.48 -58.75
N4A AC1 L . 22.95 -2.71 -59.91
C5 AC1 L . 22.70 -2.90 -57.43
O5 AC1 L . 21.75 -2.70 -56.37
C6 AC1 L . 23.96 -2.14 -57.04
C1B AC1 L . 23.65 -1.55 -60.48
C2B AC1 L . 23.18 -1.25 -61.89
O2B AC1 L . 21.76 -1.38 -61.92
C3B AC1 L . 23.82 -2.17 -62.90
O3B AC1 L . 23.38 -1.81 -64.21
O4 AC1 L . 25.88 -3.30 -63.48
C5B AC1 L . 25.91 -2.04 -61.44
C7B AC1 L . 25.14 -1.75 -60.40
C6B AC1 L . 27.39 -2.27 -61.28
O6B AC1 L . 27.68 -3.13 -60.19
C1 GLC M . -40.35 2.82 37.39
C2 GLC M . -40.79 4.26 37.14
C3 GLC M . -41.18 4.62 35.70
C4 GLC M . -40.14 4.08 34.77
C5 GLC M . -40.00 2.59 35.01
C6 GLC M . -38.87 2.02 34.16
O1 GLC M . -41.51 2.08 37.61
O2 GLC M . -41.90 4.53 38.02
O3 GLC M . -41.15 6.07 35.72
O4 GLC M . -40.53 4.25 33.41
O5 GLC M . -39.65 2.22 36.34
O6 GLC M . -37.64 2.68 34.44
C1 GLC M . -40.46 5.57 32.86
C2 GLC M . -40.99 5.50 31.41
C3 GLC M . -40.05 4.57 30.63
C4 GLC M . -38.64 5.15 30.67
C5 GLC M . -38.18 5.28 32.13
C6 GLC M . -36.78 5.94 32.33
O2 GLC M . -42.30 4.94 31.46
O3 GLC M . -40.51 4.39 29.30
O4 GLC M . -37.80 4.28 29.98
O5 GLC M . -39.15 6.08 32.84
O6 GLC M . -36.84 7.24 31.80
C1 AC1 M . -37.34 4.76 28.70
O2 AC1 M . -38.80 3.11 27.69
C2 AC1 M . -37.45 3.63 27.67
C4A AC1 M . -30.77 2.71 26.23
C3 AC1 M . -36.42 2.52 27.92
O3 AC1 M . -36.36 1.58 26.80
C4 AC1 M . -35.02 3.09 28.13
N4A AC1 M . -33.98 2.06 28.34
C5 AC1 M . -35.07 4.14 29.22
O5 AC1 M . -35.98 5.19 28.81
C6 AC1 M . -33.71 4.75 29.42
C1B AC1 M . -33.28 1.36 27.15
C2B AC1 M . -31.84 0.87 27.41
O2B AC1 M . -31.81 -0.03 28.53
C3B AC1 M . -31.01 2.11 27.61
O3B AC1 M . -29.74 1.83 28.20
O4 AC1 M . -30.30 4.08 26.30
C5B AC1 M . -32.02 2.74 25.42
C7B AC1 M . -33.15 2.17 25.85
C6B AC1 M . -31.95 3.39 24.05
O6B AC1 M . -31.64 2.30 23.15
C1 GLC M . -28.83 4.22 26.38
C2 GLC M . -28.59 5.40 27.34
C3 GLC M . -28.96 6.74 26.67
C4 GLC M . -28.43 6.84 25.21
C5 GLC M . -28.83 5.55 24.41
C6 GLC M . -28.33 5.52 22.97
O2 GLC M . -29.28 5.27 28.60
O3 GLC M . -28.36 7.77 27.50
O4 GLC M . -28.84 8.12 24.62
O5 GLC M . -28.28 4.35 25.05
O6 GLC M . -26.90 5.52 23.02
C1 GLC N . 20.63 7.82 -39.82
C2 GLC N . 21.40 8.29 -41.06
C3 GLC N . 22.28 9.52 -40.88
C4 GLC N . 21.70 10.55 -39.94
C5 GLC N . 21.23 9.86 -38.64
C6 GLC N . 20.72 10.86 -37.57
O1 GLC N . 21.44 6.95 -39.04
O2 GLC N . 22.31 7.24 -41.42
O3 GLC N . 22.48 10.12 -42.16
O4 GLC N . 22.70 11.50 -39.58
O5 GLC N . 20.22 8.90 -38.97
O6 GLC N . 20.37 10.22 -36.33
C1 GLC N . 23.02 12.60 -40.43
C2 GLC N . 24.37 13.15 -39.94
C3 GLC N . 24.17 13.70 -38.53
C4 GLC N . 22.99 14.70 -38.51
C5 GLC N . 21.74 13.97 -38.99
C6 GLC N . 20.43 14.75 -39.00
O2 GLC N . 25.33 12.08 -39.90
O3 GLC N . 25.35 14.36 -38.07
O4 GLC N . 22.83 15.26 -37.21
O5 GLC N . 22.02 13.59 -40.32
O6 GLC N . 20.64 15.93 -39.76
C1 AC1 N . 23.45 16.52 -36.95
O2 AC1 N . 25.14 15.47 -35.51
C2 AC1 N . 24.09 16.46 -35.53
C4A AC1 N . 18.15 17.48 -30.94
C3 AC1 N . 22.98 16.22 -34.50
O3 AC1 N . 23.40 16.38 -33.15
C4 AC1 N . 21.92 17.33 -34.65
N4A AC1 N . 20.83 17.13 -33.73
C5 AC1 N . 21.42 17.39 -36.07
O5 AC1 N . 22.52 17.60 -36.97
C6 AC1 N . 20.35 18.45 -36.27
C1B AC1 N . 20.28 18.19 -32.89
C2B AC1 N . 20.52 17.84 -31.43
O2B AC1 N . 21.89 17.46 -31.21
C3B AC1 N . 19.51 16.78 -31.02
O3B AC1 N . 19.78 16.33 -29.71
O4 AC1 N . 17.11 16.54 -30.71
C5B AC1 N . 17.84 18.21 -32.21
C7B AC1 N . 18.80 18.52 -33.10
C6B AC1 N . 16.37 18.54 -32.41
O6B AC1 N . 16.19 19.79 -33.07
C1 GLC O . 37.54 -20.04 -21.66
C2 GLC O . 38.10 -19.81 -23.07
C3 GLC O . 38.78 -18.47 -23.34
C4 GLC O . 37.85 -17.34 -22.86
C5 GLC O . 37.52 -17.59 -21.40
C6 GLC O . 36.58 -16.49 -20.87
O1 GLC O . 38.53 -20.52 -20.78
O2 GLC O . 38.97 -20.87 -23.41
O3 GLC O . 39.06 -18.39 -24.76
O4 GLC O . 38.49 -16.08 -22.85
O5 GLC O . 36.92 -18.85 -21.14
O6 GLC O . 35.34 -16.49 -21.55
C1 GLC O . 38.77 -15.48 -24.11
C2 GLC O . 39.56 -14.19 -23.86
C3 GLC O . 38.62 -13.22 -23.11
C4 GLC O . 37.29 -12.96 -23.86
C5 GLC O . 36.63 -14.30 -24.07
C6 GLC O . 35.34 -14.16 -24.88
O2 GLC O . 40.66 -14.57 -23.05
O3 GLC O . 39.30 -12.03 -22.70
O4 GLC O . 36.48 -12.15 -22.98
O5 GLC O . 37.57 -15.14 -24.80
O6 GLC O . 35.76 -13.57 -26.09
C1 AC1 O . 36.45 -10.76 -23.41
O2 AC1 O . 37.85 -10.21 -21.50
C2 AC1 O . 36.66 -9.84 -22.21
C4A AC1 O . 30.33 -7.15 -21.92
C3 AC1 O . 35.47 -9.93 -21.24
O3 AC1 O . 35.54 -8.88 -20.24
C4 AC1 O . 34.11 -9.82 -21.97
N4A AC1 O . 32.95 -9.88 -21.08
C5 AC1 O . 34.06 -10.82 -23.13
O5 AC1 O . 35.14 -10.49 -24.02
C6 AC1 O . 32.78 -10.78 -23.95
C1B AC1 O . 32.37 -8.65 -20.35
C2B AC1 O . 30.84 -8.65 -20.07
O2B AC1 O . 30.49 -9.78 -19.28
C3B AC1 O . 30.14 -8.59 -21.43
O3B AC1 O . 28.74 -8.90 -21.42
O4 AC1 O . 30.06 -7.18 -23.32
C5B AC1 O . 31.74 -6.67 -21.75
C7B AC1 O . 32.65 -7.34 -21.06
C6B AC1 O . 32.12 -5.37 -22.42
O6B AC1 O . 31.41 -4.39 -21.68
C1 GLC P . 9.23 -27.99 -27.85
C2 GLC P . 9.57 -29.45 -28.15
C3 GLC P . 8.69 -30.50 -27.45
C4 GLC P . 7.50 -30.06 -26.56
C5 GLC P . 7.20 -28.56 -26.68
C6 GLC P . 6.43 -28.09 -25.44
O1 GLC P . 8.58 -27.43 -29.00
O2 GLC P . 9.53 -29.66 -29.56
O3 GLC P . 9.61 -31.18 -26.57
O4 GLC P . 6.30 -30.84 -26.77
O5 GLC P . 8.41 -27.82 -26.68
O6 GLC P . 5.02 -28.27 -25.63
C1 GLC P . 6.32 -32.20 -26.30
C2 GLC P . 5.36 -33.09 -27.07
C3 GLC P . 3.89 -32.68 -26.76
C4 GLC P . 3.61 -32.70 -25.26
C5 GLC P . 4.68 -31.78 -24.61
C6 GLC P . 4.64 -31.55 -23.09
O2 GLC P . 5.63 -33.01 -28.47
O3 GLC P . 3.05 -33.59 -27.43
O4 GLC P . 2.29 -32.22 -25.01
O5 GLC P . 5.99 -32.26 -24.93
O6 GLC P . 4.21 -32.72 -22.42
C1 AC1 P . 1.26 -33.14 -24.74
O2 AC1 P . 0.41 -32.40 -26.90
C2 AC1 P . 0.02 -32.64 -25.52
C4A AC1 P . -2.63 -27.49 -20.65
C3 AC1 P . -0.42 -31.28 -24.95
O3 AC1 P . -1.54 -30.77 -25.68
C4 AC1 P . -0.67 -31.46 -23.47
N4A AC1 P . -1.04 -30.21 -22.86
C5 AC1 P . 0.61 -32.00 -22.77
O5 AC1 P . 1.15 -33.20 -23.36
C6 AC1 P . 0.31 -32.35 -21.34
C1B AC1 P . -2.27 -30.14 -22.06
C2B AC1 P . -3.26 -29.10 -22.59
O2B AC1 P . -3.16 -29.13 -24.02
C3B AC1 P . -3.07 -27.65 -22.12
O3B AC1 P . -4.34 -26.97 -22.27
O4 AC1 P . -1.60 -26.49 -20.52
C5B AC1 P . -2.13 -28.75 -20.00
C7B AC1 P . -1.98 -29.91 -20.62
C6B AC1 P . -1.77 -28.72 -18.52
O6B AC1 P . -0.52 -28.05 -18.37
C1 GLC Q . 5.84 -9.24 -59.77
C2 GLC Q . 6.70 -10.49 -60.01
C3 GLC Q . 5.97 -11.83 -59.77
C4 GLC Q . 5.29 -11.81 -58.40
C5 GLC Q . 4.35 -10.60 -58.41
C6 GLC Q . 3.50 -10.49 -57.14
O1 GLC Q . 4.86 -8.95 -60.76
O2 GLC Q . 7.33 -10.47 -61.29
O3 GLC Q . 6.98 -12.84 -59.80
O4 GLC Q . 4.51 -12.98 -58.04
O5 GLC Q . 5.10 -9.39 -58.55
O6 GLC Q . 4.36 -10.39 -56.01
C1 GLC Q . 5.12 -14.22 -57.71
C2 GLC Q . 4.02 -15.25 -57.62
C3 GLC Q . 3.03 -14.97 -56.47
C4 GLC Q . 3.81 -14.83 -55.19
C5 GLC Q . 4.95 -13.81 -55.37
C6 GLC Q . 5.80 -13.67 -54.13
O2 GLC Q . 3.29 -15.23 -58.83
O3 GLC Q . 2.03 -16.01 -56.36
O4 GLC Q . 2.90 -14.45 -54.17
O5 GLC Q . 5.81 -14.21 -56.46
O6 GLC Q . 6.20 -15.00 -53.80
C1 AC1 Q . 2.59 -15.49 -53.21
O2 AC1 Q . 0.35 -15.59 -54.33
C2 AC1 Q . 1.07 -15.52 -53.08
C4A AC1 Q . 0.68 -13.69 -46.46
C3 AC1 Q . 0.59 -14.25 -52.34
O3 AC1 Q . -0.83 -14.41 -52.11
C4 AC1 Q . 1.31 -14.03 -51.02
N4A AC1 Q . 0.73 -12.90 -50.25
C5 AC1 Q . 2.82 -13.97 -51.35
O5 AC1 Q . 3.21 -15.24 -51.93
C6 AC1 Q . 3.70 -13.72 -50.13
C1B AC1 Q . -0.38 -13.03 -49.22
C2B AC1 Q . -0.28 -12.05 -48.03
O2B AC1 Q . -0.24 -10.76 -48.58
C3B AC1 Q . 1.00 -12.44 -47.26
O3B AC1 Q . 1.59 -11.44 -46.44
O4 AC1 Q . 1.95 -14.23 -46.07
C5B AC1 Q . -0.04 -14.68 -47.34
C7B AC1 Q . -0.51 -14.39 -48.56
C6B AC1 Q . -0.26 -16.06 -46.82
O6B AC1 Q . -1.15 -16.02 -45.70
C1 GLC Q . 2.53 -13.97 -44.70
C2 GLC Q . 4.03 -14.07 -44.77
C3 GLC Q . 4.55 -15.49 -44.74
C4 GLC Q . 3.84 -16.32 -43.65
C5 GLC Q . 2.32 -16.18 -43.86
C6 GLC Q . 1.40 -16.94 -42.91
O2 GLC Q . 4.51 -13.34 -45.92
O3 GLC Q . 5.95 -15.34 -44.46
O4 GLC Q . 4.37 -17.68 -43.61
O5 GLC Q . 1.97 -14.81 -43.70
O6 GLC Q . 1.55 -16.40 -41.59
C1 GLC R . -14.72 5.21 50.91
C2 GLC R . -14.19 6.15 51.99
C3 GLC R . -13.01 5.53 52.73
C4 GLC R . -13.20 4.07 53.12
C5 GLC R . -13.93 3.26 52.06
C6 GLC R . -14.48 1.95 52.62
O1 GLC R . -13.75 5.04 49.87
O2 GLC R . -13.80 7.41 51.43
O3 GLC R . -12.87 6.28 53.95
O4 GLC R . -11.90 3.49 53.41
O5 GLC R . -15.06 3.95 51.51
O6 GLC R . -15.45 1.41 51.69
CA CA S . 3.81 5.93 37.63
C1 PGE T . 14.23 -1.30 68.59
O1 PGE T . 15.64 -1.22 68.58
C2 PGE T . 13.72 -2.47 67.79
O2 PGE T . 12.29 -2.51 67.84
C3 PGE T . 11.72 -3.32 68.87
C4 PGE T . 10.81 -4.40 68.30
O4 PGE T . 12.92 -7.73 66.15
C6 PGE T . 11.90 -7.77 67.15
C5 PGE T . 11.02 -6.55 67.23
O3 PGE T . 11.50 -5.65 68.21
C1 GOL U . 12.18 -14.40 58.61
O1 GOL U . 13.03 -14.53 57.49
C2 GOL U . 12.95 -14.46 59.91
O2 GOL U . 14.04 -13.53 59.91
C3 GOL U . 12.09 -14.16 61.12
O3 GOL U . 10.84 -14.84 61.06
C1 EDO V . -2.97 15.08 36.90
O1 EDO V . -2.80 14.88 35.49
C2 EDO V . -1.66 15.21 37.64
O2 EDO V . -0.83 16.24 37.11
C ACT W . 4.67 50.00 13.87
O ACT W . 5.23 49.44 12.92
OXT ACT W . 3.52 49.79 14.18
CH3 ACT W . 5.44 50.94 14.73
MN MN X . 5.83 25.20 48.01
C1 GLC Y . -17.53 21.63 13.72
C2 GLC Y . -18.91 21.82 13.14
C3 GLC Y . -18.96 20.99 11.88
C4 GLC Y . -17.93 21.45 10.86
C5 GLC Y . -16.54 21.55 11.47
C6 GLC Y . -15.59 22.33 10.55
O1 GLC Y . -17.38 20.22 14.00
O2 GLC Y . -19.94 21.36 14.03
O3 GLC Y . -20.27 21.18 11.35
O4 GLC Y . -17.92 20.49 9.77
O5 GLC Y . -16.58 22.17 12.76
O6 GLC Y . -14.32 22.57 11.16
CA CA Z . -17.96 -0.81 16.01
C1 GOL AA . -44.40 -5.58 59.83
O1 GOL AA . -43.70 -4.56 60.56
C2 GOL AA . -43.84 -6.94 60.18
O2 GOL AA . -44.46 -8.00 59.46
C3 GOL AA . -43.98 -7.22 61.67
O3 GOL AA . -42.80 -7.83 62.16
C1 PEG BA . -28.20 9.87 -0.75
O1 PEG BA . -29.36 10.61 -1.24
C2 PEG BA . -27.16 10.72 -0.03
O2 PEG BA . -26.06 9.94 0.45
C3 PEG BA . -25.12 10.70 1.22
C4 PEG BA . -24.35 9.84 2.20
O4 PEG BA . -25.07 9.60 3.44
C1 GOL CA . -36.02 5.82 60.32
O1 GOL CA . -37.41 5.85 60.03
C2 GOL CA . -35.53 4.42 60.63
O2 GOL CA . -34.72 3.93 59.55
C3 GOL CA . -34.74 4.34 61.92
O3 GOL CA . -33.35 4.14 61.68
C1 GOL DA . -22.59 4.84 23.96
O1 GOL DA . -22.86 4.01 25.08
C2 GOL DA . -23.85 5.20 23.24
O2 GOL DA . -24.58 6.10 24.08
C3 GOL DA . -24.67 3.96 22.84
O3 GOL DA . -25.28 3.28 23.94
C1 PGE EA . -27.44 6.48 -14.86
O1 PGE EA . -27.67 5.09 -14.86
C2 PGE EA . -25.99 6.83 -14.69
O2 PGE EA . -25.65 7.97 -15.47
C3 PGE EA . -24.66 8.82 -14.87
C4 PGE EA . -23.47 8.97 -15.79
O4 PGE EA . -21.18 5.67 -16.29
C6 PGE EA . -20.49 6.76 -15.69
C5 PGE EA . -21.29 8.05 -15.66
O3 PGE EA . -22.68 7.79 -15.81
C ACT FA . -45.50 -12.78 56.20
O ACT FA . -44.59 -13.43 56.68
OXT ACT FA . -45.51 -11.60 56.15
CH3 ACT FA . -46.64 -13.50 55.60
MN MN GA . -39.43 3.69 17.41
CA CA HA . 19.37 5.33 -19.40
C1 GOL IA . 53.50 -14.29 -20.81
O1 GOL IA . 54.73 -15.00 -20.96
C2 GOL IA . 53.35 -13.69 -19.42
O2 GOL IA . 51.98 -13.67 -19.07
C3 GOL IA . 54.15 -14.47 -18.38
O3 GOL IA . 54.03 -13.94 -17.07
C1 GOL JA . 35.67 -42.71 -11.93
O1 GOL JA . 36.08 -42.90 -10.58
C2 GOL JA . 35.60 -44.03 -12.66
O2 GOL JA . 34.49 -44.79 -12.16
C3 GOL JA . 35.51 -43.90 -14.16
O3 GOL JA . 36.33 -42.84 -14.65
C ACT KA . 37.29 -39.71 -6.74
O ACT KA . 37.28 -39.50 -7.95
OXT ACT KA . 36.27 -39.91 -6.04
CH3 ACT KA . 38.62 -39.66 -6.06
MN MN LA . 40.65 -0.31 -21.37
CA CA MA . -5.64 -14.11 -30.93
CL CL NA . 4.51 11.87 -72.38
C1 PEG OA . -24.35 -14.50 -38.51
O1 PEG OA . -23.84 -14.90 -39.76
C2 PEG OA . -23.35 -14.67 -37.42
O2 PEG OA . -23.99 -15.10 -36.22
C3 PEG OA . -23.07 -15.58 -35.24
C4 PEG OA . -23.81 -16.13 -34.02
O4 PEG OA . -24.36 -17.47 -34.19
C1 EDO PA . -20.98 -41.28 -21.01
O1 EDO PA . -21.52 -41.77 -22.24
C2 EDO PA . -19.87 -42.09 -20.36
O2 EDO PA . -18.91 -42.66 -21.24
MN MN QA . -5.70 -23.24 -50.93
#